data_9JEF
#
_entry.id   9JEF
#
_cell.length_a   1.00
_cell.length_b   1.00
_cell.length_c   1.00
_cell.angle_alpha   90.00
_cell.angle_beta   90.00
_cell.angle_gamma   90.00
#
_symmetry.space_group_name_H-M   'P 1'
#
loop_
_entity.id
_entity.type
_entity.pdbx_description
1 polymer 'Transient receptor potential cation channel subfamily V member 3'
2 non-polymer (3~{R})-3,7-dimethylocta-1,6-dien-3-ol
3 non-polymer '(2S)-3-(hexadecanoyloxy)-2-[(9Z)-octadec-9-enoyloxy]propyl 2-(trimethylammonio)ethyl phosphate'
#
_entity_poly.entity_id   1
_entity_poly.type   'polypeptide(L)'
_entity_poly.pdbx_seq_one_letter_code
;MKAHPKEMVPLMGKRVAAPSGNPAVLPEKRPAEITPTKKSAHFFLEIEGFEPNPTVAKTSPPVFSKPMDSNIRQCISGNC
DDMDSPQSPQDDVTETPSNPNSPSAQLAKEEQRRKKRRLKKRIFAAVSEGCVEELVELLVELQELCRRRHDEDVPDFLMH
KLTASDTGKTCLMKALLNINPNTKEIVRILLAFAEENDILGRFINAEYTEEAYEGQTALNIAIERRQGDIAALLIAAGAD
VNAHAKGAFFNPKYQHEGFYFGETPLALAACTNQPEIVQLLMEHEQTDITSRDSRGNNILHALVTVAEDFKTQNDFVKRM
YDMILLRSGNWELETTRNNDGLTPLQLAAKMGKAEILKYILSREIKEKRLRSLSRKFTDWAYGPVSSSLYDLTNVDTTTD
NSVLEITVYNTNIDNRHEMLTLEPLHTLLHMKWKKFAKHMFFLSFCFYFFYNITLTLVSYYRPREEEAIPHPLALTHKMG
WLQLLGRMFVLIWAMCISVKEGIAIFLLRPSDLQSILSDAWFHFVFFIQAVLVILSVFLYLFAYKEYLACLVLAMALGWA
NMLYYTRGFQSMGMYSVMIQKVILHDVLKFLFVYIVFLLGFGVALASLIEKCPKDNKDCSSYGSFSDAVLELFKLTIGLG
DLNIQQNSKYPILFLFLLITYVILTFVLLLNMLIALMGETVENVSKESERIWRLQRARTILEFEKMLPEWLRSRFRMGEL
CKVAEDDFRLCLRINEVKWTEWKTHVSFLNEDPGPVRRTDFNKIQDSSRNNSKTTLNAFEEVEEFPETSVSNSLEVLFQ
;
_entity_poly.pdbx_strand_id   A,B,C,D
#
loop_
_chem_comp.id
_chem_comp.type
_chem_comp.name
_chem_comp.formula
A1EBL non-polymer (3~{R})-3,7-dimethylocta-1,6-dien-3-ol 'C10 H18 O'
POV non-polymer '(2S)-3-(hexadecanoyloxy)-2-[(9Z)-octadec-9-enoyloxy]propyl 2-(trimethylammonio)ethyl phosphate' 'C42 H82 N O8 P'
#
# COMPACT_ATOMS: atom_id res chain seq x y z
N LYS A 120 26.56 29.74 -54.42
CA LYS A 120 26.51 30.00 -52.99
C LYS A 120 25.94 28.80 -52.25
N LYS A 121 24.88 28.20 -52.80
CA LYS A 121 24.26 27.05 -52.18
C LYS A 121 25.12 25.79 -52.28
N ARG A 122 26.11 25.77 -53.17
CA ARG A 122 26.99 24.61 -53.28
C ARG A 122 27.82 24.43 -52.01
N ILE A 123 28.32 25.52 -51.45
CA ILE A 123 29.07 25.43 -50.20
C ILE A 123 28.17 25.00 -49.06
N PHE A 124 26.92 25.48 -49.06
CA PHE A 124 25.96 25.07 -48.04
C PHE A 124 25.67 23.57 -48.12
N ALA A 125 25.49 23.05 -49.35
CA ALA A 125 25.29 21.62 -49.51
C ALA A 125 26.54 20.84 -49.14
N ALA A 126 27.72 21.44 -49.32
CA ALA A 126 28.96 20.76 -48.95
C ALA A 126 29.09 20.64 -47.43
N VAL A 127 28.76 21.70 -46.70
CA VAL A 127 28.92 21.66 -45.25
C VAL A 127 27.76 20.97 -44.55
N SER A 128 26.60 20.84 -45.21
CA SER A 128 25.45 20.22 -44.57
C SER A 128 25.67 18.74 -44.31
N GLU A 129 26.22 18.02 -45.29
CA GLU A 129 26.48 16.59 -45.16
C GLU A 129 27.97 16.27 -45.15
N GLY A 130 28.81 17.26 -44.91
CA GLY A 130 30.24 17.03 -44.80
C GLY A 130 30.92 16.62 -46.09
N CYS A 131 30.55 17.21 -47.22
CA CYS A 131 31.19 16.93 -48.50
C CYS A 131 32.52 17.68 -48.53
N VAL A 132 33.59 16.98 -48.12
CA VAL A 132 34.90 17.60 -48.08
C VAL A 132 35.44 17.84 -49.49
N GLU A 133 35.21 16.90 -50.41
CA GLU A 133 35.72 17.06 -51.76
C GLU A 133 35.04 18.20 -52.50
N GLU A 134 33.75 18.42 -52.22
CA GLU A 134 33.04 19.54 -52.84
C GLU A 134 33.62 20.88 -52.37
N LEU A 135 33.98 20.97 -51.09
CA LEU A 135 34.51 22.22 -50.57
C LEU A 135 35.96 22.45 -50.99
N VAL A 136 36.77 21.40 -51.10
CA VAL A 136 38.13 21.60 -51.59
C VAL A 136 38.13 21.95 -53.08
N GLU A 137 37.06 21.58 -53.80
CA GLU A 137 36.90 22.09 -55.16
C GLU A 137 36.40 23.53 -55.15
N LEU A 138 35.53 23.86 -54.20
CA LEU A 138 34.95 25.20 -54.15
C LEU A 138 35.98 26.24 -53.73
N LEU A 139 36.88 25.87 -52.82
CA LEU A 139 37.92 26.81 -52.41
C LEU A 139 39.02 26.96 -53.45
N VAL A 140 38.95 26.19 -54.54
CA VAL A 140 39.85 26.39 -55.67
C VAL A 140 39.14 27.19 -56.75
N GLU A 141 37.83 27.04 -56.88
CA GLU A 141 37.08 27.72 -57.92
C GLU A 141 36.68 29.14 -57.53
N LEU A 142 36.27 29.34 -56.27
CA LEU A 142 35.61 30.59 -55.89
C LEU A 142 36.59 31.76 -55.87
N GLN A 143 37.75 31.58 -55.24
CA GLN A 143 38.69 32.69 -55.09
C GLN A 143 39.28 33.14 -56.41
N GLU A 144 39.28 32.27 -57.43
CA GLU A 144 39.71 32.71 -58.76
C GLU A 144 38.73 33.72 -59.34
N LEU A 145 37.43 33.51 -59.11
CA LEU A 145 36.44 34.50 -59.51
C LEU A 145 36.49 35.72 -58.62
N CYS A 146 36.91 35.55 -57.36
CA CYS A 146 37.02 36.69 -56.45
C CYS A 146 38.12 37.66 -56.88
N ARG A 147 39.23 37.12 -57.37
CA ARG A 147 40.35 37.96 -57.83
C ARG A 147 39.97 38.73 -59.09
N MET A 159 35.09 42.04 -49.21
CA MET A 159 33.91 41.49 -48.56
C MET A 159 33.44 40.24 -49.29
N HIS A 160 33.08 39.21 -48.55
CA HIS A 160 32.61 37.96 -49.15
C HIS A 160 31.37 37.51 -48.37
N LYS A 161 30.21 37.60 -49.02
CA LYS A 161 28.95 37.24 -48.37
C LYS A 161 28.77 35.71 -48.44
N LEU A 162 29.50 35.01 -47.58
CA LEU A 162 29.41 33.56 -47.55
C LEU A 162 28.24 33.08 -46.72
N THR A 163 27.73 33.94 -45.85
CA THR A 163 26.63 33.56 -44.97
C THR A 163 25.34 33.38 -45.78
N ALA A 164 24.22 33.16 -45.09
CA ALA A 164 22.94 32.96 -45.74
C ALA A 164 22.26 34.26 -46.14
N SER A 165 22.77 35.41 -45.66
CA SER A 165 22.35 36.75 -46.09
C SER A 165 20.90 37.08 -45.73
N ASP A 166 20.24 36.22 -44.97
CA ASP A 166 18.89 36.53 -44.50
C ASP A 166 18.74 36.37 -42.99
N THR A 167 19.37 35.35 -42.41
CA THR A 167 19.38 35.15 -40.96
C THR A 167 20.77 35.25 -40.36
N GLY A 168 21.81 35.39 -41.18
CA GLY A 168 23.17 35.44 -40.69
C GLY A 168 23.81 34.10 -40.43
N LYS A 169 23.17 33.00 -40.82
CA LYS A 169 23.69 31.66 -40.57
C LYS A 169 24.85 31.39 -41.52
N THR A 170 26.07 31.58 -41.03
CA THR A 170 27.26 31.30 -41.81
C THR A 170 27.48 29.78 -41.88
N CYS A 171 28.29 29.36 -42.86
CA CYS A 171 28.53 27.93 -43.06
C CYS A 171 29.26 27.27 -41.89
N LEU A 172 29.87 28.05 -41.00
CA LEU A 172 30.46 27.47 -39.80
C LEU A 172 29.41 26.80 -38.94
N MET A 173 28.35 27.53 -38.59
CA MET A 173 27.26 26.93 -37.84
C MET A 173 26.63 25.79 -38.61
N LYS A 174 26.30 26.01 -39.89
CA LYS A 174 25.66 24.98 -40.70
C LYS A 174 26.49 23.69 -40.72
N ALA A 175 27.81 23.82 -40.63
CA ALA A 175 28.65 22.64 -40.48
C ALA A 175 28.59 22.07 -39.07
N LEU A 176 28.24 22.90 -38.08
CA LEU A 176 28.39 22.49 -36.68
C LEU A 176 27.08 22.07 -36.00
N LEU A 177 25.90 22.39 -36.55
CA LEU A 177 24.69 21.81 -35.96
C LEU A 177 24.66 20.29 -36.12
N ASN A 178 25.06 19.83 -37.31
CA ASN A 178 25.11 18.41 -37.58
C ASN A 178 26.56 17.98 -37.65
N ILE A 179 27.06 17.38 -36.58
CA ILE A 179 28.46 16.97 -36.51
C ILE A 179 28.58 15.65 -37.27
N ASN A 180 28.95 15.73 -38.55
CA ASN A 180 29.22 14.56 -39.35
C ASN A 180 30.60 14.00 -39.01
N PRO A 181 30.89 12.75 -39.37
CA PRO A 181 32.20 12.17 -39.03
C PRO A 181 33.39 12.96 -39.56
N ASN A 182 33.26 13.63 -40.70
CA ASN A 182 34.34 14.45 -41.25
C ASN A 182 34.05 15.91 -40.93
N THR A 183 34.40 16.30 -39.71
CA THR A 183 34.18 17.66 -39.23
C THR A 183 35.46 18.44 -38.98
N LYS A 184 36.58 17.76 -38.73
CA LYS A 184 37.81 18.48 -38.37
C LYS A 184 38.42 19.17 -39.59
N GLU A 185 38.62 18.42 -40.68
CA GLU A 185 39.34 18.96 -41.82
C GLU A 185 38.52 20.04 -42.55
N ILE A 186 37.19 19.89 -42.58
CA ILE A 186 36.37 20.85 -43.30
C ILE A 186 36.41 22.23 -42.63
N VAL A 187 36.29 22.28 -41.30
CA VAL A 187 36.39 23.57 -40.63
C VAL A 187 37.82 24.09 -40.65
N ARG A 188 38.80 23.18 -40.69
CA ARG A 188 40.20 23.61 -40.75
C ARG A 188 40.49 24.30 -42.07
N ILE A 189 40.05 23.71 -43.19
CA ILE A 189 40.31 24.33 -44.49
C ILE A 189 39.43 25.56 -44.69
N LEU A 190 38.24 25.60 -44.06
CA LEU A 190 37.41 26.79 -44.14
C LEU A 190 38.08 27.96 -43.42
N LEU A 191 38.65 27.71 -42.24
CA LEU A 191 39.37 28.77 -41.53
C LEU A 191 40.67 29.13 -42.24
N ALA A 192 41.29 28.16 -42.92
CA ALA A 192 42.49 28.47 -43.72
C ALA A 192 42.14 29.40 -44.88
N PHE A 193 41.00 29.15 -45.54
CA PHE A 193 40.55 30.06 -46.59
C PHE A 193 40.16 31.41 -46.01
N ALA A 194 39.61 31.43 -44.80
CA ALA A 194 39.26 32.68 -44.16
C ALA A 194 40.49 33.52 -43.84
N GLU A 195 41.53 32.90 -43.30
CA GLU A 195 42.75 33.63 -42.97
C GLU A 195 43.58 33.95 -44.20
N GLU A 196 43.37 33.24 -45.31
CA GLU A 196 44.05 33.60 -46.55
C GLU A 196 43.52 34.89 -47.14
N ASN A 197 42.23 35.17 -46.93
CA ASN A 197 41.60 36.39 -47.42
C ASN A 197 41.59 37.51 -46.38
N ASP A 198 42.32 37.33 -45.26
CA ASP A 198 42.38 38.32 -44.18
C ASP A 198 40.98 38.64 -43.63
N ILE A 199 40.15 37.61 -43.53
CA ILE A 199 38.80 37.75 -43.00
C ILE A 199 38.55 36.86 -41.79
N LEU A 200 39.52 36.03 -41.40
CA LEU A 200 39.34 35.14 -40.26
C LEU A 200 39.09 35.92 -38.98
N GLY A 201 39.74 37.07 -38.81
CA GLY A 201 39.51 37.90 -37.66
C GLY A 201 38.31 38.81 -37.75
N ARG A 202 37.52 38.71 -38.81
CA ARG A 202 36.37 39.57 -39.04
C ARG A 202 35.04 38.87 -38.77
N PHE A 203 34.81 37.72 -39.41
CA PHE A 203 33.52 37.05 -39.34
C PHE A 203 33.55 35.79 -38.48
N ILE A 204 34.60 35.59 -37.68
CA ILE A 204 34.64 34.44 -36.79
C ILE A 204 33.55 34.54 -35.73
N ASN A 205 33.27 35.76 -35.27
CA ASN A 205 32.15 36.01 -34.37
C ASN A 205 30.90 36.39 -35.15
N ALA A 206 30.48 35.49 -36.05
CA ALA A 206 29.31 35.75 -36.88
C ALA A 206 28.06 35.80 -36.01
N GLU A 207 27.11 36.64 -36.42
CA GLU A 207 25.90 36.90 -35.63
C GLU A 207 24.71 36.26 -36.34
N TYR A 208 24.03 35.38 -35.60
CA TYR A 208 22.81 34.77 -36.12
C TYR A 208 21.75 35.81 -35.87
N THR A 209 21.63 36.75 -36.78
CA THR A 209 20.71 37.87 -36.64
C THR A 209 19.31 37.43 -37.06
N GLU A 210 18.57 36.87 -36.10
CA GLU A 210 17.16 36.55 -36.29
C GLU A 210 16.41 36.91 -35.02
N GLU A 211 15.10 37.17 -35.18
CA GLU A 211 14.30 37.70 -34.08
C GLU A 211 14.20 36.73 -32.91
N ALA A 212 14.54 35.46 -33.10
CA ALA A 212 14.50 34.50 -32.01
C ALA A 212 15.84 34.38 -31.29
N TYR A 213 16.95 34.26 -32.04
CA TYR A 213 18.26 34.04 -31.47
C TYR A 213 19.03 35.35 -31.30
N GLU A 214 19.34 36.04 -32.41
CA GLU A 214 19.90 37.39 -32.41
C GLU A 214 21.29 37.48 -31.77
N GLY A 215 21.82 36.37 -31.26
CA GLY A 215 23.08 36.46 -30.55
C GLY A 215 24.03 35.28 -30.66
N GLN A 216 23.72 34.31 -31.52
CA GLN A 216 24.53 33.12 -31.62
C GLN A 216 25.85 33.40 -32.31
N THR A 217 26.88 32.63 -31.95
CA THR A 217 28.16 32.62 -32.62
C THR A 217 28.55 31.17 -32.91
N ALA A 218 29.67 31.01 -33.62
CA ALA A 218 30.15 29.66 -33.92
C ALA A 218 30.64 28.96 -32.66
N LEU A 219 31.23 29.71 -31.73
CA LEU A 219 31.74 29.12 -30.50
C LEU A 219 30.62 28.56 -29.63
N ASN A 220 29.48 29.26 -29.59
CA ASN A 220 28.34 28.80 -28.79
C ASN A 220 27.84 27.45 -29.28
N ILE A 221 27.67 27.31 -30.60
CA ILE A 221 27.19 26.05 -31.16
C ILE A 221 28.24 24.96 -30.99
N ALA A 222 29.52 25.30 -31.12
CA ALA A 222 30.59 24.33 -30.96
C ALA A 222 30.63 23.78 -29.54
N ILE A 223 30.45 24.64 -28.54
CA ILE A 223 30.44 24.17 -27.15
C ILE A 223 29.20 23.32 -26.88
N GLU A 224 28.05 23.73 -27.41
CA GLU A 224 26.81 23.00 -27.15
C GLU A 224 26.85 21.58 -27.69
N ARG A 225 27.43 21.38 -28.88
CA ARG A 225 27.39 20.10 -29.58
C ARG A 225 28.36 19.08 -29.00
N ARG A 226 28.81 19.28 -27.75
CA ARG A 226 29.71 18.39 -27.05
C ARG A 226 31.04 18.22 -27.77
N GLN A 227 31.45 19.24 -28.53
CA GLN A 227 32.70 19.21 -29.29
C GLN A 227 33.68 20.15 -28.61
N GLY A 228 34.73 19.59 -28.00
CA GLY A 228 35.72 20.39 -27.31
C GLY A 228 36.93 20.71 -28.15
N ASP A 229 37.34 19.78 -29.00
CA ASP A 229 38.46 20.02 -29.88
C ASP A 229 38.17 21.21 -30.76
N ILE A 230 37.06 21.16 -31.48
CA ILE A 230 36.72 22.24 -32.40
C ILE A 230 36.61 23.56 -31.63
N ALA A 231 36.04 23.52 -30.43
CA ALA A 231 35.95 24.72 -29.61
C ALA A 231 37.34 25.21 -29.20
N ALA A 232 38.25 24.28 -28.90
CA ALA A 232 39.62 24.65 -28.57
C ALA A 232 40.31 25.29 -29.77
N LEU A 233 40.09 24.75 -30.97
CA LEU A 233 40.69 25.30 -32.17
C LEU A 233 40.13 26.68 -32.47
N LEU A 234 38.82 26.87 -32.24
CA LEU A 234 38.22 28.18 -32.46
C LEU A 234 38.74 29.20 -31.46
N ILE A 235 38.96 28.78 -30.21
CA ILE A 235 39.49 29.69 -29.20
C ILE A 235 40.92 30.06 -29.53
N ALA A 236 41.73 29.09 -29.97
CA ALA A 236 43.11 29.37 -30.33
C ALA A 236 43.18 30.28 -31.56
N ALA A 237 42.25 30.09 -32.51
CA ALA A 237 42.22 30.96 -33.69
C ALA A 237 41.79 32.37 -33.34
N GLY A 238 40.99 32.54 -32.30
CA GLY A 238 40.54 33.85 -31.88
C GLY A 238 39.06 34.07 -32.10
N ALA A 239 38.28 33.95 -31.03
CA ALA A 239 36.84 34.14 -31.07
C ALA A 239 36.42 35.06 -29.92
N ASP A 240 35.14 35.40 -29.89
CA ASP A 240 34.58 36.25 -28.83
C ASP A 240 34.31 35.36 -27.63
N VAL A 241 35.17 35.46 -26.61
CA VAL A 241 35.04 34.61 -25.44
C VAL A 241 33.78 34.96 -24.65
N ASN A 242 33.51 36.24 -24.45
CA ASN A 242 32.32 36.71 -23.75
C ASN A 242 31.37 37.29 -24.80
N ALA A 243 30.55 36.42 -25.39
CA ALA A 243 29.60 36.81 -26.42
C ALA A 243 28.19 36.61 -25.88
N HIS A 244 27.49 37.71 -25.64
CA HIS A 244 26.13 37.64 -25.12
C HIS A 244 25.17 37.22 -26.23
N ALA A 245 24.53 36.06 -26.04
CA ALA A 245 23.55 35.56 -27.01
C ALA A 245 22.15 36.01 -26.59
N LYS A 246 21.91 37.30 -26.77
CA LYS A 246 20.66 37.92 -26.35
C LYS A 246 19.56 37.62 -27.38
N GLY A 247 18.49 36.97 -26.95
CA GLY A 247 17.40 36.64 -27.85
C GLY A 247 16.15 36.29 -27.09
N ALA A 248 15.02 36.31 -27.81
CA ALA A 248 13.73 36.00 -27.20
C ALA A 248 13.62 34.51 -26.90
N PHE A 249 14.07 33.66 -27.82
CA PHE A 249 14.06 32.22 -27.57
C PHE A 249 15.05 31.85 -26.49
N PHE A 250 16.18 32.54 -26.43
CA PHE A 250 17.20 32.29 -25.41
C PHE A 250 16.81 32.85 -24.05
N ASN A 251 15.77 33.69 -23.99
CA ASN A 251 15.25 34.24 -22.74
C ASN A 251 13.76 33.93 -22.69
N PRO A 252 13.39 32.68 -22.42
CA PRO A 252 11.98 32.31 -22.45
C PRO A 252 11.22 32.86 -21.26
N LYS A 253 9.92 33.11 -21.47
CA LYS A 253 9.08 33.61 -20.39
C LYS A 253 8.85 32.53 -19.33
N TYR A 254 8.69 31.28 -19.76
CA TYR A 254 8.51 30.15 -18.86
C TYR A 254 9.66 29.15 -19.07
N GLN A 255 9.59 28.01 -18.41
CA GLN A 255 10.64 27.02 -18.58
C GLN A 255 10.47 26.25 -19.88
N HIS A 256 9.24 25.89 -20.20
CA HIS A 256 9.01 25.06 -21.37
C HIS A 256 9.07 25.83 -22.69
N GLU A 257 9.11 27.17 -22.64
CA GLU A 257 9.13 27.95 -23.88
C GLU A 257 10.46 27.84 -24.61
N GLY A 258 11.56 27.73 -23.88
CA GLY A 258 12.86 27.66 -24.51
C GLY A 258 13.92 27.16 -23.57
N PHE A 259 15.18 27.36 -23.98
CA PHE A 259 16.34 26.92 -23.22
C PHE A 259 17.10 28.14 -22.73
N TYR A 260 17.30 28.23 -21.41
CA TYR A 260 18.07 29.30 -20.80
C TYR A 260 19.36 28.71 -20.24
N PHE A 261 20.49 29.30 -20.63
CA PHE A 261 21.81 28.78 -20.25
C PHE A 261 22.75 29.88 -19.81
N GLY A 262 22.24 31.06 -19.47
CA GLY A 262 23.07 32.18 -19.08
C GLY A 262 23.49 33.09 -20.21
N GLU A 263 23.22 32.71 -21.46
CA GLU A 263 23.46 33.56 -22.64
C GLU A 263 24.93 33.92 -22.79
N THR A 264 25.81 33.02 -22.33
CA THR A 264 27.24 33.19 -22.47
C THR A 264 27.87 31.84 -22.75
N PRO A 265 28.97 31.80 -23.50
CA PRO A 265 29.64 30.51 -23.75
C PRO A 265 30.14 29.84 -22.48
N LEU A 266 30.60 30.62 -21.50
CA LEU A 266 31.09 30.04 -20.25
C LEU A 266 29.96 29.39 -19.47
N ALA A 267 28.84 30.09 -19.30
CA ALA A 267 27.70 29.52 -18.60
C ALA A 267 27.04 28.40 -19.40
N LEU A 268 27.15 28.43 -20.73
CA LEU A 268 26.64 27.32 -21.53
C LEU A 268 27.48 26.07 -21.33
N ALA A 269 28.81 26.23 -21.28
CA ALA A 269 29.69 25.10 -21.02
C ALA A 269 29.44 24.53 -19.63
N ALA A 270 29.21 25.40 -18.64
CA ALA A 270 28.94 24.92 -17.29
C ALA A 270 27.55 24.30 -17.17
N CYS A 271 26.59 24.77 -17.96
CA CYS A 271 25.23 24.26 -17.85
C CYS A 271 25.11 22.86 -18.45
N THR A 272 25.72 22.63 -19.61
CA THR A 272 25.58 21.33 -20.29
C THR A 272 26.72 20.38 -19.96
N ASN A 273 27.04 20.27 -18.67
CA ASN A 273 27.96 19.28 -18.09
C ASN A 273 29.19 19.04 -18.96
N GLN A 274 29.98 20.09 -19.15
CA GLN A 274 31.19 20.04 -19.97
C GLN A 274 32.36 20.51 -19.11
N PRO A 275 32.96 19.62 -18.32
CA PRO A 275 34.06 20.04 -17.44
C PRO A 275 35.31 20.48 -18.20
N GLU A 276 35.72 19.74 -19.22
CA GLU A 276 36.94 20.08 -19.95
C GLU A 276 36.81 21.45 -20.63
N ILE A 277 35.64 21.71 -21.22
CA ILE A 277 35.45 22.97 -21.94
C ILE A 277 35.39 24.15 -20.96
N VAL A 278 34.77 23.96 -19.80
CA VAL A 278 34.66 25.06 -18.85
C VAL A 278 36.01 25.34 -18.19
N GLN A 279 36.85 24.31 -18.05
CA GLN A 279 38.23 24.56 -17.62
C GLN A 279 38.99 25.36 -18.68
N LEU A 280 38.82 25.01 -19.95
CA LEU A 280 39.50 25.75 -21.01
C LEU A 280 39.00 27.19 -21.08
N LEU A 281 37.68 27.38 -20.89
CA LEU A 281 37.12 28.73 -20.95
C LEU A 281 37.58 29.57 -19.76
N MET A 282 37.61 28.99 -18.56
CA MET A 282 37.99 29.75 -17.38
C MET A 282 39.48 30.04 -17.34
N GLU A 283 40.32 29.14 -17.87
CA GLU A 283 41.76 29.36 -17.93
C GLU A 283 42.10 30.14 -19.19
N HIS A 284 41.70 31.42 -19.18
CA HIS A 284 41.94 32.31 -20.30
C HIS A 284 42.05 33.74 -19.78
N GLU A 285 42.53 34.62 -20.63
CA GLU A 285 42.83 35.99 -20.21
C GLU A 285 41.57 36.85 -20.18
N GLN A 286 40.88 36.98 -21.31
CA GLN A 286 39.77 37.92 -21.44
C GLN A 286 38.41 37.26 -21.18
N THR A 287 38.38 36.18 -20.40
CA THR A 287 37.11 35.54 -20.03
C THR A 287 36.47 36.35 -18.91
N ASP A 288 35.42 37.10 -19.25
CA ASP A 288 34.71 37.93 -18.28
C ASP A 288 33.82 37.02 -17.43
N ILE A 289 34.39 36.54 -16.33
CA ILE A 289 33.64 35.65 -15.44
C ILE A 289 32.52 36.41 -14.74
N THR A 290 32.82 37.61 -14.23
CA THR A 290 31.81 38.43 -13.56
C THR A 290 31.04 39.26 -14.57
N SER A 291 30.44 38.60 -15.57
CA SER A 291 29.65 39.26 -16.59
C SER A 291 28.21 38.79 -16.48
N ARG A 292 27.27 39.74 -16.58
CA ARG A 292 25.85 39.46 -16.44
C ARG A 292 25.14 39.68 -17.76
N ASP A 293 24.22 38.78 -18.09
CA ASP A 293 23.47 38.84 -19.33
C ASP A 293 22.32 39.83 -19.24
N SER A 294 21.37 39.75 -20.19
CA SER A 294 20.25 40.68 -20.22
C SER A 294 19.40 40.56 -18.97
N ARG A 295 19.18 39.35 -18.47
CA ARG A 295 18.48 39.16 -17.21
C ARG A 295 19.30 39.60 -16.00
N GLY A 296 20.59 39.90 -16.18
CA GLY A 296 21.47 40.19 -15.08
C GLY A 296 22.03 38.97 -14.37
N ASN A 297 21.73 37.77 -14.85
CA ASN A 297 22.19 36.56 -14.20
C ASN A 297 23.68 36.37 -14.41
N ASN A 298 24.35 35.90 -13.37
CA ASN A 298 25.76 35.52 -13.45
C ASN A 298 25.85 34.05 -13.84
N ILE A 299 27.05 33.47 -13.72
CA ILE A 299 27.22 32.05 -14.00
C ILE A 299 26.47 31.21 -12.98
N LEU A 300 26.54 31.61 -11.71
CA LEU A 300 25.92 30.84 -10.64
C LEU A 300 24.40 30.97 -10.65
N HIS A 301 23.88 32.14 -11.07
CA HIS A 301 22.45 32.27 -11.29
C HIS A 301 21.99 31.32 -12.39
N ALA A 302 22.76 31.22 -13.47
CA ALA A 302 22.42 30.31 -14.56
C ALA A 302 22.47 28.86 -14.10
N LEU A 303 23.46 28.51 -13.27
CA LEU A 303 23.54 27.15 -12.74
C LEU A 303 22.39 26.85 -11.80
N VAL A 304 21.90 27.86 -11.08
CA VAL A 304 20.75 27.67 -10.20
C VAL A 304 19.48 27.45 -11.01
N THR A 305 19.29 28.24 -12.08
CA THR A 305 18.07 28.17 -12.86
C THR A 305 17.95 26.90 -13.70
N VAL A 306 19.02 26.13 -13.85
CA VAL A 306 18.99 24.90 -14.64
C VAL A 306 19.05 23.66 -13.74
N ALA A 307 18.82 23.83 -12.44
CA ALA A 307 18.86 22.71 -11.51
C ALA A 307 17.48 22.06 -11.43
N GLU A 308 17.30 21.15 -10.47
CA GLU A 308 16.04 20.46 -10.28
C GLU A 308 15.60 20.61 -8.84
N ASP A 309 14.27 20.61 -8.63
CA ASP A 309 13.73 20.74 -7.28
C ASP A 309 14.10 19.53 -6.42
N PHE A 310 14.03 18.33 -6.98
CA PHE A 310 14.39 17.11 -6.28
C PHE A 310 15.72 16.60 -6.82
N LYS A 311 16.53 16.05 -5.91
CA LYS A 311 17.83 15.51 -6.30
C LYS A 311 17.66 14.22 -7.10
N THR A 312 18.37 14.13 -8.22
CA THR A 312 18.35 12.95 -9.06
C THR A 312 19.49 11.99 -8.74
N GLN A 313 20.23 12.24 -7.65
CA GLN A 313 21.35 11.46 -7.13
C GLN A 313 22.58 11.51 -8.04
N ASN A 314 22.48 12.13 -9.21
CA ASN A 314 23.60 12.32 -10.13
C ASN A 314 23.70 13.78 -10.55
N ASP A 315 23.49 14.68 -9.59
CA ASP A 315 23.46 16.11 -9.88
C ASP A 315 24.86 16.61 -10.21
N PHE A 316 24.99 17.30 -11.34
CA PHE A 316 26.24 17.90 -11.74
C PHE A 316 26.26 19.42 -11.58
N VAL A 317 25.09 20.06 -11.48
CA VAL A 317 25.04 21.50 -11.31
C VAL A 317 25.59 21.90 -9.95
N LYS A 318 25.37 21.08 -8.93
CA LYS A 318 25.91 21.37 -7.61
C LYS A 318 27.42 21.29 -7.60
N ARG A 319 27.98 20.22 -8.19
CA ARG A 319 29.42 20.06 -8.20
C ARG A 319 30.10 21.05 -9.14
N MET A 320 29.40 21.49 -10.19
CA MET A 320 29.97 22.52 -11.07
C MET A 320 29.90 23.89 -10.42
N TYR A 321 28.85 24.15 -9.64
CA TYR A 321 28.81 25.33 -8.79
C TYR A 321 29.99 25.35 -7.83
N ASP A 322 30.26 24.19 -7.21
CA ASP A 322 31.38 24.07 -6.28
C ASP A 322 32.71 24.33 -6.98
N MET A 323 32.91 23.69 -8.14
CA MET A 323 34.18 23.82 -8.85
C MET A 323 34.41 25.25 -9.34
N ILE A 324 33.37 25.89 -9.87
CA ILE A 324 33.51 27.26 -10.34
C ILE A 324 33.81 28.21 -9.19
N LEU A 325 33.16 27.99 -8.04
CA LEU A 325 33.38 28.86 -6.88
C LEU A 325 34.82 28.77 -6.39
N LEU A 326 35.36 27.56 -6.29
CA LEU A 326 36.72 27.41 -5.79
C LEU A 326 37.77 27.84 -6.81
N ARG A 327 37.51 27.61 -8.11
CA ARG A 327 38.52 27.92 -9.11
C ARG A 327 38.69 29.42 -9.34
N SER A 328 37.62 30.21 -9.20
CA SER A 328 37.72 31.65 -9.42
C SER A 328 36.65 32.35 -8.61
N GLY A 329 36.91 33.63 -8.32
CA GLY A 329 35.97 34.45 -7.58
C GLY A 329 36.03 34.22 -6.09
N ASN A 330 36.12 35.29 -5.30
CA ASN A 330 36.16 35.15 -3.85
C ASN A 330 34.80 35.44 -3.22
N TRP A 331 34.30 36.67 -3.34
CA TRP A 331 32.96 36.99 -2.85
C TRP A 331 32.15 37.88 -3.76
N GLU A 332 32.78 38.70 -4.62
CA GLU A 332 32.01 39.55 -5.52
C GLU A 332 31.33 38.74 -6.61
N LEU A 333 31.82 37.52 -6.86
CA LEU A 333 31.20 36.66 -7.86
C LEU A 333 29.84 36.17 -7.40
N GLU A 334 29.64 36.01 -6.09
CA GLU A 334 28.35 35.62 -5.53
C GLU A 334 27.57 36.80 -4.98
N THR A 335 28.20 37.96 -4.81
CA THR A 335 27.48 39.14 -4.34
C THR A 335 26.75 39.87 -5.45
N THR A 336 27.04 39.57 -6.71
CA THR A 336 26.35 40.21 -7.83
C THR A 336 24.88 39.85 -7.80
N ARG A 337 24.03 40.87 -7.94
CA ARG A 337 22.59 40.71 -7.81
C ARG A 337 21.93 40.61 -9.18
N ASN A 338 20.87 39.81 -9.25
CA ASN A 338 20.04 39.72 -10.44
C ASN A 338 19.34 41.07 -10.68
N ASN A 339 18.76 41.20 -11.88
CA ASN A 339 17.95 42.38 -12.17
C ASN A 339 16.72 42.45 -11.27
N ASP A 340 16.26 41.29 -10.78
CA ASP A 340 15.23 41.28 -9.75
C ASP A 340 15.79 41.69 -8.38
N GLY A 341 17.11 41.66 -8.21
CA GLY A 341 17.72 42.05 -6.97
C GLY A 341 18.00 40.89 -6.04
N LEU A 342 18.48 39.78 -6.59
CA LEU A 342 18.70 38.56 -5.82
C LEU A 342 20.12 38.04 -6.03
N THR A 343 20.73 37.59 -4.94
CA THR A 343 21.97 36.84 -5.01
C THR A 343 21.68 35.40 -5.43
N PRO A 344 22.70 34.63 -5.83
CA PRO A 344 22.44 33.21 -6.15
C PRO A 344 21.86 32.44 -4.98
N LEU A 345 22.18 32.82 -3.75
CA LEU A 345 21.58 32.17 -2.59
C LEU A 345 20.07 32.43 -2.53
N GLN A 346 19.67 33.69 -2.63
CA GLN A 346 18.25 34.03 -2.62
C GLN A 346 17.54 33.49 -3.84
N LEU A 347 18.22 33.46 -4.99
CA LEU A 347 17.62 32.92 -6.20
C LEU A 347 17.38 31.42 -6.07
N ALA A 348 18.33 30.69 -5.47
CA ALA A 348 18.14 29.27 -5.25
C ALA A 348 17.04 28.99 -4.23
N ALA A 349 16.84 29.90 -3.28
CA ALA A 349 15.74 29.73 -2.33
C ALA A 349 14.39 30.04 -2.97
N LYS A 350 14.35 31.05 -3.84
CA LYS A 350 13.08 31.46 -4.43
C LYS A 350 12.63 30.49 -5.52
N MET A 351 13.55 30.05 -6.38
CA MET A 351 13.18 29.18 -7.49
C MET A 351 12.72 27.81 -7.01
N GLY A 352 13.23 27.35 -5.88
CA GLY A 352 12.84 26.04 -5.35
C GLY A 352 13.94 25.01 -5.35
N LYS A 353 15.18 25.36 -5.69
CA LYS A 353 16.28 24.39 -5.74
C LYS A 353 16.70 24.06 -4.32
N ALA A 354 16.24 22.91 -3.81
CA ALA A 354 16.50 22.55 -2.43
C ALA A 354 17.94 22.08 -2.22
N GLU A 355 18.48 21.30 -3.14
CA GLU A 355 19.80 20.73 -2.94
C GLU A 355 20.90 21.79 -3.05
N ILE A 356 20.71 22.77 -3.94
CA ILE A 356 21.70 23.84 -4.07
C ILE A 356 21.67 24.73 -2.83
N LEU A 357 20.46 25.04 -2.33
CA LEU A 357 20.34 25.82 -1.11
C LEU A 357 20.96 25.08 0.07
N LYS A 358 20.75 23.77 0.15
CA LYS A 358 21.36 22.98 1.21
C LYS A 358 22.87 23.00 1.12
N TYR A 359 23.42 22.91 -0.10
CA TYR A 359 24.86 22.92 -0.26
C TYR A 359 25.46 24.28 0.11
N ILE A 360 24.83 25.37 -0.30
CA ILE A 360 25.40 26.69 -0.03
C ILE A 360 25.29 27.03 1.44
N LEU A 361 24.14 26.73 2.06
CA LEU A 361 23.95 27.05 3.47
C LEU A 361 24.84 26.22 4.38
N SER A 362 25.36 25.09 3.90
CA SER A 362 26.22 24.20 4.67
C SER A 362 27.50 23.91 3.89
N ARG A 363 28.11 24.97 3.34
CA ARG A 363 29.34 24.84 2.55
C ARG A 363 30.54 24.99 3.48
N GLU A 364 31.25 23.90 3.71
CA GLU A 364 32.42 23.88 4.59
C GLU A 364 33.67 23.62 3.75
N ILE A 365 34.64 24.53 3.85
CA ILE A 365 35.93 24.39 3.20
C ILE A 365 37.00 24.41 4.27
N LYS A 366 37.82 23.34 4.32
CA LYS A 366 38.85 23.21 5.34
C LYS A 366 40.19 23.82 4.92
N GLU A 367 40.32 24.26 3.68
CA GLU A 367 41.56 24.87 3.21
C GLU A 367 41.67 26.30 3.70
N LYS A 368 42.88 26.68 4.12
CA LYS A 368 43.09 28.03 4.63
C LYS A 368 43.01 29.08 3.53
N ARG A 369 43.40 28.72 2.30
CA ARG A 369 43.33 29.66 1.19
C ARG A 369 41.88 29.99 0.85
N LEU A 370 41.00 29.00 0.91
CA LEU A 370 39.60 29.16 0.53
C LEU A 370 38.67 29.05 1.74
N ARG A 371 39.17 29.40 2.93
CA ARG A 371 38.34 29.39 4.12
C ARG A 371 37.31 30.51 4.10
N SER A 372 37.62 31.62 3.42
CA SER A 372 36.70 32.74 3.35
C SER A 372 35.45 32.41 2.55
N LEU A 373 35.54 31.44 1.64
CA LEU A 373 34.40 31.04 0.84
C LEU A 373 33.62 29.94 1.54
N SER A 374 33.27 30.15 2.80
CA SER A 374 32.61 29.12 3.59
C SER A 374 31.50 29.78 4.41
N ARG A 375 30.54 28.96 4.83
CA ARG A 375 29.43 29.46 5.63
C ARG A 375 29.28 28.64 6.91
N LYS A 376 29.74 27.39 6.90
CA LYS A 376 29.72 26.53 8.07
C LYS A 376 31.13 26.26 8.52
N PHE A 377 31.40 26.49 9.81
CA PHE A 377 32.69 26.15 10.42
C PHE A 377 32.43 25.28 11.64
N THR A 378 33.14 24.15 11.71
CA THR A 378 33.02 23.25 12.84
C THR A 378 34.00 23.72 13.92
N ASP A 379 33.46 24.30 14.99
CA ASP A 379 34.31 24.78 16.08
C ASP A 379 35.04 23.62 16.75
N TRP A 380 34.33 22.56 17.09
CA TRP A 380 34.93 21.35 17.61
C TRP A 380 34.02 20.17 17.33
N ALA A 381 34.63 19.01 17.12
CA ALA A 381 33.89 17.78 16.90
C ALA A 381 34.27 16.77 17.98
N TYR A 382 33.25 16.17 18.59
CA TYR A 382 33.46 15.20 19.65
C TYR A 382 32.54 14.01 19.39
N GLY A 383 33.03 13.02 18.67
CA GLY A 383 32.26 11.84 18.38
C GLY A 383 31.00 12.13 17.59
N PRO A 384 29.84 11.94 18.21
CA PRO A 384 28.58 12.21 17.51
C PRO A 384 28.13 13.66 17.57
N VAL A 385 28.59 14.41 18.58
CA VAL A 385 28.21 15.80 18.72
C VAL A 385 29.13 16.66 17.88
N SER A 386 28.68 17.86 17.52
CA SER A 386 29.46 18.77 16.72
C SER A 386 28.99 20.21 16.96
N SER A 387 29.92 21.14 16.88
CA SER A 387 29.64 22.56 17.06
C SER A 387 29.87 23.27 15.73
N SER A 388 28.81 23.40 14.94
CA SER A 388 28.87 24.03 13.63
C SER A 388 28.54 25.51 13.77
N LEU A 389 29.38 26.35 13.16
CA LEU A 389 29.23 27.80 13.26
C LEU A 389 28.67 28.30 11.93
N TYR A 390 27.35 28.22 11.81
CA TYR A 390 26.67 28.57 10.57
C TYR A 390 26.65 30.08 10.36
N ASP A 391 26.63 30.49 9.09
CA ASP A 391 26.67 31.89 8.73
C ASP A 391 25.28 32.40 8.41
N LEU A 392 24.92 33.54 8.99
CA LEU A 392 23.61 34.16 8.79
C LEU A 392 23.76 35.56 8.20
N THR A 393 24.64 35.70 7.20
CA THR A 393 24.88 37.01 6.60
C THR A 393 23.63 37.51 5.87
N ASN A 394 23.00 36.63 5.09
CA ASN A 394 21.78 36.97 4.35
C ASN A 394 20.65 36.01 4.65
N VAL A 395 20.75 35.23 5.73
CA VAL A 395 19.76 34.22 6.06
C VAL A 395 18.74 34.75 7.07
N ASP A 396 19.19 35.42 8.11
CA ASP A 396 18.28 35.99 9.10
C ASP A 396 17.46 37.11 8.49
N THR A 397 16.22 37.26 8.95
CA THR A 397 15.31 38.25 8.41
C THR A 397 15.55 39.62 9.03
N THR A 398 16.81 40.07 9.05
CA THR A 398 17.14 41.42 9.47
C THR A 398 17.48 42.34 8.29
N THR A 399 17.85 41.78 7.16
CA THR A 399 18.11 42.54 5.95
C THR A 399 16.85 42.60 5.10
N ASP A 400 16.97 43.05 3.86
CA ASP A 400 15.86 43.12 2.92
C ASP A 400 15.87 41.88 2.03
N ASN A 401 14.71 41.26 1.88
CA ASN A 401 14.54 40.06 1.05
C ASN A 401 15.48 38.93 1.50
N SER A 402 15.38 38.58 2.78
CA SER A 402 16.24 37.55 3.34
C SER A 402 15.86 36.18 2.79
N VAL A 403 16.76 35.21 3.02
CA VAL A 403 16.52 33.86 2.52
C VAL A 403 15.40 33.19 3.30
N LEU A 404 15.32 33.45 4.61
CA LEU A 404 14.26 32.85 5.42
C LEU A 404 12.89 33.38 5.02
N GLU A 405 12.76 34.68 4.82
CA GLU A 405 11.51 35.25 4.37
C GLU A 405 11.15 34.77 2.98
N ILE A 406 12.15 34.64 2.10
CA ILE A 406 11.91 34.15 0.74
C ILE A 406 11.44 32.71 0.77
N THR A 407 12.08 31.86 1.57
CA THR A 407 11.74 30.44 1.61
C THR A 407 10.48 30.16 2.42
N VAL A 408 9.93 31.14 3.12
CA VAL A 408 8.71 30.94 3.89
C VAL A 408 7.48 31.59 3.25
N TYR A 409 7.66 32.49 2.29
CA TYR A 409 6.56 33.23 1.70
C TYR A 409 6.28 32.83 0.26
N ASN A 410 6.81 31.71 -0.20
CA ASN A 410 6.67 31.26 -1.60
C ASN A 410 6.14 29.83 -1.63
N THR A 411 5.02 29.60 -0.94
CA THR A 411 4.43 28.27 -0.85
C THR A 411 3.96 27.72 -2.20
N ASN A 412 3.74 28.59 -3.19
CA ASN A 412 3.14 28.17 -4.45
C ASN A 412 3.98 27.20 -5.26
N ILE A 413 5.26 27.02 -4.90
CA ILE A 413 6.11 26.01 -5.55
C ILE A 413 6.09 24.68 -4.79
N ASP A 414 5.53 24.65 -3.58
CA ASP A 414 5.15 23.45 -2.86
C ASP A 414 6.36 22.71 -2.29
N ASN A 415 7.57 23.11 -2.69
CA ASN A 415 8.79 22.49 -2.20
C ASN A 415 9.40 23.23 -1.02
N ARG A 416 8.57 23.85 -0.17
CA ARG A 416 9.05 24.74 0.88
C ARG A 416 8.94 24.13 2.27
N HIS A 417 9.04 22.81 2.39
CA HIS A 417 9.24 22.17 3.68
C HIS A 417 10.48 21.29 3.71
N GLU A 418 10.74 20.53 2.65
CA GLU A 418 12.03 19.87 2.51
C GLU A 418 13.16 20.89 2.35
N MET A 419 12.83 22.10 1.91
CA MET A 419 13.76 23.22 1.89
C MET A 419 13.76 23.97 3.22
N LEU A 420 12.62 24.02 3.91
CA LEU A 420 12.55 24.66 5.21
C LEU A 420 13.13 23.81 6.32
N THR A 421 13.31 22.50 6.10
CA THR A 421 13.86 21.62 7.13
C THR A 421 15.38 21.64 7.18
N LEU A 422 16.03 22.42 6.32
CA LEU A 422 17.48 22.54 6.40
C LEU A 422 17.89 23.17 7.71
N GLU A 423 19.10 22.82 8.17
CA GLU A 423 19.52 23.15 9.53
C GLU A 423 19.56 24.65 9.80
N PRO A 424 20.21 25.51 8.99
CA PRO A 424 20.27 26.93 9.35
C PRO A 424 18.93 27.63 9.34
N LEU A 425 17.94 27.08 8.65
CA LEU A 425 16.58 27.62 8.68
C LEU A 425 15.74 27.00 9.79
N HIS A 426 15.88 25.69 10.00
CA HIS A 426 15.06 25.00 11.00
C HIS A 426 15.40 25.48 12.41
N THR A 427 16.69 25.59 12.73
CA THR A 427 17.05 26.06 14.06
C THR A 427 16.74 27.54 14.21
N LEU A 428 16.74 28.30 13.11
CA LEU A 428 16.42 29.71 13.19
C LEU A 428 14.94 29.91 13.53
N LEU A 429 14.07 29.13 12.88
CA LEU A 429 12.64 29.22 13.17
C LEU A 429 12.33 28.69 14.56
N HIS A 430 13.00 27.61 14.97
CA HIS A 430 12.75 27.04 16.29
C HIS A 430 13.16 28.00 17.41
N MET A 431 14.34 28.59 17.30
CA MET A 431 14.79 29.51 18.34
C MET A 431 14.04 30.83 18.28
N LYS A 432 13.60 31.25 17.09
CA LYS A 432 12.72 32.41 16.98
C LYS A 432 11.39 32.14 17.69
N TRP A 433 10.88 30.90 17.58
CA TRP A 433 9.64 30.53 18.24
C TRP A 433 9.82 30.38 19.75
N LYS A 434 11.04 30.06 20.20
CA LYS A 434 11.28 29.95 21.63
C LYS A 434 11.44 31.31 22.29
N LYS A 435 12.21 32.21 21.67
CA LYS A 435 12.46 33.51 22.29
C LYS A 435 11.24 34.42 22.24
N PHE A 436 10.47 34.37 21.15
CA PHE A 436 9.27 35.17 21.01
C PHE A 436 8.34 34.44 20.05
N ALA A 437 7.30 35.13 19.59
CA ALA A 437 6.31 34.61 18.63
C ALA A 437 5.56 33.39 19.16
N LYS A 438 5.73 33.04 20.43
CA LYS A 438 4.93 32.03 21.11
C LYS A 438 4.17 32.59 22.30
N HIS A 439 4.83 33.42 23.11
CA HIS A 439 4.10 34.19 24.12
C HIS A 439 3.17 35.19 23.44
N MET A 440 3.58 35.74 22.30
CA MET A 440 2.73 36.67 21.57
C MET A 440 1.57 35.94 20.88
N PHE A 441 1.80 34.70 20.44
CA PHE A 441 0.70 33.92 19.88
C PHE A 441 -0.35 33.60 20.93
N PHE A 442 0.09 33.21 22.13
CA PHE A 442 -0.84 32.96 23.22
C PHE A 442 -1.52 34.24 23.68
N LEU A 443 -0.79 35.36 23.63
CA LEU A 443 -1.39 36.65 23.96
C LEU A 443 -2.47 37.03 22.94
N SER A 444 -2.22 36.76 21.66
CA SER A 444 -3.22 37.02 20.64
C SER A 444 -4.44 36.14 20.83
N PHE A 445 -4.23 34.87 21.16
CA PHE A 445 -5.36 33.97 21.41
C PHE A 445 -6.16 34.42 22.64
N CYS A 446 -5.48 34.85 23.70
CA CYS A 446 -6.17 35.30 24.89
C CYS A 446 -6.97 36.56 24.62
N PHE A 447 -6.40 37.50 23.85
CA PHE A 447 -7.12 38.73 23.52
C PHE A 447 -8.34 38.44 22.66
N TYR A 448 -8.20 37.53 21.67
CA TYR A 448 -9.34 37.20 20.83
C TYR A 448 -10.40 36.41 21.60
N PHE A 449 -9.97 35.56 22.53
CA PHE A 449 -10.92 34.81 23.35
C PHE A 449 -11.73 35.74 24.25
N PHE A 450 -11.05 36.71 24.88
CA PHE A 450 -11.76 37.67 25.71
C PHE A 450 -12.70 38.54 24.88
N TYR A 451 -12.25 38.94 23.69
CA TYR A 451 -13.09 39.74 22.80
C TYR A 451 -14.31 38.95 22.35
N ASN A 452 -14.14 37.67 22.04
CA ASN A 452 -15.26 36.86 21.58
C ASN A 452 -16.25 36.57 22.70
N ILE A 453 -15.75 36.30 23.91
CA ILE A 453 -16.65 36.00 25.01
C ILE A 453 -17.39 37.26 25.47
N THR A 454 -16.75 38.43 25.38
CA THR A 454 -17.44 39.66 25.73
C THR A 454 -18.32 40.16 24.59
N LEU A 455 -18.14 39.65 23.36
CA LEU A 455 -19.11 39.88 22.31
C LEU A 455 -20.33 39.00 22.49
N THR A 456 -20.13 37.76 22.95
CA THR A 456 -21.24 36.85 23.18
C THR A 456 -22.11 37.33 24.35
N LEU A 457 -21.48 37.71 25.47
CA LEU A 457 -22.21 38.12 26.65
C LEU A 457 -22.95 39.45 26.46
N VAL A 458 -22.55 40.27 25.49
CA VAL A 458 -23.28 41.50 25.23
C VAL A 458 -24.63 41.21 24.60
N SER A 459 -24.65 40.30 23.62
CA SER A 459 -25.90 39.98 22.93
C SER A 459 -26.81 39.13 23.79
N TYR A 460 -26.25 38.13 24.46
CA TYR A 460 -27.08 37.23 25.27
C TYR A 460 -27.68 37.95 26.47
N TYR A 461 -26.89 38.80 27.13
CA TYR A 461 -27.37 39.59 28.27
C TYR A 461 -27.76 40.99 27.82
N ARG A 462 -28.69 41.04 26.86
CA ARG A 462 -29.14 42.29 26.29
C ARG A 462 -30.57 42.61 26.75
N PRO A 463 -30.85 43.87 27.10
CA PRO A 463 -32.22 44.24 27.49
C PRO A 463 -33.20 44.06 26.34
N ARG A 464 -34.15 43.15 26.53
CA ARG A 464 -35.13 42.84 25.50
C ARG A 464 -36.18 43.94 25.39
N LEU A 482 -23.68 50.04 33.34
CA LEU A 482 -22.79 49.49 34.37
C LEU A 482 -21.64 48.71 33.74
N GLN A 483 -21.97 47.83 32.79
CA GLN A 483 -20.99 47.00 32.10
C GLN A 483 -20.66 47.56 30.72
N LEU A 484 -20.62 48.89 30.58
CA LEU A 484 -20.28 49.51 29.31
C LEU A 484 -18.82 49.33 28.91
N LEU A 485 -17.97 48.89 29.84
CA LEU A 485 -16.58 48.65 29.49
C LEU A 485 -16.43 47.53 28.47
N GLY A 486 -17.25 46.48 28.59
CA GLY A 486 -17.26 45.46 27.56
C GLY A 486 -17.86 45.96 26.25
N ARG A 487 -18.93 46.76 26.35
CA ARG A 487 -19.59 47.29 25.16
C ARG A 487 -18.71 48.28 24.40
N MET A 488 -17.69 48.84 25.04
CA MET A 488 -16.71 49.66 24.33
C MET A 488 -15.46 48.87 23.97
N PHE A 489 -15.14 47.81 24.71
CA PHE A 489 -14.00 46.96 24.36
C PHE A 489 -14.25 46.25 23.04
N VAL A 490 -15.49 45.82 22.78
CA VAL A 490 -15.80 45.19 21.50
C VAL A 490 -15.58 46.18 20.36
N LEU A 491 -16.00 47.44 20.55
CA LEU A 491 -15.83 48.45 19.51
C LEU A 491 -14.35 48.73 19.24
N ILE A 492 -13.57 48.90 20.31
CA ILE A 492 -12.16 49.24 20.16
C ILE A 492 -11.42 48.08 19.49
N TRP A 493 -11.66 46.85 19.94
CA TRP A 493 -10.94 45.71 19.37
C TRP A 493 -11.41 45.42 17.95
N ALA A 494 -12.70 45.59 17.65
CA ALA A 494 -13.17 45.39 16.30
C ALA A 494 -12.56 46.40 15.33
N MET A 495 -12.46 47.66 15.75
CA MET A 495 -11.82 48.66 14.91
C MET A 495 -10.34 48.36 14.70
N CYS A 496 -9.66 47.93 15.78
CA CYS A 496 -8.24 47.61 15.67
C CYS A 496 -7.99 46.45 14.73
N ILE A 497 -8.77 45.37 14.87
CA ILE A 497 -8.58 44.22 13.99
C ILE A 497 -9.08 44.52 12.58
N SER A 498 -10.01 45.46 12.44
CA SER A 498 -10.49 45.83 11.11
C SER A 498 -9.41 46.54 10.32
N VAL A 499 -8.74 47.52 10.93
CA VAL A 499 -7.67 48.22 10.21
C VAL A 499 -6.45 47.32 10.04
N LYS A 500 -6.20 46.44 11.01
CA LYS A 500 -5.07 45.51 10.88
C LYS A 500 -5.30 44.50 9.76
N GLU A 501 -6.55 44.08 9.54
CA GLU A 501 -6.86 43.21 8.42
C GLU A 501 -7.02 43.98 7.13
N GLY A 502 -7.38 45.27 7.20
CA GLY A 502 -7.47 46.07 5.99
C GLY A 502 -6.12 46.32 5.34
N ILE A 503 -5.11 46.65 6.14
CA ILE A 503 -3.78 46.85 5.59
C ILE A 503 -3.23 45.53 5.05
N ALA A 504 -3.57 44.42 5.69
CA ALA A 504 -3.14 43.11 5.20
C ALA A 504 -3.86 42.75 3.91
N ILE A 505 -5.16 43.06 3.82
CA ILE A 505 -5.92 42.76 2.61
C ILE A 505 -5.51 43.66 1.45
N PHE A 506 -4.87 44.79 1.74
CA PHE A 506 -4.39 45.68 0.68
C PHE A 506 -2.94 45.40 0.30
N LEU A 507 -2.16 44.83 1.21
CA LEU A 507 -0.74 44.60 0.95
C LEU A 507 -0.43 43.22 0.38
N LEU A 508 -1.41 42.33 0.28
CA LEU A 508 -1.14 41.00 -0.25
C LEU A 508 -1.09 41.02 -1.78
N ARG A 509 -0.50 39.95 -2.34
CA ARG A 509 -0.37 39.71 -3.76
C ARG A 509 -1.46 38.73 -4.23
N PRO A 510 -1.86 38.81 -5.51
CA PRO A 510 -2.84 37.84 -6.02
C PRO A 510 -2.32 36.43 -6.12
N SER A 511 -1.00 36.22 -6.00
CA SER A 511 -0.45 34.88 -6.13
C SER A 511 -0.84 33.98 -4.96
N ASP A 512 -0.86 34.54 -3.74
CA ASP A 512 -1.19 33.74 -2.57
C ASP A 512 -2.68 33.43 -2.45
N LEU A 513 -3.52 34.05 -3.28
CA LEU A 513 -4.95 33.76 -3.28
C LEU A 513 -5.30 32.48 -4.02
N GLN A 514 -4.33 31.86 -4.69
CA GLN A 514 -4.59 30.62 -5.42
C GLN A 514 -4.90 29.50 -4.43
N SER A 515 -5.99 28.77 -4.69
CA SER A 515 -6.51 27.68 -3.86
C SER A 515 -6.92 28.13 -2.46
N ILE A 516 -6.88 29.44 -2.18
CA ILE A 516 -7.29 30.11 -0.95
C ILE A 516 -6.82 29.34 0.30
N LEU A 517 -5.65 28.70 0.18
CA LEU A 517 -5.08 27.92 1.27
C LEU A 517 -3.91 28.57 1.96
N SER A 518 -3.14 29.42 1.26
CA SER A 518 -1.92 30.00 1.80
C SER A 518 -2.21 31.18 2.73
N ASP A 519 -2.85 30.88 3.85
CA ASP A 519 -3.13 31.91 4.86
C ASP A 519 -3.79 33.13 4.25
N ALA A 520 -4.78 32.91 3.40
CA ALA A 520 -5.52 34.03 2.82
C ALA A 520 -7.01 33.99 3.13
N TRP A 521 -7.57 32.80 3.36
CA TRP A 521 -8.98 32.70 3.70
C TRP A 521 -9.26 33.31 5.07
N PHE A 522 -8.39 33.04 6.05
CA PHE A 522 -8.62 33.49 7.42
C PHE A 522 -8.59 35.01 7.52
N HIS A 523 -7.79 35.68 6.69
CA HIS A 523 -7.81 37.14 6.66
C HIS A 523 -9.18 37.65 6.21
N PHE A 524 -9.79 36.99 5.23
CA PHE A 524 -11.10 37.40 4.76
C PHE A 524 -12.16 37.22 5.84
N VAL A 525 -12.13 36.08 6.54
CA VAL A 525 -13.14 35.82 7.57
C VAL A 525 -12.96 36.76 8.76
N PHE A 526 -11.71 37.02 9.15
CA PHE A 526 -11.45 37.96 10.24
C PHE A 526 -11.91 39.36 9.89
N PHE A 527 -11.66 39.80 8.66
CA PHE A 527 -12.10 41.11 8.23
C PHE A 527 -13.62 41.20 8.15
N ILE A 528 -14.28 40.13 7.70
CA ILE A 528 -15.73 40.12 7.62
C ILE A 528 -16.35 40.20 9.01
N GLN A 529 -15.80 39.44 9.97
CA GLN A 529 -16.30 39.50 11.34
C GLN A 529 -16.11 40.89 11.95
N ALA A 530 -14.94 41.50 11.71
CA ALA A 530 -14.67 42.83 12.25
C ALA A 530 -15.65 43.86 11.67
N VAL A 531 -15.81 43.85 10.34
CA VAL A 531 -16.70 44.83 9.71
C VAL A 531 -18.15 44.57 10.11
N LEU A 532 -18.51 43.31 10.40
CA LEU A 532 -19.85 43.02 10.86
C LEU A 532 -20.11 43.63 12.23
N VAL A 533 -19.13 43.57 13.12
CA VAL A 533 -19.32 44.10 14.47
C VAL A 533 -19.48 45.62 14.43
N ILE A 534 -18.60 46.32 13.69
CA ILE A 534 -18.68 47.78 13.69
C ILE A 534 -19.92 48.26 12.94
N LEU A 535 -20.29 47.57 11.86
CA LEU A 535 -21.49 47.97 11.14
C LEU A 535 -22.75 47.74 11.98
N SER A 536 -22.80 46.63 12.72
CA SER A 536 -23.92 46.38 13.62
C SER A 536 -23.99 47.44 14.72
N VAL A 537 -22.84 47.88 15.22
CA VAL A 537 -22.81 48.97 16.19
C VAL A 537 -23.32 50.26 15.56
N PHE A 538 -22.97 50.48 14.29
CA PHE A 538 -23.42 51.68 13.59
C PHE A 538 -24.94 51.71 13.46
N LEU A 539 -25.55 50.57 13.12
CA LEU A 539 -27.00 50.50 13.08
C LEU A 539 -27.63 50.49 14.46
N TYR A 540 -26.88 50.09 15.49
CA TYR A 540 -27.38 50.20 16.86
C TYR A 540 -27.50 51.65 17.29
N LEU A 541 -26.49 52.46 16.97
CA LEU A 541 -26.53 53.88 17.34
C LEU A 541 -27.58 54.63 16.53
N PHE A 542 -27.86 54.20 15.31
CA PHE A 542 -28.83 54.86 14.44
C PHE A 542 -30.26 54.42 14.71
N ALA A 543 -30.49 53.63 15.77
CA ALA A 543 -31.82 53.14 16.14
C ALA A 543 -32.48 52.37 15.00
N TYR A 544 -31.68 51.58 14.30
CA TYR A 544 -32.18 50.78 13.19
C TYR A 544 -32.75 49.46 13.73
N LYS A 545 -33.05 48.54 12.82
CA LYS A 545 -33.62 47.25 13.19
C LYS A 545 -32.76 46.07 12.77
N GLU A 546 -31.94 46.21 11.74
CA GLU A 546 -31.13 45.11 11.21
C GLU A 546 -29.83 44.91 11.98
N TYR A 547 -29.63 45.58 13.11
CA TYR A 547 -28.40 45.41 13.87
C TYR A 547 -28.33 44.03 14.51
N LEU A 548 -29.48 43.44 14.88
CA LEU A 548 -29.48 42.14 15.54
C LEU A 548 -28.99 41.04 14.61
N ALA A 549 -29.41 41.07 13.35
CA ALA A 549 -29.00 40.04 12.40
C ALA A 549 -27.50 40.10 12.14
N CYS A 550 -26.96 41.30 11.95
CA CYS A 550 -25.53 41.44 11.69
C CYS A 550 -24.70 41.05 12.90
N LEU A 551 -25.17 41.41 14.11
CA LEU A 551 -24.40 41.06 15.30
C LEU A 551 -24.47 39.57 15.60
N VAL A 552 -25.62 38.94 15.32
CA VAL A 552 -25.74 37.50 15.51
C VAL A 552 -24.81 36.76 14.56
N LEU A 553 -24.79 37.18 13.30
CA LEU A 553 -23.85 36.60 12.34
C LEU A 553 -22.41 36.87 12.75
N ALA A 554 -22.16 38.02 13.37
CA ALA A 554 -20.82 38.39 13.81
C ALA A 554 -20.31 37.43 14.89
N MET A 555 -21.12 37.18 15.91
CA MET A 555 -20.67 36.30 16.98
C MET A 555 -20.71 34.82 16.58
N ALA A 556 -21.58 34.46 15.62
CA ALA A 556 -21.55 33.09 15.11
C ALA A 556 -20.31 32.85 14.27
N LEU A 557 -19.82 33.88 13.58
CA LEU A 557 -18.57 33.78 12.86
C LEU A 557 -17.35 33.85 13.79
N GLY A 558 -17.47 34.61 14.88
CA GLY A 558 -16.32 34.78 15.76
C GLY A 558 -15.93 33.51 16.50
N TRP A 559 -16.92 32.74 16.97
CA TRP A 559 -16.61 31.50 17.66
C TRP A 559 -16.07 30.44 16.72
N ALA A 560 -16.46 30.50 15.44
CA ALA A 560 -15.93 29.58 14.44
C ALA A 560 -14.58 30.05 13.89
N ASN A 561 -14.14 31.26 14.24
CA ASN A 561 -12.85 31.78 13.81
C ASN A 561 -11.72 31.45 14.79
N MET A 562 -12.04 30.86 15.93
CA MET A 562 -11.01 30.50 16.89
C MET A 562 -10.18 29.29 16.44
N LEU A 563 -10.59 28.62 15.36
CA LEU A 563 -9.80 27.53 14.81
C LEU A 563 -8.51 27.99 14.16
N TYR A 564 -8.37 29.30 13.91
CA TYR A 564 -7.11 29.79 13.37
C TYR A 564 -6.00 29.77 14.41
N TYR A 565 -6.36 29.88 15.69
CA TYR A 565 -5.37 29.96 16.77
C TYR A 565 -4.89 28.60 17.23
N THR A 566 -5.35 27.51 16.62
CA THR A 566 -4.95 26.18 17.05
C THR A 566 -3.63 25.72 16.46
N ARG A 567 -2.91 26.59 15.75
CA ARG A 567 -1.62 26.23 15.18
C ARG A 567 -0.57 25.94 16.25
N GLY A 568 -0.83 26.34 17.50
CA GLY A 568 0.14 26.10 18.55
C GLY A 568 0.36 24.62 18.82
N PHE A 569 -0.70 23.84 18.69
CA PHE A 569 -0.60 22.41 18.91
C PHE A 569 -0.47 21.67 17.60
N GLN A 570 0.40 20.66 17.58
CA GLN A 570 0.60 19.89 16.36
C GLN A 570 -0.59 18.97 16.08
N SER A 571 -1.09 18.29 17.12
CA SER A 571 -2.16 17.33 16.93
C SER A 571 -3.43 18.00 16.42
N MET A 572 -3.79 19.16 16.97
CA MET A 572 -4.95 19.88 16.48
C MET A 572 -4.63 20.68 15.21
N GLY A 573 -3.37 21.02 14.99
CA GLY A 573 -2.99 21.66 13.74
C GLY A 573 -3.24 20.77 12.54
N MET A 574 -2.99 19.46 12.70
CA MET A 574 -3.31 18.51 11.64
C MET A 574 -4.81 18.51 11.35
N TYR A 575 -5.62 18.55 12.41
CA TYR A 575 -7.08 18.52 12.23
C TYR A 575 -7.56 19.78 11.53
N SER A 576 -6.99 20.94 11.88
CA SER A 576 -7.42 22.20 11.28
C SER A 576 -7.03 22.30 9.82
N VAL A 577 -5.81 21.87 9.48
CA VAL A 577 -5.41 21.92 8.07
C VAL A 577 -6.20 20.90 7.26
N MET A 578 -6.57 19.77 7.86
CA MET A 578 -7.46 18.84 7.17
C MET A 578 -8.84 19.45 6.97
N ILE A 579 -9.32 20.24 7.94
CA ILE A 579 -10.59 20.93 7.79
C ILE A 579 -10.54 21.85 6.57
N GLN A 580 -9.52 22.70 6.51
CA GLN A 580 -9.43 23.69 5.44
C GLN A 580 -9.19 23.03 4.08
N LYS A 581 -8.58 21.84 4.07
CA LYS A 581 -8.32 21.18 2.80
C LYS A 581 -9.58 20.49 2.27
N VAL A 582 -10.28 19.72 3.10
CA VAL A 582 -11.37 18.90 2.57
C VAL A 582 -12.60 19.73 2.25
N ILE A 583 -12.80 20.88 2.94
CA ILE A 583 -13.96 21.69 2.66
C ILE A 583 -13.87 22.28 1.25
N LEU A 584 -12.66 22.60 0.82
CA LEU A 584 -12.44 23.21 -0.48
C LEU A 584 -12.15 22.21 -1.59
N HIS A 585 -11.83 20.96 -1.23
CA HIS A 585 -11.47 19.97 -2.23
C HIS A 585 -12.60 18.99 -2.52
N ASP A 586 -13.21 18.41 -1.49
CA ASP A 586 -14.25 17.39 -1.68
C ASP A 586 -15.66 17.87 -1.38
N VAL A 587 -15.83 18.71 -0.36
CA VAL A 587 -17.16 19.13 0.05
C VAL A 587 -17.80 20.03 -1.01
N LEU A 588 -16.99 20.88 -1.65
CA LEU A 588 -17.53 21.82 -2.63
C LEU A 588 -18.09 21.11 -3.85
N LYS A 589 -17.38 20.09 -4.35
CA LYS A 589 -17.88 19.34 -5.51
C LYS A 589 -19.16 18.59 -5.18
N PHE A 590 -19.21 17.95 -4.02
CA PHE A 590 -20.43 17.26 -3.60
C PHE A 590 -21.58 18.24 -3.41
N LEU A 591 -21.28 19.43 -2.86
CA LEU A 591 -22.33 20.43 -2.67
C LEU A 591 -22.89 20.89 -4.01
N PHE A 592 -22.03 21.08 -5.02
CA PHE A 592 -22.50 21.53 -6.32
C PHE A 592 -23.36 20.45 -7.00
N VAL A 593 -22.92 19.19 -6.93
CA VAL A 593 -23.69 18.11 -7.54
C VAL A 593 -25.02 17.94 -6.82
N TYR A 594 -25.01 17.97 -5.48
CA TYR A 594 -26.24 17.81 -4.73
C TYR A 594 -27.19 18.99 -4.92
N ILE A 595 -26.64 20.20 -5.08
CA ILE A 595 -27.48 21.37 -5.35
C ILE A 595 -28.14 21.25 -6.72
N VAL A 596 -27.41 20.70 -7.70
CA VAL A 596 -28.00 20.44 -9.01
C VAL A 596 -29.13 19.42 -8.90
N PHE A 597 -28.89 18.35 -8.12
CA PHE A 597 -29.92 17.35 -7.91
C PHE A 597 -31.06 17.84 -7.02
N LEU A 598 -30.88 18.94 -6.31
CA LEU A 598 -31.92 19.45 -5.42
C LEU A 598 -32.89 20.36 -6.17
N LEU A 599 -32.38 21.34 -6.92
CA LEU A 599 -33.23 22.28 -7.62
C LEU A 599 -33.85 21.69 -8.88
N GLY A 600 -33.42 20.51 -9.31
CA GLY A 600 -34.04 19.83 -10.42
C GLY A 600 -35.24 19.02 -9.96
N PHE A 601 -35.07 18.27 -8.88
CA PHE A 601 -36.19 17.55 -8.28
C PHE A 601 -37.10 18.50 -7.50
N GLY A 602 -36.57 19.65 -7.07
CA GLY A 602 -37.38 20.57 -6.29
C GLY A 602 -38.49 21.21 -7.10
N VAL A 603 -38.21 21.58 -8.35
CA VAL A 603 -39.23 22.21 -9.18
C VAL A 603 -40.18 21.16 -9.78
N ALA A 604 -39.71 19.92 -9.95
CA ALA A 604 -40.56 18.87 -10.48
C ALA A 604 -41.66 18.51 -9.49
N LEU A 605 -41.30 18.33 -8.22
CA LEU A 605 -42.30 18.01 -7.21
C LEU A 605 -43.19 19.21 -6.92
N ALA A 606 -42.65 20.42 -7.00
CA ALA A 606 -43.45 21.62 -6.78
C ALA A 606 -44.47 21.80 -7.89
N SER A 607 -44.09 21.48 -9.13
CA SER A 607 -45.02 21.61 -10.26
C SER A 607 -45.93 20.40 -10.40
N LEU A 608 -45.64 19.30 -9.70
CA LEU A 608 -46.49 18.12 -9.80
C LEU A 608 -47.82 18.31 -9.07
N ILE A 609 -47.82 19.06 -7.98
CA ILE A 609 -49.00 19.25 -7.14
C ILE A 609 -49.57 20.63 -7.38
N GLU A 610 -50.88 20.70 -7.59
CA GLU A 610 -51.58 21.97 -7.76
C GLU A 610 -51.94 22.53 -6.39
N LYS A 611 -52.73 23.59 -6.38
CA LYS A 611 -53.17 24.19 -5.13
C LYS A 611 -54.22 23.32 -4.44
N CYS A 612 -54.34 23.48 -3.13
CA CYS A 612 -55.31 22.73 -2.36
C CYS A 612 -56.73 23.17 -2.73
N PRO A 613 -57.70 22.25 -2.68
CA PRO A 613 -59.10 22.65 -2.95
C PRO A 613 -59.62 23.67 -1.95
N LYS A 614 -59.20 23.61 -0.70
CA LYS A 614 -59.60 24.59 0.30
C LYS A 614 -58.78 25.87 0.22
N ASP A 615 -57.66 25.85 -0.51
CA ASP A 615 -56.79 27.02 -0.70
C ASP A 615 -56.26 27.56 0.62
N ASN A 616 -56.01 26.68 1.58
CA ASN A 616 -55.41 27.06 2.86
C ASN A 616 -53.95 26.67 2.96
N LYS A 617 -53.40 26.02 1.92
CA LYS A 617 -51.97 25.67 1.84
C LYS A 617 -51.54 24.77 3.01
N ASP A 618 -52.32 23.71 3.23
CA ASP A 618 -51.97 22.71 4.24
C ASP A 618 -52.11 21.27 3.77
N CYS A 619 -52.90 21.00 2.74
CA CYS A 619 -53.13 19.65 2.26
C CYS A 619 -52.14 19.20 1.19
N SER A 620 -51.29 20.11 0.70
CA SER A 620 -50.36 19.80 -0.37
C SER A 620 -48.93 19.60 0.10
N SER A 621 -48.48 20.42 1.06
CA SER A 621 -47.15 20.40 1.66
C SER A 621 -46.04 20.80 0.68
N TYR A 622 -46.36 21.00 -0.59
CA TYR A 622 -45.42 21.50 -1.60
C TYR A 622 -46.19 22.52 -2.43
N GLY A 623 -46.19 23.77 -1.99
CA GLY A 623 -46.96 24.80 -2.65
C GLY A 623 -46.11 25.77 -3.45
N SER A 624 -44.79 25.65 -3.31
CA SER A 624 -43.87 26.54 -4.00
C SER A 624 -42.53 25.83 -4.16
N PHE A 625 -41.59 26.50 -4.82
CA PHE A 625 -40.28 25.90 -5.02
C PHE A 625 -39.46 25.89 -3.74
N SER A 626 -39.53 26.97 -2.96
CA SER A 626 -38.77 27.04 -1.72
C SER A 626 -39.28 26.02 -0.70
N ASP A 627 -40.59 25.82 -0.65
CA ASP A 627 -41.16 24.81 0.24
C ASP A 627 -40.70 23.42 -0.15
N ALA A 628 -40.72 23.10 -1.44
CA ALA A 628 -40.28 21.78 -1.89
C ALA A 628 -38.79 21.58 -1.66
N VAL A 629 -38.00 22.64 -1.82
CA VAL A 629 -36.56 22.54 -1.57
C VAL A 629 -36.30 22.23 -0.10
N LEU A 630 -36.99 22.93 0.80
CA LEU A 630 -36.80 22.69 2.23
C LEU A 630 -37.28 21.29 2.62
N GLU A 631 -38.42 20.85 2.09
CA GLU A 631 -38.95 19.55 2.45
C GLU A 631 -38.13 18.41 1.89
N LEU A 632 -37.47 18.61 0.75
CA LEU A 632 -36.55 17.59 0.24
C LEU A 632 -35.27 17.55 1.04
N PHE A 633 -34.76 18.71 1.47
CA PHE A 633 -33.54 18.72 2.28
C PHE A 633 -33.78 18.09 3.66
N LYS A 634 -34.99 18.26 4.21
CA LYS A 634 -35.29 17.69 5.52
C LYS A 634 -35.19 16.17 5.49
N LEU A 635 -35.75 15.54 4.45
CA LEU A 635 -35.64 14.10 4.32
C LEU A 635 -34.26 13.66 3.84
N THR A 636 -33.49 14.57 3.24
CA THR A 636 -32.08 14.26 2.97
C THR A 636 -31.31 14.08 4.26
N ILE A 637 -31.55 14.96 5.24
CA ILE A 637 -30.94 14.79 6.56
C ILE A 637 -31.46 13.51 7.21
N GLY A 638 -32.75 13.23 7.06
CA GLY A 638 -33.35 12.06 7.66
C GLY A 638 -34.30 12.40 8.79
N LEU A 639 -35.06 13.48 8.62
CA LEU A 639 -35.96 13.94 9.66
C LEU A 639 -37.41 13.49 9.44
N GLY A 640 -37.83 13.38 8.18
CA GLY A 640 -39.16 12.87 7.89
C GLY A 640 -39.88 13.58 6.77
N ASP A 641 -41.21 13.61 6.84
CA ASP A 641 -42.07 14.28 5.86
C ASP A 641 -41.88 13.70 4.47
N LEU A 642 -41.86 12.37 4.37
CA LEU A 642 -41.75 11.71 3.07
C LEU A 642 -43.03 10.93 2.79
N ASN A 643 -44.01 11.02 3.67
CA ASN A 643 -45.28 10.33 3.52
C ASN A 643 -45.94 10.67 2.19
N ILE A 644 -46.99 9.92 1.87
CA ILE A 644 -47.63 10.00 0.55
C ILE A 644 -49.00 10.64 0.68
N GLN A 645 -49.69 10.78 -0.46
CA GLN A 645 -50.97 11.47 -0.56
C GLN A 645 -50.85 12.92 -0.08
N GLN A 646 -50.06 13.69 -0.82
CA GLN A 646 -49.88 15.12 -0.59
C GLN A 646 -50.69 15.95 -1.57
N ASN A 647 -51.91 15.51 -1.88
CA ASN A 647 -52.81 16.15 -2.85
C ASN A 647 -52.23 16.17 -4.25
N SER A 648 -51.23 15.32 -4.52
CA SER A 648 -50.63 15.25 -5.85
C SER A 648 -51.53 14.49 -6.82
N LYS A 649 -51.66 15.00 -8.04
CA LYS A 649 -52.51 14.35 -9.04
C LYS A 649 -51.95 13.02 -9.50
N TYR A 650 -50.64 12.79 -9.33
CA TYR A 650 -49.99 11.55 -9.72
C TYR A 650 -49.18 11.04 -8.53
N PRO A 651 -49.85 10.37 -7.59
CA PRO A 651 -49.12 9.87 -6.40
C PRO A 651 -48.03 8.87 -6.71
N ILE A 652 -48.21 8.04 -7.73
CA ILE A 652 -47.19 7.05 -8.08
C ILE A 652 -45.96 7.73 -8.63
N LEU A 653 -46.14 8.73 -9.51
CA LEU A 653 -44.99 9.44 -10.06
C LEU A 653 -44.29 10.27 -8.98
N PHE A 654 -45.06 10.90 -8.08
CA PHE A 654 -44.46 11.64 -6.99
C PHE A 654 -43.64 10.72 -6.09
N LEU A 655 -44.18 9.54 -5.78
CA LEU A 655 -43.44 8.56 -4.99
C LEU A 655 -42.18 8.11 -5.72
N PHE A 656 -42.30 7.87 -7.04
CA PHE A 656 -41.14 7.43 -7.82
C PHE A 656 -40.04 8.48 -7.83
N LEU A 657 -40.41 9.75 -7.98
CA LEU A 657 -39.42 10.82 -7.97
C LEU A 657 -38.77 10.96 -6.60
N LEU A 658 -39.56 10.78 -5.53
CA LEU A 658 -39.00 10.86 -4.19
C LEU A 658 -38.02 9.72 -3.94
N ILE A 659 -38.34 8.51 -4.41
CA ILE A 659 -37.44 7.38 -4.23
C ILE A 659 -36.17 7.58 -5.04
N THR A 660 -36.30 8.10 -6.26
CA THR A 660 -35.12 8.36 -7.10
C THR A 660 -34.22 9.41 -6.47
N TYR A 661 -34.79 10.46 -5.91
CA TYR A 661 -33.99 11.48 -5.23
C TYR A 661 -33.32 10.90 -3.99
N VAL A 662 -34.03 10.05 -3.25
CA VAL A 662 -33.45 9.41 -2.06
C VAL A 662 -32.26 8.54 -2.45
N ILE A 663 -32.39 7.78 -3.54
CA ILE A 663 -31.30 6.93 -3.99
C ILE A 663 -30.11 7.79 -4.41
N LEU A 664 -30.36 8.81 -5.23
CA LEU A 664 -29.28 9.62 -5.79
C LEU A 664 -28.54 10.39 -4.70
N THR A 665 -29.23 10.76 -3.62
CA THR A 665 -28.58 11.53 -2.57
C THR A 665 -27.98 10.62 -1.49
N PHE A 666 -28.81 9.77 -0.88
CA PHE A 666 -28.38 8.99 0.27
C PHE A 666 -27.47 7.84 -0.13
N VAL A 667 -27.73 7.22 -1.28
CA VAL A 667 -26.97 6.04 -1.66
C VAL A 667 -25.77 6.39 -2.56
N LEU A 668 -25.89 7.42 -3.40
CA LEU A 668 -24.85 7.74 -4.37
C LEU A 668 -23.93 8.87 -3.92
N LEU A 669 -24.48 10.06 -3.69
CA LEU A 669 -23.63 11.23 -3.45
C LEU A 669 -23.05 11.21 -2.04
N LEU A 670 -23.88 10.98 -1.03
CA LEU A 670 -23.43 10.91 0.36
C LEU A 670 -22.45 9.77 0.61
N ASN A 671 -22.40 8.79 -0.29
CA ASN A 671 -21.50 7.64 -0.16
C ASN A 671 -20.20 7.87 -0.92
N MET A 672 -20.26 8.47 -2.10
CA MET A 672 -19.02 8.72 -2.83
C MET A 672 -18.25 9.89 -2.23
N LEU A 673 -18.94 10.77 -1.50
CA LEU A 673 -18.21 11.77 -0.71
C LEU A 673 -17.31 11.07 0.31
N ILE A 674 -17.84 10.02 0.96
CA ILE A 674 -17.02 9.15 1.80
C ILE A 674 -15.86 8.58 0.99
N ALA A 675 -16.12 8.19 -0.25
CA ALA A 675 -15.06 7.64 -1.10
C ALA A 675 -13.96 8.65 -1.34
N LEU A 676 -14.33 9.91 -1.62
CA LEU A 676 -13.34 10.90 -2.04
C LEU A 676 -12.39 11.28 -0.93
N MET A 677 -12.91 11.67 0.24
CA MET A 677 -12.01 11.99 1.33
C MET A 677 -11.28 10.75 1.80
N GLY A 678 -11.95 9.60 1.76
CA GLY A 678 -11.28 8.37 2.14
C GLY A 678 -10.03 8.12 1.32
N GLU A 679 -10.06 8.48 0.04
CA GLU A 679 -8.86 8.37 -0.80
C GLU A 679 -7.95 9.57 -0.60
N THR A 680 -8.51 10.71 -0.20
CA THR A 680 -7.71 11.92 -0.04
C THR A 680 -6.82 11.82 1.20
N VAL A 681 -7.36 11.32 2.30
CA VAL A 681 -6.65 11.36 3.58
C VAL A 681 -5.45 10.41 3.57
N GLU A 682 -5.56 9.31 2.84
CA GLU A 682 -4.45 8.37 2.75
C GLU A 682 -3.25 9.02 2.09
N ASN A 683 -3.44 10.05 1.28
CA ASN A 683 -2.33 10.81 0.72
C ASN A 683 -2.04 12.05 1.56
N VAL A 684 -3.00 12.49 2.38
CA VAL A 684 -2.86 13.76 3.08
C VAL A 684 -2.20 13.59 4.45
N SER A 685 -2.44 12.45 5.12
CA SER A 685 -1.99 12.27 6.50
C SER A 685 -0.48 12.41 6.68
N LYS A 686 0.30 12.14 5.65
CA LYS A 686 1.75 12.36 5.69
C LYS A 686 2.17 13.67 5.03
N GLU A 687 1.25 14.40 4.43
CA GLU A 687 1.57 15.64 3.73
C GLU A 687 1.15 16.87 4.52
N SER A 688 0.11 16.74 5.35
CA SER A 688 -0.40 17.88 6.12
C SER A 688 0.60 18.36 7.17
N GLU A 689 1.57 17.52 7.55
CA GLU A 689 2.60 17.97 8.49
C GLU A 689 3.44 19.08 7.87
N ARG A 690 3.73 18.98 6.58
CA ARG A 690 4.45 20.05 5.88
C ARG A 690 3.65 21.35 5.91
N ILE A 691 2.33 21.26 5.71
CA ILE A 691 1.51 22.47 5.64
C ILE A 691 1.40 23.12 7.02
N TRP A 692 1.26 22.30 8.07
CA TRP A 692 1.18 22.86 9.42
C TRP A 692 2.49 23.51 9.82
N ARG A 693 3.62 22.86 9.52
CA ARG A 693 4.91 23.44 9.87
C ARG A 693 5.16 24.73 9.09
N LEU A 694 4.75 24.76 7.82
CA LEU A 694 4.92 25.99 7.03
C LEU A 694 3.99 27.08 7.52
N GLN A 695 2.78 26.73 7.95
CA GLN A 695 1.86 27.73 8.51
C GLN A 695 2.41 28.31 9.81
N ARG A 696 2.98 27.46 10.66
CA ARG A 696 3.59 27.96 11.90
C ARG A 696 4.80 28.84 11.61
N ALA A 697 5.60 28.46 10.60
CA ALA A 697 6.75 29.28 10.22
C ALA A 697 6.31 30.64 9.68
N ARG A 698 5.24 30.66 8.87
CA ARG A 698 4.72 31.92 8.39
C ARG A 698 4.18 32.78 9.53
N THR A 699 3.56 32.13 10.52
CA THR A 699 3.10 32.86 11.70
C THR A 699 4.27 33.47 12.46
N ILE A 700 5.38 32.73 12.58
CA ILE A 700 6.56 33.24 13.27
C ILE A 700 7.13 34.44 12.52
N LEU A 701 7.20 34.36 11.19
CA LEU A 701 7.72 35.48 10.41
C LEU A 701 6.79 36.68 10.47
N GLU A 702 5.48 36.46 10.46
CA GLU A 702 4.53 37.56 10.57
C GLU A 702 4.66 38.27 11.91
N PHE A 703 4.81 37.50 13.00
CA PHE A 703 5.00 38.10 14.31
C PHE A 703 6.35 38.80 14.42
N GLU A 704 7.36 38.28 13.73
CA GLU A 704 8.65 38.96 13.68
C GLU A 704 8.52 40.33 13.00
N LYS A 705 7.82 40.37 11.87
CA LYS A 705 7.58 41.64 11.18
C LYS A 705 6.69 42.58 11.98
N MET A 706 5.87 42.04 12.89
CA MET A 706 4.99 42.89 13.70
C MET A 706 5.78 43.69 14.73
N LEU A 707 6.89 43.15 15.22
CA LEU A 707 7.66 43.81 16.27
C LEU A 707 8.26 45.12 15.76
N PRO A 708 8.36 46.12 16.63
CA PRO A 708 8.94 47.41 16.21
C PRO A 708 10.46 47.33 16.11
N GLU A 709 11.05 48.45 15.71
CA GLU A 709 12.50 48.51 15.51
C GLU A 709 13.24 48.43 16.83
N TRP A 710 12.73 49.07 17.89
CA TRP A 710 13.44 49.09 19.16
C TRP A 710 13.38 47.73 19.85
N LEU A 711 12.28 46.99 19.67
CA LEU A 711 12.14 45.67 20.28
C LEU A 711 12.88 44.59 19.50
N ARG A 712 13.37 44.89 18.30
CA ARG A 712 14.10 43.89 17.52
C ARG A 712 15.57 43.85 17.94
N SER A 713 15.82 43.73 19.25
CA SER A 713 17.15 43.54 19.78
C SER A 713 17.44 42.08 20.11
N ARG A 714 16.64 41.17 19.56
CA ARG A 714 16.77 39.73 19.79
C ARG A 714 17.56 39.06 18.67
N PHE A 715 18.59 39.72 18.18
CA PHE A 715 19.36 39.22 17.04
C PHE A 715 20.21 38.02 17.46
N ARG A 716 21.03 37.54 16.54
CA ARG A 716 21.73 36.27 16.70
C ARG A 716 23.09 36.49 17.35
N MET A 717 23.94 35.47 17.29
CA MET A 717 25.25 35.52 17.93
C MET A 717 26.13 36.59 17.28
N GLY A 718 27.07 37.12 18.06
CA GLY A 718 27.92 38.21 17.62
C GLY A 718 28.92 37.87 16.54
N GLU A 719 29.95 38.70 16.40
CA GLU A 719 30.90 38.56 15.30
C GLU A 719 31.79 37.34 15.47
N LEU A 720 32.32 36.87 14.34
CA LEU A 720 33.24 35.74 14.34
C LEU A 720 34.62 36.13 14.86
N CYS A 721 35.25 37.11 14.21
CA CYS A 721 36.63 37.48 14.54
C CYS A 721 37.57 36.46 13.87
N LYS A 722 37.01 35.48 13.17
CA LYS A 722 37.81 34.49 12.45
C LYS A 722 38.03 34.88 11.00
N VAL A 723 37.26 35.83 10.47
CA VAL A 723 37.45 36.27 9.10
C VAL A 723 38.77 37.02 8.96
N ALA A 724 39.21 37.69 10.02
CA ALA A 724 40.45 38.46 10.09
C ALA A 724 40.50 39.61 9.08
N GLU A 725 39.35 40.00 8.53
CA GLU A 725 39.24 41.15 7.62
C GLU A 725 37.96 41.89 8.01
N ASP A 726 38.10 42.84 8.93
CA ASP A 726 37.04 43.72 9.44
C ASP A 726 35.95 42.98 10.22
N ASP A 727 36.03 41.66 10.33
CA ASP A 727 35.06 40.79 11.02
C ASP A 727 33.61 41.25 10.82
N PHE A 728 33.20 41.29 9.55
CA PHE A 728 31.87 41.74 9.19
C PHE A 728 30.81 40.65 9.31
N ARG A 729 31.20 39.43 9.65
CA ARG A 729 30.26 38.32 9.69
C ARG A 729 29.40 38.38 10.95
N LEU A 730 28.19 37.83 10.85
CA LEU A 730 27.24 37.72 11.96
C LEU A 730 26.73 36.29 11.93
N CYS A 731 27.37 35.41 12.69
CA CYS A 731 27.12 33.99 12.62
C CYS A 731 26.17 33.52 13.71
N LEU A 732 25.95 32.21 13.76
CA LEU A 732 25.06 31.58 14.73
C LEU A 732 25.72 30.33 15.28
N ARG A 733 25.73 30.21 16.60
CA ARG A 733 26.30 29.03 17.23
C ARG A 733 25.29 27.90 17.19
N ILE A 734 25.72 26.74 16.73
CA ILE A 734 24.85 25.57 16.64
C ILE A 734 25.60 24.37 17.18
N ASN A 735 25.00 23.67 18.13
CA ASN A 735 25.55 22.43 18.69
C ASN A 735 24.56 21.31 18.33
N GLU A 736 24.81 20.65 17.21
CA GLU A 736 23.91 19.62 16.69
C GLU A 736 24.51 18.24 16.89
N VAL A 737 23.65 17.26 17.10
CA VAL A 737 24.05 15.88 17.36
C VAL A 737 23.51 15.00 16.25
N LYS A 738 24.35 14.08 15.78
CA LYS A 738 23.98 13.09 14.76
C LYS A 738 24.47 11.73 15.28
N TRP A 739 23.63 11.05 16.06
CA TRP A 739 24.03 9.75 16.60
C TRP A 739 23.99 8.67 15.52
N THR A 740 22.98 8.72 14.65
CA THR A 740 22.87 7.70 13.59
C THR A 740 24.00 7.85 12.57
N GLU A 741 24.28 9.08 12.16
CA GLU A 741 25.36 9.31 11.20
C GLU A 741 26.72 8.92 11.79
N TRP A 742 26.94 9.25 13.07
CA TRP A 742 28.18 8.87 13.73
C TRP A 742 28.29 7.35 13.84
N LYS A 743 27.19 6.68 14.17
CA LYS A 743 27.23 5.22 14.28
C LYS A 743 27.54 4.57 12.94
N THR A 744 26.95 5.08 11.86
CA THR A 744 27.23 4.54 10.53
C THR A 744 28.67 4.82 10.11
N HIS A 745 29.18 6.03 10.40
CA HIS A 745 30.54 6.37 10.00
C HIS A 745 31.57 5.57 10.78
N VAL A 746 31.35 5.37 12.08
CA VAL A 746 32.30 4.64 12.90
C VAL A 746 32.20 3.14 12.68
N SER A 747 31.03 2.64 12.24
CA SER A 747 30.87 1.22 11.99
C SER A 747 31.83 0.72 10.92
N PHE A 748 31.99 1.49 9.84
CA PHE A 748 32.97 1.17 8.81
C PHE A 748 34.30 1.86 9.08
N LYS B 120 5.72 -50.25 -44.61
CA LYS B 120 5.51 -48.81 -44.65
C LYS B 120 5.71 -48.20 -43.27
N LYS B 121 5.18 -48.87 -42.24
CA LYS B 121 5.30 -48.37 -40.89
C LYS B 121 6.71 -48.51 -40.34
N ARG B 122 7.55 -49.34 -40.96
CA ARG B 122 8.93 -49.48 -40.50
C ARG B 122 9.71 -48.18 -40.70
N ILE B 123 9.51 -47.51 -41.82
CA ILE B 123 10.18 -46.22 -42.05
C ILE B 123 9.65 -45.18 -41.08
N PHE B 124 8.36 -45.22 -40.77
CA PHE B 124 7.78 -44.29 -39.80
C PHE B 124 8.38 -44.51 -38.42
N ALA B 125 8.53 -45.77 -38.01
CA ALA B 125 9.17 -46.05 -36.73
C ALA B 125 10.65 -45.68 -36.75
N ALA B 126 11.29 -45.73 -37.91
CA ALA B 126 12.69 -45.33 -38.01
C ALA B 126 12.85 -43.83 -37.83
N VAL B 127 11.98 -43.04 -38.46
CA VAL B 127 12.12 -41.58 -38.37
C VAL B 127 11.54 -41.02 -37.08
N SER B 128 10.66 -41.76 -36.40
CA SER B 128 10.05 -41.24 -35.18
C SER B 128 11.06 -41.08 -34.07
N GLU B 129 11.93 -42.07 -33.87
CA GLU B 129 12.94 -42.04 -32.82
C GLU B 129 14.36 -41.95 -33.39
N GLY B 130 14.50 -41.59 -34.66
CA GLY B 130 15.81 -41.42 -35.26
C GLY B 130 16.62 -42.69 -35.42
N CYS B 131 15.98 -43.79 -35.81
CA CYS B 131 16.68 -45.04 -36.07
C CYS B 131 17.37 -44.93 -37.42
N VAL B 132 18.63 -44.51 -37.40
CA VAL B 132 19.38 -44.34 -38.64
C VAL B 132 19.69 -45.69 -39.29
N GLU B 133 20.04 -46.69 -38.47
CA GLU B 133 20.39 -48.00 -39.01
C GLU B 133 19.19 -48.68 -39.64
N GLU B 134 17.99 -48.48 -39.07
CA GLU B 134 16.79 -49.05 -39.67
C GLU B 134 16.52 -48.45 -41.05
N LEU B 135 16.74 -47.14 -41.20
CA LEU B 135 16.47 -46.50 -42.47
C LEU B 135 17.55 -46.81 -43.51
N VAL B 136 18.81 -46.95 -43.11
CA VAL B 136 19.83 -47.34 -44.08
C VAL B 136 19.64 -48.79 -44.51
N GLU B 137 18.98 -49.61 -43.68
CA GLU B 137 18.58 -50.93 -44.15
C GLU B 137 17.35 -50.84 -45.05
N LEU B 138 16.43 -49.92 -44.75
CA LEU B 138 15.20 -49.81 -45.52
C LEU B 138 15.47 -49.25 -46.91
N LEU B 139 16.41 -48.32 -47.03
CA LEU B 139 16.73 -47.77 -48.34
C LEU B 139 17.57 -48.74 -49.17
N VAL B 140 17.96 -49.87 -48.61
CA VAL B 140 18.60 -50.93 -49.38
C VAL B 140 17.58 -52.00 -49.75
N GLU B 141 16.57 -52.20 -48.91
CA GLU B 141 15.58 -53.25 -49.15
C GLU B 141 14.44 -52.77 -50.06
N LEU B 142 13.98 -51.54 -49.88
CA LEU B 142 12.73 -51.10 -50.51
C LEU B 142 12.88 -50.92 -52.01
N GLN B 143 13.95 -50.24 -52.45
CA GLN B 143 14.09 -49.95 -53.88
C GLN B 143 14.33 -51.20 -54.71
N GLU B 144 14.84 -52.27 -54.10
CA GLU B 144 14.96 -53.53 -54.81
C GLU B 144 13.59 -54.10 -55.16
N LEU B 145 12.63 -53.97 -54.23
CA LEU B 145 11.25 -54.35 -54.54
C LEU B 145 10.60 -53.37 -55.49
N CYS B 146 11.03 -52.10 -55.46
CA CYS B 146 10.48 -51.10 -56.37
C CYS B 146 10.85 -51.39 -57.82
N ARG B 147 12.08 -51.84 -58.05
CA ARG B 147 12.53 -52.17 -59.40
C ARG B 147 11.80 -53.40 -59.95
N MET B 159 5.81 -43.61 -59.00
CA MET B 159 5.14 -43.09 -57.82
C MET B 159 5.46 -43.93 -56.60
N HIS B 160 5.75 -43.28 -55.48
CA HIS B 160 6.05 -44.02 -54.25
C HIS B 160 5.27 -43.35 -53.11
N LYS B 161 4.27 -44.06 -52.59
CA LYS B 161 3.42 -43.52 -51.53
C LYS B 161 4.13 -43.71 -50.19
N LEU B 162 5.12 -42.86 -49.94
CA LEU B 162 5.87 -42.96 -48.68
C LEU B 162 5.15 -42.23 -47.55
N THR B 163 4.24 -41.33 -47.88
CA THR B 163 3.54 -40.56 -46.87
C THR B 163 2.59 -41.45 -46.09
N ALA B 164 1.78 -40.86 -45.22
CA ALA B 164 0.83 -41.59 -44.40
C ALA B 164 -0.46 -41.93 -45.14
N SER B 165 -0.68 -41.34 -46.31
CA SER B 165 -1.78 -41.69 -47.22
C SER B 165 -3.16 -41.40 -46.65
N ASP B 166 -3.24 -40.75 -45.49
CA ASP B 166 -4.54 -40.33 -44.96
C ASP B 166 -4.58 -38.87 -44.59
N THR B 167 -3.49 -38.31 -44.05
CA THR B 167 -3.39 -36.90 -43.76
C THR B 167 -2.30 -36.20 -44.55
N GLY B 168 -1.50 -36.94 -45.33
CA GLY B 168 -0.42 -36.36 -46.07
C GLY B 168 0.86 -36.17 -45.30
N LYS B 169 0.96 -36.68 -44.09
CA LYS B 169 2.14 -36.49 -43.25
C LYS B 169 3.26 -37.39 -43.75
N THR B 170 4.16 -36.82 -44.55
CA THR B 170 5.31 -37.55 -45.06
C THR B 170 6.34 -37.71 -43.94
N CYS B 171 7.26 -38.67 -44.13
CA CYS B 171 8.26 -38.96 -43.11
C CYS B 171 9.22 -37.81 -42.86
N LEU B 172 9.28 -36.82 -43.76
CA LEU B 172 10.09 -35.64 -43.49
C LEU B 172 9.58 -34.89 -42.26
N MET B 173 8.29 -34.55 -42.25
CA MET B 173 7.72 -33.91 -41.08
C MET B 173 7.85 -34.81 -39.85
N LYS B 174 7.46 -36.09 -39.98
CA LYS B 174 7.52 -37.01 -38.84
C LYS B 174 8.93 -37.09 -38.25
N ALA B 175 9.95 -36.89 -39.09
CA ALA B 175 11.31 -36.79 -38.58
C ALA B 175 11.56 -35.43 -37.93
N LEU B 176 10.81 -34.40 -38.33
CA LEU B 176 11.14 -33.04 -37.92
C LEU B 176 10.28 -32.46 -36.79
N LEU B 177 9.14 -33.06 -36.44
CA LEU B 177 8.45 -32.59 -35.24
C LEU B 177 9.29 -32.86 -33.99
N ASN B 178 9.88 -34.06 -33.94
CA ASN B 178 10.73 -34.44 -32.83
C ASN B 178 12.17 -34.44 -33.29
N ILE B 179 12.91 -33.40 -32.96
CA ILE B 179 14.30 -33.28 -33.40
C ILE B 179 15.15 -34.13 -32.46
N ASN B 180 15.41 -35.37 -32.86
CA ASN B 180 16.31 -36.23 -32.11
C ASN B 180 17.75 -35.85 -32.40
N PRO B 181 18.70 -36.29 -31.56
CA PRO B 181 20.11 -35.92 -31.79
C PRO B 181 20.66 -36.31 -33.15
N ASN B 182 20.18 -37.40 -33.74
CA ASN B 182 20.62 -37.82 -35.07
C ASN B 182 19.55 -37.41 -36.08
N THR B 183 19.62 -36.14 -36.49
CA THR B 183 18.66 -35.57 -37.43
C THR B 183 19.28 -35.19 -38.77
N LYS B 184 20.59 -34.92 -38.81
CA LYS B 184 21.21 -34.44 -40.05
C LYS B 184 21.33 -35.56 -41.08
N GLU B 185 21.92 -36.69 -40.68
CA GLU B 185 22.22 -37.75 -41.64
C GLU B 185 20.96 -38.43 -42.14
N ILE B 186 19.94 -38.55 -41.28
CA ILE B 186 18.72 -39.25 -41.68
C ILE B 186 17.98 -38.49 -42.76
N VAL B 187 17.84 -37.16 -42.62
CA VAL B 187 17.18 -36.39 -43.66
C VAL B 187 18.08 -36.28 -44.89
N ARG B 188 19.41 -36.33 -44.70
CA ARG B 188 20.32 -36.28 -45.85
C ARG B 188 20.18 -37.52 -46.71
N ILE B 189 20.16 -38.70 -46.09
CA ILE B 189 20.03 -39.93 -46.85
C ILE B 189 18.62 -40.08 -47.40
N LEU B 190 17.62 -39.53 -46.71
CA LEU B 190 16.26 -39.57 -47.24
C LEU B 190 16.15 -38.73 -48.50
N LEU B 191 16.75 -37.53 -48.50
CA LEU B 191 16.74 -36.72 -49.70
C LEU B 191 17.63 -37.31 -50.79
N ALA B 192 18.69 -38.03 -50.42
CA ALA B 192 19.51 -38.71 -51.41
C ALA B 192 18.71 -39.82 -52.09
N PHE B 193 17.91 -40.57 -51.33
CA PHE B 193 17.04 -41.57 -51.92
C PHE B 193 15.95 -40.93 -52.77
N ALA B 194 15.48 -39.74 -52.35
CA ALA B 194 14.47 -39.03 -53.13
C ALA B 194 15.02 -38.58 -54.47
N GLU B 195 16.23 -38.02 -54.48
CA GLU B 195 16.83 -37.57 -55.74
C GLU B 195 17.35 -38.72 -56.58
N GLU B 196 17.58 -39.90 -55.98
CA GLU B 196 17.96 -41.05 -56.79
C GLU B 196 16.78 -41.58 -57.60
N ASN B 197 15.56 -41.42 -57.11
CA ASN B 197 14.36 -41.85 -57.81
C ASN B 197 13.71 -40.74 -58.63
N ASP B 198 14.39 -39.60 -58.77
CA ASP B 198 13.89 -38.44 -59.51
C ASP B 198 12.56 -37.95 -58.94
N ILE B 199 12.43 -37.98 -57.62
CA ILE B 199 11.23 -37.52 -56.93
C ILE B 199 11.51 -36.40 -55.94
N LEU B 200 12.79 -36.02 -55.76
CA LEU B 200 13.13 -34.96 -54.81
C LEU B 200 12.46 -33.65 -55.19
N GLY B 201 12.37 -33.35 -56.49
CA GLY B 201 11.70 -32.16 -56.94
C GLY B 201 10.19 -32.25 -57.01
N ARG B 202 9.62 -33.36 -56.59
CA ARG B 202 8.17 -33.59 -56.68
C ARG B 202 7.46 -33.47 -55.34
N PHE B 203 7.92 -34.20 -54.32
CA PHE B 203 7.23 -34.26 -53.05
C PHE B 203 7.96 -33.50 -51.94
N ILE B 204 8.93 -32.65 -52.29
CA ILE B 204 9.61 -31.86 -51.28
C ILE B 204 8.63 -30.86 -50.65
N ASN B 205 7.71 -30.32 -51.45
CA ASN B 205 6.63 -29.48 -50.95
C ASN B 205 5.40 -30.31 -50.64
N ALA B 206 5.57 -31.30 -49.75
CA ALA B 206 4.46 -32.18 -49.39
C ALA B 206 3.38 -31.38 -48.65
N GLU B 207 2.14 -31.78 -48.85
CA GLU B 207 0.99 -31.06 -48.32
C GLU B 207 0.36 -31.88 -47.20
N TYR B 208 0.29 -31.26 -46.01
CA TYR B 208 -0.38 -31.88 -44.88
C TYR B 208 -1.83 -31.62 -45.12
N THR B 209 -2.46 -32.47 -45.92
CA THR B 209 -3.85 -32.30 -46.31
C THR B 209 -4.76 -32.84 -45.21
N GLU B 210 -5.06 -31.98 -44.24
CA GLU B 210 -6.04 -32.27 -43.20
C GLU B 210 -6.89 -31.03 -42.97
N GLU B 211 -8.11 -31.25 -42.47
CA GLU B 211 -9.08 -30.16 -42.34
C GLU B 211 -8.63 -29.07 -41.38
N ALA B 212 -7.63 -29.34 -40.54
CA ALA B 212 -7.13 -28.33 -39.62
C ALA B 212 -5.96 -27.54 -40.20
N TYR B 213 -4.98 -28.24 -40.79
CA TYR B 213 -3.77 -27.60 -41.29
C TYR B 213 -3.86 -27.29 -42.79
N GLU B 214 -3.99 -28.31 -43.63
CA GLU B 214 -4.28 -28.18 -45.06
C GLU B 214 -3.20 -27.45 -45.84
N GLY B 215 -2.14 -26.99 -45.18
CA GLY B 215 -1.14 -26.20 -45.89
C GLY B 215 0.30 -26.34 -45.45
N GLN B 216 0.59 -27.30 -44.56
CA GLN B 216 1.94 -27.42 -44.04
C GLN B 216 2.87 -28.02 -45.08
N THR B 217 4.16 -27.65 -44.98
CA THR B 217 5.23 -28.24 -45.76
C THR B 217 6.36 -28.62 -44.81
N ALA B 218 7.38 -29.26 -45.36
CA ALA B 218 8.54 -29.63 -44.55
C ALA B 218 9.33 -28.41 -44.12
N LEU B 219 9.39 -27.39 -44.98
CA LEU B 219 10.14 -26.18 -44.66
C LEU B 219 9.52 -25.43 -43.49
N ASN B 220 8.17 -25.39 -43.43
CA ASN B 220 7.49 -24.71 -42.33
C ASN B 220 7.83 -25.33 -40.99
N ILE B 221 7.78 -26.66 -40.91
CA ILE B 221 8.11 -27.35 -39.66
C ILE B 221 9.58 -27.18 -39.33
N ALA B 222 10.45 -27.22 -40.34
CA ALA B 222 11.88 -27.07 -40.12
C ALA B 222 12.22 -25.70 -39.55
N ILE B 223 11.56 -24.64 -40.06
CA ILE B 223 11.81 -23.30 -39.54
C ILE B 223 11.26 -23.16 -38.12
N GLU B 224 10.08 -23.73 -37.86
CA GLU B 224 9.47 -23.61 -36.54
C GLU B 224 10.30 -24.25 -35.45
N ARG B 225 10.90 -25.41 -35.72
CA ARG B 225 11.59 -26.21 -34.71
C ARG B 225 12.97 -25.65 -34.35
N ARG B 226 13.21 -24.37 -34.65
CA ARG B 226 14.46 -23.67 -34.36
C ARG B 226 15.66 -24.32 -35.03
N GLN B 227 15.43 -24.98 -36.17
CA GLN B 227 16.48 -25.66 -36.92
C GLN B 227 16.77 -24.85 -38.19
N GLY B 228 17.95 -24.23 -38.24
CA GLY B 228 18.31 -23.41 -39.38
C GLY B 228 19.13 -24.15 -40.41
N ASP B 229 20.00 -25.04 -39.94
CA ASP B 229 20.81 -25.83 -40.86
C ASP B 229 19.90 -26.63 -41.77
N ILE B 230 19.02 -27.43 -41.17
CA ILE B 230 18.14 -28.28 -41.97
C ILE B 230 17.30 -27.42 -42.92
N ALA B 231 16.83 -26.26 -42.44
CA ALA B 231 16.08 -25.36 -43.30
C ALA B 231 16.96 -24.84 -44.45
N ALA B 232 18.22 -24.54 -44.15
CA ALA B 232 19.15 -24.11 -45.20
C ALA B 232 19.38 -25.21 -46.22
N LEU B 233 19.51 -26.46 -45.76
CA LEU B 233 19.71 -27.57 -46.68
C LEU B 233 18.46 -27.80 -47.53
N LEU B 234 17.27 -27.65 -46.94
CA LEU B 234 16.05 -27.80 -47.69
C LEU B 234 15.89 -26.69 -48.73
N ILE B 235 16.30 -25.46 -48.38
CA ILE B 235 16.22 -24.36 -49.32
C ILE B 235 17.20 -24.58 -50.47
N ALA B 236 18.41 -25.03 -50.16
CA ALA B 236 19.39 -25.29 -51.21
C ALA B 236 18.96 -26.44 -52.10
N ALA B 237 18.30 -27.45 -51.52
CA ALA B 237 17.81 -28.56 -52.34
C ALA B 237 16.65 -28.13 -53.24
N GLY B 238 15.88 -27.13 -52.82
CA GLY B 238 14.77 -26.65 -53.61
C GLY B 238 13.43 -26.93 -52.98
N ALA B 239 12.83 -25.93 -52.35
CA ALA B 239 11.54 -26.05 -51.71
C ALA B 239 10.66 -24.86 -52.12
N ASP B 240 9.41 -24.88 -51.68
CA ASP B 240 8.48 -23.80 -51.96
C ASP B 240 8.73 -22.68 -50.96
N VAL B 241 9.39 -21.62 -51.42
CA VAL B 241 9.74 -20.51 -50.54
C VAL B 241 8.50 -19.79 -50.05
N ASN B 242 7.55 -19.52 -50.94
CA ASN B 242 6.29 -18.85 -50.59
C ASN B 242 5.19 -19.90 -50.63
N ALA B 243 5.01 -20.61 -49.52
CA ALA B 243 4.01 -21.68 -49.42
C ALA B 243 2.95 -21.24 -48.41
N HIS B 244 1.75 -20.95 -48.90
CA HIS B 244 0.66 -20.52 -48.03
C HIS B 244 0.11 -21.71 -47.26
N ALA B 245 0.23 -21.65 -45.93
CA ALA B 245 -0.28 -22.71 -45.06
C ALA B 245 -1.70 -22.35 -44.61
N LYS B 246 -2.63 -22.45 -45.56
CA LYS B 246 -4.02 -22.07 -45.32
C LYS B 246 -4.73 -23.18 -44.57
N GLY B 247 -5.26 -22.86 -43.39
CA GLY B 247 -5.98 -23.85 -42.60
C GLY B 247 -6.82 -23.20 -41.53
N ALA B 248 -7.75 -23.98 -41.00
CA ALA B 248 -8.65 -23.48 -39.96
C ALA B 248 -7.91 -23.30 -38.64
N PHE B 249 -7.06 -24.26 -38.27
CA PHE B 249 -6.26 -24.11 -37.06
C PHE B 249 -5.23 -23.00 -37.21
N PHE B 250 -4.70 -22.82 -38.41
CA PHE B 250 -3.72 -21.76 -38.67
C PHE B 250 -4.36 -20.39 -38.77
N ASN B 251 -5.70 -20.34 -38.89
CA ASN B 251 -6.45 -19.08 -38.92
C ASN B 251 -7.51 -19.14 -37.83
N PRO B 252 -7.11 -18.99 -36.57
CA PRO B 252 -8.07 -19.14 -35.48
C PRO B 252 -9.02 -17.95 -35.40
N LYS B 253 -10.23 -18.23 -34.89
CA LYS B 253 -11.22 -17.17 -34.73
C LYS B 253 -10.81 -16.21 -33.61
N TYR B 254 -10.24 -16.74 -32.53
CA TYR B 254 -9.75 -15.95 -31.41
C TYR B 254 -8.25 -16.16 -31.26
N GLN B 255 -7.66 -15.60 -30.22
CA GLN B 255 -6.24 -15.77 -30.00
C GLN B 255 -5.93 -17.13 -29.40
N HIS B 256 -6.75 -17.55 -28.45
CA HIS B 256 -6.48 -18.80 -27.75
C HIS B 256 -6.85 -20.05 -28.55
N GLU B 257 -7.56 -19.89 -29.67
CA GLU B 257 -7.98 -21.07 -30.43
C GLU B 257 -6.80 -21.72 -31.15
N GLY B 258 -5.83 -20.94 -31.61
CA GLY B 258 -4.72 -21.49 -32.34
C GLY B 258 -3.56 -20.52 -32.43
N PHE B 259 -2.65 -20.83 -33.34
CA PHE B 259 -1.43 -20.04 -33.55
C PHE B 259 -1.50 -19.41 -34.93
N TYR B 260 -1.39 -18.09 -34.99
CA TYR B 260 -1.35 -17.35 -36.24
C TYR B 260 0.03 -16.75 -36.42
N PHE B 261 0.65 -17.04 -37.57
CA PHE B 261 2.02 -16.62 -37.84
C PHE B 261 2.18 -16.03 -39.24
N GLY B 262 1.09 -15.63 -39.89
CA GLY B 262 1.15 -15.10 -41.23
C GLY B 262 0.99 -16.14 -42.33
N GLU B 263 0.98 -17.43 -41.99
CA GLU B 263 0.73 -18.52 -42.93
C GLU B 263 1.75 -18.56 -44.07
N THR B 264 2.97 -18.12 -43.76
CA THR B 264 4.06 -18.15 -44.73
C THR B 264 5.34 -18.50 -43.99
N PRO B 265 6.28 -19.18 -44.65
CA PRO B 265 7.56 -19.47 -43.98
C PRO B 265 8.34 -18.24 -43.58
N LEU B 266 8.27 -17.17 -44.39
CA LEU B 266 8.99 -15.94 -44.06
C LEU B 266 8.42 -15.29 -42.81
N ALA B 267 7.10 -15.13 -42.76
CA ALA B 267 6.47 -14.55 -41.59
C ALA B 267 6.56 -15.46 -40.37
N LEU B 268 6.63 -16.78 -40.58
CA LEU B 268 6.85 -17.69 -39.46
C LEU B 268 8.25 -17.53 -38.89
N ALA B 269 9.26 -17.40 -39.76
CA ALA B 269 10.61 -17.17 -39.28
C ALA B 269 10.73 -15.84 -38.54
N ALA B 270 10.04 -14.81 -39.03
CA ALA B 270 10.07 -13.51 -38.36
C ALA B 270 9.26 -13.52 -37.06
N CYS B 271 8.20 -14.34 -36.99
CA CYS B 271 7.37 -14.36 -35.79
C CYS B 271 8.07 -15.07 -34.63
N THR B 272 8.71 -16.20 -34.89
CA THR B 272 9.33 -16.98 -33.83
C THR B 272 10.80 -16.65 -33.64
N ASN B 273 11.12 -15.35 -33.60
CA ASN B 273 12.43 -14.80 -33.24
C ASN B 273 13.59 -15.61 -33.81
N GLN B 274 13.65 -15.67 -35.14
CA GLN B 274 14.69 -16.40 -35.85
C GLN B 274 15.38 -15.45 -36.82
N PRO B 275 16.37 -14.69 -36.33
CA PRO B 275 17.05 -13.72 -37.22
C PRO B 275 17.83 -14.35 -38.34
N GLU B 276 18.61 -15.42 -38.06
CA GLU B 276 19.42 -16.03 -39.10
C GLU B 276 18.55 -16.62 -40.21
N ILE B 277 17.45 -17.25 -39.85
CA ILE B 277 16.59 -17.89 -40.83
C ILE B 277 15.87 -16.83 -41.68
N VAL B 278 15.44 -15.72 -41.06
CA VAL B 278 14.73 -14.70 -41.82
C VAL B 278 15.69 -13.95 -42.74
N GLN B 279 16.96 -13.82 -42.35
CA GLN B 279 17.95 -13.30 -43.28
C GLN B 279 18.15 -14.24 -44.47
N LEU B 280 18.21 -15.54 -44.20
CA LEU B 280 18.37 -16.51 -45.30
C LEU B 280 17.15 -16.50 -46.20
N LEU B 281 15.95 -16.38 -45.62
CA LEU B 281 14.73 -16.37 -46.42
C LEU B 281 14.62 -15.10 -47.25
N MET B 282 14.97 -13.94 -46.67
CA MET B 282 14.84 -12.68 -47.40
C MET B 282 15.91 -12.53 -48.46
N GLU B 283 17.11 -13.07 -48.24
CA GLU B 283 18.18 -13.03 -49.23
C GLU B 283 18.03 -14.21 -50.20
N HIS B 284 16.99 -14.12 -51.02
CA HIS B 284 16.69 -15.16 -51.99
C HIS B 284 15.99 -14.51 -53.18
N GLU B 285 15.89 -15.28 -54.27
CA GLU B 285 15.37 -14.74 -55.52
C GLU B 285 13.84 -14.71 -55.53
N GLN B 286 13.21 -15.87 -55.36
CA GLN B 286 11.76 -16.00 -55.51
C GLN B 286 11.01 -15.88 -54.19
N THR B 287 11.57 -15.17 -53.21
CA THR B 287 10.89 -14.93 -51.94
C THR B 287 9.88 -13.81 -52.13
N ASP B 288 8.61 -14.14 -52.21
CA ASP B 288 7.54 -13.16 -52.40
C ASP B 288 7.31 -12.44 -51.08
N ILE B 289 8.03 -11.34 -50.88
CA ILE B 289 7.91 -10.57 -49.65
C ILE B 289 6.54 -9.90 -49.58
N THR B 290 6.13 -9.27 -50.68
CA THR B 290 4.83 -8.61 -50.73
C THR B 290 3.72 -9.60 -51.07
N SER B 291 3.62 -10.67 -50.30
CA SER B 291 2.60 -11.70 -50.50
C SER B 291 1.66 -11.71 -49.30
N ARG B 292 0.36 -11.79 -49.57
CA ARG B 292 -0.65 -11.76 -48.53
C ARG B 292 -1.36 -13.10 -48.44
N ASP B 293 -1.62 -13.55 -47.22
CA ASP B 293 -2.26 -14.85 -46.98
C ASP B 293 -3.78 -14.74 -47.14
N SER B 294 -4.49 -15.75 -46.64
CA SER B 294 -5.95 -15.78 -46.78
C SER B 294 -6.61 -14.59 -46.09
N ARG B 295 -6.10 -14.21 -44.92
CA ARG B 295 -6.60 -13.01 -44.26
C ARG B 295 -6.16 -11.72 -44.96
N GLY B 296 -5.27 -11.81 -45.93
CA GLY B 296 -4.71 -10.63 -46.56
C GLY B 296 -3.58 -9.97 -45.80
N ASN B 297 -3.15 -10.56 -44.69
CA ASN B 297 -2.09 -9.98 -43.88
C ASN B 297 -0.74 -10.11 -44.57
N ASN B 298 0.08 -9.07 -44.47
CA ASN B 298 1.44 -9.09 -44.95
C ASN B 298 2.36 -9.58 -43.83
N ILE B 299 3.67 -9.44 -44.01
CA ILE B 299 4.60 -9.82 -42.95
C ILE B 299 4.45 -8.90 -41.75
N LEU B 300 4.27 -7.60 -41.99
CA LEU B 300 4.18 -6.63 -40.91
C LEU B 300 2.85 -6.74 -40.17
N HIS B 301 1.77 -7.09 -40.88
CA HIS B 301 0.51 -7.39 -40.21
C HIS B 301 0.67 -8.59 -39.27
N ALA B 302 1.38 -9.62 -39.72
CA ALA B 302 1.62 -10.79 -38.89
C ALA B 302 2.47 -10.45 -37.68
N LEU B 303 3.48 -9.59 -37.86
CA LEU B 303 4.30 -9.16 -36.74
C LEU B 303 3.51 -8.31 -35.76
N VAL B 304 2.53 -7.55 -36.25
CA VAL B 304 1.69 -6.76 -35.37
C VAL B 304 0.77 -7.66 -34.56
N THR B 305 0.17 -8.67 -35.20
CA THR B 305 -0.79 -9.53 -34.54
C THR B 305 -0.17 -10.47 -33.51
N VAL B 306 1.15 -10.61 -33.48
CA VAL B 306 1.81 -11.49 -32.53
C VAL B 306 2.55 -10.69 -31.45
N ALA B 307 2.26 -9.39 -31.33
CA ALA B 307 2.91 -8.55 -30.35
C ALA B 307 2.14 -8.62 -29.03
N GLU B 308 2.49 -7.73 -28.10
CA GLU B 308 1.83 -7.67 -26.80
C GLU B 308 1.37 -6.25 -26.53
N ASP B 309 0.27 -6.13 -25.77
CA ASP B 309 -0.25 -4.81 -25.45
C ASP B 309 0.72 -4.02 -24.58
N PHE B 310 1.33 -4.67 -23.60
CA PHE B 310 2.32 -4.05 -22.74
C PHE B 310 3.71 -4.54 -23.10
N LYS B 311 4.68 -3.63 -23.02
CA LYS B 311 6.06 -3.98 -23.34
C LYS B 311 6.65 -4.87 -22.26
N THR B 312 7.29 -5.96 -22.68
CA THR B 312 7.96 -6.89 -21.78
C THR B 312 9.44 -6.57 -21.60
N GLN B 313 9.88 -5.42 -22.10
CA GLN B 313 11.25 -4.90 -22.04
C GLN B 313 12.25 -5.71 -22.86
N ASN B 314 11.84 -6.84 -23.43
CA ASN B 314 12.66 -7.67 -24.29
C ASN B 314 11.93 -7.97 -25.59
N ASP B 315 11.24 -6.97 -26.13
CA ASP B 315 10.41 -7.14 -27.32
C ASP B 315 11.29 -7.35 -28.54
N PHE B 316 11.02 -8.41 -29.29
CA PHE B 316 11.72 -8.69 -30.54
C PHE B 316 10.89 -8.41 -31.77
N VAL B 317 9.56 -8.34 -31.63
CA VAL B 317 8.71 -8.07 -32.79
C VAL B 317 8.93 -6.66 -33.30
N LYS B 318 9.19 -5.71 -32.39
CA LYS B 318 9.46 -4.33 -32.80
C LYS B 318 10.77 -4.24 -33.58
N ARG B 319 11.82 -4.86 -33.06
CA ARG B 319 13.12 -4.80 -33.74
C ARG B 319 13.12 -5.62 -35.02
N MET B 320 12.30 -6.68 -35.11
CA MET B 320 12.21 -7.44 -36.35
C MET B 320 11.37 -6.69 -37.38
N TYR B 321 10.35 -5.97 -36.93
CA TYR B 321 9.64 -5.03 -37.80
C TYR B 321 10.62 -4.00 -38.37
N ASP B 322 11.48 -3.45 -37.52
CA ASP B 322 12.46 -2.47 -37.96
C ASP B 322 13.43 -3.07 -38.97
N MET B 323 13.95 -4.26 -38.67
CA MET B 323 14.94 -4.88 -39.55
C MET B 323 14.33 -5.23 -40.91
N ILE B 324 13.11 -5.77 -40.91
CA ILE B 324 12.47 -6.14 -42.17
C ILE B 324 12.18 -4.90 -43.00
N LEU B 325 11.75 -3.81 -42.35
CA LEU B 325 11.43 -2.59 -43.08
C LEU B 325 12.67 -2.01 -43.75
N LEU B 326 13.80 -1.98 -43.05
CA LEU B 326 15.01 -1.40 -43.63
C LEU B 326 15.63 -2.33 -44.68
N ARG B 327 15.56 -3.64 -44.47
CA ARG B 327 16.24 -4.55 -45.38
C ARG B 327 15.53 -4.66 -46.74
N SER B 328 14.21 -4.53 -46.77
CA SER B 328 13.48 -4.63 -48.03
C SER B 328 12.19 -3.85 -47.94
N GLY B 329 11.69 -3.44 -49.11
CA GLY B 329 10.44 -2.70 -49.20
C GLY B 329 10.62 -1.23 -48.89
N ASN B 330 10.08 -0.36 -49.74
CA ASN B 330 10.17 1.08 -49.52
C ASN B 330 8.88 1.65 -48.93
N TRP B 331 7.78 1.59 -49.68
CA TRP B 331 6.50 2.02 -49.14
C TRP B 331 5.32 1.13 -49.52
N GLU B 332 5.39 0.37 -50.63
CA GLU B 332 4.28 -0.50 -50.98
C GLU B 332 4.18 -1.70 -50.04
N LEU B 333 5.28 -2.01 -49.33
CA LEU B 333 5.26 -3.11 -48.37
C LEU B 333 4.40 -2.77 -47.16
N GLU B 334 4.33 -1.49 -46.80
CA GLU B 334 3.47 -1.04 -45.71
C GLU B 334 2.15 -0.45 -46.19
N THR B 335 2.01 -0.16 -47.48
CA THR B 335 0.76 0.36 -48.01
C THR B 335 -0.25 -0.74 -48.31
N THR B 336 0.18 -2.00 -48.35
CA THR B 336 -0.75 -3.11 -48.59
C THR B 336 -1.77 -3.20 -47.47
N ARG B 337 -3.04 -3.31 -47.85
CA ARG B 337 -4.15 -3.28 -46.91
C ARG B 337 -4.62 -4.69 -46.59
N ASN B 338 -5.05 -4.88 -45.34
CA ASN B 338 -5.68 -6.13 -44.92
C ASN B 338 -7.00 -6.32 -45.66
N ASN B 339 -7.55 -7.53 -45.56
CA ASN B 339 -8.88 -7.78 -46.11
C ASN B 339 -9.94 -6.96 -45.39
N ASP B 340 -9.68 -6.58 -44.14
CA ASP B 340 -10.53 -5.61 -43.45
C ASP B 340 -10.31 -4.20 -43.98
N GLY B 341 -9.21 -3.95 -44.67
CA GLY B 341 -8.93 -2.64 -45.22
C GLY B 341 -8.06 -1.79 -44.32
N LEU B 342 -7.03 -2.38 -43.73
CA LEU B 342 -6.16 -1.70 -42.77
C LEU B 342 -4.71 -1.87 -43.15
N THR B 343 -3.95 -0.78 -43.01
CA THR B 343 -2.50 -0.82 -43.10
C THR B 343 -1.93 -1.37 -41.79
N PRO B 344 -0.66 -1.77 -41.76
CA PRO B 344 -0.06 -2.20 -40.48
C PRO B 344 -0.12 -1.15 -39.40
N LEU B 345 -0.08 0.14 -39.78
CA LEU B 345 -0.23 1.21 -38.80
C LEU B 345 -1.62 1.19 -38.17
N GLN B 346 -2.66 1.16 -39.00
CA GLN B 346 -4.02 1.12 -38.48
C GLN B 346 -4.30 -0.18 -37.74
N LEU B 347 -3.71 -1.29 -38.23
CA LEU B 347 -3.89 -2.57 -37.55
C LEU B 347 -3.25 -2.57 -36.17
N ALA B 348 -2.07 -1.97 -36.04
CA ALA B 348 -1.42 -1.87 -34.74
C ALA B 348 -2.19 -0.95 -33.81
N ALA B 349 -2.86 0.06 -34.34
CA ALA B 349 -3.69 0.92 -33.50
C ALA B 349 -4.97 0.22 -33.07
N LYS B 350 -5.57 -0.57 -33.96
CA LYS B 350 -6.84 -1.21 -33.64
C LYS B 350 -6.66 -2.38 -32.70
N MET B 351 -5.65 -3.22 -32.93
CA MET B 351 -5.46 -4.41 -32.11
C MET B 351 -5.08 -4.07 -30.69
N GLY B 352 -4.40 -2.95 -30.48
CA GLY B 352 -3.99 -2.53 -29.14
C GLY B 352 -2.50 -2.55 -28.89
N LYS B 353 -1.67 -2.78 -29.91
CA LYS B 353 -0.22 -2.84 -29.73
C LYS B 353 0.30 -1.43 -29.55
N ALA B 354 0.57 -1.04 -28.31
CA ALA B 354 0.98 0.33 -28.01
C ALA B 354 2.42 0.59 -28.41
N GLU B 355 3.32 -0.36 -28.15
CA GLU B 355 4.74 -0.11 -28.41
C GLU B 355 5.05 -0.08 -29.91
N ILE B 356 4.35 -0.90 -30.69
CA ILE B 356 4.56 -0.89 -32.14
C ILE B 356 4.02 0.41 -32.74
N LEU B 357 2.85 0.86 -32.27
CA LEU B 357 2.31 2.13 -32.73
C LEU B 357 3.22 3.29 -32.35
N LYS B 358 3.78 3.24 -31.14
CA LYS B 358 4.72 4.29 -30.73
C LYS B 358 5.97 4.29 -31.60
N TYR B 359 6.47 3.10 -31.95
CA TYR B 359 7.67 3.03 -32.78
C TYR B 359 7.40 3.55 -34.19
N ILE B 360 6.26 3.17 -34.79
CA ILE B 360 5.99 3.57 -36.16
C ILE B 360 5.70 5.06 -36.23
N LEU B 361 4.90 5.58 -35.30
CA LEU B 361 4.56 7.00 -35.31
C LEU B 361 5.76 7.90 -35.04
N SER B 362 6.82 7.37 -34.43
CA SER B 362 8.03 8.12 -34.12
C SER B 362 9.25 7.40 -34.67
N ARG B 363 9.18 6.97 -35.93
CA ARG B 363 10.26 6.25 -36.58
C ARG B 363 11.16 7.25 -37.29
N GLU B 364 12.37 7.44 -36.77
CA GLU B 364 13.34 8.39 -37.31
C GLU B 364 14.52 7.63 -37.88
N ILE B 365 14.82 7.84 -39.17
CA ILE B 365 15.97 7.26 -39.83
C ILE B 365 16.84 8.41 -40.34
N LYS B 366 18.10 8.42 -39.92
CA LYS B 366 19.03 9.48 -40.28
C LYS B 366 19.80 9.20 -41.57
N GLU B 367 19.66 8.00 -42.13
CA GLU B 367 20.36 7.66 -43.36
C GLU B 367 19.65 8.27 -44.56
N LYS B 368 20.42 8.79 -45.52
CA LYS B 368 19.83 9.41 -46.70
C LYS B 368 19.18 8.38 -47.62
N ARG B 369 19.72 7.17 -47.66
CA ARG B 369 19.14 6.13 -48.51
C ARG B 369 17.76 5.72 -48.00
N LEU B 370 17.59 5.65 -46.68
CA LEU B 370 16.34 5.20 -46.08
C LEU B 370 15.62 6.34 -45.35
N ARG B 371 15.84 7.58 -45.80
CA ARG B 371 15.14 8.71 -45.20
C ARG B 371 13.66 8.71 -45.57
N SER B 372 13.31 8.13 -46.72
CA SER B 372 11.91 8.11 -47.13
C SER B 372 11.07 7.20 -46.24
N LEU B 373 11.70 6.23 -45.58
CA LEU B 373 10.98 5.32 -44.69
C LEU B 373 10.96 5.89 -43.27
N SER B 374 10.54 7.15 -43.13
CA SER B 374 10.56 7.81 -41.85
C SER B 374 9.27 8.61 -41.68
N ARG B 375 8.93 8.90 -40.43
CA ARG B 375 7.72 9.67 -40.15
C ARG B 375 8.05 10.88 -39.26
N LYS B 376 9.13 10.79 -38.49
CA LYS B 376 9.58 11.90 -37.65
C LYS B 376 10.91 12.41 -38.17
N PHE B 377 10.99 13.72 -38.38
CA PHE B 377 12.22 14.39 -38.78
C PHE B 377 12.50 15.51 -37.80
N THR B 378 13.72 15.54 -37.25
CA THR B 378 14.12 16.60 -36.34
C THR B 378 14.66 17.77 -37.16
N ASP B 379 13.88 18.85 -37.24
CA ASP B 379 14.30 20.02 -38.00
C ASP B 379 15.55 20.65 -37.40
N TRP B 380 15.54 20.85 -36.08
CA TRP B 380 16.73 21.32 -35.38
C TRP B 380 16.64 20.89 -33.92
N ALA B 381 17.80 20.64 -33.32
CA ALA B 381 17.88 20.27 -31.92
C ALA B 381 18.74 21.30 -31.20
N TYR B 382 18.23 21.79 -30.07
CA TYR B 382 18.94 22.80 -29.28
C TYR B 382 18.84 22.39 -27.82
N GLY B 383 19.82 21.62 -27.35
CA GLY B 383 19.85 21.20 -25.97
C GLY B 383 18.65 20.36 -25.59
N PRO B 384 17.79 20.89 -24.72
CA PRO B 384 16.60 20.13 -24.31
C PRO B 384 15.41 20.28 -25.24
N VAL B 385 15.37 21.36 -26.02
CA VAL B 385 14.26 21.59 -26.94
C VAL B 385 14.56 20.87 -28.24
N SER B 386 13.51 20.59 -29.01
CA SER B 386 13.65 19.90 -30.28
C SER B 386 12.45 20.22 -31.17
N SER B 387 12.70 20.27 -32.47
CA SER B 387 11.67 20.54 -33.47
C SER B 387 11.46 19.29 -34.31
N SER B 388 10.52 18.44 -33.90
CA SER B 388 10.23 17.19 -34.58
C SER B 388 9.13 17.42 -35.61
N LEU B 389 9.36 16.92 -36.82
CA LEU B 389 8.43 17.12 -37.93
C LEU B 389 7.68 15.81 -38.15
N TYR B 390 6.64 15.60 -37.37
CA TYR B 390 5.90 14.35 -37.39
C TYR B 390 5.03 14.25 -38.65
N ASP B 391 4.80 13.02 -39.09
CA ASP B 391 4.04 12.75 -40.32
C ASP B 391 2.61 12.40 -39.98
N LEU B 392 1.67 13.05 -40.67
CA LEU B 392 0.25 12.81 -40.46
C LEU B 392 -0.41 12.34 -41.75
N THR B 393 0.24 11.41 -42.46
CA THR B 393 -0.30 10.92 -43.73
C THR B 393 -1.59 10.15 -43.52
N ASN B 394 -1.62 9.27 -42.52
CA ASN B 394 -2.81 8.50 -42.20
C ASN B 394 -3.21 8.65 -40.74
N VAL B 395 -2.71 9.67 -40.05
CA VAL B 395 -2.96 9.87 -38.63
C VAL B 395 -4.11 10.83 -38.40
N ASP B 396 -4.12 11.96 -39.11
CA ASP B 396 -5.19 12.92 -38.96
C ASP B 396 -6.51 12.35 -39.49
N THR B 397 -7.61 12.75 -38.87
CA THR B 397 -8.92 12.23 -39.25
C THR B 397 -9.50 12.96 -40.45
N THR B 398 -8.71 13.09 -41.51
CA THR B 398 -9.19 13.62 -42.77
C THR B 398 -9.43 12.56 -43.83
N THR B 399 -8.78 11.40 -43.69
CA THR B 399 -8.99 10.28 -44.59
C THR B 399 -10.06 9.35 -44.00
N ASP B 400 -10.20 8.16 -44.57
CA ASP B 400 -11.16 7.17 -44.08
C ASP B 400 -10.45 6.18 -43.17
N ASN B 401 -11.05 5.92 -42.01
CA ASN B 401 -10.52 5.00 -41.01
C ASN B 401 -9.11 5.41 -40.57
N SER B 402 -8.99 6.65 -40.11
CA SER B 402 -7.72 7.19 -39.68
C SER B 402 -7.25 6.52 -38.38
N VAL B 403 -5.98 6.71 -38.07
CA VAL B 403 -5.40 6.11 -36.87
C VAL B 403 -5.96 6.77 -35.61
N LEU B 404 -6.19 8.08 -35.66
CA LEU B 404 -6.73 8.79 -34.50
C LEU B 404 -8.16 8.33 -34.19
N GLU B 405 -9.00 8.24 -35.23
CA GLU B 405 -10.36 7.75 -35.04
C GLU B 405 -10.37 6.30 -34.57
N ILE B 406 -9.46 5.48 -35.11
CA ILE B 406 -9.37 4.07 -34.71
C ILE B 406 -8.95 3.96 -33.25
N THR B 407 -7.95 4.75 -32.83
CA THR B 407 -7.44 4.66 -31.48
C THR B 407 -8.32 5.36 -30.46
N VAL B 408 -9.33 6.09 -30.90
CA VAL B 408 -10.24 6.76 -29.97
C VAL B 408 -11.62 6.11 -29.88
N TYR B 409 -11.96 5.23 -30.82
CA TYR B 409 -13.28 4.63 -30.87
C TYR B 409 -13.28 3.14 -30.52
N ASN B 410 -12.21 2.63 -29.94
CA ASN B 410 -12.07 1.21 -29.63
C ASN B 410 -11.71 1.03 -28.16
N THR B 411 -12.50 1.63 -27.27
CA THR B 411 -12.25 1.60 -25.84
C THR B 411 -12.31 0.18 -25.26
N ASN B 412 -12.96 -0.76 -25.94
CA ASN B 412 -13.23 -2.09 -25.39
C ASN B 412 -11.97 -2.90 -25.14
N ILE B 413 -10.81 -2.50 -25.67
CA ILE B 413 -9.54 -3.16 -25.37
C ILE B 413 -8.81 -2.51 -24.20
N ASP B 414 -9.28 -1.34 -23.74
CA ASP B 414 -8.92 -0.73 -22.45
C ASP B 414 -7.50 -0.15 -22.46
N ASN B 415 -6.73 -0.44 -23.51
CA ASN B 415 -5.38 0.07 -23.64
C ASN B 415 -5.30 1.34 -24.48
N ARG B 416 -6.35 2.18 -24.44
CA ARG B 416 -6.45 3.32 -25.34
C ARG B 416 -6.21 4.66 -24.64
N HIS B 417 -5.39 4.68 -23.59
CA HIS B 417 -4.88 5.93 -23.05
C HIS B 417 -3.36 5.97 -23.02
N GLU B 418 -2.70 4.87 -22.65
CA GLU B 418 -1.27 4.77 -22.85
C GLU B 418 -0.91 4.76 -24.33
N MET B 419 -1.85 4.38 -25.18
CA MET B 419 -1.71 4.51 -26.62
C MET B 419 -2.15 5.88 -27.12
N LEU B 420 -3.12 6.51 -26.45
CA LEU B 420 -3.55 7.85 -26.81
C LEU B 420 -2.59 8.93 -26.33
N THR B 421 -1.72 8.62 -25.37
CA THR B 421 -0.77 9.60 -24.84
C THR B 421 0.47 9.75 -25.70
N LEU B 422 0.58 9.00 -26.79
CA LEU B 422 1.72 9.17 -27.71
C LEU B 422 1.70 10.55 -28.32
N GLU B 423 2.89 11.06 -28.66
CA GLU B 423 3.03 12.46 -29.04
C GLU B 423 2.21 12.85 -30.28
N PRO B 424 2.29 12.14 -31.42
CA PRO B 424 1.54 12.61 -32.59
C PRO B 424 0.03 12.58 -32.41
N LEU B 425 -0.48 11.79 -31.47
CA LEU B 425 -1.90 11.77 -31.17
C LEU B 425 -2.27 12.77 -30.07
N HIS B 426 -1.42 12.89 -29.05
CA HIS B 426 -1.71 13.78 -27.93
C HIS B 426 -1.71 15.24 -28.38
N THR B 427 -0.71 15.66 -29.15
CA THR B 427 -0.69 17.03 -29.62
C THR B 427 -1.78 17.28 -30.66
N LEU B 428 -2.19 16.24 -31.39
CA LEU B 428 -3.25 16.40 -32.36
C LEU B 428 -4.58 16.67 -31.66
N LEU B 429 -4.87 15.91 -30.60
CA LEU B 429 -6.10 16.11 -29.85
C LEU B 429 -6.06 17.44 -29.09
N HIS B 430 -4.92 17.81 -28.54
CA HIS B 430 -4.82 19.07 -27.80
C HIS B 430 -5.03 20.27 -28.72
N MET B 431 -4.37 20.29 -29.89
CA MET B 431 -4.53 21.41 -30.79
C MET B 431 -5.89 21.41 -31.46
N LYS B 432 -6.48 20.23 -31.68
CA LYS B 432 -7.86 20.17 -32.14
C LYS B 432 -8.81 20.76 -31.12
N TRP B 433 -8.54 20.52 -29.82
CA TRP B 433 -9.37 21.08 -28.77
C TRP B 433 -9.14 22.58 -28.59
N LYS B 434 -7.96 23.08 -28.96
CA LYS B 434 -7.71 24.51 -28.86
C LYS B 434 -8.35 25.27 -30.01
N LYS B 435 -8.21 24.77 -31.24
CA LYS B 435 -8.74 25.50 -32.39
C LYS B 435 -10.26 25.45 -32.46
N PHE B 436 -10.85 24.32 -32.11
CA PHE B 436 -12.30 24.16 -32.11
C PHE B 436 -12.65 23.10 -31.07
N ALA B 437 -13.90 22.62 -31.10
CA ALA B 437 -14.41 21.58 -30.22
C ALA B 437 -14.35 21.96 -28.74
N LYS B 438 -14.02 23.21 -28.43
CA LYS B 438 -14.12 23.76 -27.08
C LYS B 438 -15.08 24.93 -27.02
N HIS B 439 -15.00 25.85 -27.98
CA HIS B 439 -16.05 26.86 -28.11
C HIS B 439 -17.38 26.21 -28.48
N MET B 440 -17.33 25.14 -29.27
CA MET B 440 -18.55 24.43 -29.63
C MET B 440 -19.10 23.61 -28.46
N PHE B 441 -18.21 23.10 -27.61
CA PHE B 441 -18.68 22.41 -26.40
C PHE B 441 -19.38 23.38 -25.45
N PHE B 442 -18.80 24.56 -25.26
CA PHE B 442 -19.44 25.58 -24.42
C PHE B 442 -20.73 26.08 -25.06
N LEU B 443 -20.75 26.16 -26.40
CA LEU B 443 -21.98 26.55 -27.10
C LEU B 443 -23.07 25.50 -26.89
N SER B 444 -22.71 24.22 -26.94
CA SER B 444 -23.67 23.16 -26.70
C SER B 444 -24.19 23.21 -25.27
N PHE B 445 -23.30 23.46 -24.30
CA PHE B 445 -23.73 23.57 -22.92
C PHE B 445 -24.65 24.77 -22.72
N CYS B 446 -24.34 25.90 -23.35
CA CYS B 446 -25.19 27.09 -23.22
C CYS B 446 -26.55 26.85 -23.84
N PHE B 447 -26.60 26.20 -25.00
CA PHE B 447 -27.88 25.92 -25.64
C PHE B 447 -28.72 24.96 -24.81
N TYR B 448 -28.09 23.93 -24.24
CA TYR B 448 -28.84 22.99 -23.41
C TYR B 448 -29.28 23.63 -22.09
N PHE B 449 -28.45 24.52 -21.54
CA PHE B 449 -28.82 25.22 -20.31
C PHE B 449 -30.01 26.14 -20.54
N PHE B 450 -30.01 26.88 -21.65
CA PHE B 450 -31.14 27.74 -21.97
C PHE B 450 -32.40 26.91 -22.25
N TYR B 451 -32.24 25.78 -22.94
CA TYR B 451 -33.38 24.91 -23.21
C TYR B 451 -33.95 24.32 -21.92
N ASN B 452 -33.08 23.94 -20.99
CA ASN B 452 -33.55 23.34 -19.74
C ASN B 452 -34.22 24.38 -18.86
N ILE B 453 -33.65 25.60 -18.79
CA ILE B 453 -34.25 26.62 -17.93
C ILE B 453 -35.57 27.11 -18.51
N THR B 454 -35.70 27.16 -19.84
CA THR B 454 -36.97 27.54 -20.44
C THR B 454 -37.97 26.39 -20.46
N LEU B 455 -37.51 25.16 -20.27
CA LEU B 455 -38.44 24.06 -20.03
C LEU B 455 -38.95 24.09 -18.59
N THR B 456 -38.09 24.47 -17.65
CA THR B 456 -38.51 24.57 -16.25
C THR B 456 -39.51 25.72 -16.05
N LEU B 457 -39.20 26.89 -16.60
CA LEU B 457 -40.06 28.06 -16.41
C LEU B 457 -41.41 27.93 -17.12
N VAL B 458 -41.53 27.05 -18.11
CA VAL B 458 -42.83 26.83 -18.76
C VAL B 458 -43.77 26.10 -17.82
N SER B 459 -43.27 25.06 -17.15
CA SER B 459 -44.12 24.27 -16.25
C SER B 459 -44.40 25.01 -14.96
N TYR B 460 -43.38 25.64 -14.38
CA TYR B 460 -43.57 26.32 -13.10
C TYR B 460 -44.47 27.53 -13.25
N TYR B 461 -44.30 28.30 -14.32
CA TYR B 461 -45.15 29.46 -14.59
C TYR B 461 -46.26 29.09 -15.58
N ARG B 462 -47.06 28.09 -15.19
CA ARG B 462 -48.14 27.58 -16.02
C ARG B 462 -49.49 27.97 -15.44
N PRO B 463 -50.43 28.40 -16.29
CA PRO B 463 -51.78 28.74 -15.79
C PRO B 463 -52.47 27.52 -15.20
N ARG B 464 -52.75 27.59 -13.91
CA ARG B 464 -53.39 26.48 -13.20
C ARG B 464 -54.87 26.37 -13.54
N LEU B 482 -48.02 35.53 -24.76
CA LEU B 482 -46.98 36.56 -24.71
C LEU B 482 -45.59 35.95 -24.78
N GLN B 483 -45.36 34.92 -23.96
CA GLN B 483 -44.08 34.22 -23.90
C GLN B 483 -44.10 32.91 -24.66
N LEU B 484 -44.81 32.88 -25.80
CA LEU B 484 -44.88 31.67 -26.61
C LEU B 484 -43.57 31.36 -27.32
N LEU B 485 -42.62 32.30 -27.34
CA LEU B 485 -41.32 32.03 -27.96
C LEU B 485 -40.58 30.93 -27.22
N GLY B 486 -40.66 30.92 -25.89
CA GLY B 486 -40.09 29.82 -25.14
C GLY B 486 -40.86 28.52 -25.34
N ARG B 487 -42.18 28.61 -25.40
CA ARG B 487 -43.02 27.43 -25.58
C ARG B 487 -42.85 26.80 -26.97
N MET B 488 -42.32 27.54 -27.93
CA MET B 488 -41.96 26.96 -29.22
C MET B 488 -40.47 26.62 -29.31
N PHE B 489 -39.63 27.29 -28.53
CA PHE B 489 -38.21 26.95 -28.51
C PHE B 489 -37.99 25.56 -27.92
N VAL B 490 -38.78 25.21 -26.89
CA VAL B 490 -38.68 23.86 -26.32
C VAL B 490 -39.05 22.81 -27.37
N LEU B 491 -40.08 23.08 -28.16
CA LEU B 491 -40.50 22.12 -29.18
C LEU B 491 -39.44 21.98 -30.27
N ILE B 492 -38.91 23.10 -30.74
CA ILE B 492 -37.91 23.06 -31.81
C ILE B 492 -36.65 22.35 -31.35
N TRP B 493 -36.17 22.69 -30.16
CA TRP B 493 -34.93 22.08 -29.67
C TRP B 493 -35.13 20.62 -29.30
N ALA B 494 -36.30 20.26 -28.77
CA ALA B 494 -36.56 18.85 -28.45
C ALA B 494 -36.61 18.02 -29.73
N MET B 495 -37.25 18.53 -30.79
CA MET B 495 -37.27 17.81 -32.05
C MET B 495 -35.88 17.67 -32.64
N CYS B 496 -35.08 18.74 -32.57
CA CYS B 496 -33.72 18.71 -33.11
C CYS B 496 -32.85 17.69 -32.37
N ILE B 497 -32.90 17.70 -31.04
CA ILE B 497 -32.09 16.76 -30.28
C ILE B 497 -32.65 15.35 -30.40
N SER B 498 -33.96 15.22 -30.65
CA SER B 498 -34.55 13.89 -30.82
C SER B 498 -34.05 13.23 -32.09
N VAL B 499 -34.04 13.96 -33.22
CA VAL B 499 -33.56 13.36 -34.45
C VAL B 499 -32.04 13.19 -34.41
N LYS B 500 -31.33 14.10 -33.72
CA LYS B 500 -29.89 13.98 -33.60
C LYS B 500 -29.50 12.77 -32.76
N GLU B 501 -30.29 12.45 -31.73
CA GLU B 501 -30.04 11.25 -30.95
C GLU B 501 -30.60 10.00 -31.63
N GLY B 502 -31.62 10.15 -32.48
CA GLY B 502 -32.15 9.00 -33.20
C GLY B 502 -31.17 8.46 -34.22
N ILE B 503 -30.52 9.35 -34.98
CA ILE B 503 -29.52 8.90 -35.94
C ILE B 503 -28.32 8.29 -35.22
N ALA B 504 -27.98 8.83 -34.04
CA ALA B 504 -26.89 8.26 -33.26
C ALA B 504 -27.27 6.91 -32.68
N ILE B 505 -28.51 6.75 -32.23
CA ILE B 505 -28.97 5.49 -31.67
C ILE B 505 -29.12 4.42 -32.75
N PHE B 506 -29.23 4.84 -34.02
CA PHE B 506 -29.33 3.88 -35.11
C PHE B 506 -27.98 3.57 -35.74
N LEU B 507 -27.00 4.47 -35.60
CA LEU B 507 -25.69 4.30 -36.23
C LEU B 507 -24.67 3.65 -35.32
N LEU B 508 -24.98 3.41 -34.05
CA LEU B 508 -24.00 2.80 -33.16
C LEU B 508 -23.96 1.29 -33.36
N ARG B 509 -22.87 0.69 -32.87
CA ARG B 509 -22.62 -0.74 -32.87
C ARG B 509 -22.96 -1.35 -31.51
N PRO B 510 -23.32 -2.64 -31.47
CA PRO B 510 -23.59 -3.28 -30.18
C PRO B 510 -22.35 -3.46 -29.31
N SER B 511 -21.15 -3.27 -29.86
CA SER B 511 -19.94 -3.48 -29.07
C SER B 511 -19.77 -2.40 -28.01
N ASP B 512 -20.11 -1.15 -28.33
CA ASP B 512 -19.95 -0.05 -27.38
C ASP B 512 -21.00 -0.06 -26.29
N LEU B 513 -22.04 -0.88 -26.40
CA LEU B 513 -23.06 -0.99 -25.36
C LEU B 513 -22.62 -1.85 -24.19
N GLN B 514 -21.47 -2.51 -24.29
CA GLN B 514 -20.98 -3.33 -23.18
C GLN B 514 -20.62 -2.45 -21.99
N SER B 515 -21.11 -2.83 -20.81
CA SER B 515 -20.93 -2.13 -19.54
C SER B 515 -21.54 -0.73 -19.54
N ILE B 516 -22.24 -0.36 -20.62
CA ILE B 516 -22.97 0.90 -20.83
C ILE B 516 -22.15 2.11 -20.34
N LEU B 517 -20.83 2.03 -20.47
CA LEU B 517 -19.93 3.09 -20.03
C LEU B 517 -19.33 3.89 -21.17
N SER B 518 -19.18 3.31 -22.36
CA SER B 518 -18.48 3.97 -23.47
C SER B 518 -19.40 4.97 -24.18
N ASP B 519 -19.77 6.02 -23.47
CA ASP B 519 -20.58 7.07 -24.07
C ASP B 519 -21.82 6.53 -24.77
N ALA B 520 -22.51 5.60 -24.12
CA ALA B 520 -23.74 5.07 -24.67
C ALA B 520 -24.95 5.27 -23.79
N TRP B 521 -24.75 5.38 -22.46
CA TRP B 521 -25.87 5.62 -21.57
C TRP B 521 -26.46 7.01 -21.78
N PHE B 522 -25.58 8.02 -21.94
CA PHE B 522 -26.05 9.39 -22.05
C PHE B 522 -26.87 9.62 -23.31
N HIS B 523 -26.57 8.90 -24.39
CA HIS B 523 -27.42 8.97 -25.58
C HIS B 523 -28.83 8.49 -25.29
N PHE B 524 -28.95 7.41 -24.50
CA PHE B 524 -30.27 6.90 -24.14
C PHE B 524 -31.04 7.90 -23.30
N VAL B 525 -30.39 8.52 -22.32
CA VAL B 525 -31.09 9.45 -21.45
C VAL B 525 -31.47 10.73 -22.20
N PHE B 526 -30.59 11.21 -23.07
CA PHE B 526 -30.92 12.38 -23.88
C PHE B 526 -32.08 12.11 -24.81
N PHE B 527 -32.10 10.92 -25.44
CA PHE B 527 -33.21 10.57 -26.31
C PHE B 527 -34.51 10.42 -25.54
N ILE B 528 -34.45 9.85 -24.34
CA ILE B 528 -35.65 9.67 -23.52
C ILE B 528 -36.21 11.03 -23.12
N GLN B 529 -35.34 11.95 -22.71
CA GLN B 529 -35.81 13.29 -22.34
C GLN B 529 -36.43 14.02 -23.53
N ALA B 530 -35.80 13.89 -24.71
CA ALA B 530 -36.34 14.54 -25.90
C ALA B 530 -37.72 13.99 -26.27
N VAL B 531 -37.83 12.66 -26.30
CA VAL B 531 -39.11 12.05 -26.66
C VAL B 531 -40.17 12.33 -25.60
N LEU B 532 -39.76 12.51 -24.35
CA LEU B 532 -40.72 12.85 -23.30
C LEU B 532 -41.29 14.24 -23.53
N VAL B 533 -40.44 15.20 -23.94
CA VAL B 533 -40.92 16.57 -24.14
C VAL B 533 -41.90 16.63 -25.31
N ILE B 534 -41.56 16.00 -26.44
CA ILE B 534 -42.43 16.10 -27.61
C ILE B 534 -43.72 15.32 -27.38
N LEU B 535 -43.64 14.17 -26.70
CA LEU B 535 -44.86 13.40 -26.44
C LEU B 535 -45.76 14.15 -25.47
N SER B 536 -45.19 14.80 -24.46
CA SER B 536 -45.99 15.61 -23.54
C SER B 536 -46.66 16.78 -24.26
N VAL B 537 -45.95 17.37 -25.21
CA VAL B 537 -46.55 18.43 -26.03
C VAL B 537 -47.69 17.87 -26.87
N PHE B 538 -47.52 16.65 -27.38
CA PHE B 538 -48.56 16.01 -28.18
C PHE B 538 -49.83 15.79 -27.37
N LEU B 539 -49.68 15.33 -26.13
CA LEU B 539 -50.84 15.19 -25.26
C LEU B 539 -51.38 16.53 -24.78
N TYR B 540 -50.55 17.57 -24.76
CA TYR B 540 -51.02 18.90 -24.44
C TYR B 540 -51.95 19.44 -25.53
N LEU B 541 -51.57 19.25 -26.79
CA LEU B 541 -52.40 19.71 -27.90
C LEU B 541 -53.69 18.90 -28.01
N PHE B 542 -53.65 17.63 -27.62
CA PHE B 542 -54.82 16.76 -27.70
C PHE B 542 -55.77 16.90 -26.51
N ALA B 543 -55.52 17.88 -25.64
CA ALA B 543 -56.35 18.14 -24.46
C ALA B 543 -56.45 16.90 -23.56
N TYR B 544 -55.34 16.19 -23.42
CA TYR B 544 -55.29 15.00 -22.58
C TYR B 544 -55.03 15.40 -21.14
N LYS B 545 -54.75 14.41 -20.29
CA LYS B 545 -54.51 14.64 -18.88
C LYS B 545 -53.12 14.20 -18.42
N GLU B 546 -52.51 13.23 -19.10
CA GLU B 546 -51.23 12.68 -18.69
C GLU B 546 -50.04 13.50 -19.19
N TYR B 547 -50.26 14.69 -19.73
CA TYR B 547 -49.15 15.51 -20.20
C TYR B 547 -48.32 16.04 -19.05
N LEU B 548 -48.95 16.29 -17.90
CA LEU B 548 -48.23 16.86 -16.76
C LEU B 548 -47.19 15.88 -16.21
N ALA B 549 -47.56 14.59 -16.12
CA ALA B 549 -46.62 13.60 -15.59
C ALA B 549 -45.41 13.44 -16.50
N CYS B 550 -45.64 13.38 -17.82
CA CYS B 550 -44.54 13.21 -18.75
C CYS B 550 -43.64 14.45 -18.78
N LEU B 551 -44.23 15.64 -18.69
CA LEU B 551 -43.42 16.85 -18.72
C LEU B 551 -42.64 17.03 -17.42
N VAL B 552 -43.24 16.63 -16.29
CA VAL B 552 -42.53 16.71 -15.02
C VAL B 552 -41.34 15.77 -15.02
N LEU B 553 -41.54 14.53 -15.50
CA LEU B 553 -40.42 13.60 -15.63
C LEU B 553 -39.40 14.12 -16.63
N ALA B 554 -39.85 14.84 -17.65
CA ALA B 554 -38.93 15.38 -18.65
C ALA B 554 -38.00 16.41 -18.06
N MET B 555 -38.53 17.37 -17.30
CA MET B 555 -37.67 18.39 -16.71
C MET B 555 -36.88 17.88 -15.52
N ALA B 556 -37.38 16.85 -14.82
CA ALA B 556 -36.59 16.24 -13.76
C ALA B 556 -35.41 15.46 -14.33
N LEU B 557 -35.58 14.89 -15.53
CA LEU B 557 -34.47 14.23 -16.22
C LEU B 557 -33.53 15.24 -16.85
N GLY B 558 -34.05 16.37 -17.32
CA GLY B 558 -33.21 17.34 -18.01
C GLY B 558 -32.18 17.99 -17.11
N TRP B 559 -32.57 18.33 -15.88
CA TRP B 559 -31.62 18.96 -14.97
C TRP B 559 -30.58 17.97 -14.48
N ALA B 560 -30.92 16.68 -14.43
CA ALA B 560 -29.94 15.66 -14.08
C ALA B 560 -29.10 15.22 -15.27
N ASN B 561 -29.41 15.68 -16.47
CA ASN B 561 -28.63 15.38 -17.66
C ASN B 561 -27.54 16.39 -17.93
N MET B 562 -27.47 17.47 -17.15
CA MET B 562 -26.41 18.46 -17.34
C MET B 562 -25.06 17.97 -16.85
N LEU B 563 -25.01 16.82 -16.16
CA LEU B 563 -23.74 16.23 -15.76
C LEU B 563 -22.92 15.71 -16.93
N TYR B 564 -23.53 15.56 -18.11
CA TYR B 564 -22.77 15.14 -19.27
C TYR B 564 -21.84 16.25 -19.77
N TYR B 565 -22.22 17.50 -19.54
CA TYR B 565 -21.46 18.64 -20.05
C TYR B 565 -20.29 19.03 -19.16
N THR B 566 -20.06 18.31 -18.06
CA THR B 566 -18.99 18.66 -17.14
C THR B 566 -17.63 18.12 -17.56
N ARG B 567 -17.52 17.53 -18.75
CA ARG B 567 -16.24 17.01 -19.22
C ARG B 567 -15.23 18.12 -19.47
N GLY B 568 -15.67 19.38 -19.54
CA GLY B 568 -14.74 20.47 -19.77
C GLY B 568 -13.73 20.65 -18.65
N PHE B 569 -14.17 20.38 -17.43
CA PHE B 569 -13.28 20.51 -16.28
C PHE B 569 -12.75 19.14 -15.88
N GLN B 570 -11.46 19.10 -15.52
CA GLN B 570 -10.86 17.84 -15.13
C GLN B 570 -11.32 17.43 -13.74
N SER B 571 -11.36 18.37 -12.80
CA SER B 571 -11.71 18.05 -11.41
C SER B 571 -13.13 17.51 -11.30
N MET B 572 -14.07 18.13 -12.02
CA MET B 572 -15.44 17.62 -12.01
C MET B 572 -15.62 16.44 -12.97
N GLY B 573 -14.75 16.32 -13.97
CA GLY B 573 -14.80 15.15 -14.84
C GLY B 573 -14.48 13.88 -14.08
N MET B 574 -13.56 13.95 -13.12
CA MET B 574 -13.27 12.81 -12.27
C MET B 574 -14.51 12.42 -11.46
N TYR B 575 -15.21 13.42 -10.92
CA TYR B 575 -16.40 13.16 -10.12
C TYR B 575 -17.51 12.53 -10.95
N SER B 576 -17.68 13.00 -12.19
CA SER B 576 -18.74 12.47 -13.04
C SER B 576 -18.46 11.04 -13.48
N VAL B 577 -17.21 10.75 -13.85
CA VAL B 577 -16.89 9.38 -14.25
C VAL B 577 -16.96 8.45 -13.05
N MET B 578 -16.64 8.94 -11.86
CA MET B 578 -16.85 8.13 -10.65
C MET B 578 -18.34 7.88 -10.41
N ILE B 579 -19.18 8.88 -10.70
CA ILE B 579 -20.62 8.70 -10.58
C ILE B 579 -21.08 7.57 -11.48
N GLN B 580 -20.71 7.63 -12.75
CA GLN B 580 -21.19 6.65 -13.72
C GLN B 580 -20.61 5.26 -13.44
N LYS B 581 -19.44 5.19 -12.81
CA LYS B 581 -18.84 3.90 -12.52
C LYS B 581 -19.49 3.24 -11.31
N VAL B 582 -19.65 3.97 -10.20
CA VAL B 582 -20.08 3.31 -8.97
C VAL B 582 -21.57 2.98 -9.00
N ILE B 583 -22.37 3.74 -9.76
CA ILE B 583 -23.80 3.45 -9.81
C ILE B 583 -24.04 2.10 -10.48
N LEU B 584 -23.21 1.77 -11.47
CA LEU B 584 -23.36 0.53 -12.22
C LEU B 584 -22.54 -0.62 -11.65
N HIS B 585 -21.58 -0.35 -10.78
CA HIS B 585 -20.72 -1.39 -10.26
C HIS B 585 -21.10 -1.83 -8.85
N ASP B 586 -21.29 -0.88 -7.93
CA ASP B 586 -21.58 -1.21 -6.54
C ASP B 586 -23.01 -0.96 -6.12
N VAL B 587 -23.64 0.11 -6.61
CA VAL B 587 -24.99 0.46 -6.17
C VAL B 587 -26.00 -0.57 -6.66
N LEU B 588 -25.81 -1.09 -7.87
CA LEU B 588 -26.77 -2.02 -8.44
C LEU B 588 -26.82 -3.33 -7.66
N LYS B 589 -25.67 -3.86 -7.26
CA LYS B 589 -25.65 -5.10 -6.49
C LYS B 589 -26.30 -4.91 -5.12
N PHE B 590 -25.98 -3.81 -4.44
CA PHE B 590 -26.61 -3.51 -3.16
C PHE B 590 -28.11 -3.32 -3.30
N LEU B 591 -28.54 -2.67 -4.40
CA LEU B 591 -29.96 -2.47 -4.62
C LEU B 591 -30.68 -3.80 -4.83
N PHE B 592 -30.06 -4.74 -5.55
CA PHE B 592 -30.70 -6.03 -5.78
C PHE B 592 -30.79 -6.83 -4.48
N VAL B 593 -29.72 -6.84 -3.69
CA VAL B 593 -29.74 -7.57 -2.42
C VAL B 593 -30.75 -6.95 -1.47
N TYR B 594 -30.78 -5.62 -1.37
CA TYR B 594 -31.71 -4.96 -0.48
C TYR B 594 -33.15 -5.11 -0.95
N ILE B 595 -33.38 -5.16 -2.26
CA ILE B 595 -34.73 -5.38 -2.77
C ILE B 595 -35.19 -6.79 -2.44
N VAL B 596 -34.28 -7.77 -2.50
CA VAL B 596 -34.61 -9.13 -2.08
C VAL B 596 -34.97 -9.15 -0.60
N PHE B 597 -34.18 -8.46 0.23
CA PHE B 597 -34.47 -8.38 1.66
C PHE B 597 -35.70 -7.53 1.97
N LEU B 598 -36.17 -6.73 1.02
CA LEU B 598 -37.33 -5.87 1.27
C LEU B 598 -38.63 -6.60 0.99
N LEU B 599 -38.74 -7.25 -0.17
CA LEU B 599 -39.98 -7.93 -0.55
C LEU B 599 -40.15 -9.26 0.17
N GLY B 600 -39.12 -9.75 0.85
CA GLY B 600 -39.25 -10.95 1.66
C GLY B 600 -39.80 -10.63 3.04
N PHE B 601 -39.23 -9.60 3.67
CA PHE B 601 -39.77 -9.12 4.94
C PHE B 601 -41.06 -8.34 4.74
N GLY B 602 -41.27 -7.79 3.55
CA GLY B 602 -42.46 -6.99 3.31
C GLY B 602 -43.74 -7.81 3.33
N VAL B 603 -43.70 -9.02 2.75
CA VAL B 603 -44.89 -9.85 2.72
C VAL B 603 -45.08 -10.58 4.05
N ALA B 604 -43.99 -10.82 4.79
CA ALA B 604 -44.10 -11.49 6.08
C ALA B 604 -44.82 -10.59 7.09
N LEU B 605 -44.43 -9.32 7.16
CA LEU B 605 -45.09 -8.39 8.08
C LEU B 605 -46.51 -8.08 7.63
N ALA B 606 -46.73 -8.02 6.31
CA ALA B 606 -48.08 -7.77 5.80
C ALA B 606 -49.01 -8.93 6.10
N SER B 607 -48.51 -10.16 6.03
CA SER B 607 -49.33 -11.33 6.34
C SER B 607 -49.41 -11.62 7.83
N LEU B 608 -48.56 -10.99 8.65
CA LEU B 608 -48.60 -11.23 10.07
C LEU B 608 -49.81 -10.57 10.73
N ILE B 609 -50.24 -9.42 10.22
CA ILE B 609 -51.32 -8.65 10.81
C ILE B 609 -52.57 -8.81 9.96
N GLU B 610 -53.69 -9.11 10.61
CA GLU B 610 -54.98 -9.23 9.94
C GLU B 610 -55.61 -7.84 9.83
N LYS B 611 -56.86 -7.80 9.39
CA LYS B 611 -57.57 -6.53 9.26
C LYS B 611 -57.96 -5.98 10.63
N CYS B 612 -58.15 -4.67 10.69
CA CYS B 612 -58.55 -4.02 11.92
C CYS B 612 -59.97 -4.44 12.32
N PRO B 613 -60.25 -4.53 13.62
CA PRO B 613 -61.63 -4.84 14.05
C PRO B 613 -62.65 -3.81 13.60
N LYS B 614 -62.27 -2.53 13.54
CA LYS B 614 -63.16 -1.50 13.04
C LYS B 614 -63.20 -1.43 11.52
N ASP B 615 -62.26 -2.09 10.84
CA ASP B 615 -62.19 -2.14 9.38
C ASP B 615 -62.07 -0.75 8.76
N ASN B 616 -61.38 0.16 9.44
CA ASN B 616 -61.11 1.49 8.92
C ASN B 616 -59.67 1.66 8.43
N LYS B 617 -58.85 0.61 8.55
CA LYS B 617 -57.47 0.58 8.05
C LYS B 617 -56.62 1.71 8.66
N ASP B 618 -56.66 1.80 9.99
CA ASP B 618 -55.83 2.76 10.71
C ASP B 618 -55.13 2.17 11.93
N CYS B 619 -55.62 1.07 12.49
CA CYS B 619 -55.05 0.48 13.69
C CYS B 619 -53.96 -0.55 13.40
N SER B 620 -53.77 -0.92 12.14
CA SER B 620 -52.82 -1.96 11.77
C SER B 620 -51.54 -1.41 11.17
N SER B 621 -51.63 -0.36 10.34
CA SER B 621 -50.52 0.31 9.68
C SER B 621 -49.82 -0.56 8.64
N TYR B 622 -50.19 -1.84 8.52
CA TYR B 622 -49.68 -2.74 7.49
C TYR B 622 -50.89 -3.54 7.00
N GLY B 623 -51.59 -3.01 6.01
CA GLY B 623 -52.80 -3.64 5.53
C GLY B 623 -52.63 -4.31 4.18
N SER B 624 -51.48 -4.10 3.55
CA SER B 624 -51.21 -4.66 2.23
C SER B 624 -49.70 -4.78 2.07
N PHE B 625 -49.29 -5.34 0.92
CA PHE B 625 -47.86 -5.51 0.65
C PHE B 625 -47.20 -4.18 0.33
N SER B 626 -47.87 -3.32 -0.45
CA SER B 626 -47.29 -2.03 -0.79
C SER B 626 -47.13 -1.14 0.43
N ASP B 627 -48.12 -1.18 1.33
CA ASP B 627 -48.04 -0.40 2.57
C ASP B 627 -46.86 -0.86 3.41
N ALA B 628 -46.70 -2.18 3.56
CA ALA B 628 -45.59 -2.70 4.35
C ALA B 628 -44.24 -2.39 3.72
N VAL B 629 -44.17 -2.42 2.39
CA VAL B 629 -42.93 -2.09 1.69
C VAL B 629 -42.56 -0.64 1.95
N LEU B 630 -43.53 0.28 1.84
CA LEU B 630 -43.25 1.69 2.07
C LEU B 630 -42.86 1.94 3.52
N GLU B 631 -43.55 1.31 4.47
CA GLU B 631 -43.28 1.54 5.88
C GLU B 631 -41.94 0.95 6.30
N LEU B 632 -41.50 -0.13 5.66
CA LEU B 632 -40.16 -0.66 5.94
C LEU B 632 -39.08 0.22 5.34
N PHE B 633 -39.32 0.76 4.14
CA PHE B 633 -38.33 1.64 3.53
C PHE B 633 -38.18 2.94 4.32
N LYS B 634 -39.28 3.43 4.91
CA LYS B 634 -39.21 4.68 5.66
C LYS B 634 -38.29 4.54 6.87
N LEU B 635 -38.38 3.43 7.59
CA LEU B 635 -37.48 3.19 8.71
C LEU B 635 -36.09 2.76 8.25
N THR B 636 -35.96 2.29 7.01
CA THR B 636 -34.62 2.07 6.45
C THR B 636 -33.89 3.40 6.29
N ILE B 637 -34.59 4.43 5.80
CA ILE B 637 -34.00 5.76 5.74
C ILE B 637 -33.72 6.29 7.14
N GLY B 638 -34.62 6.03 8.08
CA GLY B 638 -34.47 6.50 9.43
C GLY B 638 -35.45 7.60 9.79
N LEU B 639 -36.69 7.45 9.31
CA LEU B 639 -37.71 8.47 9.54
C LEU B 639 -38.65 8.13 10.68
N GLY B 640 -38.93 6.84 10.90
CA GLY B 640 -39.74 6.44 12.03
C GLY B 640 -40.72 5.32 11.74
N ASP B 641 -41.84 5.32 12.46
CA ASP B 641 -42.92 4.35 12.30
C ASP B 641 -42.43 2.92 12.53
N LEU B 642 -41.66 2.73 13.60
CA LEU B 642 -41.19 1.40 13.97
C LEU B 642 -41.80 0.97 15.30
N ASN B 643 -42.68 1.80 15.86
CA ASN B 643 -43.33 1.52 17.12
C ASN B 643 -44.06 0.18 17.07
N ILE B 644 -44.51 -0.27 18.24
CA ILE B 644 -45.06 -1.61 18.41
C ILE B 644 -46.56 -1.52 18.66
N GLN B 645 -47.20 -2.68 18.82
CA GLN B 645 -48.65 -2.80 18.96
C GLN B 645 -49.37 -2.21 17.75
N GLN B 646 -49.14 -2.84 16.59
CA GLN B 646 -49.80 -2.49 15.34
C GLN B 646 -50.92 -3.47 15.01
N ASN B 647 -51.69 -3.88 16.02
CA ASN B 647 -52.77 -4.84 15.91
C ASN B 647 -52.29 -6.21 15.42
N SER B 648 -50.99 -6.47 15.55
CA SER B 648 -50.45 -7.77 15.14
C SER B 648 -50.74 -8.85 16.16
N LYS B 649 -51.14 -10.03 15.71
CA LYS B 649 -51.47 -11.11 16.62
C LYS B 649 -50.25 -11.65 17.36
N TYR B 650 -49.05 -11.42 16.83
CA TYR B 650 -47.80 -11.86 17.45
C TYR B 650 -46.86 -10.66 17.53
N PRO B 651 -47.04 -9.81 18.56
CA PRO B 651 -46.18 -8.63 18.67
C PRO B 651 -44.70 -8.95 18.86
N ILE B 652 -44.38 -10.04 19.54
CA ILE B 652 -42.98 -10.39 19.76
C ILE B 652 -42.33 -10.83 18.45
N LEU B 653 -43.03 -11.63 17.65
CA LEU B 653 -42.48 -12.04 16.36
C LEU B 653 -42.37 -10.87 15.40
N PHE B 654 -43.37 -9.98 15.40
CA PHE B 654 -43.30 -8.79 14.55
C PHE B 654 -42.11 -7.91 14.95
N LEU B 655 -41.90 -7.73 16.25
CA LEU B 655 -40.74 -6.97 16.71
C LEU B 655 -39.45 -7.66 16.32
N PHE B 656 -39.40 -8.99 16.44
CA PHE B 656 -38.18 -9.72 16.09
C PHE B 656 -37.87 -9.59 14.61
N LEU B 657 -38.89 -9.67 13.76
CA LEU B 657 -38.66 -9.53 12.32
C LEU B 657 -38.22 -8.10 11.98
N LEU B 658 -38.78 -7.10 12.67
CA LEU B 658 -38.36 -5.72 12.42
C LEU B 658 -36.91 -5.51 12.83
N ILE B 659 -36.51 -6.08 13.97
CA ILE B 659 -35.12 -5.94 14.42
C ILE B 659 -34.17 -6.65 13.46
N THR B 660 -34.57 -7.84 12.98
CA THR B 660 -33.73 -8.57 12.04
C THR B 660 -33.57 -7.81 10.73
N TYR B 661 -34.66 -7.21 10.23
CA TYR B 661 -34.56 -6.41 9.02
C TYR B 661 -33.69 -5.18 9.23
N VAL B 662 -33.81 -4.55 10.41
CA VAL B 662 -32.99 -3.38 10.72
C VAL B 662 -31.51 -3.76 10.75
N ILE B 663 -31.18 -4.91 11.34
CA ILE B 663 -29.80 -5.35 11.38
C ILE B 663 -29.29 -5.63 9.97
N LEU B 664 -30.07 -6.39 9.20
CA LEU B 664 -29.62 -6.82 7.87
C LEU B 664 -29.44 -5.63 6.92
N THR B 665 -30.23 -4.57 7.11
CA THR B 665 -30.14 -3.42 6.21
C THR B 665 -29.14 -2.39 6.74
N PHE B 666 -29.37 -1.89 7.95
CA PHE B 666 -28.57 -0.78 8.46
C PHE B 666 -27.17 -1.22 8.86
N VAL B 667 -27.02 -2.42 9.42
CA VAL B 667 -25.72 -2.84 9.92
C VAL B 667 -24.93 -3.63 8.88
N LEU B 668 -25.60 -4.38 8.02
CA LEU B 668 -24.90 -5.26 7.08
C LEU B 668 -24.79 -4.68 5.68
N LEU B 669 -25.91 -4.39 5.02
CA LEU B 669 -25.87 -4.01 3.61
C LEU B 669 -25.38 -2.58 3.44
N LEU B 670 -25.95 -1.64 4.19
CA LEU B 670 -25.55 -0.24 4.14
C LEU B 670 -24.10 -0.02 4.55
N ASN B 671 -23.50 -0.98 5.24
CA ASN B 671 -22.12 -0.88 5.70
C ASN B 671 -21.16 -1.54 4.71
N MET B 672 -21.54 -2.67 4.13
CA MET B 672 -20.65 -3.31 3.16
C MET B 672 -20.68 -2.57 1.83
N LEU B 673 -21.74 -1.83 1.55
CA LEU B 673 -21.70 -0.91 0.42
C LEU B 673 -20.59 0.10 0.58
N ILE B 674 -20.43 0.63 1.80
CA ILE B 674 -19.28 1.46 2.15
C ILE B 674 -17.99 0.69 1.89
N ALA B 675 -17.97 -0.60 2.24
CA ALA B 675 -16.78 -1.42 2.01
C ALA B 675 -16.44 -1.53 0.54
N LEU B 676 -17.45 -1.73 -0.31
CA LEU B 676 -17.18 -2.01 -1.73
C LEU B 676 -16.62 -0.80 -2.46
N MET B 677 -17.28 0.34 -2.38
CA MET B 677 -16.72 1.51 -3.04
C MET B 677 -15.42 1.94 -2.37
N GLY B 678 -15.33 1.77 -1.07
CA GLY B 678 -14.09 2.09 -0.38
C GLY B 678 -12.91 1.34 -0.97
N GLU B 679 -13.13 0.08 -1.35
CA GLU B 679 -12.07 -0.69 -2.02
C GLU B 679 -11.99 -0.33 -3.50
N THR B 680 -13.10 0.10 -4.09
CA THR B 680 -13.11 0.41 -5.51
C THR B 680 -12.33 1.69 -5.82
N VAL B 681 -12.51 2.71 -4.98
CA VAL B 681 -11.95 4.04 -5.29
C VAL B 681 -10.43 4.03 -5.18
N GLU B 682 -9.89 3.21 -4.28
CA GLU B 682 -8.44 3.13 -4.14
C GLU B 682 -7.81 2.59 -5.41
N ASN B 683 -8.54 1.85 -6.23
CA ASN B 683 -8.04 1.42 -7.53
C ASN B 683 -8.51 2.37 -8.63
N VAL B 684 -9.55 3.15 -8.38
CA VAL B 684 -10.16 3.95 -9.43
C VAL B 684 -9.52 5.34 -9.53
N SER B 685 -9.08 5.91 -8.40
CA SER B 685 -8.64 7.30 -8.37
C SER B 685 -7.47 7.59 -9.30
N LYS B 686 -6.65 6.57 -9.62
CA LYS B 686 -5.59 6.73 -10.59
C LYS B 686 -5.96 6.19 -11.97
N GLU B 687 -7.13 5.59 -12.12
CA GLU B 687 -7.55 5.01 -13.39
C GLU B 687 -8.61 5.86 -14.09
N SER B 688 -9.40 6.63 -13.33
CA SER B 688 -10.46 7.44 -13.91
C SER B 688 -9.92 8.58 -14.76
N GLU B 689 -8.65 8.96 -14.58
CA GLU B 689 -8.05 9.98 -15.43
C GLU B 689 -7.97 9.52 -16.87
N ARG B 690 -7.66 8.24 -17.08
CA ARG B 690 -7.67 7.66 -18.42
C ARG B 690 -9.06 7.74 -19.04
N ILE B 691 -10.10 7.45 -18.26
CA ILE B 691 -11.45 7.44 -18.80
C ILE B 691 -11.92 8.84 -19.14
N TRP B 692 -11.59 9.82 -18.28
CA TRP B 692 -11.98 11.20 -18.57
C TRP B 692 -11.26 11.73 -19.80
N ARG B 693 -9.96 11.45 -19.93
CA ARG B 693 -9.21 11.91 -21.09
C ARG B 693 -9.73 11.26 -22.37
N LEU B 694 -10.07 9.97 -22.30
CA LEU B 694 -10.62 9.29 -23.47
C LEU B 694 -12.02 9.80 -23.81
N GLN B 695 -12.82 10.13 -22.80
CA GLN B 695 -14.14 10.70 -23.06
C GLN B 695 -14.02 12.07 -23.71
N ARG B 696 -13.08 12.90 -23.26
CA ARG B 696 -12.87 14.20 -23.88
C ARG B 696 -12.36 14.05 -25.30
N ALA B 697 -11.48 13.06 -25.54
CA ALA B 697 -10.98 12.83 -26.90
C ALA B 697 -12.10 12.35 -27.82
N ARG B 698 -12.99 11.50 -27.32
CA ARG B 698 -14.13 11.07 -28.11
C ARG B 698 -15.07 12.24 -28.40
N THR B 699 -15.23 13.14 -27.43
CA THR B 699 -16.03 14.35 -27.66
C THR B 699 -15.40 15.22 -28.75
N ILE B 700 -14.08 15.35 -28.74
CA ILE B 700 -13.39 16.14 -29.76
C ILE B 700 -13.60 15.53 -31.13
N LEU B 701 -13.47 14.21 -31.23
CA LEU B 701 -13.67 13.53 -32.52
C LEU B 701 -15.11 13.64 -33.00
N GLU B 702 -16.06 13.53 -32.08
CA GLU B 702 -17.47 13.66 -32.44
C GLU B 702 -17.78 15.06 -32.96
N PHE B 703 -17.23 16.09 -32.31
CA PHE B 703 -17.42 17.45 -32.78
C PHE B 703 -16.70 17.70 -34.10
N GLU B 704 -15.56 17.02 -34.31
CA GLU B 704 -14.88 17.12 -35.61
C GLU B 704 -15.75 16.54 -36.71
N LYS B 705 -16.34 15.37 -36.46
CA LYS B 705 -17.25 14.76 -37.45
C LYS B 705 -18.52 15.58 -37.64
N MET B 706 -18.90 16.39 -36.65
CA MET B 706 -20.11 17.21 -36.78
C MET B 706 -19.91 18.34 -37.79
N LEU B 707 -18.69 18.86 -37.92
CA LEU B 707 -18.44 20.00 -38.79
C LEU B 707 -18.69 19.63 -40.25
N PRO B 708 -19.16 20.57 -41.06
CA PRO B 708 -19.40 20.29 -42.47
C PRO B 708 -18.09 20.27 -43.26
N GLU B 709 -18.24 20.00 -44.57
CA GLU B 709 -17.07 19.90 -45.43
C GLU B 709 -16.42 21.26 -45.65
N TRP B 710 -17.22 22.31 -45.80
CA TRP B 710 -16.65 23.63 -46.08
C TRP B 710 -15.95 24.21 -44.86
N LEU B 711 -16.44 23.91 -43.66
CA LEU B 711 -15.82 24.40 -42.44
C LEU B 711 -14.60 23.59 -42.02
N ARG B 712 -14.34 22.45 -42.66
CA ARG B 712 -13.17 21.65 -42.33
C ARG B 712 -11.94 22.15 -43.07
N SER B 713 -11.67 23.45 -42.98
CA SER B 713 -10.46 24.06 -43.53
C SER B 713 -9.42 24.29 -42.45
N ARG B 714 -9.56 23.62 -41.30
CA ARG B 714 -8.65 23.75 -40.16
C ARG B 714 -7.60 22.64 -40.16
N PHE B 715 -7.11 22.26 -41.34
CA PHE B 715 -6.19 21.13 -41.47
C PHE B 715 -4.82 21.51 -40.91
N ARG B 716 -3.85 20.61 -41.06
CA ARG B 716 -2.57 20.73 -40.38
C ARG B 716 -1.57 21.48 -41.27
N MET B 717 -0.29 21.39 -40.91
CA MET B 717 0.75 22.11 -41.62
C MET B 717 0.89 21.60 -43.05
N GLY B 718 1.36 22.47 -43.94
CA GLY B 718 1.46 22.17 -45.35
C GLY B 718 2.49 21.13 -45.73
N GLU B 719 2.87 21.12 -47.01
CA GLU B 719 3.74 20.07 -47.53
C GLU B 719 5.17 20.20 -47.01
N LEU B 720 5.87 19.07 -47.02
CA LEU B 720 7.27 19.04 -46.60
C LEU B 720 8.19 19.68 -47.64
N CYS B 721 8.16 19.15 -48.86
CA CYS B 721 9.11 19.58 -49.91
C CYS B 721 10.46 18.89 -49.66
N LYS B 722 10.56 18.09 -48.60
CA LYS B 722 11.77 17.35 -48.30
C LYS B 722 11.75 15.95 -48.90
N VAL B 723 10.58 15.45 -49.31
CA VAL B 723 10.50 14.13 -49.91
C VAL B 723 11.18 14.12 -51.27
N ALA B 724 11.15 15.26 -51.96
CA ALA B 724 11.75 15.46 -53.29
C ALA B 724 11.15 14.56 -54.35
N GLU B 725 9.99 13.96 -54.09
CA GLU B 725 9.26 13.14 -55.06
C GLU B 725 7.78 13.49 -54.92
N ASP B 726 7.35 14.50 -55.68
CA ASP B 726 5.98 15.01 -55.77
C ASP B 726 5.48 15.66 -54.49
N ASP B 727 6.29 15.67 -53.42
CA ASP B 727 5.97 16.24 -52.10
C ASP B 727 4.51 15.98 -51.70
N PHE B 728 4.17 14.69 -51.62
CA PHE B 728 2.81 14.29 -51.28
C PHE B 728 2.55 14.26 -49.79
N ARG B 729 3.55 14.53 -48.96
CA ARG B 729 3.39 14.43 -47.52
C ARG B 729 2.63 15.64 -46.97
N LEU B 730 1.94 15.42 -45.85
CA LEU B 730 1.22 16.46 -45.12
C LEU B 730 1.60 16.29 -43.65
N CYS B 731 2.62 17.02 -43.22
CA CYS B 731 3.22 16.82 -41.91
C CYS B 731 2.67 17.82 -40.89
N LEU B 732 3.22 17.75 -39.68
CA LEU B 732 2.84 18.61 -38.58
C LEU B 732 4.08 19.11 -37.86
N ARG B 733 4.15 20.42 -37.64
CA ARG B 733 5.27 20.99 -36.92
C ARG B 733 5.08 20.80 -35.43
N ILE B 734 6.08 20.28 -34.76
CA ILE B 734 6.02 20.05 -33.31
C ILE B 734 7.32 20.54 -32.70
N ASN B 735 7.20 21.41 -31.69
CA ASN B 735 8.34 21.89 -30.92
C ASN B 735 8.16 21.39 -29.48
N GLU B 736 8.74 20.24 -29.18
CA GLU B 736 8.58 19.59 -27.89
C GLU B 736 9.86 19.73 -27.07
N VAL B 737 9.69 19.81 -25.75
CA VAL B 737 10.79 19.99 -24.81
C VAL B 737 10.85 18.78 -23.89
N LYS B 738 12.07 18.29 -23.65
CA LYS B 738 12.33 17.19 -22.73
C LYS B 738 13.48 17.62 -21.82
N TRP B 739 13.17 18.31 -20.73
CA TRP B 739 14.22 18.77 -19.83
C TRP B 739 14.80 17.61 -19.02
N THR B 740 13.96 16.68 -18.57
CA THR B 740 14.45 15.55 -17.79
C THR B 740 15.30 14.61 -18.63
N GLU B 741 14.85 14.31 -19.86
CA GLU B 741 15.63 13.44 -20.74
C GLU B 741 16.96 14.08 -21.12
N TRP B 742 16.94 15.39 -21.38
CA TRP B 742 18.18 16.09 -21.69
C TRP B 742 19.13 16.10 -20.50
N LYS B 743 18.59 16.30 -19.30
CA LYS B 743 19.43 16.31 -18.10
C LYS B 743 20.08 14.95 -17.88
N THR B 744 19.31 13.87 -18.08
CA THR B 744 19.86 12.53 -17.91
C THR B 744 20.89 12.22 -18.99
N HIS B 745 20.62 12.63 -20.23
CA HIS B 745 21.56 12.34 -21.32
C HIS B 745 22.86 13.12 -21.15
N VAL B 746 22.78 14.38 -20.73
CA VAL B 746 23.97 15.20 -20.60
C VAL B 746 24.73 14.87 -19.31
N SER B 747 24.04 14.33 -18.31
CA SER B 747 24.72 13.95 -17.06
C SER B 747 25.79 12.90 -17.30
N PHE B 748 25.50 11.91 -18.13
CA PHE B 748 26.52 10.91 -18.50
C PHE B 748 27.22 11.31 -19.79
N LYS C 120 33.36 -47.85 33.87
CA LYS C 120 32.38 -47.81 32.80
C LYS C 120 32.19 -46.37 32.31
N LYS C 121 32.11 -45.43 33.26
CA LYS C 121 31.92 -44.03 32.91
C LYS C 121 33.17 -43.41 32.29
N ARG C 122 34.33 -44.05 32.45
CA ARG C 122 35.55 -43.51 31.84
C ARG C 122 35.48 -43.56 30.32
N ILE C 123 34.93 -44.64 29.76
CA ILE C 123 34.76 -44.73 28.31
C ILE C 123 33.74 -43.71 27.84
N PHE C 124 32.68 -43.49 28.62
CA PHE C 124 31.68 -42.49 28.28
C PHE C 124 32.28 -41.10 28.26
N ALA C 125 33.11 -40.77 29.25
CA ALA C 125 33.80 -39.48 29.25
C ALA C 125 34.80 -39.38 28.11
N ALA C 126 35.38 -40.50 27.69
CA ALA C 126 36.31 -40.49 26.57
C ALA C 126 35.59 -40.19 25.25
N VAL C 127 34.43 -40.81 25.03
CA VAL C 127 33.74 -40.60 23.76
C VAL C 127 32.94 -39.30 23.75
N SER C 128 32.62 -38.74 24.91
CA SER C 128 31.79 -37.53 24.95
C SER C 128 32.54 -36.33 24.35
N GLU C 129 33.82 -36.17 24.71
CA GLU C 129 34.62 -35.06 24.22
C GLU C 129 35.75 -35.53 23.30
N GLY C 130 35.67 -36.75 22.81
CA GLY C 130 36.67 -37.26 21.87
C GLY C 130 38.05 -37.46 22.44
N CYS C 131 38.14 -37.98 23.67
CA CYS C 131 39.43 -38.28 24.29
C CYS C 131 39.94 -39.58 23.68
N VAL C 132 40.76 -39.44 22.64
CA VAL C 132 41.29 -40.63 21.95
C VAL C 132 42.31 -41.35 22.84
N GLU C 133 43.15 -40.59 23.54
CA GLU C 133 44.19 -41.22 24.37
C GLU C 133 43.57 -41.97 25.54
N GLU C 134 42.47 -41.46 26.10
CA GLU C 134 41.80 -42.17 27.18
C GLU C 134 41.25 -43.51 26.70
N LEU C 135 40.70 -43.55 25.49
CA LEU C 135 40.13 -44.78 24.98
C LEU C 135 41.20 -45.78 24.54
N VAL C 136 42.33 -45.30 23.98
CA VAL C 136 43.39 -46.24 23.64
C VAL C 136 44.06 -46.79 24.89
N GLU C 137 43.96 -46.07 26.03
CA GLU C 137 44.37 -46.66 27.29
C GLU C 137 43.32 -47.62 27.82
N LEU C 138 42.04 -47.31 27.60
CA LEU C 138 40.96 -48.14 28.12
C LEU C 138 40.88 -49.47 27.38
N LEU C 139 41.14 -49.46 26.07
CA LEU C 139 41.11 -50.71 25.31
C LEU C 139 42.35 -51.55 25.55
N VAL C 140 43.31 -51.05 26.33
CA VAL C 140 44.44 -51.87 26.77
C VAL C 140 44.19 -52.38 28.19
N GLU C 141 43.47 -51.61 29.00
CA GLU C 141 43.24 -52.00 30.39
C GLU C 141 42.04 -52.93 30.55
N LEU C 142 40.96 -52.69 29.80
CA LEU C 142 39.68 -53.36 30.08
C LEU C 142 39.73 -54.84 29.71
N GLN C 143 40.23 -55.15 28.50
CA GLN C 143 40.19 -56.54 28.04
C GLN C 143 41.11 -57.45 28.86
N GLU C 144 42.12 -56.89 29.52
CA GLU C 144 42.94 -57.69 30.43
C GLU C 144 42.12 -58.15 31.62
N LEU C 145 41.25 -57.29 32.14
CA LEU C 145 40.33 -57.70 33.20
C LEU C 145 39.24 -58.62 32.65
N CYS C 146 38.89 -58.47 31.37
CA CYS C 146 37.88 -59.33 30.78
C CYS C 146 38.36 -60.77 30.67
N ARG C 147 39.63 -60.97 30.32
CA ARG C 147 40.20 -62.30 30.21
C ARG C 147 40.28 -62.98 31.58
N MET C 159 29.83 -61.67 26.95
CA MET C 159 28.96 -60.50 27.01
C MET C 159 29.70 -59.33 27.64
N HIS C 160 29.55 -58.14 27.07
CA HIS C 160 30.21 -56.96 27.61
C HIS C 160 29.19 -55.82 27.61
N LYS C 161 28.75 -55.41 28.80
CA LYS C 161 27.74 -54.37 28.94
C LYS C 161 28.42 -53.01 28.83
N LEU C 162 28.76 -52.63 27.61
CA LEU C 162 29.42 -51.34 27.38
C LEU C 162 28.41 -50.20 27.29
N THR C 163 27.16 -50.53 27.03
CA THR C 163 26.13 -49.51 26.88
C THR C 163 25.84 -48.86 28.24
N ALA C 164 24.83 -47.99 28.27
CA ALA C 164 24.45 -47.28 29.49
C ALA C 164 23.58 -48.12 30.42
N SER C 165 23.07 -49.27 29.94
CA SER C 165 22.37 -50.27 30.76
C SER C 165 21.05 -49.76 31.35
N ASP C 166 20.62 -48.57 30.96
CA ASP C 166 19.31 -48.08 31.40
C ASP C 166 18.44 -47.61 30.25
N THR C 167 19.03 -46.96 29.24
CA THR C 167 18.32 -46.55 28.04
C THR C 167 18.84 -47.22 26.79
N GLY C 168 19.92 -48.00 26.88
CA GLY C 168 20.49 -48.64 25.72
C GLY C 168 21.44 -47.78 24.92
N LYS C 169 21.80 -46.59 25.41
CA LYS C 169 22.66 -45.68 24.68
C LYS C 169 24.09 -46.18 24.74
N THR C 170 24.52 -46.88 23.68
CA THR C 170 25.89 -47.37 23.59
C THR C 170 26.82 -46.20 23.26
N CYS C 171 28.12 -46.41 23.51
CA CYS C 171 29.10 -45.36 23.30
C CYS C 171 29.25 -44.96 21.83
N LEU C 172 28.75 -45.78 20.90
CA LEU C 172 28.75 -45.37 19.50
C LEU C 172 27.91 -44.12 19.28
N MET C 173 26.65 -44.16 19.74
CA MET C 173 25.81 -42.98 19.65
C MET C 173 26.40 -41.82 20.42
N LYS C 174 26.80 -42.07 21.68
CA LYS C 174 27.36 -41.01 22.52
C LYS C 174 28.56 -40.34 21.85
N ALA C 175 29.31 -41.09 21.04
CA ALA C 175 30.36 -40.49 20.25
C ALA C 175 29.81 -39.73 19.05
N LEU C 176 28.61 -40.09 18.59
CA LEU C 176 28.12 -39.57 17.31
C LEU C 176 27.08 -38.45 17.43
N LEU C 177 26.46 -38.22 18.60
CA LEU C 177 25.62 -37.02 18.71
C LEU C 177 26.46 -35.75 18.59
N ASN C 178 27.62 -35.76 19.25
CA ASN C 178 28.52 -34.63 19.19
C ASN C 178 29.72 -35.00 18.35
N ILE C 179 29.74 -34.55 17.10
CA ILE C 179 30.83 -34.89 16.19
C ILE C 179 32.00 -33.96 16.50
N ASN C 180 32.92 -34.43 17.33
CA ASN C 180 34.14 -33.70 17.63
C ASN C 180 35.13 -33.88 16.48
N PRO C 181 36.15 -33.02 16.39
CA PRO C 181 37.10 -33.13 15.27
C PRO C 181 37.78 -34.48 15.15
N ASN C 182 38.01 -35.17 16.26
CA ASN C 182 38.62 -36.51 16.25
C ASN C 182 37.51 -37.54 16.39
N THR C 183 36.86 -37.85 15.27
CA THR C 183 35.76 -38.80 15.25
C THR C 183 36.07 -40.07 14.45
N LYS C 184 37.00 -40.01 13.50
CA LYS C 184 37.25 -41.16 12.64
C LYS C 184 37.99 -42.26 13.40
N GLU C 185 39.10 -41.92 14.04
CA GLU C 185 39.96 -42.94 14.64
C GLU C 185 39.30 -43.57 15.86
N ILE C 186 38.52 -42.79 16.61
CA ILE C 186 37.91 -43.30 17.83
C ILE C 186 36.87 -44.37 17.51
N VAL C 187 36.02 -44.14 16.52
CA VAL C 187 35.05 -45.16 16.13
C VAL C 187 35.74 -46.31 15.43
N ARG C 188 36.86 -46.06 14.75
CA ARG C 188 37.59 -47.13 14.09
C ARG C 188 38.19 -48.09 15.10
N ILE C 189 38.83 -47.56 16.15
CA ILE C 189 39.42 -48.43 17.16
C ILE C 189 38.34 -49.08 18.02
N LEU C 190 37.19 -48.40 18.19
CA LEU C 190 36.10 -49.02 18.93
C LEU C 190 35.54 -50.22 18.18
N LEU C 191 35.37 -50.09 16.87
CA LEU C 191 34.91 -51.22 16.07
C LEU C 191 35.98 -52.31 15.96
N ALA C 192 37.27 -51.92 15.99
CA ALA C 192 38.34 -52.90 16.00
C ALA C 192 38.31 -53.71 17.30
N PHE C 193 38.06 -53.06 18.43
CA PHE C 193 37.91 -53.78 19.69
C PHE C 193 36.65 -54.64 19.68
N ALA C 194 35.59 -54.16 19.01
CA ALA C 194 34.36 -54.94 18.91
C ALA C 194 34.58 -56.22 18.10
N GLU C 195 35.27 -56.11 16.96
CA GLU C 195 35.52 -57.28 16.14
C GLU C 195 36.60 -58.19 16.71
N GLU C 196 37.44 -57.67 17.62
CA GLU C 196 38.42 -58.52 18.28
C GLU C 196 37.75 -59.45 19.28
N ASN C 197 36.64 -59.02 19.88
CA ASN C 197 35.89 -59.82 20.84
C ASN C 197 34.75 -60.59 20.21
N ASP C 198 34.67 -60.61 18.87
CA ASP C 198 33.61 -61.28 18.12
C ASP C 198 32.23 -60.77 18.53
N ILE C 199 32.13 -59.46 18.74
CA ILE C 199 30.88 -58.81 19.11
C ILE C 199 30.47 -57.73 18.13
N LEU C 200 31.31 -57.44 17.11
CA LEU C 200 30.98 -56.40 16.14
C LEU C 200 29.70 -56.72 15.40
N GLY C 201 29.47 -57.99 15.08
CA GLY C 201 28.24 -58.39 14.43
C GLY C 201 27.05 -58.56 15.33
N ARG C 202 27.19 -58.26 16.63
CA ARG C 202 26.13 -58.46 17.60
C ARG C 202 25.46 -57.16 18.03
N PHE C 203 26.24 -56.18 18.47
CA PHE C 203 25.70 -54.95 19.04
C PHE C 203 25.86 -53.74 18.11
N ILE C 204 26.20 -53.97 16.84
CA ILE C 204 26.30 -52.85 15.89
C ILE C 204 24.92 -52.22 15.69
N ASN C 205 23.87 -53.03 15.68
CA ASN C 205 22.50 -52.54 15.63
C ASN C 205 21.94 -52.36 17.03
N ALA C 206 22.63 -51.55 17.84
CA ALA C 206 22.20 -51.33 19.22
C ALA C 206 20.86 -50.59 19.25
N GLU C 207 20.06 -50.90 20.25
CA GLU C 207 18.70 -50.39 20.35
C GLU C 207 18.62 -49.37 21.48
N TYR C 208 18.21 -48.15 21.13
CA TYR C 208 18.00 -47.11 22.13
C TYR C 208 16.65 -47.42 22.70
N THR C 209 16.62 -48.31 23.67
CA THR C 209 15.37 -48.78 24.27
C THR C 209 14.91 -47.78 25.32
N GLU C 210 14.17 -46.77 24.87
CA GLU C 210 13.53 -45.82 25.77
C GLU C 210 12.12 -45.55 25.24
N GLU C 211 11.24 -45.14 26.15
CA GLU C 211 9.82 -44.99 25.82
C GLU C 211 9.57 -43.92 24.76
N ALA C 212 10.53 -43.05 24.50
CA ALA C 212 10.37 -42.02 23.48
C ALA C 212 10.90 -42.46 22.12
N TYR C 213 12.11 -43.05 22.09
CA TYR C 213 12.75 -43.43 20.84
C TYR C 213 12.52 -44.89 20.48
N GLU C 214 12.99 -45.81 21.33
CA GLU C 214 12.69 -47.25 21.24
C GLU C 214 13.18 -47.91 19.95
N GLY C 215 13.80 -47.14 19.05
CA GLY C 215 14.19 -47.73 17.77
C GLY C 215 15.45 -47.21 17.13
N GLN C 216 16.22 -46.39 17.84
CA GLN C 216 17.40 -45.79 17.24
C GLN C 216 18.52 -46.81 17.10
N THR C 217 19.37 -46.60 16.09
CA THR C 217 20.59 -47.36 15.90
C THR C 217 21.74 -46.38 15.67
N ALA C 218 22.96 -46.92 15.58
CA ALA C 218 24.11 -46.07 15.31
C ALA C 218 24.07 -45.50 13.91
N LEU C 219 23.55 -46.27 12.95
CA LEU C 219 23.49 -45.82 11.57
C LEU C 219 22.54 -44.64 11.41
N ASN C 220 21.42 -44.65 12.14
CA ASN C 220 20.45 -43.55 12.06
C ASN C 220 21.08 -42.24 12.51
N ILE C 221 21.79 -42.26 13.64
CA ILE C 221 22.42 -41.05 14.15
C ILE C 221 23.55 -40.62 13.22
N ALA C 222 24.29 -41.58 12.68
CA ALA C 222 25.39 -41.25 11.77
C ALA C 222 24.89 -40.57 10.51
N ILE C 223 23.77 -41.03 9.95
CA ILE C 223 23.21 -40.39 8.77
C ILE C 223 22.67 -39.01 9.09
N GLU C 224 22.00 -38.87 10.25
CA GLU C 224 21.42 -37.58 10.61
C GLU C 224 22.47 -36.49 10.78
N ARG C 225 23.62 -36.81 11.38
CA ARG C 225 24.62 -35.83 11.75
C ARG C 225 25.44 -35.34 10.55
N ARG C 226 24.93 -35.52 9.33
CA ARG C 226 25.57 -35.10 8.09
C ARG C 226 26.93 -35.75 7.89
N GLN C 227 27.12 -36.95 8.45
CA GLN C 227 28.38 -37.68 8.34
C GLN C 227 28.17 -38.86 7.40
N GLY C 228 28.80 -38.79 6.23
CA GLY C 228 28.64 -39.85 5.24
C GLY C 228 29.76 -40.87 5.28
N ASP C 229 30.96 -40.42 5.59
CA ASP C 229 32.09 -41.34 5.70
C ASP C 229 31.79 -42.37 6.77
N ILE C 230 31.50 -41.89 7.97
CA ILE C 230 31.26 -42.80 9.09
C ILE C 230 30.10 -43.73 8.77
N ALA C 231 29.05 -43.20 8.11
CA ALA C 231 27.94 -44.04 7.70
C ALA C 231 28.37 -45.08 6.67
N ALA C 232 29.26 -44.68 5.75
CA ALA C 232 29.78 -45.64 4.78
C ALA C 232 30.60 -46.72 5.46
N LEU C 233 31.40 -46.35 6.46
CA LEU C 233 32.20 -47.33 7.18
C LEU C 233 31.31 -48.28 7.97
N LEU C 234 30.25 -47.75 8.57
CA LEU C 234 29.31 -48.60 9.31
C LEU C 234 28.57 -49.54 8.38
N ILE C 235 28.21 -49.08 7.19
CA ILE C 235 27.53 -49.94 6.22
C ILE C 235 28.47 -51.04 5.74
N ALA C 236 29.73 -50.69 5.47
CA ALA C 236 30.70 -51.69 5.03
C ALA C 236 30.99 -52.69 6.13
N ALA C 237 31.01 -52.24 7.39
CA ALA C 237 31.23 -53.16 8.50
C ALA C 237 30.04 -54.09 8.71
N GLY C 238 28.84 -53.65 8.35
CA GLY C 238 27.66 -54.47 8.50
C GLY C 238 26.70 -53.96 9.55
N ALA C 239 25.64 -53.28 9.11
CA ALA C 239 24.63 -52.73 9.99
C ALA C 239 23.25 -53.10 9.46
N ASP C 240 22.22 -52.74 10.22
CA ASP C 240 20.84 -53.00 9.83
C ASP C 240 20.41 -51.91 8.87
N VAL C 241 20.36 -52.25 7.57
CA VAL C 241 20.03 -51.26 6.56
C VAL C 241 18.58 -50.79 6.69
N ASN C 242 17.66 -51.71 6.91
CA ASN C 242 16.24 -51.39 7.10
C ASN C 242 15.92 -51.59 8.59
N ALA C 243 16.16 -50.55 9.37
CA ALA C 243 15.93 -50.58 10.82
C ALA C 243 14.80 -49.61 11.15
N HIS C 244 13.65 -50.14 11.54
CA HIS C 244 12.50 -49.32 11.88
C HIS C 244 12.71 -48.68 13.24
N ALA C 245 12.77 -47.34 13.26
CA ALA C 245 12.92 -46.59 14.49
C ALA C 245 11.54 -46.20 15.03
N LYS C 246 10.84 -47.20 15.54
CA LYS C 246 9.48 -47.02 16.02
C LYS C 246 9.50 -46.41 17.42
N GLY C 247 8.87 -45.24 17.56
CA GLY C 247 8.84 -44.57 18.85
C GLY C 247 7.76 -43.52 18.89
N ALA C 248 7.43 -43.11 20.12
CA ALA C 248 6.40 -42.09 20.30
C ALA C 248 6.89 -40.71 19.87
N PHE C 249 8.13 -40.37 20.21
CA PHE C 249 8.71 -39.10 19.77
C PHE C 249 8.93 -39.10 18.27
N PHE C 250 9.27 -40.25 17.70
CA PHE C 250 9.49 -40.37 16.26
C PHE C 250 8.19 -40.41 15.48
N ASN C 251 7.06 -40.60 16.16
CA ASN C 251 5.74 -40.58 15.54
C ASN C 251 4.88 -39.58 16.30
N PRO C 252 5.11 -38.28 16.07
CA PRO C 252 4.40 -37.26 16.84
C PRO C 252 2.94 -37.15 16.40
N LYS C 253 2.09 -36.74 17.36
CA LYS C 253 0.68 -36.55 17.05
C LYS C 253 0.47 -35.35 16.14
N TYR C 254 1.23 -34.28 16.36
CA TYR C 254 1.17 -33.07 15.55
C TYR C 254 2.54 -32.85 14.90
N GLN C 255 2.69 -31.73 14.20
CA GLN C 255 3.97 -31.44 13.57
C GLN C 255 4.98 -30.92 14.58
N HIS C 256 4.54 -30.06 15.48
CA HIS C 256 5.46 -29.44 16.42
C HIS C 256 5.86 -30.36 17.57
N GLU C 257 5.19 -31.50 17.74
CA GLU C 257 5.52 -32.38 18.85
C GLU C 257 6.86 -33.07 18.67
N GLY C 258 7.22 -33.40 17.45
CA GLY C 258 8.47 -34.10 17.20
C GLY C 258 8.88 -34.06 15.76
N PHE C 259 9.82 -34.93 15.40
CA PHE C 259 10.37 -35.00 14.06
C PHE C 259 9.99 -36.34 13.44
N TYR C 260 9.32 -36.28 12.29
CA TYR C 260 8.95 -37.47 11.54
C TYR C 260 9.76 -37.53 10.25
N PHE C 261 10.45 -38.65 10.03
CA PHE C 261 11.34 -38.80 8.89
C PHE C 261 11.16 -40.13 8.18
N GLY C 262 10.05 -40.83 8.41
CA GLY C 262 9.80 -42.12 7.81
C GLY C 262 10.26 -43.30 8.64
N GLU C 263 10.99 -43.05 9.74
CA GLU C 263 11.39 -44.09 10.70
C GLU C 263 12.27 -45.16 10.04
N THR C 264 13.02 -44.75 9.02
CA THR C 264 13.95 -45.64 8.35
C THR C 264 15.19 -44.86 7.99
N PRO C 265 16.36 -45.50 7.96
CA PRO C 265 17.59 -44.79 7.56
C PRO C 265 17.53 -44.25 6.13
N LEU C 266 16.88 -44.98 5.22
CA LEU C 266 16.79 -44.52 3.84
C LEU C 266 15.93 -43.26 3.73
N ALA C 267 14.75 -43.27 4.36
CA ALA C 267 13.89 -42.09 4.34
C ALA C 267 14.47 -40.95 5.17
N LEU C 268 15.28 -41.26 6.18
CA LEU C 268 15.95 -40.20 6.93
C LEU C 268 17.03 -39.53 6.07
N ALA C 269 17.78 -40.31 5.31
CA ALA C 269 18.77 -39.75 4.40
C ALA C 269 18.11 -38.90 3.32
N ALA C 270 16.96 -39.36 2.81
CA ALA C 270 16.26 -38.58 1.79
C ALA C 270 15.60 -37.35 2.38
N CYS C 271 15.18 -37.40 3.65
CA CYS C 271 14.48 -36.26 4.24
C CYS C 271 15.44 -35.12 4.55
N THR C 272 16.62 -35.42 5.10
CA THR C 272 17.56 -34.38 5.51
C THR C 272 18.60 -34.08 4.43
N ASN C 273 18.12 -33.93 3.18
CA ASN C 273 18.89 -33.45 2.03
C ASN C 273 20.31 -34.01 1.99
N GLN C 274 20.40 -35.32 1.88
CA GLN C 274 21.69 -36.02 1.83
C GLN C 274 21.74 -36.87 0.56
N PRO C 275 22.12 -36.27 -0.57
CA PRO C 275 22.13 -37.03 -1.82
C PRO C 275 23.16 -38.15 -1.85
N GLU C 276 24.38 -37.90 -1.39
CA GLU C 276 25.42 -38.94 -1.44
C GLU C 276 25.04 -40.15 -0.58
N ILE C 277 24.48 -39.89 0.61
CA ILE C 277 24.13 -40.98 1.51
C ILE C 277 22.95 -41.79 0.96
N VAL C 278 21.98 -41.11 0.35
CA VAL C 278 20.81 -41.83 -0.16
C VAL C 278 21.18 -42.63 -1.42
N GLN C 279 22.18 -42.15 -2.19
CA GLN C 279 22.71 -42.99 -3.28
C GLN C 279 23.40 -44.22 -2.72
N LEU C 280 24.19 -44.06 -1.66
CA LEU C 280 24.87 -45.20 -1.05
C LEU C 280 23.86 -46.18 -0.47
N LEU C 281 22.80 -45.67 0.15
CA LEU C 281 21.78 -46.54 0.75
C LEU C 281 20.98 -47.28 -0.31
N MET C 282 20.63 -46.60 -1.41
CA MET C 282 19.82 -47.23 -2.44
C MET C 282 20.63 -48.21 -3.27
N GLU C 283 21.92 -47.95 -3.46
CA GLU C 283 22.79 -48.87 -4.20
C GLU C 283 23.33 -49.93 -3.24
N HIS C 284 22.43 -50.80 -2.80
CA HIS C 284 22.78 -51.88 -1.89
C HIS C 284 21.85 -53.05 -2.14
N GLU C 285 22.21 -54.19 -1.55
CA GLU C 285 21.47 -55.43 -1.83
C GLU C 285 20.20 -55.53 -1.00
N GLN C 286 20.32 -55.49 0.32
CA GLN C 286 19.20 -55.74 1.22
C GLN C 286 18.50 -54.46 1.67
N THR C 287 18.56 -53.40 0.87
CA THR C 287 17.85 -52.16 1.19
C THR C 287 16.39 -52.32 0.79
N ASP C 288 15.52 -52.51 1.78
CA ASP C 288 14.09 -52.69 1.55
C ASP C 288 13.49 -51.32 1.21
N ILE C 289 13.47 -51.01 -0.08
CA ILE C 289 12.91 -49.73 -0.52
C ILE C 289 11.41 -49.70 -0.32
N THR C 290 10.72 -50.77 -0.70
CA THR C 290 9.28 -50.85 -0.52
C THR C 290 8.91 -51.34 0.88
N SER C 291 9.43 -50.66 1.90
CA SER C 291 9.16 -50.99 3.29
C SER C 291 8.39 -49.85 3.94
N ARG C 292 7.36 -50.21 4.71
CA ARG C 292 6.49 -49.23 5.35
C ARG C 292 6.66 -49.30 6.86
N ASP C 293 6.69 -48.12 7.49
CA ASP C 293 6.89 -48.02 8.93
C ASP C 293 5.58 -48.26 9.68
N SER C 294 5.55 -47.88 10.97
CA SER C 294 4.36 -48.12 11.79
C SER C 294 3.14 -47.39 11.24
N ARG C 295 3.33 -46.16 10.75
CA ARG C 295 2.24 -45.44 10.10
C ARG C 295 1.89 -46.01 8.75
N GLY C 296 2.68 -46.93 8.21
CA GLY C 296 2.48 -47.44 6.87
C GLY C 296 3.05 -46.55 5.78
N ASN C 297 3.73 -45.47 6.13
CA ASN C 297 4.27 -44.56 5.14
C ASN C 297 5.46 -45.18 4.42
N ASN C 298 5.55 -44.94 3.12
CA ASN C 298 6.70 -45.33 2.33
C ASN C 298 7.72 -44.21 2.34
N ILE C 299 8.73 -44.29 1.46
CA ILE C 299 9.70 -43.22 1.35
C ILE C 299 9.04 -41.95 0.79
N LEU C 300 8.17 -42.11 -0.19
CA LEU C 300 7.54 -40.96 -0.83
C LEU C 300 6.50 -40.31 0.07
N HIS C 301 5.81 -41.12 0.89
CA HIS C 301 4.94 -40.54 1.91
C HIS C 301 5.73 -39.70 2.89
N ALA C 302 6.90 -40.19 3.30
CA ALA C 302 7.75 -39.43 4.22
C ALA C 302 8.24 -38.14 3.57
N LEU C 303 8.61 -38.21 2.28
CA LEU C 303 9.03 -36.99 1.58
C LEU C 303 7.89 -36.01 1.42
N VAL C 304 6.66 -36.50 1.29
CA VAL C 304 5.50 -35.61 1.19
C VAL C 304 5.24 -34.94 2.54
N THR C 305 5.33 -35.69 3.63
CA THR C 305 5.01 -35.15 4.96
C THR C 305 6.03 -34.16 5.47
N VAL C 306 7.21 -34.06 4.85
CA VAL C 306 8.25 -33.14 5.29
C VAL C 306 8.40 -31.97 4.33
N ALA C 307 7.43 -31.77 3.44
CA ALA C 307 7.49 -30.68 2.48
C ALA C 307 6.87 -29.42 3.09
N GLU C 308 6.66 -28.40 2.26
CA GLU C 308 6.07 -27.14 2.70
C GLU C 308 4.89 -26.80 1.81
N ASP C 309 3.90 -26.11 2.40
CA ASP C 309 2.72 -25.71 1.64
C ASP C 309 3.08 -24.72 0.53
N PHE C 310 3.94 -23.77 0.83
CA PHE C 310 4.40 -22.79 -0.15
C PHE C 310 5.83 -23.11 -0.57
N LYS C 311 6.13 -22.89 -1.85
CA LYS C 311 7.46 -23.17 -2.37
C LYS C 311 8.45 -22.12 -1.86
N THR C 312 9.58 -22.59 -1.36
CA THR C 312 10.65 -21.71 -0.88
C THR C 312 11.70 -21.41 -1.95
N GLN C 313 11.42 -21.80 -3.20
CA GLN C 313 12.26 -21.62 -4.39
C GLN C 313 13.55 -22.43 -4.34
N ASN C 314 13.85 -23.11 -3.24
CA ASN C 314 15.01 -23.99 -3.10
C ASN C 314 14.58 -25.35 -2.58
N ASP C 315 13.45 -25.84 -3.07
CA ASP C 315 12.88 -27.09 -2.57
C ASP C 315 13.73 -28.28 -3.02
N PHE C 316 14.10 -29.12 -2.06
CA PHE C 316 14.85 -30.34 -2.35
C PHE C 316 14.01 -31.60 -2.23
N VAL C 317 12.88 -31.54 -1.53
CA VAL C 317 12.02 -32.71 -1.39
C VAL C 317 11.42 -33.10 -2.74
N LYS C 318 11.10 -32.10 -3.57
CA LYS C 318 10.56 -32.39 -4.89
C LYS C 318 11.58 -33.08 -5.77
N ARG C 319 12.81 -32.56 -5.79
CA ARG C 319 13.85 -33.15 -6.64
C ARG C 319 14.33 -34.49 -6.09
N MET C 320 14.24 -34.69 -4.78
CA MET C 320 14.60 -36.00 -4.22
C MET C 320 13.50 -37.02 -4.47
N TYR C 321 12.25 -36.57 -4.45
CA TYR C 321 11.14 -37.41 -4.91
C TYR C 321 11.36 -37.85 -6.35
N ASP C 322 11.77 -36.90 -7.20
CA ASP C 322 12.03 -37.20 -8.60
C ASP C 322 13.17 -38.20 -8.75
N MET C 323 14.28 -37.96 -8.04
CA MET C 323 15.45 -38.82 -8.16
C MET C 323 15.16 -40.24 -7.66
N ILE C 324 14.46 -40.36 -6.53
CA ILE C 324 14.14 -41.67 -5.99
C ILE C 324 13.20 -42.43 -6.93
N LEU C 325 12.23 -41.72 -7.52
CA LEU C 325 11.29 -42.37 -8.43
C LEU C 325 11.99 -42.93 -9.66
N LEU C 326 12.90 -42.15 -10.26
CA LEU C 326 13.59 -42.62 -11.46
C LEU C 326 14.63 -43.68 -11.15
N ARG C 327 15.31 -43.58 -10.00
CA ARG C 327 16.38 -44.52 -9.71
C ARG C 327 15.87 -45.92 -9.36
N SER C 328 14.70 -46.02 -8.74
CA SER C 328 14.18 -47.33 -8.38
C SER C 328 12.66 -47.26 -8.29
N GLY C 329 12.03 -48.42 -8.46
CA GLY C 329 10.58 -48.52 -8.38
C GLY C 329 9.90 -48.10 -9.66
N ASN C 330 8.97 -48.92 -10.16
CA ASN C 330 8.24 -48.58 -11.37
C ASN C 330 6.84 -48.03 -11.07
N TRP C 331 5.98 -48.85 -10.47
CA TRP C 331 4.67 -48.36 -10.05
C TRP C 331 4.21 -48.88 -8.70
N GLU C 332 4.69 -50.03 -8.22
CA GLU C 332 4.27 -50.52 -6.91
C GLU C 332 4.85 -49.68 -5.79
N LEU C 333 5.93 -48.94 -6.07
CA LEU C 333 6.51 -48.07 -5.06
C LEU C 333 5.61 -46.88 -4.75
N GLU C 334 4.83 -46.43 -5.72
CA GLU C 334 3.86 -45.36 -5.51
C GLU C 334 2.43 -45.87 -5.31
N THR C 335 2.17 -47.14 -5.59
CA THR C 335 0.84 -47.72 -5.37
C THR C 335 0.63 -48.16 -3.93
N THR C 336 1.70 -48.26 -3.13
CA THR C 336 1.55 -48.65 -1.74
C THR C 336 0.74 -47.61 -0.98
N ARG C 337 -0.23 -48.06 -0.21
CA ARG C 337 -1.17 -47.19 0.48
C ARG C 337 -0.77 -47.01 1.93
N ASN C 338 -1.03 -45.81 2.46
CA ASN C 338 -0.86 -45.53 3.87
C ASN C 338 -1.84 -46.35 4.69
N ASN C 339 -1.62 -46.39 6.01
CA ASN C 339 -2.57 -47.03 6.90
C ASN C 339 -3.92 -46.32 6.88
N ASP C 340 -3.92 -45.03 6.55
CA ASP C 340 -5.17 -44.32 6.30
C ASP C 340 -5.78 -44.73 4.96
N GLY C 341 -5.01 -45.33 4.08
CA GLY C 341 -5.50 -45.76 2.78
C GLY C 341 -5.27 -44.74 1.68
N LEU C 342 -4.08 -44.14 1.65
CA LEU C 342 -3.76 -43.08 0.71
C LEU C 342 -2.47 -43.38 -0.02
N THR C 343 -2.45 -43.11 -1.32
CA THR C 343 -1.22 -43.11 -2.10
C THR C 343 -0.46 -41.81 -1.84
N PRO C 344 0.82 -41.74 -2.23
CA PRO C 344 1.54 -40.47 -2.08
C PRO C 344 0.89 -39.31 -2.81
N LEU C 345 0.20 -39.59 -3.92
CA LEU C 345 -0.53 -38.54 -4.63
C LEU C 345 -1.66 -38.00 -3.77
N GLN C 346 -2.51 -38.89 -3.25
CA GLN C 346 -3.62 -38.46 -2.40
C GLN C 346 -3.11 -37.85 -1.10
N LEU C 347 -2.01 -38.37 -0.56
CA LEU C 347 -1.44 -37.81 0.66
C LEU C 347 -0.93 -36.39 0.42
N ALA C 348 -0.28 -36.15 -0.72
CA ALA C 348 0.18 -34.81 -1.04
C ALA C 348 -0.97 -33.86 -1.27
N ALA C 349 -2.10 -34.36 -1.78
CA ALA C 349 -3.26 -33.50 -1.94
C ALA C 349 -3.94 -33.21 -0.62
N LYS C 350 -3.99 -34.19 0.29
CA LYS C 350 -4.69 -34.00 1.56
C LYS C 350 -3.87 -33.14 2.52
N MET C 351 -2.56 -33.38 2.61
CA MET C 351 -1.75 -32.64 3.57
C MET C 351 -1.63 -31.17 3.22
N GLY C 352 -1.71 -30.83 1.94
CA GLY C 352 -1.61 -29.45 1.50
C GLY C 352 -0.37 -29.10 0.71
N LYS C 353 0.45 -30.08 0.33
CA LYS C 353 1.69 -29.82 -0.42
C LYS C 353 1.32 -29.50 -1.86
N ALA C 354 1.31 -28.21 -2.20
CA ALA C 354 0.87 -27.80 -3.54
C ALA C 354 1.93 -28.09 -4.60
N GLU C 355 3.20 -27.85 -4.29
CA GLU C 355 4.24 -28.00 -5.31
C GLU C 355 4.49 -29.46 -5.64
N ILE C 356 4.38 -30.35 -4.66
CA ILE C 356 4.56 -31.78 -4.94
C ILE C 356 3.39 -32.32 -5.75
N LEU C 357 2.17 -31.88 -5.42
CA LEU C 357 1.00 -32.28 -6.20
C LEU C 357 1.11 -31.76 -7.63
N LYS C 358 1.58 -30.52 -7.80
CA LYS C 358 1.77 -29.97 -9.14
C LYS C 358 2.80 -30.76 -9.93
N TYR C 359 3.90 -31.17 -9.26
CA TYR C 359 4.93 -31.93 -9.95
C TYR C 359 4.43 -33.31 -10.36
N ILE C 360 3.71 -34.00 -9.48
CA ILE C 360 3.26 -35.36 -9.79
C ILE C 360 2.18 -35.34 -10.87
N LEU C 361 1.23 -34.41 -10.76
CA LEU C 361 0.15 -34.34 -11.74
C LEU C 361 0.64 -33.92 -13.12
N SER C 362 1.81 -33.30 -13.21
CA SER C 362 2.39 -32.85 -14.48
C SER C 362 3.81 -33.38 -14.62
N ARG C 363 4.00 -34.67 -14.34
CA ARG C 363 5.30 -35.31 -14.43
C ARG C 363 5.49 -35.88 -15.83
N GLU C 364 6.37 -35.27 -16.61
CA GLU C 364 6.64 -35.69 -17.97
C GLU C 364 8.06 -36.24 -18.06
N ILE C 365 8.19 -37.48 -18.53
CA ILE C 365 9.48 -38.12 -18.76
C ILE C 365 9.56 -38.49 -20.24
N LYS C 366 10.59 -37.98 -20.92
CA LYS C 366 10.77 -38.21 -22.35
C LYS C 366 11.57 -39.46 -22.66
N GLU C 367 12.14 -40.12 -21.66
CA GLU C 367 12.92 -41.34 -21.89
C GLU C 367 11.99 -42.52 -22.10
N LYS C 368 12.35 -43.38 -23.05
CA LYS C 368 11.52 -44.54 -23.36
C LYS C 368 11.58 -45.58 -22.24
N ARG C 369 12.71 -45.69 -21.54
CA ARG C 369 12.81 -46.64 -20.44
C ARG C 369 11.90 -46.26 -19.29
N LEU C 370 11.79 -44.96 -19.00
CA LEU C 370 11.01 -44.46 -17.88
C LEU C 370 9.77 -43.70 -18.34
N ARG C 371 9.25 -44.04 -19.53
CA ARG C 371 8.03 -43.41 -20.02
C ARG C 371 6.80 -43.85 -19.22
N SER C 372 6.85 -45.06 -18.66
CA SER C 372 5.70 -45.57 -17.90
C SER C 372 5.52 -44.80 -16.59
N LEU C 373 6.58 -44.18 -16.08
CA LEU C 373 6.49 -43.40 -14.86
C LEU C 373 6.14 -41.96 -15.17
N SER C 374 5.09 -41.74 -15.96
CA SER C 374 4.71 -40.40 -16.38
C SER C 374 3.19 -40.27 -16.31
N ARG C 375 2.74 -39.01 -16.23
CA ARG C 375 1.31 -38.75 -16.17
C ARG C 375 0.89 -37.76 -17.25
N LYS C 376 1.82 -36.94 -17.72
CA LYS C 376 1.58 -36.00 -18.79
C LYS C 376 2.39 -36.39 -20.02
N PHE C 377 1.71 -36.50 -21.16
CA PHE C 377 2.37 -36.75 -22.43
C PHE C 377 1.96 -35.69 -23.42
N THR C 378 2.94 -35.06 -24.07
CA THR C 378 2.68 -34.04 -25.09
C THR C 378 2.47 -34.74 -26.42
N ASP C 379 1.22 -34.78 -26.88
CA ASP C 379 0.91 -35.43 -28.15
C ASP C 379 1.59 -34.70 -29.31
N TRP C 380 1.46 -33.38 -29.35
CA TRP C 380 2.17 -32.57 -30.33
C TRP C 380 2.31 -31.16 -29.79
N ALA C 381 3.42 -30.52 -30.16
CA ALA C 381 3.68 -29.14 -29.78
C ALA C 381 3.81 -28.29 -31.03
N TYR C 382 3.10 -27.16 -31.05
CA TYR C 382 3.11 -26.26 -32.20
C TYR C 382 3.25 -24.83 -31.66
N GLY C 383 4.49 -24.37 -31.54
CA GLY C 383 4.74 -23.03 -31.06
C GLY C 383 4.22 -22.78 -29.66
N PRO C 384 3.20 -21.93 -29.54
CA PRO C 384 2.64 -21.65 -28.21
C PRO C 384 1.58 -22.64 -27.76
N VAL C 385 0.94 -23.33 -28.70
CA VAL C 385 -0.09 -24.30 -28.36
C VAL C 385 0.56 -25.64 -28.06
N SER C 386 -0.13 -26.49 -27.31
CA SER C 386 0.37 -27.81 -26.95
C SER C 386 -0.78 -28.73 -26.62
N SER C 387 -0.60 -30.02 -26.94
CA SER C 387 -1.60 -31.04 -26.68
C SER C 387 -1.05 -31.98 -25.61
N SER C 388 -1.35 -31.70 -24.36
CA SER C 388 -0.88 -32.48 -23.22
C SER C 388 -1.91 -33.56 -22.90
N LEU C 389 -1.45 -34.79 -22.74
CA LEU C 389 -2.32 -35.93 -22.48
C LEU C 389 -2.20 -36.32 -21.01
N TYR C 390 -2.95 -35.60 -20.17
CA TYR C 390 -2.86 -35.78 -18.73
C TYR C 390 -3.50 -37.09 -18.30
N ASP C 391 -3.01 -37.63 -17.19
CA ASP C 391 -3.46 -38.92 -16.67
C ASP C 391 -4.46 -38.69 -15.54
N LEU C 392 -5.59 -39.38 -15.61
CA LEU C 392 -6.64 -39.29 -14.60
C LEU C 392 -6.90 -40.65 -13.98
N THR C 393 -5.84 -41.38 -13.65
CA THR C 393 -6.01 -42.72 -13.07
C THR C 393 -6.64 -42.64 -11.69
N ASN C 394 -6.17 -41.72 -10.85
CA ASN C 394 -6.72 -41.53 -9.51
C ASN C 394 -7.16 -40.09 -9.27
N VAL C 395 -7.31 -39.30 -10.33
CA VAL C 395 -7.65 -37.89 -10.22
C VAL C 395 -9.15 -37.65 -10.34
N ASP C 396 -9.79 -38.27 -11.34
CA ASP C 396 -11.22 -38.12 -11.52
C ASP C 396 -11.97 -38.78 -10.37
N THR C 397 -13.12 -38.20 -10.02
CA THR C 397 -13.90 -38.69 -8.89
C THR C 397 -14.79 -39.86 -9.29
N THR C 398 -14.20 -40.86 -9.93
CA THR C 398 -14.89 -42.11 -10.23
C THR C 398 -14.46 -43.26 -9.33
N THR C 399 -13.29 -43.16 -8.71
CA THR C 399 -12.82 -44.15 -7.76
C THR C 399 -13.19 -43.70 -6.34
N ASP C 400 -12.63 -44.37 -5.34
CA ASP C 400 -12.86 -44.03 -3.95
C ASP C 400 -11.73 -43.15 -3.45
N ASN C 401 -12.10 -42.04 -2.77
CA ASN C 401 -11.14 -41.09 -2.21
C ASN C 401 -10.22 -40.53 -3.30
N SER C 402 -10.82 -39.97 -4.34
CA SER C 402 -10.06 -39.43 -5.46
C SER C 402 -9.32 -38.16 -5.04
N VAL C 403 -8.37 -37.75 -5.88
CA VAL C 403 -7.57 -36.56 -5.59
C VAL C 403 -8.42 -35.30 -5.69
N LEU C 404 -9.34 -35.26 -6.65
CA LEU C 404 -10.20 -34.09 -6.81
C LEU C 404 -11.12 -33.91 -5.62
N GLU C 405 -11.75 -35.00 -5.17
CA GLU C 405 -12.61 -34.93 -3.99
C GLU C 405 -11.80 -34.57 -2.74
N ILE C 406 -10.59 -35.11 -2.63
CA ILE C 406 -9.74 -34.81 -1.49
C ILE C 406 -9.33 -33.34 -1.48
N THR C 407 -8.95 -32.81 -2.65
CA THR C 407 -8.48 -31.44 -2.72
C THR C 407 -9.61 -30.42 -2.72
N VAL C 408 -10.87 -30.87 -2.79
CA VAL C 408 -12.00 -29.94 -2.76
C VAL C 408 -12.77 -29.99 -1.44
N TYR C 409 -12.55 -31.01 -0.61
CA TYR C 409 -13.32 -31.19 0.63
C TYR C 409 -12.48 -30.96 1.88
N ASN C 410 -11.30 -30.36 1.76
CA ASN C 410 -10.39 -30.14 2.87
C ASN C 410 -10.00 -28.67 2.97
N THR C 411 -11.01 -27.79 3.00
CA THR C 411 -10.79 -26.35 3.03
C THR C 411 -10.05 -25.88 4.29
N ASN C 412 -10.07 -26.68 5.36
CA ASN C 412 -9.54 -26.25 6.65
C ASN C 412 -8.03 -25.98 6.65
N ILE C 413 -7.31 -26.41 5.61
CA ILE C 413 -5.89 -26.09 5.47
C ILE C 413 -5.66 -24.82 4.65
N ASP C 414 -6.70 -24.31 3.99
CA ASP C 414 -6.76 -22.96 3.41
C ASP C 414 -5.92 -22.84 2.14
N ASN C 415 -5.10 -23.85 1.84
CA ASN C 415 -4.27 -23.86 0.66
C ASN C 415 -4.93 -24.59 -0.51
N ARG C 416 -6.25 -24.56 -0.61
CA ARG C 416 -6.97 -25.38 -1.59
C ARG C 416 -7.53 -24.56 -2.75
N HIS C 417 -6.87 -23.47 -3.13
CA HIS C 417 -7.16 -22.80 -4.40
C HIS C 417 -5.92 -22.67 -5.28
N GLU C 418 -4.77 -22.34 -4.70
CA GLU C 418 -3.52 -22.46 -5.43
C GLU C 418 -3.20 -23.91 -5.77
N MET C 419 -3.76 -24.84 -5.02
CA MET C 419 -3.71 -26.27 -5.34
C MET C 419 -4.84 -26.68 -6.27
N LEU C 420 -5.99 -26.03 -6.17
CA LEU C 420 -7.10 -26.31 -7.08
C LEU C 420 -6.92 -25.69 -8.46
N THR C 421 -6.03 -24.71 -8.60
CA THR C 421 -5.81 -24.05 -9.88
C THR C 421 -4.86 -24.82 -10.79
N LEU C 422 -4.33 -25.95 -10.34
CA LEU C 422 -3.48 -26.77 -11.19
C LEU C 422 -4.28 -27.29 -12.38
N GLU C 423 -3.57 -27.51 -13.49
CA GLU C 423 -4.23 -27.78 -14.76
C GLU C 423 -5.11 -29.03 -14.75
N PRO C 424 -4.66 -30.21 -14.33
CA PRO C 424 -5.53 -31.39 -14.41
C PRO C 424 -6.75 -31.31 -13.51
N LEU C 425 -6.74 -30.46 -12.49
CA LEU C 425 -7.91 -30.25 -11.64
C LEU C 425 -8.78 -29.11 -12.16
N HIS C 426 -8.16 -28.03 -12.64
CA HIS C 426 -8.91 -26.87 -13.10
C HIS C 426 -9.73 -27.20 -14.34
N THR C 427 -9.12 -27.87 -15.32
CA THR C 427 -9.88 -28.24 -16.51
C THR C 427 -10.91 -29.31 -16.21
N LEU C 428 -10.65 -30.15 -15.20
CA LEU C 428 -11.62 -31.17 -14.82
C LEU C 428 -12.87 -30.53 -14.23
N LEU C 429 -12.69 -29.55 -13.34
CA LEU C 429 -13.83 -28.86 -12.76
C LEU C 429 -14.56 -28.01 -13.79
N HIS C 430 -13.82 -27.36 -14.69
CA HIS C 430 -14.45 -26.53 -15.71
C HIS C 430 -15.29 -27.36 -16.66
N MET C 431 -14.75 -28.48 -17.16
CA MET C 431 -15.50 -29.31 -18.09
C MET C 431 -16.62 -30.06 -17.39
N LYS C 432 -16.44 -30.41 -16.11
CA LYS C 432 -17.55 -30.95 -15.33
C LYS C 432 -18.67 -29.94 -15.20
N TRP C 433 -18.33 -28.66 -15.02
CA TRP C 433 -19.33 -27.61 -14.91
C TRP C 433 -19.99 -27.32 -16.26
N LYS C 434 -19.29 -27.57 -17.36
CA LYS C 434 -19.90 -27.35 -18.68
C LYS C 434 -20.85 -28.48 -19.06
N LYS C 435 -20.44 -29.73 -18.84
CA LYS C 435 -21.27 -30.86 -19.26
C LYS C 435 -22.50 -31.02 -18.38
N PHE C 436 -22.35 -30.79 -17.08
CA PHE C 436 -23.47 -30.88 -16.13
C PHE C 436 -23.17 -29.95 -14.97
N ALA C 437 -23.92 -30.11 -13.88
CA ALA C 437 -23.77 -29.33 -12.64
C ALA C 437 -23.96 -27.83 -12.85
N LYS C 438 -24.39 -27.40 -14.02
CA LYS C 438 -24.79 -26.03 -14.29
C LYS C 438 -26.24 -25.93 -14.72
N HIS C 439 -26.69 -26.82 -15.61
CA HIS C 439 -28.11 -26.94 -15.88
C HIS C 439 -28.85 -27.44 -14.63
N MET C 440 -28.20 -28.31 -13.85
CA MET C 440 -28.81 -28.79 -12.62
C MET C 440 -28.81 -27.72 -11.53
N PHE C 441 -27.80 -26.85 -11.52
CA PHE C 441 -27.80 -25.74 -10.58
C PHE C 441 -28.93 -24.76 -10.89
N PHE C 442 -29.12 -24.44 -12.17
CA PHE C 442 -30.24 -23.57 -12.56
C PHE C 442 -31.57 -24.25 -12.33
N LEU C 443 -31.62 -25.57 -12.51
CA LEU C 443 -32.86 -26.31 -12.21
C LEU C 443 -33.17 -26.26 -10.72
N SER C 444 -32.14 -26.38 -9.88
CA SER C 444 -32.35 -26.28 -8.43
C SER C 444 -32.82 -24.88 -8.04
N PHE C 445 -32.24 -23.85 -8.65
CA PHE C 445 -32.66 -22.49 -8.38
C PHE C 445 -34.11 -22.26 -8.82
N CYS C 446 -34.47 -22.78 -9.99
CA CYS C 446 -35.84 -22.61 -10.48
C CYS C 446 -36.84 -23.32 -9.59
N PHE C 447 -36.50 -24.54 -9.13
CA PHE C 447 -37.40 -25.27 -8.25
C PHE C 447 -37.56 -24.57 -6.91
N TYR C 448 -36.46 -24.04 -6.36
CA TYR C 448 -36.56 -23.33 -5.09
C TYR C 448 -37.29 -22.01 -5.25
N PHE C 449 -37.11 -21.33 -6.38
CA PHE C 449 -37.82 -20.09 -6.62
C PHE C 449 -39.32 -20.31 -6.75
N PHE C 450 -39.73 -21.36 -7.46
CA PHE C 450 -41.15 -21.68 -7.57
C PHE C 450 -41.71 -22.10 -6.21
N TYR C 451 -40.94 -22.87 -5.44
CA TYR C 451 -41.39 -23.27 -4.12
C TYR C 451 -41.55 -22.08 -3.19
N ASN C 452 -40.61 -21.12 -3.26
CA ASN C 452 -40.68 -19.95 -2.39
C ASN C 452 -41.83 -19.03 -2.79
N ILE C 453 -42.04 -18.84 -4.09
CA ILE C 453 -43.11 -17.94 -4.52
C ILE C 453 -44.48 -18.57 -4.24
N THR C 454 -44.60 -19.90 -4.34
CA THR C 454 -45.87 -20.53 -4.01
C THR C 454 -46.04 -20.71 -2.50
N LEU C 455 -44.98 -20.57 -1.72
CA LEU C 455 -45.12 -20.47 -0.28
C LEU C 455 -45.58 -19.08 0.13
N THR C 456 -45.10 -18.06 -0.58
CA THR C 456 -45.51 -16.69 -0.29
C THR C 456 -46.97 -16.46 -0.66
N LEU C 457 -47.37 -16.90 -1.85
CA LEU C 457 -48.74 -16.68 -2.31
C LEU C 457 -49.78 -17.47 -1.52
N VAL C 458 -49.38 -18.54 -0.82
CA VAL C 458 -50.32 -19.27 0.01
C VAL C 458 -50.70 -18.45 1.23
N SER C 459 -49.70 -17.83 1.89
CA SER C 459 -49.97 -17.06 3.09
C SER C 459 -50.64 -15.73 2.77
N TYR C 460 -50.15 -15.05 1.73
CA TYR C 460 -50.70 -13.73 1.41
C TYR C 460 -52.13 -13.84 0.90
N TYR C 461 -52.41 -14.84 0.07
CA TYR C 461 -53.77 -15.06 -0.44
C TYR C 461 -54.46 -16.15 0.38
N ARG C 462 -54.56 -15.89 1.69
CA ARG C 462 -55.16 -16.82 2.63
C ARG C 462 -56.50 -16.30 3.12
N PRO C 463 -57.52 -17.17 3.21
CA PRO C 463 -58.82 -16.73 3.73
C PRO C 463 -58.72 -16.28 5.19
N ARG C 464 -59.00 -15.01 5.41
CA ARG C 464 -58.90 -14.43 6.75
C ARG C 464 -60.08 -14.86 7.63
N LEU C 482 -59.45 -24.92 -4.83
CA LEU C 482 -59.18 -24.72 -6.26
C LEU C 482 -57.68 -24.74 -6.53
N GLN C 483 -56.92 -23.99 -5.74
CA GLN C 483 -55.48 -23.90 -5.87
C GLN C 483 -54.75 -24.77 -4.85
N LEU C 484 -55.31 -25.95 -4.54
CA LEU C 484 -54.68 -26.86 -3.58
C LEU C 484 -53.42 -27.50 -4.13
N LEU C 485 -53.15 -27.39 -5.44
CA LEU C 485 -51.93 -27.95 -6.00
C LEU C 485 -50.69 -27.25 -5.44
N GLY C 486 -50.77 -25.94 -5.26
CA GLY C 486 -49.68 -25.23 -4.60
C GLY C 486 -49.59 -25.58 -3.12
N ARG C 487 -50.74 -25.72 -2.45
CA ARG C 487 -50.77 -26.04 -1.03
C ARG C 487 -50.26 -27.44 -0.75
N MET C 488 -50.23 -28.32 -1.74
CA MET C 488 -49.59 -29.62 -1.60
C MET C 488 -48.17 -29.65 -2.15
N PHE C 489 -47.85 -28.77 -3.11
CA PHE C 489 -46.49 -28.69 -3.60
C PHE C 489 -45.54 -28.19 -2.52
N VAL C 490 -45.99 -27.25 -1.69
CA VAL C 490 -45.16 -26.78 -0.60
C VAL C 490 -44.86 -27.92 0.38
N LEU C 491 -45.87 -28.74 0.67
CA LEU C 491 -45.67 -29.87 1.58
C LEU C 491 -44.71 -30.89 1.01
N ILE C 492 -44.89 -31.25 -0.27
CA ILE C 492 -44.03 -32.25 -0.89
C ILE C 492 -42.59 -31.77 -0.96
N TRP C 493 -42.39 -30.53 -1.41
CA TRP C 493 -41.04 -30.01 -1.54
C TRP C 493 -40.38 -29.77 -0.19
N ALA C 494 -41.15 -29.33 0.81
CA ALA C 494 -40.58 -29.14 2.14
C ALA C 494 -40.14 -30.48 2.74
N MET C 495 -40.95 -31.53 2.57
CA MET C 495 -40.55 -32.85 3.05
C MET C 495 -39.31 -33.35 2.33
N CYS C 496 -39.26 -33.15 1.01
CA CYS C 496 -38.11 -33.61 0.22
C CYS C 496 -36.83 -32.90 0.65
N ILE C 497 -36.88 -31.57 0.79
CA ILE C 497 -35.68 -30.85 1.19
C ILE C 497 -35.36 -31.10 2.66
N SER C 498 -36.37 -31.45 3.47
CA SER C 498 -36.11 -31.75 4.88
C SER C 498 -35.30 -33.04 5.02
N VAL C 499 -35.70 -34.10 4.31
CA VAL C 499 -34.96 -35.34 4.40
C VAL C 499 -33.61 -35.22 3.71
N LYS C 500 -33.55 -34.44 2.62
CA LYS C 500 -32.28 -34.23 1.94
C LYS C 500 -31.29 -33.45 2.79
N GLU C 501 -31.77 -32.51 3.59
CA GLU C 501 -30.89 -31.82 4.52
C GLU C 501 -30.65 -32.60 5.80
N GLY C 502 -31.57 -33.50 6.16
CA GLY C 502 -31.35 -34.34 7.32
C GLY C 502 -30.23 -35.34 7.13
N ILE C 503 -30.19 -35.99 5.96
CA ILE C 503 -29.10 -36.92 5.69
C ILE C 503 -27.77 -36.18 5.58
N ALA C 504 -27.80 -34.94 5.07
CA ALA C 504 -26.58 -34.13 5.00
C ALA C 504 -26.14 -33.68 6.38
N ILE C 505 -27.09 -33.32 7.25
CA ILE C 505 -26.75 -32.89 8.59
C ILE C 505 -26.28 -34.05 9.46
N PHE C 506 -26.59 -35.29 9.06
CA PHE C 506 -26.13 -36.46 9.79
C PHE C 506 -24.83 -37.02 9.23
N LEU C 507 -24.53 -36.77 7.95
CA LEU C 507 -23.35 -37.33 7.30
C LEU C 507 -22.14 -36.40 7.36
N LEU C 508 -22.28 -35.18 7.85
CA LEU C 508 -21.14 -34.28 7.90
C LEU C 508 -20.24 -34.58 9.09
N ARG C 509 -19.01 -34.06 9.03
CA ARG C 509 -17.99 -34.16 10.06
C ARG C 509 -17.95 -32.88 10.89
N PRO C 510 -17.52 -32.96 12.16
CA PRO C 510 -17.40 -31.73 12.96
C PRO C 510 -16.28 -30.81 12.51
N SER C 511 -15.38 -31.27 11.62
CA SER C 511 -14.27 -30.44 11.18
C SER C 511 -14.76 -29.27 10.32
N ASP C 512 -15.73 -29.53 9.44
CA ASP C 512 -16.22 -28.48 8.54
C ASP C 512 -17.10 -27.46 9.24
N LEU C 513 -17.50 -27.71 10.50
CA LEU C 513 -18.29 -26.74 11.24
C LEU C 513 -17.45 -25.61 11.83
N GLN C 514 -16.13 -25.69 11.72
CA GLN C 514 -15.27 -24.62 12.23
C GLN C 514 -15.47 -23.35 11.42
N SER C 515 -15.68 -22.23 12.12
CA SER C 515 -15.93 -20.90 11.56
C SER C 515 -17.23 -20.84 10.75
N ILE C 516 -18.01 -21.92 10.72
CA ILE C 516 -19.31 -22.07 10.08
C ILE C 516 -19.33 -21.44 8.67
N LEU C 517 -18.17 -21.51 7.99
CA LEU C 517 -18.03 -20.94 6.66
C LEU C 517 -17.98 -21.96 5.55
N SER C 518 -17.51 -23.18 5.82
CA SER C 518 -17.30 -24.20 4.80
C SER C 518 -18.61 -24.89 4.41
N ASP C 519 -19.52 -24.12 3.82
CA ASP C 519 -20.78 -24.69 3.35
C ASP C 519 -21.49 -25.50 4.42
N ALA C 520 -21.54 -24.96 5.63
CA ALA C 520 -22.25 -25.64 6.71
C ALA C 520 -23.38 -24.81 7.30
N TRP C 521 -23.29 -23.48 7.23
CA TRP C 521 -24.35 -22.63 7.74
C TRP C 521 -25.62 -22.77 6.90
N PHE C 522 -25.47 -22.81 5.57
CA PHE C 522 -26.62 -22.84 4.68
C PHE C 522 -27.42 -24.13 4.84
N HIS C 523 -26.76 -25.24 5.16
CA HIS C 523 -27.49 -26.47 5.44
C HIS C 523 -28.38 -26.31 6.66
N PHE C 524 -27.90 -25.61 7.69
CA PHE C 524 -28.69 -25.37 8.89
C PHE C 524 -29.91 -24.51 8.59
N VAL C 525 -29.72 -23.44 7.80
CA VAL C 525 -30.84 -22.55 7.51
C VAL C 525 -31.86 -23.22 6.61
N PHE C 526 -31.39 -24.00 5.63
CA PHE C 526 -32.31 -24.74 4.76
C PHE C 526 -33.12 -25.75 5.55
N PHE C 527 -32.46 -26.46 6.48
CA PHE C 527 -33.17 -27.44 7.31
C PHE C 527 -34.17 -26.76 8.23
N ILE C 528 -33.80 -25.60 8.78
CA ILE C 528 -34.70 -24.88 9.68
C ILE C 528 -35.94 -24.40 8.92
N GLN C 529 -35.75 -23.88 7.70
CA GLN C 529 -36.88 -23.44 6.90
C GLN C 529 -37.79 -24.61 6.53
N ALA C 530 -37.20 -25.75 6.16
CA ALA C 530 -37.99 -26.92 5.82
C ALA C 530 -38.81 -27.41 7.01
N VAL C 531 -38.17 -27.54 8.17
CA VAL C 531 -38.87 -28.04 9.34
C VAL C 531 -39.91 -27.03 9.81
N LEU C 532 -39.69 -25.74 9.56
CA LEU C 532 -40.68 -24.73 9.91
C LEU C 532 -41.94 -24.88 9.06
N VAL C 533 -41.77 -25.17 7.76
CA VAL C 533 -42.93 -25.30 6.88
C VAL C 533 -43.77 -26.51 7.27
N ILE C 534 -43.12 -27.66 7.48
CA ILE C 534 -43.90 -28.87 7.78
C ILE C 534 -44.53 -28.78 9.16
N LEU C 535 -43.82 -28.19 10.13
CA LEU C 535 -44.40 -28.06 11.47
C LEU C 535 -45.58 -27.10 11.45
N SER C 536 -45.47 -26.00 10.69
CA SER C 536 -46.60 -25.08 10.57
C SER C 536 -47.79 -25.75 9.91
N VAL C 537 -47.54 -26.62 8.92
CA VAL C 537 -48.63 -27.37 8.31
C VAL C 537 -49.25 -28.33 9.33
N PHE C 538 -48.41 -28.92 10.19
CA PHE C 538 -48.91 -29.83 11.21
C PHE C 538 -49.84 -29.12 12.19
N LEU C 539 -49.47 -27.91 12.60
CA LEU C 539 -50.36 -27.12 13.46
C LEU C 539 -51.55 -26.57 12.69
N TYR C 540 -51.45 -26.43 11.38
CA TYR C 540 -52.60 -26.02 10.57
C TYR C 540 -53.66 -27.13 10.55
N LEU C 541 -53.22 -28.38 10.36
CA LEU C 541 -54.16 -29.50 10.35
C LEU C 541 -54.77 -29.75 11.72
N PHE C 542 -54.04 -29.46 12.78
CA PHE C 542 -54.51 -29.68 14.14
C PHE C 542 -55.38 -28.54 14.66
N ALA C 543 -55.73 -27.58 13.80
CA ALA C 543 -56.58 -26.44 14.17
C ALA C 543 -55.97 -25.64 15.34
N TYR C 544 -54.65 -25.49 15.31
CA TYR C 544 -53.95 -24.75 16.35
C TYR C 544 -53.97 -23.26 16.01
N LYS C 545 -53.20 -22.48 16.76
CA LYS C 545 -53.14 -21.03 16.57
C LYS C 545 -51.74 -20.53 16.21
N GLU C 546 -50.69 -21.24 16.60
CA GLU C 546 -49.32 -20.80 16.38
C GLU C 546 -48.79 -21.15 14.98
N TYR C 547 -49.65 -21.63 14.08
CA TYR C 547 -49.19 -21.96 12.74
C TYR C 547 -48.80 -20.71 11.94
N LEU C 548 -49.47 -19.59 12.20
CA LEU C 548 -49.20 -18.37 11.44
C LEU C 548 -47.81 -17.84 11.72
N ALA C 549 -47.38 -17.87 13.00
CA ALA C 549 -46.06 -17.36 13.34
C ALA C 549 -44.96 -18.21 12.71
N CYS C 550 -45.10 -19.53 12.76
CA CYS C 550 -44.09 -20.41 12.19
C CYS C 550 -44.04 -20.29 10.67
N LEU C 551 -45.19 -20.15 10.02
CA LEU C 551 -45.21 -20.03 8.57
C LEU C 551 -44.68 -18.68 8.11
N VAL C 552 -44.95 -17.62 8.89
CA VAL C 552 -44.41 -16.30 8.55
C VAL C 552 -42.90 -16.30 8.66
N LEU C 553 -42.38 -16.89 9.75
CA LEU C 553 -40.93 -17.02 9.88
C LEU C 553 -40.36 -17.91 8.78
N ALA C 554 -41.13 -18.90 8.33
CA ALA C 554 -40.66 -19.80 7.28
C ALA C 554 -40.48 -19.07 5.97
N MET C 555 -41.47 -18.27 5.55
CA MET C 555 -41.33 -17.56 4.29
C MET C 555 -40.40 -16.37 4.38
N ALA C 556 -40.24 -15.78 5.57
CA ALA C 556 -39.25 -14.72 5.74
C ALA C 556 -37.83 -15.27 5.67
N LEU C 557 -37.64 -16.52 6.12
CA LEU C 557 -36.35 -17.19 5.97
C LEU C 557 -36.13 -17.69 4.56
N GLY C 558 -37.20 -18.10 3.87
CA GLY C 558 -37.04 -18.66 2.54
C GLY C 558 -36.56 -17.65 1.51
N TRP C 559 -37.09 -16.43 1.57
CA TRP C 559 -36.67 -15.40 0.61
C TRP C 559 -35.25 -14.93 0.89
N ALA C 560 -34.81 -15.00 2.14
CA ALA C 560 -33.44 -14.68 2.48
C ALA C 560 -32.47 -15.84 2.24
N ASN C 561 -32.99 -17.02 1.92
CA ASN C 561 -32.15 -18.18 1.62
C ASN C 561 -31.81 -18.30 0.15
N MET C 562 -32.38 -17.44 -0.71
CA MET C 562 -32.06 -17.48 -2.13
C MET C 562 -30.66 -16.95 -2.43
N LEU C 563 -29.98 -16.37 -1.44
CA LEU C 563 -28.61 -15.92 -1.64
C LEU C 563 -27.63 -17.08 -1.77
N TYR C 564 -28.04 -18.30 -1.43
CA TYR C 564 -27.15 -19.45 -1.61
C TYR C 564 -27.01 -19.79 -3.09
N TYR C 565 -28.03 -19.49 -3.89
CA TYR C 565 -28.03 -19.87 -5.30
C TYR C 565 -27.30 -18.87 -6.19
N THR C 566 -26.71 -17.82 -5.62
CA THR C 566 -26.03 -16.82 -6.42
C THR C 566 -24.60 -17.19 -6.78
N ARG C 567 -24.16 -18.41 -6.46
CA ARG C 567 -22.82 -18.85 -6.80
C ARG C 567 -22.59 -18.95 -8.30
N GLY C 568 -23.67 -18.94 -9.10
CA GLY C 568 -23.51 -19.04 -10.53
C GLY C 568 -22.78 -17.85 -11.13
N PHE C 569 -23.01 -16.68 -10.55
CA PHE C 569 -22.35 -15.48 -11.04
C PHE C 569 -21.15 -15.14 -10.19
N GLN C 570 -20.07 -14.72 -10.83
CA GLN C 570 -18.87 -14.37 -10.09
C GLN C 570 -19.02 -13.05 -9.35
N SER C 571 -19.60 -12.04 -10.02
CA SER C 571 -19.71 -10.73 -9.43
C SER C 571 -20.59 -10.74 -8.18
N MET C 572 -21.71 -11.46 -8.22
CA MET C 572 -22.55 -11.57 -7.04
C MET C 572 -22.03 -12.62 -6.06
N GLY C 573 -21.24 -13.58 -6.55
CA GLY C 573 -20.61 -14.53 -5.64
C GLY C 573 -19.64 -13.86 -4.69
N MET C 574 -18.93 -12.84 -5.18
CA MET C 574 -18.05 -12.06 -4.31
C MET C 574 -18.86 -11.36 -3.22
N TYR C 575 -20.02 -10.80 -3.61
CA TYR C 575 -20.86 -10.09 -2.65
C TYR C 575 -21.42 -11.03 -1.59
N SER C 576 -21.80 -12.25 -2.00
CA SER C 576 -22.38 -13.19 -1.05
C SER C 576 -21.34 -13.73 -0.08
N VAL C 577 -20.14 -14.03 -0.57
CA VAL C 577 -19.10 -14.52 0.34
C VAL C 577 -18.64 -13.39 1.26
N MET C 578 -18.67 -12.15 0.80
CA MET C 578 -18.40 -11.04 1.69
C MET C 578 -19.49 -10.89 2.75
N ILE C 579 -20.75 -11.16 2.37
CA ILE C 579 -21.84 -11.15 3.34
C ILE C 579 -21.57 -12.15 4.44
N GLN C 580 -21.29 -13.40 4.07
CA GLN C 580 -21.12 -14.46 5.04
C GLN C 580 -19.87 -14.25 5.89
N LYS C 581 -18.87 -13.56 5.34
CA LYS C 581 -17.65 -13.33 6.12
C LYS C 581 -17.82 -12.21 7.14
N VAL C 582 -18.36 -11.06 6.73
CA VAL C 582 -18.38 -9.91 7.63
C VAL C 582 -19.42 -10.06 8.72
N ILE C 583 -20.51 -10.82 8.47
CA ILE C 583 -21.52 -10.97 9.51
C ILE C 583 -20.96 -11.77 10.69
N LEU C 584 -20.07 -12.71 10.41
CA LEU C 584 -19.50 -13.57 11.44
C LEU C 584 -18.18 -13.05 11.98
N HIS C 585 -17.54 -12.09 11.31
CA HIS C 585 -16.24 -11.60 11.74
C HIS C 585 -16.33 -10.25 12.45
N ASP C 586 -17.03 -9.27 11.86
CA ASP C 586 -17.10 -7.92 12.43
C ASP C 586 -18.42 -7.58 13.07
N VAL C 587 -19.54 -8.04 12.48
CA VAL C 587 -20.85 -7.64 13.00
C VAL C 587 -21.10 -8.27 14.36
N LEU C 588 -20.65 -9.51 14.56
CA LEU C 588 -20.91 -10.20 15.82
C LEU C 588 -20.23 -9.52 17.00
N LYS C 589 -18.98 -9.10 16.83
CA LYS C 589 -18.27 -8.42 17.90
C LYS C 589 -18.93 -7.10 18.25
N PHE C 590 -19.29 -6.31 17.23
CA PHE C 590 -19.99 -5.05 17.47
C PHE C 590 -21.33 -5.28 18.14
N LEU C 591 -22.05 -6.34 17.73
CA LEU C 591 -23.33 -6.64 18.34
C LEU C 591 -23.19 -6.98 19.81
N PHE C 592 -22.14 -7.73 20.17
CA PHE C 592 -21.93 -8.10 21.56
C PHE C 592 -21.57 -6.89 22.41
N VAL C 593 -20.69 -6.02 21.89
CA VAL C 593 -20.30 -4.82 22.62
C VAL C 593 -21.50 -3.88 22.78
N TYR C 594 -22.27 -3.69 21.70
CA TYR C 594 -23.42 -2.81 21.77
C TYR C 594 -24.52 -3.38 22.65
N ILE C 595 -24.68 -4.70 22.69
CA ILE C 595 -25.66 -5.31 23.58
C ILE C 595 -25.25 -5.11 25.03
N VAL C 596 -23.95 -5.19 25.32
CA VAL C 596 -23.46 -4.90 26.67
C VAL C 596 -23.75 -3.44 27.03
N PHE C 597 -23.50 -2.53 26.10
CA PHE C 597 -23.79 -1.11 26.33
C PHE C 597 -25.29 -0.81 26.35
N LEU C 598 -26.13 -1.72 25.87
CA LEU C 598 -27.57 -1.48 25.83
C LEU C 598 -28.23 -1.89 27.13
N LEU C 599 -27.95 -3.11 27.61
CA LEU C 599 -28.59 -3.60 28.82
C LEU C 599 -27.98 -3.00 30.09
N GLY C 600 -26.86 -2.30 29.98
CA GLY C 600 -26.30 -1.60 31.12
C GLY C 600 -26.95 -0.23 31.30
N PHE C 601 -27.07 0.51 30.20
CA PHE C 601 -27.79 1.77 30.23
C PHE C 601 -29.29 1.56 30.28
N GLY C 602 -29.77 0.39 29.82
CA GLY C 602 -31.20 0.15 29.82
C GLY C 602 -31.79 0.03 31.21
N VAL C 603 -31.08 -0.64 32.12
CA VAL C 603 -31.60 -0.81 33.47
C VAL C 603 -31.35 0.45 34.31
N ALA C 604 -30.32 1.23 33.97
CA ALA C 604 -30.06 2.47 34.70
C ALA C 604 -31.15 3.49 34.47
N LEU C 605 -31.55 3.69 33.20
CA LEU C 605 -32.62 4.63 32.90
C LEU C 605 -33.97 4.11 33.39
N ALA C 606 -34.17 2.79 33.34
CA ALA C 606 -35.42 2.22 33.83
C ALA C 606 -35.55 2.38 35.34
N SER C 607 -34.44 2.24 36.06
CA SER C 607 -34.47 2.41 37.52
C SER C 607 -34.38 3.86 37.95
N LEU C 608 -34.03 4.77 37.04
CA LEU C 608 -33.95 6.18 37.39
C LEU C 608 -35.33 6.81 37.59
N ILE C 609 -36.33 6.36 36.84
CA ILE C 609 -37.66 6.95 36.86
C ILE C 609 -38.60 6.00 37.61
N GLU C 610 -39.36 6.57 38.54
CA GLU C 610 -40.36 5.81 39.29
C GLU C 610 -41.65 5.75 38.49
N LYS C 611 -42.71 5.25 39.11
CA LYS C 611 -44.00 5.17 38.45
C LYS C 611 -44.64 6.56 38.35
N CYS C 612 -45.55 6.70 37.39
CA CYS C 612 -46.24 7.96 37.19
C CYS C 612 -47.19 8.23 38.37
N PRO C 613 -47.38 9.51 38.72
CA PRO C 613 -48.35 9.82 39.79
C PRO C 613 -49.77 9.39 39.47
N LYS C 614 -50.17 9.45 38.21
CA LYS C 614 -51.49 8.98 37.80
C LYS C 614 -51.55 7.47 37.62
N ASP C 615 -50.39 6.80 37.57
CA ASP C 615 -50.30 5.34 37.43
C ASP C 615 -50.97 4.84 36.16
N ASN C 616 -50.92 5.63 35.09
CA ASN C 616 -51.44 5.22 33.79
C ASN C 616 -50.33 4.83 32.80
N LYS C 617 -49.07 4.94 33.22
CA LYS C 617 -47.91 4.51 32.42
C LYS C 617 -47.85 5.26 31.08
N ASP C 618 -47.94 6.58 31.16
CA ASP C 618 -47.79 7.43 29.97
C ASP C 618 -46.90 8.65 30.18
N CYS C 619 -46.69 9.09 31.42
CA CYS C 619 -45.90 10.28 31.70
C CYS C 619 -44.42 9.97 31.92
N SER C 620 -44.04 8.70 31.99
CA SER C 620 -42.67 8.31 32.28
C SER C 620 -41.91 7.84 31.05
N SER C 621 -42.55 7.09 30.16
CA SER C 621 -42.01 6.54 28.92
C SER C 621 -40.94 5.49 29.15
N TYR C 622 -40.53 5.26 30.40
CA TYR C 622 -39.59 4.18 30.75
C TYR C 622 -40.14 3.57 32.04
N GLY C 623 -41.01 2.58 31.89
CA GLY C 623 -41.64 1.98 33.05
C GLY C 623 -41.12 0.59 33.37
N SER C 624 -40.29 0.05 32.49
CA SER C 624 -39.74 -1.28 32.67
C SER C 624 -38.42 -1.37 31.92
N PHE C 625 -37.76 -2.52 32.04
CA PHE C 625 -36.48 -2.71 31.35
C PHE C 625 -36.67 -2.89 29.85
N SER C 626 -37.69 -3.64 29.45
CA SER C 626 -37.94 -3.86 28.03
C SER C 626 -38.34 -2.57 27.33
N ASP C 627 -39.13 -1.73 28.00
CA ASP C 627 -39.51 -0.44 27.43
C ASP C 627 -38.29 0.44 27.24
N ALA C 628 -37.41 0.50 28.24
CA ALA C 628 -36.21 1.33 28.12
C ALA C 628 -35.26 0.80 27.05
N VAL C 629 -35.18 -0.53 26.92
CA VAL C 629 -34.33 -1.12 25.88
C VAL C 629 -34.84 -0.73 24.50
N LEU C 630 -36.16 -0.84 24.28
CA LEU C 630 -36.72 -0.48 22.99
C LEU C 630 -36.56 1.02 22.70
N GLU C 631 -36.78 1.87 23.70
CA GLU C 631 -36.68 3.31 23.49
C GLU C 631 -35.25 3.76 23.27
N LEU C 632 -34.28 3.06 23.86
CA LEU C 632 -32.88 3.38 23.58
C LEU C 632 -32.47 2.92 22.18
N PHE C 633 -32.96 1.75 21.76
CA PHE C 633 -32.63 1.28 20.42
C PHE C 633 -33.25 2.16 19.34
N LYS C 634 -34.43 2.72 19.61
CA LYS C 634 -35.09 3.58 18.62
C LYS C 634 -34.26 4.82 18.32
N LEU C 635 -33.72 5.45 19.37
CA LEU C 635 -32.85 6.60 19.17
C LEU C 635 -31.46 6.19 18.70
N THR C 636 -31.06 4.93 18.90
CA THR C 636 -29.83 4.44 18.28
C THR C 636 -29.98 4.43 16.76
N ILE C 637 -31.12 3.97 16.26
CA ILE C 637 -31.39 4.05 14.82
C ILE C 637 -31.46 5.50 14.37
N GLY C 638 -32.08 6.36 15.17
CA GLY C 638 -32.23 7.75 14.83
C GLY C 638 -33.66 8.13 14.52
N LEU C 639 -34.59 7.57 15.27
CA LEU C 639 -36.01 7.82 15.03
C LEU C 639 -36.60 8.87 15.96
N GLY C 640 -36.11 8.97 17.19
CA GLY C 640 -36.56 10.02 18.08
C GLY C 640 -36.75 9.58 19.53
N ASP C 641 -37.68 10.23 20.21
CA ASP C 641 -38.02 9.92 21.60
C ASP C 641 -36.81 10.08 22.52
N LEU C 642 -36.08 11.18 22.36
CA LEU C 642 -34.94 11.46 23.23
C LEU C 642 -35.23 12.72 24.05
N ASN C 643 -36.42 13.28 23.91
CA ASN C 643 -36.81 14.48 24.63
C ASN C 643 -36.67 14.29 26.15
N ILE C 644 -36.80 15.40 26.87
CA ILE C 644 -36.50 15.42 28.30
C ILE C 644 -37.80 15.58 29.09
N GLN C 645 -37.67 15.62 30.42
CA GLN C 645 -38.80 15.66 31.36
C GLN C 645 -39.72 14.45 31.14
N GLN C 646 -39.16 13.28 31.42
CA GLN C 646 -39.89 12.00 31.38
C GLN C 646 -40.28 11.53 32.78
N ASN C 647 -40.68 12.47 33.63
CA ASN C 647 -41.05 12.21 35.03
C ASN C 647 -39.87 11.66 35.84
N SER C 648 -38.65 11.84 35.35
CA SER C 648 -37.46 11.37 36.06
C SER C 648 -37.11 12.30 37.22
N LYS C 649 -36.77 11.71 38.37
CA LYS C 649 -36.44 12.52 39.54
C LYS C 649 -35.14 13.29 39.37
N TYR C 650 -34.28 12.87 38.45
CA TYR C 650 -33.00 13.52 38.18
C TYR C 650 -32.90 13.76 36.68
N PRO C 651 -33.52 14.82 36.18
CA PRO C 651 -33.48 15.08 34.73
C PRO C 651 -32.08 15.33 34.19
N ILE C 652 -31.20 15.96 34.97
CA ILE C 652 -29.85 16.23 34.51
C ILE C 652 -29.06 14.93 34.36
N LEU C 653 -29.18 14.03 35.35
CA LEU C 653 -28.49 12.76 35.26
C LEU C 653 -29.05 11.90 34.13
N PHE C 654 -30.38 11.89 33.95
CA PHE C 654 -30.98 11.16 32.85
C PHE C 654 -30.50 11.68 31.51
N LEU C 655 -30.42 13.00 31.36
CA LEU C 655 -29.90 13.59 30.14
C LEU C 655 -28.43 13.23 29.95
N PHE C 656 -27.65 13.26 31.02
CA PHE C 656 -26.23 12.93 30.92
C PHE C 656 -26.03 11.48 30.49
N LEU C 657 -26.83 10.56 31.04
CA LEU C 657 -26.71 9.17 30.65
C LEU C 657 -27.14 8.95 29.21
N LEU C 658 -28.17 9.67 28.76
CA LEU C 658 -28.60 9.57 27.36
C LEU C 658 -27.53 10.08 26.42
N ILE C 659 -26.87 11.19 26.77
CA ILE C 659 -25.81 11.73 25.93
C ILE C 659 -24.62 10.79 25.90
N THR C 660 -24.27 10.20 27.05
CA THR C 660 -23.17 9.25 27.09
C THR C 660 -23.45 8.02 26.24
N TYR C 661 -24.68 7.50 26.31
CA TYR C 661 -25.04 6.36 25.48
C TYR C 661 -25.02 6.72 24.00
N VAL C 662 -25.47 7.93 23.65
CA VAL C 662 -25.46 8.38 22.27
C VAL C 662 -24.02 8.47 21.76
N ILE C 663 -23.11 9.00 22.58
CA ILE C 663 -21.71 9.08 22.18
C ILE C 663 -21.13 7.69 21.98
N LEU C 664 -21.34 6.80 22.96
CA LEU C 664 -20.72 5.48 22.93
C LEU C 664 -21.23 4.65 21.77
N THR C 665 -22.47 4.87 21.35
CA THR C 665 -23.03 4.07 20.27
C THR C 665 -22.80 4.73 18.91
N PHE C 666 -23.27 5.96 18.75
CA PHE C 666 -23.25 6.60 17.44
C PHE C 666 -21.84 7.06 17.06
N VAL C 667 -21.06 7.52 18.01
CA VAL C 667 -19.75 8.08 17.69
C VAL C 667 -18.63 7.03 17.79
N LEU C 668 -18.75 6.07 18.70
CA LEU C 668 -17.68 5.11 18.95
C LEU C 668 -17.89 3.77 18.26
N LEU C 669 -18.98 3.07 18.59
CA LEU C 669 -19.15 1.70 18.12
C LEU C 669 -19.56 1.66 16.65
N LEU C 670 -20.56 2.45 16.27
CA LEU C 670 -21.01 2.52 14.88
C LEU C 670 -19.95 3.04 13.94
N ASN C 671 -18.91 3.69 14.46
CA ASN C 671 -17.83 4.23 13.65
C ASN C 671 -16.66 3.27 13.56
N MET C 672 -16.32 2.58 14.65
CA MET C 672 -15.23 1.63 14.59
C MET C 672 -15.65 0.35 13.86
N LEU C 673 -16.95 0.07 13.82
CA LEU C 673 -17.42 -1.00 12.94
C LEU C 673 -17.07 -0.69 11.48
N ILE C 674 -17.25 0.58 11.08
CA ILE C 674 -16.76 1.06 9.79
C ILE C 674 -15.26 0.82 9.69
N ALA C 675 -14.53 1.07 10.77
CA ALA C 675 -13.08 0.86 10.75
C ALA C 675 -12.73 -0.59 10.50
N LEU C 676 -13.43 -1.52 11.14
CA LEU C 676 -13.05 -2.93 11.10
C LEU C 676 -13.26 -3.54 9.73
N MET C 677 -14.45 -3.41 9.15
CA MET C 677 -14.64 -3.94 7.81
C MET C 677 -13.80 -3.18 6.80
N GLY C 678 -13.65 -1.87 7.02
CA GLY C 678 -12.81 -1.10 6.13
C GLY C 678 -11.40 -1.65 6.03
N GLU C 679 -10.86 -2.15 7.15
CA GLU C 679 -9.56 -2.81 7.12
C GLU C 679 -9.68 -4.25 6.64
N THR C 680 -10.84 -4.87 6.84
CA THR C 680 -11.00 -6.27 6.46
C THR C 680 -11.08 -6.42 4.94
N VAL C 681 -11.81 -5.52 4.27
CA VAL C 681 -12.09 -5.70 2.85
C VAL C 681 -10.83 -5.50 2.02
N GLU C 682 -9.94 -4.63 2.47
CA GLU C 682 -8.69 -4.40 1.76
C GLU C 682 -7.84 -5.67 1.71
N ASN C 683 -8.04 -6.59 2.66
CA ASN C 683 -7.37 -7.89 2.61
C ASN C 683 -8.28 -8.94 1.98
N VAL C 684 -9.58 -8.69 1.94
CA VAL C 684 -10.53 -9.72 1.51
C VAL C 684 -10.78 -9.67 0.01
N SER C 685 -10.74 -8.47 -0.60
CA SER C 685 -11.16 -8.30 -1.99
C SER C 685 -10.34 -9.14 -2.97
N LYS C 686 -9.10 -9.49 -2.62
CA LYS C 686 -8.29 -10.38 -3.43
C LYS C 686 -8.29 -11.81 -2.93
N GLU C 687 -8.92 -12.08 -1.78
CA GLU C 687 -8.93 -13.42 -1.20
C GLU C 687 -10.28 -14.11 -1.37
N SER C 688 -11.37 -13.35 -1.49
CA SER C 688 -12.69 -13.92 -1.63
C SER C 688 -12.89 -14.66 -2.95
N GLU C 689 -12.05 -14.36 -3.96
CA GLU C 689 -12.12 -15.10 -5.21
C GLU C 689 -11.78 -16.57 -5.01
N ARG C 690 -10.80 -16.85 -4.15
CA ARG C 690 -10.48 -18.23 -3.80
C ARG C 690 -11.66 -18.93 -3.16
N ILE C 691 -12.38 -18.23 -2.26
CA ILE C 691 -13.47 -18.86 -1.54
C ILE C 691 -14.65 -19.11 -2.48
N TRP C 692 -14.93 -18.17 -3.38
CA TRP C 692 -16.03 -18.38 -4.32
C TRP C 692 -15.73 -19.52 -5.28
N ARG C 693 -14.49 -19.58 -5.79
CA ARG C 693 -14.12 -20.66 -6.71
C ARG C 693 -14.18 -22.01 -6.00
N LEU C 694 -13.73 -22.06 -4.74
CA LEU C 694 -13.79 -23.30 -3.98
C LEU C 694 -15.22 -23.69 -3.66
N GLN C 695 -16.09 -22.72 -3.38
CA GLN C 695 -17.50 -23.01 -3.14
C GLN C 695 -18.17 -23.55 -4.40
N ARG C 696 -17.86 -22.97 -5.56
CA ARG C 696 -18.41 -23.49 -6.81
C ARG C 696 -17.89 -24.89 -7.11
N ALA C 697 -16.61 -25.14 -6.82
CA ALA C 697 -16.05 -26.47 -7.03
C ALA C 697 -16.70 -27.50 -6.11
N ARG C 698 -16.95 -27.12 -4.86
CA ARG C 698 -17.66 -28.02 -3.94
C ARG C 698 -19.09 -28.28 -4.41
N THR C 699 -19.74 -27.25 -4.97
CA THR C 699 -21.07 -27.44 -5.54
C THR C 699 -21.04 -28.42 -6.71
N ILE C 700 -20.01 -28.30 -7.56
CA ILE C 700 -19.87 -29.22 -8.70
C ILE C 700 -19.69 -30.65 -8.21
N LEU C 701 -18.85 -30.84 -7.19
CA LEU C 701 -18.62 -32.19 -6.67
C LEU C 701 -19.87 -32.74 -5.98
N GLU C 702 -20.61 -31.88 -5.28
CA GLU C 702 -21.84 -32.34 -4.63
C GLU C 702 -22.87 -32.77 -5.66
N PHE C 703 -23.00 -32.01 -6.76
CA PHE C 703 -23.93 -32.38 -7.82
C PHE C 703 -23.45 -33.63 -8.56
N GLU C 704 -22.13 -33.83 -8.66
CA GLU C 704 -21.61 -35.06 -9.24
C GLU C 704 -21.99 -36.26 -8.37
N LYS C 705 -21.84 -36.14 -7.06
CA LYS C 705 -22.23 -37.21 -6.16
C LYS C 705 -23.73 -37.43 -6.13
N MET C 706 -24.52 -36.41 -6.50
CA MET C 706 -25.97 -36.55 -6.50
C MET C 706 -26.44 -37.45 -7.64
N LEU C 707 -25.72 -37.46 -8.76
CA LEU C 707 -26.14 -38.22 -9.93
C LEU C 707 -26.12 -39.73 -9.63
N PRO C 708 -27.05 -40.48 -10.22
CA PRO C 708 -27.08 -41.93 -9.99
C PRO C 708 -25.98 -42.64 -10.78
N GLU C 709 -25.94 -43.96 -10.61
CA GLU C 709 -24.90 -44.77 -11.25
C GLU C 709 -25.12 -44.84 -12.76
N TRP C 710 -26.37 -44.95 -13.20
CA TRP C 710 -26.64 -45.09 -14.62
C TRP C 710 -26.40 -43.79 -15.38
N LEU C 711 -26.65 -42.66 -14.74
CA LEU C 711 -26.42 -41.36 -15.37
C LEU C 711 -24.97 -40.94 -15.35
N ARG C 712 -24.11 -41.65 -14.62
CA ARG C 712 -22.69 -41.30 -14.57
C ARG C 712 -21.94 -41.93 -15.75
N SER C 713 -22.45 -41.72 -16.96
CA SER C 713 -21.79 -42.14 -18.19
C SER C 713 -21.06 -40.99 -18.86
N ARG C 714 -20.81 -39.91 -18.12
CA ARG C 714 -20.14 -38.72 -18.63
C ARG C 714 -18.66 -38.72 -18.28
N PHE C 715 -18.03 -39.89 -18.36
CA PHE C 715 -16.64 -40.06 -17.97
C PHE C 715 -15.72 -39.38 -19.00
N ARG C 716 -14.41 -39.54 -18.81
CA ARG C 716 -13.43 -38.78 -19.55
C ARG C 716 -13.01 -39.54 -20.81
N MET C 717 -11.90 -39.12 -21.42
CA MET C 717 -11.43 -39.71 -22.67
C MET C 717 -11.03 -41.16 -22.46
N GLY C 718 -11.12 -41.94 -23.53
CA GLY C 718 -10.86 -43.37 -23.47
C GLY C 718 -9.42 -43.76 -23.22
N GLU C 719 -9.08 -45.01 -23.55
CA GLU C 719 -7.78 -45.56 -23.23
C GLU C 719 -6.67 -44.93 -24.08
N LEU C 720 -5.45 -45.00 -23.54
CA LEU C 720 -4.28 -44.50 -24.26
C LEU C 720 -3.86 -45.43 -25.40
N CYS C 721 -3.58 -46.68 -25.06
CA CYS C 721 -3.04 -47.64 -26.05
C CYS C 721 -1.54 -47.35 -26.22
N LYS C 722 -1.02 -46.36 -25.51
CA LYS C 722 0.41 -46.04 -25.55
C LYS C 722 1.18 -46.73 -24.44
N VAL C 723 0.50 -47.25 -23.42
CA VAL C 723 1.18 -47.95 -22.34
C VAL C 723 1.75 -49.27 -22.85
N ALA C 724 1.11 -49.88 -23.84
CA ALA C 724 1.49 -51.14 -24.47
C ALA C 724 1.52 -52.31 -23.49
N GLU C 725 0.88 -52.16 -22.33
CA GLU C 725 0.75 -53.24 -21.34
C GLU C 725 -0.66 -53.17 -20.79
N ASP C 726 -1.59 -53.88 -21.45
CA ASP C 726 -3.01 -54.02 -21.11
C ASP C 726 -3.79 -52.71 -21.25
N ASP C 727 -3.14 -51.60 -21.60
CA ASP C 727 -3.74 -50.26 -21.76
C ASP C 727 -4.80 -49.96 -20.69
N PHE C 728 -4.36 -50.02 -19.44
CA PHE C 728 -5.26 -49.79 -18.32
C PHE C 728 -5.47 -48.31 -17.99
N ARG C 729 -4.79 -47.41 -18.70
CA ARG C 729 -4.89 -46.00 -18.39
C ARG C 729 -6.19 -45.40 -18.91
N LEU C 730 -6.65 -44.35 -18.22
CA LEU C 730 -7.85 -43.59 -18.61
C LEU C 730 -7.44 -42.11 -18.54
N CYS C 731 -7.02 -41.57 -19.67
CA CYS C 731 -6.42 -40.24 -19.71
C CYS C 731 -7.45 -39.19 -20.12
N LEU C 732 -6.96 -37.95 -20.27
CA LEU C 732 -7.78 -36.81 -20.66
C LEU C 732 -7.03 -35.98 -21.68
N ARG C 733 -7.71 -35.66 -22.78
CA ARG C 733 -7.11 -34.83 -23.80
C ARG C 733 -7.18 -33.37 -23.40
N ILE C 734 -6.06 -32.69 -23.47
CA ILE C 734 -5.99 -31.28 -23.11
C ILE C 734 -5.19 -30.54 -24.17
N ASN C 735 -5.79 -29.48 -24.72
CA ASN C 735 -5.13 -28.60 -25.68
C ASN C 735 -5.01 -27.22 -25.04
N GLU C 736 -3.88 -26.97 -24.38
CA GLU C 736 -3.66 -25.75 -23.63
C GLU C 736 -2.69 -24.85 -24.38
N VAL C 737 -2.88 -23.53 -24.22
CA VAL C 737 -2.09 -22.53 -24.89
C VAL C 737 -1.36 -21.69 -23.84
N LYS C 738 -0.08 -21.42 -24.10
CA LYS C 738 0.75 -20.56 -23.24
C LYS C 738 1.46 -19.57 -24.16
N TRP C 739 0.80 -18.43 -24.43
CA TRP C 739 1.40 -17.44 -25.31
C TRP C 739 2.52 -16.69 -24.62
N THR C 740 2.35 -16.37 -23.33
CA THR C 740 3.38 -15.64 -22.60
C THR C 740 4.62 -16.50 -22.37
N GLU C 741 4.42 -17.78 -22.00
CA GLU C 741 5.56 -18.67 -21.81
C GLU C 741 6.31 -18.90 -23.11
N TRP C 742 5.56 -19.08 -24.21
CA TRP C 742 6.19 -19.26 -25.51
C TRP C 742 6.96 -18.01 -25.93
N LYS C 743 6.39 -16.83 -25.68
CA LYS C 743 7.07 -15.59 -26.04
C LYS C 743 8.37 -15.43 -25.25
N THR C 744 8.34 -15.75 -23.96
CA THR C 744 9.55 -15.66 -23.14
C THR C 744 10.59 -16.69 -23.57
N HIS C 745 10.16 -17.92 -23.88
CA HIS C 745 11.09 -18.96 -24.28
C HIS C 745 11.73 -18.66 -25.62
N VAL C 746 10.94 -18.15 -26.57
CA VAL C 746 11.47 -17.88 -27.90
C VAL C 746 12.28 -16.58 -27.93
N SER C 747 12.01 -15.66 -27.00
CA SER C 747 12.76 -14.41 -26.95
C SER C 747 14.24 -14.65 -26.71
N PHE C 748 14.58 -15.57 -25.81
CA PHE C 748 15.97 -15.96 -25.59
C PHE C 748 16.34 -17.17 -26.44
N LYS D 120 54.19 32.15 24.07
CA LYS D 120 53.36 31.03 24.48
C LYS D 120 52.41 30.64 23.36
N LYS D 121 51.80 31.66 22.72
CA LYS D 121 50.87 31.40 21.64
C LYS D 121 51.55 30.91 20.37
N ARG D 122 52.87 31.08 20.26
CA ARG D 122 53.59 30.59 19.09
C ARG D 122 53.55 29.07 19.01
N ILE D 123 53.72 28.40 20.16
CA ILE D 123 53.65 26.94 20.18
C ILE D 123 52.23 26.48 19.87
N PHE D 124 51.23 27.22 20.36
CA PHE D 124 49.84 26.88 20.05
C PHE D 124 49.55 27.01 18.56
N ALA D 125 50.05 28.07 17.93
CA ALA D 125 49.89 28.21 16.48
C ALA D 125 50.68 27.15 15.73
N ALA D 126 51.79 26.68 16.30
CA ALA D 126 52.56 25.62 15.66
C ALA D 126 51.81 24.30 15.68
N VAL D 127 51.19 23.95 16.81
CA VAL D 127 50.52 22.66 16.91
C VAL D 127 49.13 22.69 16.29
N SER D 128 48.53 23.88 16.12
CA SER D 128 47.17 23.95 15.57
C SER D 128 47.13 23.49 14.12
N GLU D 129 48.09 23.95 13.31
CA GLU D 129 48.13 23.59 11.89
C GLU D 129 49.33 22.71 11.56
N GLY D 130 49.97 22.11 12.57
CA GLY D 130 51.08 21.21 12.34
C GLY D 130 52.33 21.86 11.79
N CYS D 131 52.68 23.04 12.28
CA CYS D 131 53.92 23.71 11.88
C CYS D 131 55.08 23.05 12.60
N VAL D 132 55.69 22.06 11.93
CA VAL D 132 56.80 21.33 12.54
C VAL D 132 58.03 22.21 12.64
N GLU D 133 58.30 23.02 11.62
CA GLU D 133 59.49 23.86 11.63
C GLU D 133 59.41 24.94 12.71
N GLU D 134 58.20 25.45 12.97
CA GLU D 134 58.04 26.44 14.03
C GLU D 134 58.34 25.83 15.39
N LEU D 135 57.92 24.58 15.61
CA LEU D 135 58.15 23.95 16.90
C LEU D 135 59.59 23.50 17.07
N VAL D 136 60.26 23.06 16.01
CA VAL D 136 61.68 22.71 16.16
C VAL D 136 62.52 23.97 16.35
N GLU D 137 62.03 25.13 15.93
CA GLU D 137 62.69 26.38 16.30
C GLU D 137 62.36 26.76 17.74
N LEU D 138 61.12 26.49 18.17
CA LEU D 138 60.69 26.88 19.51
C LEU D 138 61.38 26.03 20.58
N LEU D 139 61.59 24.75 20.30
CA LEU D 139 62.28 23.89 21.26
C LEU D 139 63.78 24.16 21.29
N VAL D 140 64.28 25.03 20.42
CA VAL D 140 65.66 25.47 20.51
C VAL D 140 65.74 26.82 21.21
N GLU D 141 64.71 27.65 21.05
CA GLU D 141 64.73 28.98 21.64
C GLU D 141 64.25 28.99 23.09
N LEU D 142 63.22 28.20 23.42
CA LEU D 142 62.55 28.36 24.71
C LEU D 142 63.41 27.87 25.86
N GLN D 143 64.02 26.69 25.73
CA GLN D 143 64.77 26.12 26.86
C GLN D 143 66.03 26.92 27.17
N GLU D 144 66.55 27.68 26.20
CA GLU D 144 67.67 28.57 26.50
C GLU D 144 67.25 29.67 27.45
N LEU D 145 66.03 30.21 27.28
CA LEU D 145 65.50 31.17 28.23
C LEU D 145 65.11 30.49 29.54
N CYS D 146 64.75 29.21 29.49
CA CYS D 146 64.40 28.48 30.71
C CYS D 146 65.61 28.30 31.61
N ARG D 147 66.78 28.02 31.03
CA ARG D 147 68.00 27.84 31.80
C ARG D 147 68.44 29.16 32.45
N MET D 159 59.09 23.99 36.75
CA MET D 159 57.71 24.10 36.28
C MET D 159 57.66 24.86 34.96
N HIS D 160 56.89 24.36 34.02
CA HIS D 160 56.76 25.04 32.72
C HIS D 160 55.28 25.06 32.37
N LYS D 161 54.67 26.25 32.39
CA LYS D 161 53.24 26.40 32.11
C LYS D 161 53.05 26.44 30.60
N LEU D 162 53.12 25.26 29.97
CA LEU D 162 52.95 25.19 28.52
C LEU D 162 51.48 25.12 28.13
N THR D 163 50.63 24.75 29.08
CA THR D 163 49.20 24.62 28.79
C THR D 163 48.58 26.00 28.55
N ALA D 164 47.26 26.04 28.41
CA ALA D 164 46.54 27.28 28.17
C ALA D 164 46.28 28.08 29.43
N SER D 165 46.52 27.50 30.60
CA SER D 165 46.49 28.19 31.90
C SER D 165 45.11 28.73 32.28
N ASP D 166 44.09 28.41 31.50
CA ASP D 166 42.73 28.80 31.87
C ASP D 166 41.75 27.63 31.85
N THR D 167 41.88 26.72 30.89
CA THR D 167 41.07 25.52 30.84
C THR D 167 41.89 24.24 30.98
N GLY D 168 43.21 24.34 31.03
CA GLY D 168 44.07 23.17 31.12
C GLY D 168 44.37 22.50 29.81
N LYS D 169 43.99 23.10 28.68
CA LYS D 169 44.20 22.50 27.36
C LYS D 169 45.67 22.62 26.99
N THR D 170 46.42 21.54 27.21
CA THR D 170 47.82 21.50 26.85
C THR D 170 47.95 21.30 25.34
N CYS D 171 49.14 21.63 24.80
CA CYS D 171 49.36 21.55 23.36
C CYS D 171 49.27 20.14 22.82
N LEU D 172 49.32 19.11 23.67
CA LEU D 172 49.11 17.75 23.20
C LEU D 172 47.72 17.57 22.63
N MET D 173 46.69 17.94 23.41
CA MET D 173 45.33 17.89 22.89
C MET D 173 45.17 18.80 21.68
N LYS D 174 45.62 20.04 21.79
CA LYS D 174 45.48 20.99 20.68
C LYS D 174 46.11 20.46 19.40
N ALA D 175 47.16 19.64 19.52
CA ALA D 175 47.69 18.96 18.35
C ALA D 175 46.82 17.79 17.93
N LEU D 176 46.03 17.23 18.86
CA LEU D 176 45.35 15.97 18.56
C LEU D 176 43.85 16.10 18.24
N LEU D 177 43.20 17.25 18.50
CA LEU D 177 41.84 17.40 18.00
C LEU D 177 41.81 17.42 16.48
N ASN D 178 42.77 18.15 15.90
CA ASN D 178 42.88 18.24 14.46
C ASN D 178 44.10 17.44 14.01
N ILE D 179 43.87 16.24 13.51
CA ILE D 179 44.97 15.38 13.10
C ILE D 179 45.41 15.83 11.70
N ASN D 180 46.43 16.67 11.66
CA ASN D 180 47.03 17.10 10.41
C ASN D 180 47.95 16.00 9.88
N PRO D 181 48.31 16.04 8.59
CA PRO D 181 49.18 14.97 8.05
C PRO D 181 50.50 14.80 8.77
N ASN D 182 51.07 15.88 9.32
CA ASN D 182 52.33 15.78 10.07
C ASN D 182 51.99 15.78 11.57
N THR D 183 51.63 14.61 12.08
CA THR D 183 51.26 14.44 13.47
C THR D 183 52.23 13.59 14.26
N LYS D 184 52.98 12.69 13.61
CA LYS D 184 53.84 11.77 14.33
C LYS D 184 55.06 12.48 14.90
N GLU D 185 55.80 13.21 14.05
CA GLU D 185 57.06 13.79 14.47
C GLU D 185 56.85 14.92 15.47
N ILE D 186 55.76 15.68 15.34
CA ILE D 186 55.54 16.82 16.23
C ILE D 186 55.29 16.35 17.66
N VAL D 187 54.45 15.32 17.84
CA VAL D 187 54.24 14.81 19.19
C VAL D 187 55.46 14.06 19.69
N ARG D 188 56.24 13.48 18.78
CA ARG D 188 57.46 12.77 19.20
C ARG D 188 58.49 13.75 19.75
N ILE D 189 58.71 14.87 19.06
CA ILE D 189 59.67 15.85 19.54
C ILE D 189 59.14 16.60 20.76
N LEU D 190 57.81 16.75 20.86
CA LEU D 190 57.24 17.37 22.05
C LEU D 190 57.46 16.49 23.28
N LEU D 191 57.27 15.18 23.15
CA LEU D 191 57.53 14.28 24.25
C LEU D 191 59.03 14.15 24.54
N ALA D 192 59.86 14.29 23.50
CA ALA D 192 61.30 14.30 23.73
C ALA D 192 61.72 15.52 24.53
N PHE D 193 61.14 16.68 24.24
CA PHE D 193 61.41 17.87 25.04
C PHE D 193 60.85 17.72 26.45
N ALA D 194 59.72 17.02 26.58
CA ALA D 194 59.14 16.80 27.90
C ALA D 194 60.04 15.91 28.76
N GLU D 195 60.55 14.82 28.17
CA GLU D 195 61.43 13.92 28.92
C GLU D 195 62.83 14.50 29.12
N GLU D 196 63.23 15.48 28.31
CA GLU D 196 64.50 16.14 28.53
C GLU D 196 64.47 17.03 29.76
N ASN D 197 63.30 17.60 30.08
CA ASN D 197 63.13 18.44 31.25
C ASN D 197 62.61 17.67 32.47
N ASP D 198 62.58 16.34 32.39
CA ASP D 198 62.09 15.48 33.47
C ASP D 198 60.64 15.84 33.86
N ILE D 199 59.83 16.15 32.86
CA ILE D 199 58.43 16.48 33.06
C ILE D 199 57.49 15.55 32.29
N LEU D 200 58.03 14.63 31.49
CA LEU D 200 57.19 13.72 30.72
C LEU D 200 56.31 12.87 31.62
N GLY D 201 56.83 12.45 32.77
CA GLY D 201 56.06 11.69 33.72
C GLY D 201 55.16 12.50 34.63
N ARG D 202 55.09 13.82 34.42
CA ARG D 202 54.31 14.71 35.28
C ARG D 202 53.03 15.19 34.61
N PHE D 203 53.12 15.76 33.41
CA PHE D 203 51.97 16.38 32.76
C PHE D 203 51.44 15.56 31.58
N ILE D 204 51.85 14.29 31.46
CA ILE D 204 51.32 13.44 30.40
C ILE D 204 49.83 13.20 30.61
N ASN D 205 49.41 13.06 31.87
CA ASN D 205 48.00 12.97 32.22
C ASN D 205 47.43 14.35 32.54
N ALA D 206 47.53 15.25 31.57
CA ALA D 206 47.04 16.61 31.75
C ALA D 206 45.52 16.61 31.89
N GLU D 207 45.01 17.54 32.69
CA GLU D 207 43.60 17.60 33.04
C GLU D 207 42.96 18.79 32.35
N TYR D 208 41.93 18.51 31.54
CA TYR D 208 41.17 19.56 30.90
C TYR D 208 40.23 20.03 31.97
N THR D 209 40.69 20.92 32.81
CA THR D 209 39.92 21.41 33.95
C THR D 209 38.97 22.51 33.49
N GLU D 210 37.78 22.09 33.03
CA GLU D 210 36.71 23.01 32.70
C GLU D 210 35.40 22.42 33.19
N GLU D 211 34.42 23.30 33.45
CA GLU D 211 33.18 22.89 34.08
C GLU D 211 32.38 21.90 33.24
N ALA D 212 32.69 21.76 31.95
CA ALA D 212 31.99 20.83 31.10
C ALA D 212 32.69 19.47 31.04
N TYR D 213 34.02 19.46 30.83
CA TYR D 213 34.77 18.24 30.66
C TYR D 213 35.41 17.76 31.97
N GLU D 214 36.31 18.55 32.55
CA GLU D 214 36.86 18.34 33.90
C GLU D 214 37.66 17.04 34.03
N GLY D 215 37.74 16.24 32.97
CA GLY D 215 38.40 14.95 33.12
C GLY D 215 39.17 14.42 31.92
N GLN D 216 39.33 15.24 30.89
CA GLN D 216 39.98 14.76 29.68
C GLN D 216 41.48 14.61 29.88
N THR D 217 42.08 13.68 29.14
CA THR D 217 43.51 13.51 29.06
C THR D 217 43.91 13.43 27.58
N ALA D 218 45.22 13.36 27.34
CA ALA D 218 45.71 13.25 25.97
C ALA D 218 45.36 11.88 25.38
N LEU D 219 45.37 10.83 26.22
CA LEU D 219 45.08 9.49 25.74
C LEU D 219 43.63 9.37 25.28
N ASN D 220 42.71 10.02 25.99
CA ASN D 220 41.29 9.96 25.62
C ASN D 220 41.07 10.56 24.24
N ILE D 221 41.66 11.72 23.97
CA ILE D 221 41.49 12.36 22.66
C ILE D 221 42.19 11.54 21.59
N ALA D 222 43.35 10.97 21.91
CA ALA D 222 44.08 10.16 20.94
C ALA D 222 43.29 8.92 20.53
N ILE D 223 42.63 8.27 21.48
CA ILE D 223 41.83 7.10 21.15
C ILE D 223 40.60 7.50 20.34
N GLU D 224 39.96 8.62 20.71
CA GLU D 224 38.75 9.03 20.02
C GLU D 224 39.00 9.36 18.55
N ARG D 225 40.13 10.00 18.23
CA ARG D 225 40.40 10.49 16.90
C ARG D 225 40.82 9.40 15.92
N ARG D 226 40.51 8.13 16.25
CA ARG D 226 40.81 6.97 15.42
C ARG D 226 42.31 6.82 15.17
N GLN D 227 43.13 7.29 16.10
CA GLN D 227 44.58 7.20 15.99
C GLN D 227 45.08 6.16 16.99
N GLY D 228 45.57 5.04 16.47
CA GLY D 228 46.05 3.97 17.33
C GLY D 228 47.54 4.01 17.56
N ASP D 229 48.29 4.41 16.54
CA ASP D 229 49.74 4.52 16.69
C ASP D 229 50.06 5.49 17.79
N ILE D 230 49.54 6.71 17.67
CA ILE D 230 49.83 7.73 18.68
C ILE D 230 49.39 7.27 20.06
N ALA D 231 48.24 6.60 20.14
CA ALA D 231 47.79 6.06 21.42
C ALA D 231 48.74 4.99 21.93
N ALA D 232 49.27 4.16 21.02
CA ALA D 232 50.24 3.14 21.42
C ALA D 232 51.52 3.79 21.93
N LEU D 233 51.97 4.86 21.27
CA LEU D 233 53.19 5.55 21.70
C LEU D 233 52.96 6.22 23.06
N LEU D 234 51.78 6.78 23.27
CA LEU D 234 51.47 7.40 24.56
C LEU D 234 51.41 6.35 25.67
N ILE D 235 50.86 5.18 25.37
CA ILE D 235 50.79 4.11 26.36
C ILE D 235 52.19 3.61 26.70
N ALA D 236 53.03 3.43 25.68
CA ALA D 236 54.41 2.99 25.92
C ALA D 236 55.20 4.03 26.69
N ALA D 237 54.95 5.32 26.44
CA ALA D 237 55.64 6.37 27.17
C ALA D 237 55.18 6.43 28.62
N GLY D 238 53.94 6.03 28.89
CA GLY D 238 53.42 6.05 30.25
C GLY D 238 52.33 7.07 30.45
N ALA D 239 51.08 6.61 30.45
CA ALA D 239 49.92 7.47 30.65
C ALA D 239 48.99 6.84 31.67
N ASP D 240 47.94 7.56 32.03
CA ASP D 240 46.94 7.07 32.98
C ASP D 240 45.98 6.16 32.21
N VAL D 241 46.14 4.85 32.40
CA VAL D 241 45.31 3.88 31.67
C VAL D 241 43.86 3.97 32.10
N ASN D 242 43.61 4.06 33.41
CA ASN D 242 42.26 4.19 33.95
C ASN D 242 42.08 5.62 34.44
N ALA D 243 41.69 6.50 33.52
CA ALA D 243 41.51 7.92 33.82
C ALA D 243 40.03 8.26 33.68
N HIS D 244 39.37 8.53 34.80
CA HIS D 244 37.95 8.86 34.80
C HIS D 244 37.75 10.28 34.28
N ALA D 245 37.05 10.39 33.15
CA ALA D 245 36.75 11.70 32.56
C ALA D 245 35.38 12.18 33.06
N LYS D 246 35.36 12.56 34.34
CA LYS D 246 34.13 12.96 35.00
C LYS D 246 33.79 14.40 34.61
N GLY D 247 32.61 14.60 34.01
CA GLY D 247 32.20 15.93 33.61
C GLY D 247 30.71 15.98 33.34
N ALA D 248 30.19 17.21 33.31
CA ALA D 248 28.77 17.41 33.06
C ALA D 248 28.41 17.12 31.61
N PHE D 249 29.24 17.56 30.67
CA PHE D 249 29.00 17.25 29.26
C PHE D 249 29.20 15.77 28.98
N PHE D 250 30.15 15.14 29.68
CA PHE D 250 30.40 13.71 29.53
C PHE D 250 29.35 12.85 30.22
N ASN D 251 28.51 13.44 31.06
CA ASN D 251 27.42 12.75 31.73
C ASN D 251 26.14 13.52 31.44
N PRO D 252 25.60 13.41 30.24
CA PRO D 252 24.43 14.20 29.88
C PRO D 252 23.18 13.69 30.55
N LYS D 253 22.24 14.61 30.78
CA LYS D 253 20.96 14.24 31.39
C LYS D 253 20.12 13.41 30.42
N TYR D 254 20.14 13.76 29.14
CA TYR D 254 19.43 13.03 28.10
C TYR D 254 20.43 12.48 27.08
N GLN D 255 19.94 11.88 26.01
CA GLN D 255 20.84 11.36 24.99
C GLN D 255 21.38 12.46 24.11
N HIS D 256 20.52 13.40 23.73
CA HIS D 256 20.92 14.44 22.79
C HIS D 256 21.76 15.54 23.43
N GLU D 257 21.85 15.58 24.76
CA GLU D 257 22.60 16.64 25.42
C GLU D 257 24.10 16.50 25.22
N GLY D 258 24.60 15.27 25.18
CA GLY D 258 26.02 15.06 25.04
C GLY D 258 26.35 13.64 24.62
N PHE D 259 27.62 13.30 24.78
CA PHE D 259 28.14 11.98 24.40
C PHE D 259 28.56 11.23 25.66
N TYR D 260 28.00 10.05 25.87
CA TYR D 260 28.37 9.19 26.98
C TYR D 260 29.08 7.96 26.45
N PHE D 261 30.28 7.69 26.98
CA PHE D 261 31.12 6.60 26.48
C PHE D 261 31.72 5.79 27.61
N GLY D 262 31.18 5.89 28.83
CA GLY D 262 31.72 5.18 29.97
C GLY D 262 32.74 5.95 30.77
N GLU D 263 33.20 7.10 30.27
CA GLU D 263 34.10 8.00 31.00
C GLU D 263 35.44 7.33 31.32
N THR D 264 35.84 6.39 30.47
CA THR D 264 37.12 5.71 30.62
C THR D 264 37.72 5.49 29.23
N PRO D 265 39.05 5.49 29.11
CA PRO D 265 39.66 5.21 27.80
C PRO D 265 39.32 3.83 27.25
N LEU D 266 39.19 2.83 28.12
CA LEU D 266 38.87 1.48 27.66
C LEU D 266 37.46 1.43 27.09
N ALA D 267 36.49 1.97 27.83
CA ALA D 267 35.12 1.99 27.33
C ALA D 267 34.94 2.93 26.15
N LEU D 268 35.77 3.98 26.05
CA LEU D 268 35.74 4.83 24.87
C LEU D 268 36.25 4.09 23.64
N ALA D 269 37.32 3.33 23.80
CA ALA D 269 37.83 2.53 22.68
C ALA D 269 36.82 1.47 22.25
N ALA D 270 36.12 0.87 23.21
CA ALA D 270 35.12 -0.14 22.87
C ALA D 270 33.87 0.50 22.28
N CYS D 271 33.55 1.73 22.68
CA CYS D 271 32.33 2.36 22.19
C CYS D 271 32.48 2.82 20.74
N THR D 272 33.62 3.41 20.39
CA THR D 272 33.80 3.95 19.04
C THR D 272 34.50 2.96 18.11
N ASN D 273 34.03 1.72 18.13
CA ASN D 273 34.41 0.65 17.19
C ASN D 273 35.90 0.65 16.86
N GLN D 274 36.72 0.45 17.89
CA GLN D 274 38.18 0.43 17.73
C GLN D 274 38.71 -0.89 18.28
N PRO D 275 38.70 -1.94 17.46
CA PRO D 275 39.14 -3.26 17.96
C PRO D 275 40.63 -3.30 18.31
N GLU D 276 41.50 -2.74 17.46
CA GLU D 276 42.93 -2.81 17.74
C GLU D 276 43.28 -2.07 19.02
N ILE D 277 42.67 -0.91 19.25
CA ILE D 277 42.99 -0.12 20.43
C ILE D 277 42.47 -0.79 21.69
N VAL D 278 41.28 -1.41 21.62
CA VAL D 278 40.74 -2.05 22.82
C VAL D 278 41.50 -3.33 23.14
N GLN D 279 42.05 -4.00 22.13
CA GLN D 279 42.97 -5.10 22.41
C GLN D 279 44.24 -4.62 23.08
N LEU D 280 44.79 -3.49 22.61
CA LEU D 280 45.98 -2.94 23.24
C LEU D 280 45.69 -2.49 24.67
N LEU D 281 44.52 -1.90 24.91
CA LEU D 281 44.16 -1.43 26.24
C LEU D 281 43.93 -2.60 27.19
N MET D 282 43.26 -3.65 26.72
CA MET D 282 42.96 -4.77 27.60
C MET D 282 44.19 -5.63 27.88
N GLU D 283 45.11 -5.72 26.91
CA GLU D 283 46.36 -6.47 27.11
C GLU D 283 47.40 -5.56 27.78
N HIS D 284 47.14 -5.26 29.04
CA HIS D 284 48.01 -4.40 29.82
C HIS D 284 47.90 -4.79 31.29
N GLU D 285 48.84 -4.28 32.09
CA GLU D 285 48.93 -4.69 33.49
C GLU D 285 47.93 -3.95 34.36
N GLN D 286 48.00 -2.61 34.39
CA GLN D 286 47.20 -1.81 35.30
C GLN D 286 45.90 -1.32 34.68
N THR D 287 45.36 -2.03 33.70
CA THR D 287 44.07 -1.67 33.11
C THR D 287 42.96 -2.17 34.03
N ASP D 288 42.34 -1.24 34.76
CA ASP D 288 41.25 -1.58 35.68
C ASP D 288 39.99 -1.85 34.87
N ILE D 289 39.81 -3.11 34.48
CA ILE D 289 38.64 -3.49 33.69
C ILE D 289 37.37 -3.38 34.53
N THR D 290 37.41 -3.88 35.76
CA THR D 290 36.26 -3.80 36.65
C THR D 290 36.23 -2.46 37.39
N SER D 291 36.25 -1.37 36.64
CA SER D 291 36.21 -0.02 37.20
C SER D 291 34.93 0.66 36.77
N ARG D 292 34.27 1.33 37.70
CA ARG D 292 32.99 1.99 37.45
C ARG D 292 33.15 3.50 37.55
N ASP D 293 32.52 4.22 36.63
CA ASP D 293 32.61 5.67 36.58
C ASP D 293 31.65 6.32 37.58
N SER D 294 31.41 7.63 37.41
CA SER D 294 30.55 8.35 38.34
C SER D 294 29.13 7.78 38.36
N ARG D 295 28.61 7.41 37.20
CA ARG D 295 27.31 6.76 37.16
C ARG D 295 27.34 5.33 37.69
N GLY D 296 28.53 4.78 37.96
CA GLY D 296 28.66 3.40 38.35
C GLY D 296 28.65 2.41 37.20
N ASN D 297 28.59 2.88 35.97
CA ASN D 297 28.53 2.00 34.82
C ASN D 297 29.87 1.32 34.59
N ASN D 298 29.82 0.04 34.22
CA ASN D 298 31.01 -0.71 33.82
C ASN D 298 31.21 -0.55 32.33
N ILE D 299 32.10 -1.37 31.75
CA ILE D 299 32.31 -1.33 30.31
C ILE D 299 31.06 -1.83 29.57
N LEU D 300 30.44 -2.88 30.10
CA LEU D 300 29.27 -3.47 29.44
C LEU D 300 28.04 -2.59 29.58
N HIS D 301 27.91 -1.87 30.70
CA HIS D 301 26.85 -0.87 30.83
C HIS D 301 27.03 0.22 29.78
N ALA D 302 28.27 0.67 29.57
CA ALA D 302 28.54 1.69 28.56
C ALA D 302 28.23 1.17 27.16
N LEU D 303 28.57 -0.09 26.89
CA LEU D 303 28.26 -0.68 25.58
C LEU D 303 26.76 -0.83 25.38
N VAL D 304 26.01 -1.07 26.47
CA VAL D 304 24.56 -1.18 26.37
C VAL D 304 23.95 0.20 26.08
N THR D 305 24.44 1.24 26.76
CA THR D 305 23.86 2.57 26.63
C THR D 305 24.15 3.22 25.29
N VAL D 306 25.07 2.69 24.49
CA VAL D 306 25.41 3.26 23.20
C VAL D 306 24.89 2.40 22.05
N ALA D 307 23.98 1.47 22.35
CA ALA D 307 23.42 0.60 21.32
C ALA D 307 22.20 1.26 20.69
N GLU D 308 21.46 0.50 19.89
CA GLU D 308 20.26 1.00 19.23
C GLU D 308 19.10 0.06 19.52
N ASP D 309 17.89 0.64 19.55
CA ASP D 309 16.69 -0.16 19.81
C ASP D 309 16.45 -1.16 18.70
N PHE D 310 16.63 -0.74 17.44
CA PHE D 310 16.46 -1.62 16.29
C PHE D 310 17.82 -1.97 15.72
N LYS D 311 17.96 -3.21 15.25
CA LYS D 311 19.22 -3.66 14.68
C LYS D 311 19.44 -3.01 13.32
N THR D 312 20.65 -2.48 13.10
CA THR D 312 21.03 -1.87 11.85
C THR D 312 21.73 -2.85 10.91
N GLN D 313 21.75 -4.14 11.26
CA GLN D 313 22.35 -5.26 10.53
C GLN D 313 23.87 -5.20 10.48
N ASN D 314 24.48 -4.13 10.98
CA ASN D 314 25.93 -3.99 11.07
C ASN D 314 26.34 -3.59 12.48
N ASP D 315 25.68 -4.19 13.47
CA ASP D 315 25.91 -3.83 14.87
C ASP D 315 27.28 -4.30 15.32
N PHE D 316 28.06 -3.40 15.90
CA PHE D 316 29.36 -3.72 16.46
C PHE D 316 29.38 -3.75 17.98
N VAL D 317 28.40 -3.13 18.63
CA VAL D 317 28.35 -3.13 20.09
C VAL D 317 28.07 -4.53 20.61
N LYS D 318 27.27 -5.31 19.89
CA LYS D 318 26.99 -6.67 20.31
C LYS D 318 28.23 -7.54 20.21
N ARG D 319 28.95 -7.45 19.09
CA ARG D 319 30.15 -8.27 18.92
C ARG D 319 31.29 -7.80 19.81
N MET D 320 31.33 -6.50 20.15
CA MET D 320 32.35 -6.02 21.08
C MET D 320 32.02 -6.41 22.51
N TYR D 321 30.73 -6.45 22.85
CA TYR D 321 30.29 -7.04 24.11
C TYR D 321 30.74 -8.49 24.20
N ASP D 322 30.54 -9.24 23.12
CA ASP D 322 30.94 -10.64 23.09
C ASP D 322 32.45 -10.79 23.25
N MET D 323 33.22 -10.00 22.51
CA MET D 323 34.68 -10.11 22.55
C MET D 323 35.23 -9.74 23.92
N ILE D 324 34.70 -8.67 24.53
CA ILE D 324 35.17 -8.25 25.85
C ILE D 324 34.83 -9.30 26.89
N LEU D 325 33.64 -9.90 26.79
CA LEU D 325 33.23 -10.90 27.78
C LEU D 325 34.13 -12.13 27.72
N LEU D 326 34.46 -12.61 26.52
CA LEU D 326 35.30 -13.79 26.39
C LEU D 326 36.76 -13.50 26.72
N ARG D 327 37.25 -12.31 26.37
CA ARG D 327 38.67 -12.03 26.58
C ARG D 327 39.02 -11.82 28.04
N SER D 328 38.11 -11.28 28.84
CA SER D 328 38.40 -11.04 30.25
C SER D 328 37.11 -11.04 31.04
N GLY D 329 37.25 -11.34 32.34
CA GLY D 329 36.11 -11.36 33.25
C GLY D 329 35.32 -12.64 33.15
N ASN D 330 35.00 -13.26 34.30
CA ASN D 330 34.22 -14.49 34.31
C ASN D 330 32.76 -14.22 34.66
N TRP D 331 32.50 -13.75 35.87
CA TRP D 331 31.13 -13.38 36.25
C TRP D 331 31.03 -12.10 37.06
N GLU D 332 32.07 -11.69 37.78
CA GLU D 332 31.99 -10.45 38.55
C GLU D 332 31.99 -9.22 37.64
N LEU D 333 32.47 -9.39 36.40
CA LEU D 333 32.45 -8.28 35.46
C LEU D 333 31.04 -7.93 35.02
N GLU D 334 30.14 -8.92 34.99
CA GLU D 334 28.73 -8.68 34.67
C GLU D 334 27.85 -8.61 35.91
N THR D 335 28.35 -9.01 37.07
CA THR D 335 27.57 -8.91 38.30
C THR D 335 27.63 -7.53 38.92
N THR D 336 28.55 -6.67 38.49
CA THR D 336 28.65 -5.32 39.03
C THR D 336 27.39 -4.54 38.70
N ARG D 337 26.83 -3.87 39.69
CA ARG D 337 25.56 -3.18 39.57
C ARG D 337 25.76 -1.69 39.34
N ASN D 338 24.88 -1.10 38.54
CA ASN D 338 24.84 0.34 38.36
C ASN D 338 24.49 1.04 39.67
N ASN D 339 24.68 2.37 39.69
CA ASN D 339 24.25 3.13 40.85
C ASN D 339 22.74 3.10 41.01
N ASP D 340 22.02 2.87 39.91
CA ASP D 340 20.59 2.59 40.01
C ASP D 340 20.31 1.19 40.55
N GLY D 341 21.31 0.30 40.52
CA GLY D 341 21.15 -1.05 41.03
C GLY D 341 20.78 -2.05 39.96
N LEU D 342 21.42 -1.96 38.79
CA LEU D 342 21.09 -2.80 37.65
C LEU D 342 22.35 -3.46 37.11
N THR D 343 22.22 -4.73 36.75
CA THR D 343 23.24 -5.43 35.99
C THR D 343 23.14 -5.03 34.52
N PRO D 344 24.16 -5.33 33.71
CA PRO D 344 24.05 -5.05 32.26
C PRO D 344 22.86 -5.73 31.61
N LEU D 345 22.46 -6.89 32.11
CA LEU D 345 21.27 -7.56 31.59
C LEU D 345 20.02 -6.75 31.85
N GLN D 346 19.81 -6.34 33.11
CA GLN D 346 18.65 -5.54 33.46
C GLN D 346 18.72 -4.16 32.80
N LEU D 347 19.92 -3.60 32.66
CA LEU D 347 20.06 -2.30 32.01
C LEU D 347 19.69 -2.39 30.53
N ALA D 348 20.10 -3.48 29.86
CA ALA D 348 19.73 -3.65 28.46
C ALA D 348 18.24 -3.90 28.30
N ALA D 349 17.60 -4.51 29.30
CA ALA D 349 16.16 -4.68 29.23
C ALA D 349 15.42 -3.37 29.48
N LYS D 350 15.92 -2.55 30.41
CA LYS D 350 15.23 -1.32 30.77
C LYS D 350 15.41 -0.25 29.70
N MET D 351 16.61 -0.10 29.17
CA MET D 351 16.88 0.97 28.21
C MET D 351 16.14 0.73 26.89
N GLY D 352 15.89 -0.52 26.53
CA GLY D 352 15.21 -0.85 25.29
C GLY D 352 16.06 -1.54 24.25
N LYS D 353 17.29 -1.93 24.55
CA LYS D 353 18.17 -2.58 23.58
C LYS D 353 17.70 -4.01 23.38
N ALA D 354 16.97 -4.25 22.29
CA ALA D 354 16.39 -5.57 22.06
C ALA D 354 17.43 -6.59 21.61
N GLU D 355 18.35 -6.19 20.73
CA GLU D 355 19.30 -7.14 20.17
C GLU D 355 20.34 -7.58 21.21
N ILE D 356 20.73 -6.68 22.10
CA ILE D 356 21.68 -7.05 23.15
C ILE D 356 21.02 -7.97 24.16
N LEU D 357 19.77 -7.68 24.52
CA LEU D 357 19.04 -8.57 25.41
C LEU D 357 18.84 -9.94 24.79
N LYS D 358 18.54 -9.99 23.49
CA LYS D 358 18.40 -11.26 22.80
C LYS D 358 19.71 -12.04 22.80
N TYR D 359 20.83 -11.34 22.59
CA TYR D 359 22.12 -12.03 22.57
C TYR D 359 22.49 -12.57 23.95
N ILE D 360 22.27 -11.79 25.01
CA ILE D 360 22.66 -12.23 26.35
C ILE D 360 21.77 -13.36 26.83
N LEU D 361 20.45 -13.25 26.61
CA LEU D 361 19.53 -14.28 27.06
C LEU D 361 19.72 -15.59 26.31
N SER D 362 20.33 -15.56 25.13
CA SER D 362 20.57 -16.76 24.32
C SER D 362 22.05 -16.85 23.95
N ARG D 363 22.92 -16.66 24.93
CA ARG D 363 24.36 -16.71 24.72
C ARG D 363 24.85 -18.13 24.96
N GLU D 364 25.25 -18.81 23.87
CA GLU D 364 25.73 -20.19 23.93
C GLU D 364 27.20 -20.23 23.58
N ILE D 365 28.00 -20.79 24.49
CA ILE D 365 29.44 -20.99 24.27
C ILE D 365 29.72 -22.47 24.39
N LYS D 366 30.30 -23.04 23.34
CA LYS D 366 30.59 -24.48 23.28
C LYS D 366 31.96 -24.83 23.84
N GLU D 367 32.79 -23.84 24.16
CA GLU D 367 34.11 -24.12 24.70
C GLU D 367 34.02 -24.47 26.18
N LYS D 368 34.81 -25.47 26.58
CA LYS D 368 34.78 -25.91 27.98
C LYS D 368 35.40 -24.88 28.91
N ARG D 369 36.39 -24.12 28.43
CA ARG D 369 37.00 -23.09 29.27
C ARG D 369 36.02 -21.96 29.57
N LEU D 370 35.20 -21.59 28.60
CA LEU D 370 34.26 -20.48 28.74
C LEU D 370 32.81 -20.97 28.76
N ARG D 371 32.58 -22.20 29.21
CA ARG D 371 31.22 -22.72 29.32
C ARG D 371 30.45 -22.03 30.46
N SER D 372 31.17 -21.57 31.48
CA SER D 372 30.49 -20.91 32.60
C SER D 372 29.89 -19.57 32.20
N LEU D 373 30.42 -18.95 31.14
CA LEU D 373 29.89 -17.67 30.69
C LEU D 373 28.80 -17.89 29.65
N SER D 374 27.82 -18.73 29.99
CA SER D 374 26.75 -19.08 29.06
C SER D 374 25.43 -19.09 29.79
N ARG D 375 24.35 -18.94 29.03
CA ARG D 375 23.01 -18.95 29.61
C ARG D 375 22.12 -19.98 28.92
N LYS D 376 22.43 -20.33 27.68
CA LYS D 376 21.70 -21.34 26.94
C LYS D 376 22.61 -22.54 26.70
N PHE D 377 22.13 -23.73 27.04
CA PHE D 377 22.83 -24.97 26.77
C PHE D 377 21.89 -25.90 26.02
N THR D 378 22.36 -26.44 24.90
CA THR D 378 21.58 -27.39 24.11
C THR D 378 21.82 -28.78 24.66
N ASP D 379 20.80 -29.32 25.35
CA ASP D 379 20.93 -30.66 25.93
C ASP D 379 21.08 -31.70 24.85
N TRP D 380 20.24 -31.66 23.82
CA TRP D 380 20.38 -32.53 22.66
C TRP D 380 19.70 -31.87 21.47
N ALA D 381 20.25 -32.13 20.29
CA ALA D 381 19.69 -31.62 19.05
C ALA D 381 19.34 -32.80 18.16
N TYR D 382 18.11 -32.77 17.61
CA TYR D 382 17.63 -33.85 16.76
C TYR D 382 16.94 -33.20 15.55
N GLY D 383 17.70 -32.96 14.50
CA GLY D 383 17.15 -32.37 13.29
C GLY D 383 16.57 -30.99 13.52
N PRO D 384 15.25 -30.87 13.41
CA PRO D 384 14.61 -29.56 13.60
C PRO D 384 14.29 -29.26 15.06
N VAL D 385 14.16 -30.28 15.90
CA VAL D 385 13.84 -30.08 17.30
C VAL D 385 15.14 -29.84 18.07
N SER D 386 15.03 -29.20 19.23
CA SER D 386 16.19 -28.90 20.06
C SER D 386 15.75 -28.73 21.51
N SER D 387 16.63 -29.12 22.43
CA SER D 387 16.37 -29.01 23.86
C SER D 387 17.35 -27.99 24.43
N SER D 388 16.92 -26.73 24.49
CA SER D 388 17.74 -25.64 24.99
C SER D 388 17.49 -25.45 26.48
N LEU D 389 18.57 -25.37 27.25
CA LEU D 389 18.49 -25.25 28.70
C LEU D 389 18.80 -23.79 29.09
N TYR D 390 17.75 -22.96 29.00
CA TYR D 390 17.92 -21.53 29.24
C TYR D 390 18.11 -21.25 30.72
N ASP D 391 18.82 -20.16 31.01
CA ASP D 391 19.16 -19.76 32.37
C ASP D 391 18.20 -18.68 32.85
N LEU D 392 17.65 -18.87 34.04
CA LEU D 392 16.72 -17.93 34.64
C LEU D 392 17.27 -17.42 35.98
N THR D 393 18.55 -17.09 36.02
CA THR D 393 19.16 -16.62 37.26
C THR D 393 18.58 -15.28 37.70
N ASN D 394 18.44 -14.35 36.75
CA ASN D 394 17.87 -13.04 37.03
C ASN D 394 16.70 -12.71 36.12
N VAL D 395 16.14 -13.72 35.44
CA VAL D 395 15.07 -13.52 34.48
C VAL D 395 13.69 -13.72 35.11
N ASP D 396 13.52 -14.80 35.88
CA ASP D 396 12.25 -15.05 36.55
C ASP D 396 11.99 -14.00 37.61
N THR D 397 10.72 -13.68 37.81
CA THR D 397 10.33 -12.65 38.76
C THR D 397 10.26 -13.19 40.18
N THR D 398 11.31 -13.87 40.61
CA THR D 398 11.45 -14.31 42.00
C THR D 398 12.43 -13.46 42.80
N THR D 399 13.35 -12.77 42.12
CA THR D 399 14.28 -11.87 42.77
C THR D 399 13.70 -10.45 42.74
N ASP D 400 14.53 -9.47 43.08
CA ASP D 400 14.14 -8.06 43.07
C ASP D 400 14.57 -7.43 41.75
N ASN D 401 13.65 -6.70 41.11
CA ASN D 401 13.90 -6.01 39.85
C ASN D 401 14.36 -6.99 38.77
N SER D 402 13.56 -8.02 38.54
CA SER D 402 13.88 -9.05 37.56
C SER D 402 13.79 -8.48 36.15
N VAL D 403 14.35 -9.24 35.19
CA VAL D 403 14.34 -8.80 33.81
C VAL D 403 12.93 -8.87 33.23
N LEU D 404 12.15 -9.88 33.61
CA LEU D 404 10.79 -10.01 33.11
C LEU D 404 9.92 -8.86 33.60
N GLU D 405 10.00 -8.53 34.88
CA GLU D 405 9.24 -7.41 35.42
C GLU D 405 9.69 -6.09 34.80
N ILE D 406 11.00 -5.94 34.58
CA ILE D 406 11.53 -4.73 33.97
C ILE D 406 11.04 -4.59 32.53
N THR D 407 11.07 -5.68 31.77
CA THR D 407 10.68 -5.63 30.36
C THR D 407 9.18 -5.61 30.16
N VAL D 408 8.39 -5.80 31.22
CA VAL D 408 6.94 -5.77 31.10
C VAL D 408 6.31 -4.50 31.69
N TYR D 409 7.06 -3.74 32.49
CA TYR D 409 6.52 -2.58 33.18
C TYR D 409 7.07 -1.26 32.65
N ASN D 410 7.70 -1.26 31.48
CA ASN D 410 8.32 -0.08 30.90
C ASN D 410 7.82 0.16 29.48
N THR D 411 6.49 0.19 29.33
CA THR D 411 5.87 0.34 28.02
C THR D 411 6.21 1.67 27.35
N ASN D 412 6.64 2.68 28.11
CA ASN D 412 6.81 4.02 27.59
C ASN D 412 7.90 4.14 26.53
N ILE D 413 8.75 3.12 26.37
CA ILE D 413 9.75 3.10 25.30
C ILE D 413 9.23 2.39 24.05
N ASP D 414 8.09 1.70 24.15
CA ASP D 414 7.29 1.22 23.01
C ASP D 414 7.93 0.03 22.33
N ASN D 415 9.17 -0.30 22.67
CA ASN D 415 9.88 -1.42 22.09
C ASN D 415 9.77 -2.69 22.95
N ARG D 416 8.65 -2.87 23.65
CA ARG D 416 8.51 -3.95 24.63
C ARG D 416 7.60 -5.08 24.16
N HIS D 417 7.54 -5.33 22.86
CA HIS D 417 6.95 -6.56 22.34
C HIS D 417 7.89 -7.35 21.46
N GLU D 418 8.66 -6.68 20.60
CA GLU D 418 9.78 -7.34 19.92
C GLU D 418 10.85 -7.76 20.91
N MET D 419 10.90 -7.12 22.08
CA MET D 419 11.74 -7.54 23.18
C MET D 419 11.05 -8.58 24.06
N LEU D 420 9.73 -8.50 24.18
CA LEU D 420 8.98 -9.49 24.95
C LEU D 420 8.80 -10.80 24.20
N THR D 421 8.98 -10.81 22.88
CA THR D 421 8.81 -12.02 22.09
C THR D 421 10.03 -12.92 22.11
N LEU D 422 11.10 -12.53 22.79
CA LEU D 422 12.28 -13.39 22.90
C LEU D 422 11.92 -14.66 23.66
N GLU D 423 12.64 -15.74 23.34
CA GLU D 423 12.25 -17.07 23.80
C GLU D 423 12.23 -17.21 25.32
N PRO D 424 13.27 -16.84 26.09
CA PRO D 424 13.21 -17.07 27.54
C PRO D 424 12.14 -16.24 28.24
N LEU D 425 11.66 -15.16 27.64
CA LEU D 425 10.56 -14.38 28.20
C LEU D 425 9.21 -14.86 27.69
N HIS D 426 9.13 -15.22 26.41
CA HIS D 426 7.86 -15.64 25.82
C HIS D 426 7.38 -16.95 26.43
N THR D 427 8.27 -17.93 26.56
CA THR D 427 7.86 -19.20 27.16
C THR D 427 7.60 -19.04 28.65
N LEU D 428 8.27 -18.08 29.30
CA LEU D 428 8.05 -17.84 30.71
C LEU D 428 6.65 -17.28 30.95
N LEU D 429 6.24 -16.31 30.12
CA LEU D 429 4.90 -15.75 30.26
C LEU D 429 3.84 -16.76 29.87
N HIS D 430 4.10 -17.56 28.82
CA HIS D 430 3.11 -18.55 28.39
C HIS D 430 2.89 -19.61 29.45
N MET D 431 3.96 -20.15 30.02
CA MET D 431 3.81 -21.20 31.03
C MET D 431 3.30 -20.62 32.35
N LYS D 432 3.63 -19.37 32.65
CA LYS D 432 3.03 -18.70 33.80
C LYS D 432 1.52 -18.56 33.60
N TRP D 433 1.09 -18.27 32.38
CA TRP D 433 -0.34 -18.14 32.08
C TRP D 433 -1.03 -19.50 32.08
N LYS D 434 -0.30 -20.58 31.79
CA LYS D 434 -0.91 -21.90 31.82
C LYS D 434 -1.06 -22.43 33.24
N LYS D 435 -0.02 -22.29 34.07
CA LYS D 435 -0.08 -22.84 35.41
C LYS D 435 -1.01 -22.04 36.32
N PHE D 436 -1.03 -20.72 36.18
CA PHE D 436 -1.90 -19.86 36.97
C PHE D 436 -2.18 -18.61 36.15
N ALA D 437 -2.74 -17.59 36.81
CA ALA D 437 -3.06 -16.29 36.20
C ALA D 437 -4.05 -16.39 35.05
N LYS D 438 -4.63 -17.56 34.82
CA LYS D 438 -5.74 -17.75 33.88
C LYS D 438 -6.99 -18.25 34.57
N HIS D 439 -6.86 -19.24 35.46
CA HIS D 439 -7.96 -19.59 36.34
C HIS D 439 -8.30 -18.44 37.28
N MET D 440 -7.29 -17.69 37.72
CA MET D 440 -7.52 -16.54 38.57
C MET D 440 -8.14 -15.38 37.80
N PHE D 441 -7.79 -15.24 36.52
CA PHE D 441 -8.44 -14.22 35.69
C PHE D 441 -9.91 -14.53 35.48
N PHE D 442 -10.24 -15.78 35.21
CA PHE D 442 -11.64 -16.17 35.06
C PHE D 442 -12.37 -16.07 36.40
N LEU D 443 -11.67 -16.35 37.51
CA LEU D 443 -12.27 -16.19 38.83
C LEU D 443 -12.58 -14.73 39.10
N SER D 444 -11.67 -13.83 38.72
CA SER D 444 -11.91 -12.40 38.89
C SER D 444 -13.09 -11.93 38.04
N PHE D 445 -13.17 -12.43 36.80
CA PHE D 445 -14.30 -12.08 35.94
C PHE D 445 -15.62 -12.59 36.51
N CYS D 446 -15.62 -13.82 37.04
CA CYS D 446 -16.83 -14.38 37.61
C CYS D 446 -17.26 -13.61 38.85
N PHE D 447 -16.31 -13.22 39.69
CA PHE D 447 -16.64 -12.45 40.90
C PHE D 447 -17.19 -11.08 40.53
N TYR D 448 -16.59 -10.42 39.55
CA TYR D 448 -17.08 -9.11 39.13
C TYR D 448 -18.42 -9.21 38.43
N PHE D 449 -18.64 -10.29 37.67
CA PHE D 449 -19.93 -10.47 37.01
C PHE D 449 -21.04 -10.70 38.03
N PHE D 450 -20.78 -11.52 39.05
CA PHE D 450 -21.77 -11.74 40.09
C PHE D 450 -22.02 -10.46 40.89
N TYR D 451 -20.96 -9.70 41.17
CA TYR D 451 -21.12 -8.44 41.88
C TYR D 451 -21.93 -7.44 41.06
N ASN D 452 -21.69 -7.37 39.75
CA ASN D 452 -22.41 -6.43 38.92
C ASN D 452 -23.88 -6.82 38.75
N ILE D 453 -24.15 -8.12 38.59
CA ILE D 453 -25.54 -8.54 38.41
C ILE D 453 -26.32 -8.41 39.71
N THR D 454 -25.66 -8.61 40.86
CA THR D 454 -26.35 -8.41 42.13
C THR D 454 -26.42 -6.93 42.53
N LEU D 455 -25.61 -6.07 41.89
CA LEU D 455 -25.81 -4.64 42.03
C LEU D 455 -26.98 -4.16 41.18
N THR D 456 -27.13 -4.75 39.99
CA THR D 456 -28.26 -4.38 39.13
C THR D 456 -29.58 -4.83 39.72
N LEU D 457 -29.67 -6.08 40.19
CA LEU D 457 -30.92 -6.60 40.74
C LEU D 457 -31.33 -5.93 42.03
N VAL D 458 -30.41 -5.30 42.75
CA VAL D 458 -30.79 -4.58 43.97
C VAL D 458 -31.57 -3.32 43.62
N SER D 459 -31.10 -2.57 42.63
CA SER D 459 -31.77 -1.33 42.25
C SER D 459 -33.06 -1.59 41.49
N TYR D 460 -33.03 -2.53 40.56
CA TYR D 460 -34.22 -2.81 39.75
C TYR D 460 -35.34 -3.41 40.59
N TYR D 461 -35.00 -4.32 41.49
CA TYR D 461 -35.99 -4.93 42.39
C TYR D 461 -35.98 -4.24 43.75
N ARG D 462 -36.20 -2.92 43.72
CA ARG D 462 -36.19 -2.09 44.90
C ARG D 462 -37.60 -1.65 45.28
N PRO D 463 -37.95 -1.68 46.56
CA PRO D 463 -39.28 -1.21 46.99
C PRO D 463 -39.46 0.27 46.70
N ARG D 464 -40.41 0.58 45.83
CA ARG D 464 -40.67 1.96 45.43
C ARG D 464 -41.40 2.72 46.52
N LEU D 482 -35.13 -10.39 53.25
CA LEU D 482 -34.99 -11.78 52.80
C LEU D 482 -33.74 -11.96 51.95
N GLN D 483 -33.54 -11.06 50.99
CA GLN D 483 -32.39 -11.10 50.09
C GLN D 483 -31.32 -10.11 50.50
N LEU D 484 -31.12 -9.92 51.81
CA LEU D 484 -30.11 -9.01 52.30
C LEU D 484 -28.69 -9.52 52.07
N LEU D 485 -28.52 -10.80 51.71
CA LEU D 485 -27.18 -11.32 51.44
C LEU D 485 -26.56 -10.63 50.22
N GLY D 486 -27.37 -10.36 49.19
CA GLY D 486 -26.87 -9.58 48.07
C GLY D 486 -26.61 -8.13 48.45
N ARG D 487 -27.49 -7.55 49.27
CA ARG D 487 -27.35 -6.16 49.69
C ARG D 487 -26.14 -5.95 50.59
N MET D 488 -25.61 -7.01 51.20
CA MET D 488 -24.35 -6.91 51.93
C MET D 488 -23.16 -7.38 51.10
N PHE D 489 -23.38 -8.25 50.12
CA PHE D 489 -22.30 -8.65 49.23
C PHE D 489 -21.80 -7.48 48.39
N VAL D 490 -22.71 -6.61 47.96
CA VAL D 490 -22.29 -5.43 47.21
C VAL D 490 -21.42 -4.53 48.07
N LEU D 491 -21.79 -4.37 49.35
CA LEU D 491 -21.01 -3.53 50.25
C LEU D 491 -19.62 -4.12 50.50
N ILE D 492 -19.57 -5.43 50.76
CA ILE D 492 -18.28 -6.06 51.06
C ILE D 492 -17.36 -6.01 49.85
N TRP D 493 -17.89 -6.35 48.67
CA TRP D 493 -17.05 -6.36 47.48
C TRP D 493 -16.66 -4.95 47.04
N ALA D 494 -17.55 -3.97 47.21
CA ALA D 494 -17.20 -2.60 46.87
C ALA D 494 -16.09 -2.08 47.78
N MET D 495 -16.17 -2.38 49.07
CA MET D 495 -15.10 -1.97 49.99
C MET D 495 -13.79 -2.66 49.65
N CYS D 496 -13.84 -3.95 49.32
CA CYS D 496 -12.63 -4.69 48.98
C CYS D 496 -11.97 -4.14 47.72
N ILE D 497 -12.76 -3.90 46.69
CA ILE D 497 -12.19 -3.38 45.45
C ILE D 497 -11.79 -1.91 45.61
N SER D 498 -12.43 -1.19 46.54
CA SER D 498 -12.06 0.19 46.78
C SER D 498 -10.68 0.30 47.41
N VAL D 499 -10.40 -0.52 48.44
CA VAL D 499 -9.08 -0.47 49.06
C VAL D 499 -8.04 -1.07 48.13
N LYS D 500 -8.41 -2.09 47.35
CA LYS D 500 -7.48 -2.68 46.40
C LYS D 500 -7.10 -1.71 45.29
N GLU D 501 -8.04 -0.87 44.86
CA GLU D 501 -7.71 0.17 43.89
C GLU D 501 -7.07 1.40 44.53
N GLY D 502 -7.33 1.63 45.81
CA GLY D 502 -6.69 2.74 46.51
C GLY D 502 -5.20 2.54 46.67
N ILE D 503 -4.79 1.32 47.07
CA ILE D 503 -3.37 1.06 47.20
C ILE D 503 -2.68 1.08 45.84
N ALA D 504 -3.40 0.67 44.79
CA ALA D 504 -2.84 0.74 43.44
C ALA D 504 -2.75 2.17 42.96
N ILE D 505 -3.75 3.00 43.27
CA ILE D 505 -3.72 4.40 42.87
C ILE D 505 -2.68 5.18 43.64
N PHE D 506 -2.25 4.69 44.80
CA PHE D 506 -1.20 5.35 45.56
C PHE D 506 0.20 4.84 45.25
N LEU D 507 0.30 3.60 44.76
CA LEU D 507 1.60 2.98 44.49
C LEU D 507 2.09 3.19 43.05
N LEU D 508 1.28 3.76 42.17
CA LEU D 508 1.72 3.94 40.79
C LEU D 508 2.61 5.17 40.66
N ARG D 509 3.35 5.22 39.55
CA ARG D 509 4.23 6.31 39.16
C ARG D 509 3.55 7.23 38.16
N PRO D 510 3.93 8.51 38.11
CA PRO D 510 3.34 9.41 37.11
C PRO D 510 3.74 9.09 35.68
N SER D 511 4.75 8.24 35.48
CA SER D 511 5.20 7.93 34.13
C SER D 511 4.16 7.12 33.35
N ASP D 512 3.50 6.17 34.02
CA ASP D 512 2.53 5.33 33.34
C ASP D 512 1.21 6.05 33.06
N LEU D 513 1.01 7.24 33.61
CA LEU D 513 -0.19 8.01 33.32
C LEU D 513 -0.14 8.74 31.98
N GLN D 514 1.00 8.70 31.29
CA GLN D 514 1.10 9.35 29.99
C GLN D 514 0.23 8.62 28.97
N SER D 515 -0.58 9.39 28.23
CA SER D 515 -1.53 8.91 27.23
C SER D 515 -2.63 8.04 27.82
N ILE D 516 -2.66 7.89 29.15
CA ILE D 516 -3.65 7.15 29.94
C ILE D 516 -4.00 5.80 29.29
N LEU D 517 -3.01 5.18 28.63
CA LEU D 517 -3.20 3.91 27.95
C LEU D 517 -2.57 2.73 28.67
N SER D 518 -1.50 2.94 29.44
CA SER D 518 -0.75 1.85 30.05
C SER D 518 -1.44 1.34 31.31
N ASP D 519 -2.62 0.75 31.13
CA ASP D 519 -3.33 0.16 32.26
C ASP D 519 -3.48 1.12 33.43
N ALA D 520 -3.83 2.36 33.12
CA ALA D 520 -4.05 3.34 34.19
C ALA D 520 -5.45 3.93 34.20
N TRP D 521 -6.13 3.95 33.04
CA TRP D 521 -7.48 4.46 33.00
C TRP D 521 -8.45 3.53 33.73
N PHE D 522 -8.29 2.22 33.54
CA PHE D 522 -9.22 1.26 34.13
C PHE D 522 -9.15 1.28 35.65
N HIS D 523 -7.99 1.56 36.23
CA HIS D 523 -7.90 1.70 37.68
C HIS D 523 -8.75 2.87 38.16
N PHE D 524 -8.75 3.98 37.41
CA PHE D 524 -9.54 5.14 37.78
C PHE D 524 -11.04 4.82 37.72
N VAL D 525 -11.47 4.14 36.65
CA VAL D 525 -12.90 3.84 36.51
C VAL D 525 -13.35 2.83 37.56
N PHE D 526 -12.52 1.82 37.84
CA PHE D 526 -12.86 0.85 38.87
C PHE D 526 -12.96 1.51 40.24
N PHE D 527 -12.03 2.42 40.55
CA PHE D 527 -12.07 3.13 41.83
C PHE D 527 -13.29 4.04 41.92
N ILE D 528 -13.64 4.70 40.81
CA ILE D 528 -14.80 5.59 40.80
C ILE D 528 -16.09 4.79 41.03
N GLN D 529 -16.21 3.63 40.37
CA GLN D 529 -17.39 2.79 40.56
C GLN D 529 -17.48 2.29 42.00
N ALA D 530 -16.35 1.87 42.58
CA ALA D 530 -16.35 1.38 43.95
C ALA D 530 -16.76 2.48 44.92
N VAL D 531 -16.16 3.67 44.79
CA VAL D 531 -16.48 4.76 45.71
C VAL D 531 -17.91 5.23 45.51
N LEU D 532 -18.45 5.09 44.28
CA LEU D 532 -19.84 5.44 44.04
C LEU D 532 -20.78 4.51 44.79
N VAL D 533 -20.47 3.22 44.80
CA VAL D 533 -21.34 2.25 45.48
C VAL D 533 -21.37 2.50 46.98
N ILE D 534 -20.19 2.66 47.59
CA ILE D 534 -20.15 2.82 49.04
C ILE D 534 -20.73 4.17 49.46
N LEU D 535 -20.48 5.21 48.68
CA LEU D 535 -21.05 6.51 49.01
C LEU D 535 -22.56 6.51 48.88
N SER D 536 -23.09 5.84 47.84
CA SER D 536 -24.54 5.72 47.70
C SER D 536 -25.14 4.94 48.86
N VAL D 537 -24.44 3.90 49.33
CA VAL D 537 -24.90 3.17 50.51
C VAL D 537 -24.89 4.07 51.74
N PHE D 538 -23.88 4.94 51.85
CA PHE D 538 -23.79 5.86 52.97
C PHE D 538 -24.97 6.83 52.99
N LEU D 539 -25.35 7.36 51.83
CA LEU D 539 -26.53 8.20 51.76
C LEU D 539 -27.83 7.42 51.90
N TYR D 540 -27.81 6.12 51.60
CA TYR D 540 -28.97 5.28 51.84
C TYR D 540 -29.23 5.10 53.33
N LEU D 541 -28.16 4.85 54.11
CA LEU D 541 -28.32 4.69 55.54
C LEU D 541 -28.69 6.00 56.23
N PHE D 542 -28.26 7.13 55.68
CA PHE D 542 -28.53 8.44 56.25
C PHE D 542 -29.90 8.98 55.86
N ALA D 543 -30.73 8.18 55.18
CA ALA D 543 -32.06 8.58 54.74
C ALA D 543 -32.02 9.83 53.87
N TYR D 544 -31.01 9.92 53.01
CA TYR D 544 -30.86 11.04 52.10
C TYR D 544 -31.71 10.82 50.85
N LYS D 545 -31.51 11.67 49.85
CA LYS D 545 -32.27 11.58 48.60
C LYS D 545 -31.40 11.35 47.38
N GLU D 546 -30.13 11.75 47.41
CA GLU D 546 -29.24 11.65 46.26
C GLU D 546 -28.60 10.28 46.12
N TYR D 547 -29.03 9.28 46.90
CA TYR D 547 -28.45 7.95 46.79
C TYR D 547 -28.83 7.28 45.47
N LEU D 548 -30.01 7.58 44.94
CA LEU D 548 -30.46 6.93 43.71
C LEU D 548 -29.62 7.34 42.52
N ALA D 549 -29.26 8.62 42.43
CA ALA D 549 -28.46 9.10 41.31
C ALA D 549 -27.07 8.47 41.33
N CYS D 550 -26.44 8.41 42.50
CA CYS D 550 -25.10 7.84 42.61
C CYS D 550 -25.11 6.34 42.33
N LEU D 551 -26.14 5.64 42.80
CA LEU D 551 -26.20 4.20 42.57
C LEU D 551 -26.53 3.88 41.11
N VAL D 552 -27.36 4.70 40.47
CA VAL D 552 -27.65 4.51 39.05
C VAL D 552 -26.40 4.72 38.22
N LEU D 553 -25.64 5.77 38.51
CA LEU D 553 -24.37 5.98 37.83
C LEU D 553 -23.39 4.86 38.14
N ALA D 554 -23.47 4.30 39.34
CA ALA D 554 -22.57 3.21 39.73
C ALA D 554 -22.81 1.96 38.88
N MET D 555 -24.07 1.56 38.74
CA MET D 555 -24.35 0.36 37.96
C MET D 555 -24.26 0.60 36.45
N ALA D 556 -24.46 1.85 36.00
CA ALA D 556 -24.24 2.15 34.59
C ALA D 556 -22.76 2.12 34.26
N LEU D 557 -21.90 2.49 35.22
CA LEU D 557 -20.46 2.38 35.03
C LEU D 557 -19.98 0.95 35.18
N GLY D 558 -20.63 0.16 36.05
CA GLY D 558 -20.17 -1.20 36.30
C GLY D 558 -20.33 -2.12 35.10
N TRP D 559 -21.45 -2.01 34.39
CA TRP D 559 -21.67 -2.85 33.22
C TRP D 559 -20.77 -2.45 32.07
N ALA D 560 -20.37 -1.17 32.00
CA ALA D 560 -19.42 -0.73 30.98
C ALA D 560 -17.97 -0.99 31.39
N ASN D 561 -17.73 -1.44 32.62
CA ASN D 561 -16.39 -1.76 33.08
C ASN D 561 -16.03 -3.22 32.85
N MET D 562 -16.96 -4.05 32.37
CA MET D 562 -16.66 -5.44 32.09
C MET D 562 -15.80 -5.61 30.85
N LEU D 563 -15.58 -4.55 30.07
CA LEU D 563 -14.70 -4.62 28.92
C LEU D 563 -13.24 -4.78 29.31
N TYR D 564 -12.89 -4.56 30.58
CA TYR D 564 -11.51 -4.78 31.02
C TYR D 564 -11.19 -6.26 31.08
N TYR D 565 -12.18 -7.10 31.33
CA TYR D 565 -11.97 -8.53 31.50
C TYR D 565 -11.90 -9.29 30.18
N THR D 566 -12.02 -8.61 29.05
CA THR D 566 -12.02 -9.29 27.76
C THR D 566 -10.62 -9.59 27.24
N ARG D 567 -9.57 -9.33 28.03
CA ARG D 567 -8.20 -9.62 27.60
C ARG D 567 -7.96 -11.11 27.41
N GLY D 568 -8.84 -11.97 27.93
CA GLY D 568 -8.65 -13.40 27.79
C GLY D 568 -8.70 -13.86 26.33
N PHE D 569 -9.55 -13.20 25.55
CA PHE D 569 -9.68 -13.56 24.15
C PHE D 569 -8.89 -12.61 23.28
N GLN D 570 -8.22 -13.15 22.27
CA GLN D 570 -7.42 -12.31 21.39
C GLN D 570 -8.31 -11.49 20.46
N SER D 571 -9.34 -12.12 19.89
CA SER D 571 -10.18 -11.43 18.91
C SER D 571 -10.91 -10.24 19.54
N MET D 572 -11.43 -10.42 20.75
CA MET D 572 -12.07 -9.30 21.43
C MET D 572 -11.07 -8.38 22.10
N GLY D 573 -9.86 -8.88 22.40
CA GLY D 573 -8.83 -8.00 22.93
C GLY D 573 -8.40 -6.96 21.92
N MET D 574 -8.38 -7.31 20.64
CA MET D 574 -8.11 -6.33 19.59
C MET D 574 -9.18 -5.26 19.57
N TYR D 575 -10.44 -5.67 19.71
CA TYR D 575 -11.54 -4.71 19.69
C TYR D 575 -11.49 -3.77 20.89
N SER D 576 -11.12 -4.29 22.06
CA SER D 576 -11.09 -3.46 23.26
C SER D 576 -9.93 -2.46 23.20
N VAL D 577 -8.75 -2.89 22.74
CA VAL D 577 -7.64 -1.97 22.65
C VAL D 577 -7.89 -0.93 21.56
N MET D 578 -8.62 -1.29 20.51
CA MET D 578 -9.03 -0.31 19.52
C MET D 578 -10.01 0.68 20.11
N ILE D 579 -10.90 0.21 21.00
CA ILE D 579 -11.83 1.11 21.69
C ILE D 579 -11.04 2.15 22.48
N GLN D 580 -10.10 1.70 23.31
CA GLN D 580 -9.38 2.60 24.19
C GLN D 580 -8.47 3.53 23.40
N LYS D 581 -8.03 3.11 22.22
CA LYS D 581 -7.15 3.97 21.42
C LYS D 581 -7.94 5.06 20.70
N VAL D 582 -9.03 4.70 20.01
CA VAL D 582 -9.68 5.69 19.15
C VAL D 582 -10.47 6.70 19.98
N ILE D 583 -10.95 6.33 21.18
CA ILE D 583 -11.71 7.29 21.97
C ILE D 583 -10.81 8.43 22.42
N LEU D 584 -9.54 8.13 22.69
CA LEU D 584 -8.60 9.13 23.17
C LEU D 584 -7.81 9.80 22.05
N HIS D 585 -7.81 9.23 20.85
CA HIS D 585 -7.02 9.78 19.76
C HIS D 585 -7.86 10.58 18.76
N ASP D 586 -8.97 10.04 18.29
CA ASP D 586 -9.78 10.70 17.27
C ASP D 586 -11.09 11.27 17.79
N VAL D 587 -11.74 10.59 18.73
CA VAL D 587 -13.06 11.04 19.19
C VAL D 587 -12.93 12.34 19.99
N LEU D 588 -11.85 12.47 20.76
CA LEU D 588 -11.70 13.66 21.61
C LEU D 588 -11.52 14.92 20.79
N LYS D 589 -10.73 14.87 19.72
CA LYS D 589 -10.53 16.03 18.87
C LYS D 589 -11.82 16.43 18.18
N PHE D 590 -12.56 15.45 17.64
CA PHE D 590 -13.83 15.74 17.01
C PHE D 590 -14.83 16.31 18.02
N LEU D 591 -14.82 15.78 19.24
CA LEU D 591 -15.73 16.28 20.27
C LEU D 591 -15.41 17.74 20.61
N PHE D 592 -14.14 18.09 20.69
CA PHE D 592 -13.77 19.47 21.00
C PHE D 592 -14.17 20.42 19.88
N VAL D 593 -13.92 20.03 18.63
CA VAL D 593 -14.28 20.88 17.50
C VAL D 593 -15.79 21.03 17.41
N TYR D 594 -16.52 19.92 17.57
CA TYR D 594 -17.98 19.98 17.50
C TYR D 594 -18.58 20.75 18.66
N ILE D 595 -17.97 20.67 19.84
CA ILE D 595 -18.44 21.45 20.99
C ILE D 595 -18.22 22.94 20.74
N VAL D 596 -17.11 23.30 20.09
CA VAL D 596 -16.88 24.69 19.72
C VAL D 596 -17.94 25.15 18.72
N PHE D 597 -18.24 24.30 17.73
CA PHE D 597 -19.28 24.63 16.76
C PHE D 597 -20.68 24.57 17.34
N LEU D 598 -20.86 23.96 18.51
CA LEU D 598 -22.19 23.85 19.12
C LEU D 598 -22.52 25.09 19.96
N LEU D 599 -21.61 25.48 20.84
CA LEU D 599 -21.87 26.62 21.72
C LEU D 599 -21.71 27.96 21.02
N GLY D 600 -21.18 27.98 19.79
CA GLY D 600 -21.13 29.19 19.02
C GLY D 600 -22.43 29.44 18.28
N PHE D 601 -22.94 28.39 17.63
CA PHE D 601 -24.24 28.48 16.98
C PHE D 601 -25.37 28.41 18.01
N GLY D 602 -25.11 27.85 19.19
CA GLY D 602 -26.15 27.73 20.19
C GLY D 602 -26.58 29.07 20.76
N VAL D 603 -25.62 29.97 21.00
CA VAL D 603 -25.97 31.27 21.55
C VAL D 603 -26.48 32.22 20.46
N ALA D 604 -26.07 31.99 19.21
CA ALA D 604 -26.55 32.83 18.12
C ALA D 604 -28.03 32.61 17.86
N LEU D 605 -28.46 31.35 17.80
CA LEU D 605 -29.87 31.06 17.59
C LEU D 605 -30.69 31.41 18.82
N ALA D 606 -30.13 31.25 20.02
CA ALA D 606 -30.84 31.62 21.23
C ALA D 606 -31.05 33.13 21.32
N SER D 607 -30.06 33.91 20.88
CA SER D 607 -30.20 35.36 20.90
C SER D 607 -30.94 35.90 19.70
N LEU D 608 -31.16 35.09 18.67
CA LEU D 608 -31.88 35.56 17.49
C LEU D 608 -33.37 35.72 17.76
N ILE D 609 -33.93 34.87 18.61
CA ILE D 609 -35.37 34.85 18.89
C ILE D 609 -35.62 35.47 20.24
N GLU D 610 -36.58 36.40 20.31
CA GLU D 610 -36.99 37.02 21.56
C GLU D 610 -38.02 36.13 22.25
N LYS D 611 -38.62 36.65 23.32
CA LYS D 611 -39.64 35.91 24.04
C LYS D 611 -40.95 35.87 23.25
N CYS D 612 -41.76 34.87 23.55
CA CYS D 612 -43.05 34.73 22.87
C CYS D 612 -43.99 35.86 23.29
N PRO D 613 -44.87 36.30 22.39
CA PRO D 613 -45.85 37.33 22.76
C PRO D 613 -46.78 36.88 23.88
N LYS D 614 -47.14 35.60 23.94
CA LYS D 614 -47.97 35.08 25.02
C LYS D 614 -47.16 34.78 26.28
N ASP D 615 -45.83 34.76 26.18
CA ASP D 615 -44.93 34.51 27.32
C ASP D 615 -45.20 33.17 27.99
N ASN D 616 -45.57 32.17 27.20
CA ASN D 616 -45.77 30.81 27.69
C ASN D 616 -44.64 29.87 27.30
N LYS D 617 -43.65 30.37 26.55
CA LYS D 617 -42.45 29.61 26.18
C LYS D 617 -42.80 28.34 25.40
N ASP D 618 -43.63 28.51 24.37
CA ASP D 618 -43.97 27.41 23.48
C ASP D 618 -43.91 27.76 22.00
N CYS D 619 -44.01 29.04 21.64
CA CYS D 619 -44.01 29.45 20.23
C CYS D 619 -42.63 29.75 19.68
N SER D 620 -41.59 29.74 20.53
CA SER D 620 -40.24 30.09 20.11
C SER D 620 -39.33 28.88 19.95
N SER D 621 -39.44 27.89 20.85
CA SER D 621 -38.68 26.65 20.88
C SER D 621 -37.19 26.87 21.16
N TYR D 622 -36.73 28.12 21.25
CA TYR D 622 -35.36 28.45 21.65
C TYR D 622 -35.48 29.65 22.58
N GLY D 623 -35.65 29.37 23.87
CA GLY D 623 -35.84 30.44 24.83
C GLY D 623 -34.63 30.69 25.71
N SER D 624 -33.63 29.83 25.60
CA SER D 624 -32.43 29.94 26.41
C SER D 624 -31.28 29.26 25.68
N PHE D 625 -30.09 29.34 26.27
CA PHE D 625 -28.92 28.72 25.64
C PHE D 625 -28.97 27.20 25.75
N SER D 626 -29.39 26.68 26.90
CA SER D 626 -29.46 25.24 27.08
C SER D 626 -30.50 24.61 26.17
N ASP D 627 -31.64 25.29 25.99
CA ASP D 627 -32.66 24.79 25.08
C ASP D 627 -32.15 24.74 23.66
N ALA D 628 -31.46 25.80 23.21
CA ALA D 628 -30.94 25.83 21.85
C ALA D 628 -29.85 24.79 21.66
N VAL D 629 -29.03 24.55 22.68
CA VAL D 629 -27.99 23.53 22.60
C VAL D 629 -28.61 22.15 22.43
N LEU D 630 -29.64 21.85 23.22
CA LEU D 630 -30.30 20.55 23.12
C LEU D 630 -31.00 20.38 21.78
N GLU D 631 -31.68 21.43 21.30
CA GLU D 631 -32.41 21.33 20.04
C GLU D 631 -31.47 21.24 18.83
N LEU D 632 -30.27 21.82 18.93
CA LEU D 632 -29.29 21.66 17.85
C LEU D 632 -28.69 20.27 17.87
N PHE D 633 -28.44 19.73 19.07
CA PHE D 633 -27.89 18.37 19.15
C PHE D 633 -28.87 17.33 18.66
N LYS D 634 -30.18 17.56 18.88
CA LYS D 634 -31.19 16.60 18.46
C LYS D 634 -31.20 16.47 16.94
N LEU D 635 -31.11 17.59 16.21
CA LEU D 635 -31.03 17.52 14.76
C LEU D 635 -29.65 17.11 14.27
N THR D 636 -28.62 17.24 15.11
CA THR D 636 -27.32 16.65 14.77
C THR D 636 -27.42 15.14 14.71
N ILE D 637 -28.12 14.53 15.68
CA ILE D 637 -28.36 13.09 15.63
C ILE D 637 -29.23 12.74 14.43
N GLY D 638 -30.23 13.58 14.14
CA GLY D 638 -31.14 13.32 13.04
C GLY D 638 -32.53 12.95 13.50
N LEU D 639 -32.99 13.60 14.56
CA LEU D 639 -34.30 13.29 15.13
C LEU D 639 -35.39 14.26 14.68
N GLY D 640 -35.05 15.52 14.44
CA GLY D 640 -36.02 16.46 13.92
C GLY D 640 -35.94 17.85 14.52
N ASP D 641 -37.08 18.53 14.57
CA ASP D 641 -37.20 19.88 15.15
C ASP D 641 -36.31 20.88 14.43
N LEU D 642 -36.32 20.83 13.10
CA LEU D 642 -35.54 21.80 12.32
C LEU D 642 -36.49 22.68 11.52
N ASN D 643 -37.79 22.52 11.71
CA ASN D 643 -38.80 23.31 11.01
C ASN D 643 -38.58 24.80 11.24
N ILE D 644 -39.32 25.61 10.47
CA ILE D 644 -39.10 27.04 10.42
C ILE D 644 -40.27 27.76 11.09
N GLN D 645 -40.20 29.09 11.12
CA GLN D 645 -41.16 29.96 11.81
C GLN D 645 -41.24 29.60 13.29
N GLN D 646 -40.13 29.83 13.98
CA GLN D 646 -40.01 29.64 15.43
C GLN D 646 -40.08 30.97 16.16
N ASN D 647 -40.95 31.87 15.71
CA ASN D 647 -41.11 33.23 16.25
C ASN D 647 -39.83 34.05 16.14
N SER D 648 -38.93 33.65 15.25
CA SER D 648 -37.69 34.41 15.05
C SER D 648 -37.93 35.66 14.21
N LYS D 649 -37.33 36.78 14.60
CA LYS D 649 -37.52 38.02 13.87
C LYS D 649 -36.88 37.98 12.49
N TYR D 650 -35.91 37.09 12.27
CA TYR D 650 -35.22 36.95 10.99
C TYR D 650 -35.26 35.49 10.59
N PRO D 651 -36.37 35.03 10.00
CA PRO D 651 -36.47 33.60 9.64
C PRO D 651 -35.45 33.17 8.60
N ILE D 652 -35.08 34.06 7.67
CA ILE D 652 -34.11 33.69 6.65
C ILE D 652 -32.73 33.51 7.26
N LEU D 653 -32.33 34.40 8.16
CA LEU D 653 -31.03 34.27 8.82
C LEU D 653 -31.00 33.04 9.73
N PHE D 654 -32.09 32.79 10.45
CA PHE D 654 -32.17 31.60 11.29
C PHE D 654 -32.05 30.33 10.46
N LEU D 655 -32.74 30.29 9.32
CA LEU D 655 -32.63 29.15 8.42
C LEU D 655 -31.21 29.02 7.88
N PHE D 656 -30.58 30.13 7.52
CA PHE D 656 -29.22 30.10 6.99
C PHE D 656 -28.24 29.58 8.03
N LEU D 657 -28.39 30.00 9.29
CA LEU D 657 -27.50 29.52 10.34
C LEU D 657 -27.73 28.03 10.61
N LEU D 658 -28.99 27.59 10.54
CA LEU D 658 -29.26 26.17 10.74
C LEU D 658 -28.66 25.32 9.62
N ILE D 659 -28.75 25.80 8.38
CA ILE D 659 -28.16 25.06 7.26
C ILE D 659 -26.65 25.03 7.37
N THR D 660 -26.05 26.16 7.78
CA THR D 660 -24.59 26.21 7.94
C THR D 660 -24.12 25.25 9.03
N TYR D 661 -24.85 25.20 10.14
CA TYR D 661 -24.50 24.26 11.21
C TYR D 661 -24.67 22.82 10.75
N VAL D 662 -25.73 22.55 9.98
CA VAL D 662 -25.96 21.19 9.46
C VAL D 662 -24.81 20.78 8.55
N ILE D 663 -24.36 21.69 7.68
CA ILE D 663 -23.24 21.38 6.79
C ILE D 663 -21.98 21.13 7.59
N LEU D 664 -21.67 22.03 8.53
CA LEU D 664 -20.41 21.94 9.27
C LEU D 664 -20.35 20.68 10.14
N THR D 665 -21.51 20.21 10.61
CA THR D 665 -21.50 19.03 11.47
C THR D 665 -21.67 17.74 10.67
N PHE D 666 -22.76 17.65 9.89
CA PHE D 666 -23.08 16.39 9.23
C PHE D 666 -22.17 16.13 8.04
N VAL D 667 -21.79 17.17 7.30
CA VAL D 667 -21.01 16.97 6.08
C VAL D 667 -19.51 17.06 6.34
N LEU D 668 -19.07 17.89 7.28
CA LEU D 668 -17.65 18.13 7.50
C LEU D 668 -17.08 17.34 8.65
N LEU D 669 -17.58 17.54 9.87
CA LEU D 669 -16.95 16.96 11.05
C LEU D 669 -17.24 15.46 11.16
N LEU D 670 -18.51 15.08 11.04
CA LEU D 670 -18.92 13.67 11.10
C LEU D 670 -18.32 12.84 9.98
N ASN D 671 -17.84 13.47 8.91
CA ASN D 671 -17.24 12.78 7.79
C ASN D 671 -15.72 12.68 7.92
N MET D 672 -15.08 13.74 8.41
CA MET D 672 -13.63 13.67 8.57
C MET D 672 -13.26 12.83 9.79
N LEU D 673 -14.17 12.68 10.74
CA LEU D 673 -13.95 11.70 11.80
C LEU D 673 -13.83 10.30 11.21
N ILE D 674 -14.68 9.98 10.22
CA ILE D 674 -14.53 8.76 9.44
C ILE D 674 -13.16 8.73 8.78
N ALA D 675 -12.70 9.88 8.26
CA ALA D 675 -11.39 9.94 7.62
C ALA D 675 -10.27 9.60 8.61
N LEU D 676 -10.35 10.13 9.83
CA LEU D 676 -9.24 10.00 10.76
C LEU D 676 -9.05 8.56 11.25
N MET D 677 -10.10 7.94 11.76
CA MET D 677 -9.95 6.55 12.18
C MET D 677 -9.68 5.66 10.97
N GLY D 678 -10.28 5.98 9.84
CA GLY D 678 -10.02 5.20 8.64
C GLY D 678 -8.54 5.15 8.31
N GLU D 679 -7.83 6.26 8.53
CA GLU D 679 -6.38 6.26 8.33
C GLU D 679 -5.66 5.67 9.54
N THR D 680 -6.28 5.76 10.72
CA THR D 680 -5.63 5.26 11.93
C THR D 680 -5.59 3.73 11.95
N VAL D 681 -6.69 3.09 11.55
CA VAL D 681 -6.81 1.64 11.71
C VAL D 681 -5.88 0.89 10.76
N GLU D 682 -5.63 1.48 9.59
CA GLU D 682 -4.71 0.86 8.63
C GLU D 682 -3.30 0.77 9.20
N ASN D 683 -2.96 1.63 10.16
CA ASN D 683 -1.67 1.52 10.85
C ASN D 683 -1.82 0.76 12.17
N VAL D 684 -3.04 0.66 12.69
CA VAL D 684 -3.25 0.10 14.02
C VAL D 684 -3.47 -1.41 13.98
N SER D 685 -4.11 -1.92 12.91
CA SER D 685 -4.53 -3.32 12.87
C SER D 685 -3.38 -4.30 13.01
N LYS D 686 -2.16 -3.91 12.63
CA LYS D 686 -0.98 -4.74 12.85
C LYS D 686 -0.18 -4.34 14.07
N GLU D 687 -0.56 -3.27 14.75
CA GLU D 687 0.17 -2.78 15.92
C GLU D 687 -0.54 -3.09 17.23
N SER D 688 -1.88 -3.21 17.19
CA SER D 688 -2.65 -3.47 18.39
C SER D 688 -2.38 -4.86 18.97
N GLU D 689 -1.85 -5.79 18.17
CA GLU D 689 -1.48 -7.09 18.69
C GLU D 689 -0.38 -6.98 19.73
N ARG D 690 0.59 -6.09 19.50
CA ARG D 690 1.62 -5.83 20.49
C ARG D 690 1.02 -5.31 21.79
N ILE D 691 0.04 -4.41 21.70
CA ILE D 691 -0.52 -3.81 22.90
C ILE D 691 -1.34 -4.83 23.68
N TRP D 692 -2.10 -5.67 22.97
CA TRP D 692 -2.88 -6.70 23.67
C TRP D 692 -1.98 -7.73 24.33
N ARG D 693 -0.92 -8.16 23.64
CA ARG D 693 0.00 -9.13 24.25
C ARG D 693 0.71 -8.53 25.46
N LEU D 694 1.09 -7.25 25.37
CA LEU D 694 1.74 -6.60 26.50
C LEU D 694 0.76 -6.39 27.66
N GLN D 695 -0.50 -6.09 27.36
CA GLN D 695 -1.50 -5.97 28.41
C GLN D 695 -1.74 -7.30 29.11
N ARG D 696 -1.80 -8.39 28.35
CA ARG D 696 -1.95 -9.71 28.96
C ARG D 696 -0.73 -10.09 29.79
N ALA D 697 0.46 -9.73 29.32
CA ALA D 697 1.66 -10.01 30.08
C ALA D 697 1.70 -9.21 31.38
N ARG D 698 1.26 -7.95 31.33
CA ARG D 698 1.18 -7.15 32.55
C ARG D 698 0.15 -7.72 33.52
N THR D 699 -0.95 -8.25 32.98
CA THR D 699 -1.95 -8.90 33.82
C THR D 699 -1.37 -10.14 34.50
N ILE D 700 -0.57 -10.92 33.75
CA ILE D 700 0.06 -12.11 34.31
C ILE D 700 1.02 -11.72 35.44
N LEU D 701 1.82 -10.67 35.22
CA LEU D 701 2.76 -10.24 36.26
C LEU D 701 2.03 -9.67 37.48
N GLU D 702 0.93 -8.95 37.25
CA GLU D 702 0.15 -8.42 38.37
C GLU D 702 -0.45 -9.55 39.20
N PHE D 703 -0.97 -10.59 38.54
CA PHE D 703 -1.51 -11.73 39.26
C PHE D 703 -0.41 -12.52 39.96
N GLU D 704 0.78 -12.56 39.38
CA GLU D 704 1.92 -13.19 40.04
C GLU D 704 2.27 -12.46 41.34
N LYS D 705 2.32 -11.13 41.27
CA LYS D 705 2.59 -10.33 42.47
C LYS D 705 1.47 -10.41 43.48
N MET D 706 0.24 -10.75 43.05
CA MET D 706 -0.87 -10.86 43.97
C MET D 706 -0.75 -12.09 44.87
N LEU D 707 -0.14 -13.16 44.37
CA LEU D 707 -0.05 -14.40 45.11
C LEU D 707 0.81 -14.22 46.37
N PRO D 708 0.48 -14.92 47.45
CA PRO D 708 1.26 -14.81 48.68
C PRO D 708 2.58 -15.58 48.58
N GLU D 709 3.35 -15.50 49.66
CA GLU D 709 4.67 -16.14 49.68
C GLU D 709 4.54 -17.66 49.72
N TRP D 710 3.57 -18.18 50.47
CA TRP D 710 3.44 -19.63 50.60
C TRP D 710 2.92 -20.26 49.32
N LEU D 711 2.07 -19.55 48.58
CA LEU D 711 1.53 -20.07 47.32
C LEU D 711 2.51 -19.94 46.16
N ARG D 712 3.60 -19.21 46.34
CA ARG D 712 4.58 -19.05 45.27
C ARG D 712 5.56 -20.22 45.25
N SER D 713 5.03 -21.44 45.25
CA SER D 713 5.82 -22.65 45.12
C SER D 713 5.79 -23.18 43.68
N ARG D 714 5.38 -22.36 42.73
CA ARG D 714 5.27 -22.73 41.32
C ARG D 714 6.51 -22.29 40.54
N PHE D 715 7.67 -22.42 41.14
CA PHE D 715 8.91 -21.96 40.53
C PHE D 715 9.31 -22.87 39.37
N ARG D 716 10.47 -22.61 38.79
CA ARG D 716 10.88 -23.24 37.54
C ARG D 716 11.66 -24.52 37.81
N MET D 717 12.33 -25.02 36.78
CA MET D 717 13.06 -26.29 36.88
C MET D 717 14.21 -26.15 37.87
N GLY D 718 14.60 -27.29 38.46
CA GLY D 718 15.61 -27.32 39.51
C GLY D 718 17.02 -27.01 39.05
N GLU D 719 18.00 -27.42 39.85
CA GLU D 719 19.39 -27.05 39.60
C GLU D 719 19.96 -27.78 38.39
N LEU D 720 21.01 -27.18 37.81
CA LEU D 720 21.69 -27.79 36.68
C LEU D 720 22.56 -28.96 37.10
N CYS D 721 23.50 -28.71 38.01
CA CYS D 721 24.49 -29.73 38.40
C CYS D 721 25.58 -29.78 37.32
N LYS D 722 25.44 -28.97 36.27
CA LYS D 722 26.45 -28.89 35.21
C LYS D 722 27.47 -27.79 35.46
N VAL D 723 27.18 -26.86 36.36
CA VAL D 723 28.14 -25.79 36.67
C VAL D 723 29.35 -26.36 37.38
N ALA D 724 29.16 -27.44 38.15
CA ALA D 724 30.20 -28.14 38.91
C ALA D 724 30.86 -27.25 39.96
N GLU D 725 30.25 -26.12 40.30
CA GLU D 725 30.74 -25.22 41.35
C GLU D 725 29.52 -24.76 42.15
N ASP D 726 29.16 -25.52 43.17
CA ASP D 726 28.06 -25.28 44.11
C ASP D 726 26.68 -25.37 43.46
N ASP D 727 26.60 -25.61 42.16
CA ASP D 727 25.36 -25.69 41.37
C ASP D 727 24.30 -24.68 41.83
N PHE D 728 24.68 -23.41 41.74
CA PHE D 728 23.80 -22.33 42.17
C PHE D 728 22.79 -21.91 41.10
N ARG D 729 22.86 -22.50 39.91
CA ARG D 729 21.97 -22.09 38.83
C ARG D 729 20.57 -22.65 39.02
N LEU D 730 19.59 -21.92 38.47
CA LEU D 730 18.17 -22.31 38.48
C LEU D 730 17.68 -22.10 37.04
N CYS D 731 17.74 -23.16 36.24
CA CYS D 731 17.48 -23.07 34.82
C CYS D 731 16.05 -23.47 34.47
N LEU D 732 15.76 -23.48 33.17
CA LEU D 732 14.45 -23.84 32.65
C LEU D 732 14.61 -24.75 31.45
N ARG D 733 13.87 -25.85 31.46
CA ARG D 733 13.91 -26.78 30.34
C ARG D 733 13.03 -26.27 29.22
N ILE D 734 13.57 -26.22 28.02
CA ILE D 734 12.83 -25.75 26.85
C ILE D 734 13.09 -26.70 25.70
N ASN D 735 12.01 -27.20 25.11
CA ASN D 735 12.07 -28.05 23.92
C ASN D 735 11.38 -27.30 22.79
N GLU D 736 12.18 -26.55 22.01
CA GLU D 736 11.67 -25.70 20.95
C GLU D 736 11.96 -26.32 19.59
N VAL D 737 11.07 -26.07 18.64
CA VAL D 737 11.17 -26.63 17.29
C VAL D 737 11.30 -25.47 16.30
N LYS D 738 12.19 -25.63 15.34
CA LYS D 738 12.39 -24.65 14.25
C LYS D 738 12.43 -25.44 12.95
N TRP D 739 11.25 -25.68 12.35
CA TRP D 739 11.21 -26.44 11.12
C TRP D 739 11.71 -25.62 9.93
N THR D 740 11.36 -24.33 9.90
CA THR D 740 11.80 -23.48 8.80
C THR D 740 13.31 -23.24 8.83
N GLU D 741 13.86 -22.98 10.03
CA GLU D 741 15.30 -22.78 10.14
C GLU D 741 16.06 -24.05 9.80
N TRP D 742 15.55 -25.21 10.25
CA TRP D 742 16.18 -26.48 9.92
C TRP D 742 16.12 -26.75 8.42
N LYS D 743 14.98 -26.45 7.79
CA LYS D 743 14.86 -26.68 6.35
C LYS D 743 15.83 -25.79 5.57
N THR D 744 15.98 -24.53 5.98
CA THR D 744 16.92 -23.65 5.31
C THR D 744 18.36 -24.08 5.54
N HIS D 745 18.70 -24.51 6.76
CA HIS D 745 20.07 -24.92 7.06
C HIS D 745 20.43 -26.20 6.32
N VAL D 746 19.51 -27.16 6.24
CA VAL D 746 19.81 -28.43 5.60
C VAL D 746 19.74 -28.30 4.08
N SER D 747 18.99 -27.32 3.56
CA SER D 747 18.90 -27.13 2.11
C SER D 747 20.27 -26.82 1.51
N PHE D 748 21.06 -25.97 2.18
CA PHE D 748 22.42 -25.70 1.73
C PHE D 748 23.42 -26.62 2.44
C10 A1EBL E . -21.42 32.12 8.25
C02 A1EBL E . -17.08 29.27 8.41
C03 A1EBL E . -18.05 29.73 9.49
C04 A1EBL E . -19.38 30.14 8.81
C05 A1EBL E . -17.28 27.78 8.19
C06 A1EBL E . -15.64 29.54 8.85
C07 A1EBL E . -20.40 30.54 9.90
C08 A1EBL E . -21.32 31.45 9.64
C09 A1EBL E . -22.32 31.82 10.74
C11 A1EBL E . -15.17 28.56 9.62
O01 A1EBL E . -17.35 29.97 7.22
N POV F . -40.75 34.88 3.60
P POV F . -39.04 31.10 3.22
C1 POV F . -37.56 32.19 1.31
C2 POV F . -36.29 31.37 1.59
C3 POV F . -35.14 31.70 0.67
C210 POV F . -28.79 22.84 0.71
C310 POV F . -24.19 26.84 1.77
C11 POV F . -41.01 32.63 2.34
O11 POV F . -38.71 31.47 1.67
C211 POV F . -27.32 22.98 0.51
C12 POV F . -41.64 33.83 2.99
O12 POV F . -40.61 31.65 3.26
C212 POV F . -26.52 22.27 1.60
C13 POV F . -39.50 35.07 2.83
O13 POV F . -39.06 29.61 3.33
C213 POV F . -26.54 20.75 1.47
C14 POV F . -40.40 34.42 4.98
O14 POV F . -38.23 31.93 4.16
C214 POV F . -25.90 20.03 2.66
C15 POV F . -41.45 36.20 3.73
C215 POV F . -26.07 18.52 2.61
C216 POV F . -26.44 17.92 3.97
C21 POV F . -36.00 29.14 2.38
O21 POV F . -36.52 29.97 1.47
C22 POV F . -36.37 27.72 2.10
O22 POV F . -35.31 29.51 3.30
C23 POV F . -35.65 27.09 0.92
C24 POV F . -34.19 26.80 1.24
C25 POV F . -34.02 25.87 2.44
C26 POV F . -33.24 24.60 2.11
C27 POV F . -31.79 24.85 1.74
C28 POV F . -31.18 23.66 0.98
C29 POV F . -29.71 23.81 0.77
C31 POV F . -32.79 31.90 0.81
O31 POV F . -33.93 31.63 1.43
C32 POV F . -31.63 31.45 1.66
O32 POV F . -32.71 32.43 -0.26
C33 POV F . -31.72 30.01 2.15
C34 POV F . -30.37 29.50 2.61
C35 POV F . -29.29 29.58 1.54
C36 POV F . -28.31 28.41 1.62
C37 POV F . -27.64 28.26 2.98
C38 POV F . -26.13 28.09 2.85
C39 POV F . -25.71 26.91 1.98
N POV G . -37.13 43.28 8.38
P POV G . -35.50 38.76 6.56
C1 POV G . -32.86 38.57 6.62
C2 POV G . -31.63 38.74 5.71
C3 POV G . -30.90 37.44 5.43
C11 POV G . -36.71 40.87 7.51
O11 POV G . -34.03 38.76 5.86
C12 POV G . -36.79 42.36 7.23
O12 POV G . -35.48 40.31 7.12
C13 POV G . -36.71 44.68 8.09
O13 POV G . -36.51 38.67 5.45
C14 POV G . -38.62 43.26 8.53
O14 POV G . -35.54 37.82 7.72
C15 POV G . -36.54 42.84 9.66
C21 POV G . -30.69 40.91 5.93
O21 POV G . -30.67 39.62 6.27
C22 POV G . -29.39 41.59 6.25
O22 POV G . -31.65 41.44 5.44
C23 POV G . -28.81 41.22 7.61
C24 POV G . -27.60 40.30 7.47
C25 POV G . -26.42 40.97 6.77
C26 POV G . -25.23 40.03 6.62
C27 POV G . -23.99 40.73 6.05
C28 POV G . -24.26 41.42 4.72
C31 POV G . -28.67 36.71 5.14
O31 POV G . -29.51 37.71 5.42
C32 POV G . -27.28 37.06 5.56
O32 POV G . -29.02 35.68 4.62
C33 POV G . -26.30 35.90 5.58
C34 POV G . -25.74 35.63 4.19
C35 POV G . -24.77 36.69 3.71
C36 POV G . -24.12 36.32 2.37
C37 POV G . -23.27 35.06 2.43
N POV H . 4.37 21.20 20.31
P POV H . 2.70 23.75 23.27
C1 POV H . 1.41 26.04 23.52
C2 POV H . 1.93 27.49 23.43
C3 POV H . 2.82 27.86 24.60
C210 POV H . -10.60 27.74 21.10
C11 POV H . 4.10 23.69 21.05
O11 POV H . 2.21 25.20 22.71
C211 POV H . -11.56 26.76 21.69
C12 POV H . 4.93 22.59 20.41
O12 POV H . 4.15 23.68 22.46
C212 POV H . -12.20 27.29 22.98
C13 POV H . 5.17 20.38 19.36
O13 POV H . 2.99 23.92 24.73
C14 POV H . 2.98 21.33 19.76
O14 POV H . 1.81 22.66 22.78
C15 POV H . 4.28 20.51 21.62
C21 POV H . 0.01 28.42 22.39
O21 POV H . 0.85 28.42 23.41
C22 POV H . -1.39 28.69 22.83
O22 POV H . 0.36 28.21 21.25
C23 POV H . -2.43 28.58 21.73
C24 POV H . -3.83 28.35 22.29
C25 POV H . -4.83 27.91 21.24
C26 POV H . -6.13 27.36 21.82
C27 POV H . -6.98 26.61 20.81
C28 POV H . -8.42 26.42 21.29
C29 POV H . -9.28 27.59 20.94
C31 POV H . 2.92 29.48 26.30
O31 POV H . 2.38 29.08 25.16
C32 POV H . 2.38 30.82 26.72
O32 POV H . 3.74 28.83 26.92
C33 POV H . 3.07 31.43 27.91
C34 POV H . 2.30 32.63 28.44
C35 POV H . 2.55 33.93 27.69
C36 POV H . 1.77 35.10 28.27
C37 POV H . 2.24 36.47 27.80
C38 POV H . 3.67 36.78 28.24
N POV I . -4.47 38.00 13.74
P POV I . -4.61 41.51 15.89
C1 POV I . -3.47 41.39 18.27
C2 POV I . -1.99 41.47 17.87
C3 POV I . -1.14 40.41 18.55
C210 POV I . -5.47 51.12 15.23
C310 POV I . 6.56 39.95 23.76
C11 POV I . -5.85 39.20 15.60
O11 POV I . -4.24 42.12 17.35
C211 POV I . -6.69 51.45 16.03
C311 POV I . 7.85 39.35 24.31
C12 POV I . -5.45 39.07 14.15
O12 POV I . -4.95 39.96 16.38
C212 POV I . -7.14 52.90 15.79
C312 POV I . 7.72 37.87 24.62
C13 POV I . -3.07 38.39 14.03
O13 POV I . -5.89 42.15 15.47
C213 POV I . -7.95 53.47 16.95
C14 POV I . -4.78 36.78 14.52
O14 POV I . -3.42 41.50 14.98
C214 POV I . -9.21 52.65 17.25
C15 POV I . -4.59 37.66 12.29
C215 POV I . -10.04 53.23 18.40
C21 POV I . -1.40 43.70 17.30
O21 POV I . -1.40 42.73 18.20
C22 POV I . -0.56 44.86 17.75
O22 POV I . -2.00 43.64 16.26
C23 POV I . -1.22 45.76 18.79
C24 POV I . -2.40 46.52 18.20
C25 POV I . -2.09 47.22 16.89
C26 POV I . -3.06 48.34 16.56
C27 POV I . -2.77 49.63 17.33
C28 POV I . -3.82 50.71 17.13
C29 POV I . -4.26 50.81 15.69
C31 POV I . 0.64 40.99 20.00
O31 POV I . 0.16 40.95 18.76
C32 POV I . 1.93 41.74 20.04
O32 POV I . 0.08 40.48 20.94
C33 POV I . 1.79 43.25 20.07
C34 POV I . 3.08 43.93 19.61
C35 POV I . 4.31 43.56 20.44
C36 POV I . 4.20 44.02 21.88
C37 POV I . 5.32 43.52 22.78
C38 POV I . 5.37 42.00 22.87
C39 POV I . 6.64 41.44 23.49
N POV J . -7.66 17.50 -8.63
P POV J . -8.87 21.29 -6.70
C1 POV J . -10.71 22.52 -8.14
C2 POV J . -12.09 22.77 -7.49
C3 POV J . -13.25 22.54 -8.44
C210 POV J . -19.25 30.48 -3.62
C310 POV J . -23.39 26.14 -6.30
C11 POV J . -8.23 20.02 -8.94
O11 POV J . -10.18 21.30 -7.67
C311 POV J . -24.10 27.23 -5.51
C12 POV J . -7.40 18.82 -9.32
O12 POV J . -7.76 20.68 -7.79
C13 POV J . -7.18 16.36 -9.46
O13 POV J . -8.52 22.72 -6.44
C14 POV J . -6.91 17.51 -7.34
O14 POV J . -9.04 20.32 -5.58
C15 POV J . -9.11 17.30 -8.32
C21 POV J . -12.61 24.31 -5.76
O21 POV J . -12.20 24.10 -7.00
C22 POV J . -12.02 25.58 -5.20
O22 POV J . -13.35 23.57 -5.17
C23 POV J . -12.44 26.84 -5.94
C24 POV J . -13.95 27.03 -5.89
C25 POV J . -14.44 28.18 -6.76
C26 POV J . -15.95 28.38 -6.69
C27 POV J . -16.44 28.81 -5.32
C28 POV J . -17.95 29.02 -5.27
C29 POV J . -18.42 29.46 -3.91
C31 POV J . -15.57 22.97 -8.35
O31 POV J . -14.45 22.71 -7.70
C32 POV J . -16.54 23.71 -7.46
O32 POV J . -15.78 22.64 -9.49
C33 POV J . -17.99 23.62 -7.89
C34 POV J . -18.69 24.97 -7.75
C35 POV J . -18.70 25.52 -6.32
C36 POV J . -19.45 24.61 -5.36
C37 POV J . -20.18 25.34 -4.25
C38 POV J . -21.37 26.15 -4.77
C39 POV J . -22.42 25.30 -5.45
C10 A1EBL K . -35.86 9.35 -13.71
C02 A1EBL K . -30.68 9.55 -13.76
C03 A1EBL K . -31.76 10.60 -13.50
C04 A1EBL K . -33.08 9.88 -13.16
C05 A1EBL K . -30.01 9.20 -12.45
C06 A1EBL K . -29.64 10.10 -14.74
C07 A1EBL K . -34.15 10.93 -12.81
C08 A1EBL K . -35.43 10.67 -13.07
C09 A1EBL K . -36.47 11.73 -12.71
C11 A1EBL K . -28.71 10.82 -14.12
O01 A1EBL K . -31.28 8.39 -14.30
N POV L . -53.38 3.74 -5.63
P POV L . -49.84 3.17 -3.52
C1 POV L . -49.20 1.44 -5.43
C2 POV L . -47.69 1.74 -5.43
C3 POV L . -46.92 0.92 -6.43
C210 POV L . -36.69 0.68 -2.67
C310 POV L . -35.15 2.32 -8.43
C11 POV L . -52.31 2.29 -3.76
O11 POV L . -49.75 1.67 -4.15
C211 POV L . -35.55 0.58 -3.63
C12 POV L . -53.53 2.99 -4.34
O12 POV L . -51.44 3.16 -3.08
C212 POV L . -34.50 1.66 -3.37
C13 POV L . -52.43 3.05 -6.57
O13 POV L . -49.01 3.15 -2.26
C213 POV L . -33.66 1.41 -2.12
C14 POV L . -52.84 5.09 -5.31
O14 POV L . -49.64 4.23 -4.56
C214 POV L . -32.75 2.58 -1.78
C15 POV L . -54.69 3.92 -6.32
C215 POV L . -32.03 2.43 -0.44
C216 POV L . -32.02 3.70 0.38
C21 POV L . -46.21 2.38 -3.68
O21 POV L . -47.10 1.50 -4.16
C22 POV L . -45.72 1.96 -2.32
O22 POV L . -45.85 3.36 -4.28
C23 POV L . -44.76 0.79 -2.33
C24 POV L . -43.39 1.18 -2.87
C25 POV L . -42.73 2.30 -2.08
C26 POV L . -41.38 1.93 -1.50
C27 POV L . -40.31 1.66 -2.55
C28 POV L . -39.14 0.86 -1.99
C29 POV L . -37.99 0.76 -2.96
C31 POV L . -45.09 1.22 -7.90
O31 POV L . -45.90 1.74 -6.97
C32 POV L . -43.89 2.10 -8.08
O32 POV L . -45.31 0.19 -8.48
C33 POV L . -43.16 2.47 -6.80
C34 POV L . -41.76 2.99 -7.09
C35 POV L . -40.90 1.99 -7.87
C36 POV L . -39.43 2.04 -7.44
C37 POV L . -38.80 3.42 -7.56
C38 POV L . -37.45 3.38 -8.27
C39 POV L . -36.43 2.45 -7.62
N POV M . -55.14 9.34 -14.11
P POV M . -51.22 7.29 -11.48
C1 POV M . -48.94 7.50 -12.79
C2 POV M . -48.01 6.69 -13.70
C3 POV M . -46.68 6.36 -13.06
C11 POV M . -53.43 8.32 -12.45
O11 POV M . -50.01 6.68 -12.37
C12 POV M . -54.33 8.15 -13.66
O12 POV M . -52.10 7.97 -12.71
C13 POV M . -55.57 9.19 -15.53
O13 POV M . -52.00 6.12 -10.95
C14 POV M . -56.36 9.40 -13.25
O14 POV M . -50.74 8.37 -10.56
C15 POV M . -54.41 10.63 -13.95
C21 POV M . -48.46 7.13 -15.99
O21 POV M . -47.72 7.37 -14.91
C22 POV M . -47.76 7.57 -17.24
O22 POV M . -49.55 6.62 -15.94
C23 POV M . -47.09 8.93 -17.14
C24 POV M . -45.57 8.80 -17.06
C25 POV M . -44.97 8.24 -18.34
C26 POV M . -43.45 8.07 -18.26
C27 POV M . -42.82 7.65 -19.58
C28 POV M . -43.42 6.36 -20.13
C31 POV M . -44.42 6.14 -13.74
O31 POV M . -45.68 6.45 -14.06
C32 POV M . -43.47 6.68 -14.77
O32 POV M . -44.12 5.54 -12.74
C33 POV M . -42.01 6.67 -14.34
C34 POV M . -41.37 5.30 -14.58
C35 POV M . -41.17 4.95 -16.04
C36 POV M . -40.42 3.64 -16.22
C37 POV M . -38.99 3.66 -15.66
N POV N . -8.51 22.10 -17.93
P POV N . -11.35 25.14 -18.82
C1 POV N . -13.69 25.48 -19.96
C2 POV N . -14.07 25.54 -21.44
C3 POV N . -13.55 26.78 -22.14
C210 POV N . -24.56 22.47 -14.88
C11 POV N . -10.14 23.02 -19.76
O11 POV N . -12.56 24.67 -19.79
C211 POV N . -24.81 22.92 -13.48
C12 POV N . -8.83 22.35 -19.39
O12 POV N . -10.10 24.41 -19.64
C212 POV N . -25.65 24.20 -13.43
C13 POV N . -7.37 21.15 -17.78
O13 POV N . -11.22 26.62 -18.97
C14 POV N . -9.72 21.48 -17.32
O14 POV N . -11.46 24.51 -17.46
C15 POV N . -8.20 23.36 -17.18
C21 POV N . -16.17 24.45 -21.25
O21 POV N . -15.49 25.53 -21.61
C22 POV N . -17.50 24.83 -20.64
O22 POV N . -15.77 23.32 -21.38
C23 POV N . -18.28 23.66 -20.07
C24 POV N . -19.31 24.11 -19.05
C25 POV N . -19.89 22.97 -18.23
C26 POV N . -20.67 23.43 -17.00
C27 POV N . -20.94 22.31 -16.01
C28 POV N . -22.03 22.68 -14.99
C29 POV N . -23.39 22.37 -15.52
C31 POV N . -14.41 28.61 -23.35
O31 POV N . -14.62 27.42 -22.83
C32 POV N . -15.61 29.09 -24.12
O32 POV N . -13.38 29.22 -23.23
C33 POV N . -15.38 30.37 -24.90
C34 POV N . -16.70 30.94 -25.41
C35 POV N . -17.22 30.30 -26.69
C36 POV N . -18.53 30.93 -27.15
C37 POV N . -18.91 30.59 -28.59
C38 POV N . -17.90 31.14 -29.60
N POV O . -25.20 16.29 -27.47
P POV O . -27.30 18.69 -30.08
C1 POV O . -26.31 21.13 -30.39
C2 POV O . -25.12 20.83 -31.31
C3 POV O . -23.83 21.47 -30.85
C210 POV O . -33.40 18.70 -37.59
C310 POV O . -17.25 27.10 -34.26
C11 POV O . -27.02 18.15 -27.51
O11 POV O . -27.35 20.21 -30.65
C211 POV O . -34.60 19.45 -37.10
C311 POV O . -15.85 27.68 -34.44
C12 POV O . -26.61 16.72 -27.77
O12 POV O . -26.71 19.04 -28.56
C212 POV O . -35.78 19.29 -38.07
C312 POV O . -15.13 27.87 -33.11
C13 POV O . -24.26 16.70 -28.55
O13 POV O . -28.72 18.24 -29.93
C213 POV O . -36.80 20.44 -37.96
C14 POV O . -24.78 16.96 -26.22
O14 POV O . -26.30 17.86 -30.82
C214 POV O . -37.37 20.60 -36.57
C15 POV O . -25.09 14.82 -27.27
C215 POV O . -38.39 21.73 -36.46
C21 POV O . -25.89 20.45 -33.54
O21 POV O . -25.35 21.28 -32.64
C22 POV O . -25.84 21.04 -34.93
O22 POV O . -26.35 19.38 -33.26
C23 POV O . -26.90 22.10 -35.19
C24 POV O . -28.31 21.50 -35.21
C25 POV O . -28.42 20.27 -36.09
C26 POV O . -29.86 19.98 -36.52
C27 POV O . -30.34 20.86 -37.66
C28 POV O . -31.82 20.66 -37.98
C29 POV O . -32.23 19.22 -37.96
C31 POV O . -22.71 23.07 -32.18
O31 POV O . -23.06 21.80 -32.00
C32 POV O . -22.05 23.25 -33.51
O32 POV O . -22.89 23.93 -31.36
C33 POV O . -23.01 23.38 -34.69
C34 POV O . -22.32 23.05 -36.00
C35 POV O . -21.10 23.92 -36.30
C36 POV O . -21.48 25.39 -36.47
C37 POV O . -20.27 26.32 -36.61
C38 POV O . -19.39 26.28 -35.37
C39 POV O . -18.03 26.94 -35.57
N POV P . -16.13 -7.72 -10.97
P POV P . -19.28 -5.59 -13.24
C1 POV P . -21.48 -7.03 -13.36
C2 POV P . -22.76 -6.46 -12.74
C3 POV P . -23.58 -7.49 -12.00
C210 POV P . -33.04 -2.47 -14.71
C310 POV P . -34.01 -5.70 -9.09
C11 POV P . -18.02 -7.86 -12.75
O11 POV P . -20.36 -6.63 -12.61
C311 POV P . -35.21 -4.89 -9.51
C12 POV P . -16.65 -8.28 -12.27
O12 POV P . -18.01 -6.64 -13.45
C13 POV P . -15.08 -8.59 -10.38
O13 POV P . -19.79 -5.19 -14.58
C14 POV P . -15.53 -6.39 -11.28
O14 POV P . -18.87 -4.55 -12.23
C15 POV P . -17.22 -7.51 -9.97
C21 POV P . -24.07 -4.65 -13.55
O21 POV P . -23.60 -5.88 -13.72
C22 POV P . -24.30 -3.96 -14.87
O22 POV P . -24.29 -4.16 -12.46
C23 POV P . -25.35 -4.62 -15.74
C24 POV P . -26.71 -4.65 -15.05
C25 POV P . -27.75 -5.46 -15.81
C26 POV P . -29.11 -5.47 -15.12
C27 POV P . -29.77 -4.10 -15.07
C28 POV P . -31.15 -4.14 -14.40
C29 POV P . -31.79 -2.78 -14.36
C31 POV P . -25.75 -7.51 -11.02
O31 POV P . -24.68 -6.81 -11.38
C32 POV P . -26.97 -6.63 -11.02
O32 POV P . -25.72 -8.68 -10.76
C33 POV P . -28.12 -7.15 -10.18
C34 POV P . -29.45 -6.95 -10.89
C35 POV P . -29.79 -5.50 -11.19
C36 POV P . -29.90 -4.65 -9.93
C37 POV P . -30.92 -3.52 -10.03
C38 POV P . -32.36 -4.05 -10.08
C39 POV P . -32.75 -4.88 -8.86
C10 A1EBL Q . -34.78 -15.14 11.02
C02 A1EBL Q . -30.61 -14.86 7.95
C03 A1EBL Q . -32.09 -14.58 7.70
C04 A1EBL Q . -32.78 -14.39 9.08
C05 A1EBL Q . -29.86 -13.54 7.99
C06 A1EBL Q . -30.05 -15.74 6.82
C07 A1EBL Q . -34.26 -14.02 8.84
C08 A1EBL Q . -35.17 -14.37 9.74
C09 A1EBL Q . -36.64 -14.01 9.49
C11 A1EBL Q . -29.69 -15.00 5.77
O01 A1EBL Q . -30.46 -15.52 9.19
N POV R . -46.18 -8.61 26.21
P POV R . -42.95 -6.33 24.90
C1 POV R . -41.44 -8.32 25.78
C2 POV R . -40.37 -8.21 24.70
C3 POV R . -39.25 -9.22 24.84
C210 POV R . -30.69 -4.86 19.69
C310 POV R . -30.29 -10.38 16.92
C11 POV R . -44.50 -6.80 26.99
O11 POV R . -42.03 -7.07 26.02
C211 POV R . -29.68 -5.76 19.04
C12 POV R . -45.89 -7.38 27.03
O12 POV R . -44.27 -6.00 25.85
C212 POV R . -29.42 -5.36 17.59
C13 POV R . -45.01 -9.54 26.15
O13 POV R . -42.28 -5.03 24.57
C213 POV R . -28.60 -4.09 17.45
C14 POV R . -46.51 -8.16 24.83
O14 POV R . -43.38 -7.28 23.82
C214 POV R . -28.50 -3.59 16.01
C15 POV R . -47.36 -9.37 26.73
C215 POV R . -27.83 -2.23 15.87
C216 POV R . -28.55 -1.31 14.89
C21 POV R . -39.50 -6.33 23.52
O21 POV R . -39.74 -6.92 24.68
C22 POV R . -38.88 -4.98 23.72
O22 POV R . -39.76 -6.83 22.45
C23 POV R . -37.42 -5.02 24.14
C24 POV R . -36.50 -5.44 23.00
C25 POV R . -36.60 -4.53 21.79
C26 POV R . -35.28 -3.90 21.40
C27 POV R . -34.23 -4.89 20.91
C28 POV R . -32.82 -4.33 20.98
C29 POV R . -31.80 -5.23 20.33
C31 POV R . -37.89 -10.54 23.42
O31 POV R . -38.86 -9.64 23.55
C32 POV R . -37.39 -10.59 22.02
O32 POV R . -37.49 -11.22 24.35
C33 POV R . -37.02 -9.24 21.43
C34 POV R . -36.14 -9.41 20.19
C35 POV R . -34.86 -10.19 20.45
C36 POV R . -33.68 -9.68 19.64
C37 POV R . -33.93 -9.66 18.14
C38 POV R . -32.78 -10.28 17.35
C39 POV R . -31.43 -9.64 17.61
N POV S . -50.72 -16.73 21.75
P POV S . -46.35 -14.02 21.51
C1 POV S . -44.57 -15.17 19.93
C2 POV S . -43.34 -16.08 19.99
C3 POV S . -42.05 -15.40 19.59
C11 POV S . -48.75 -15.05 21.80
O11 POV S . -45.00 -14.88 21.24
C12 POV S . -49.38 -16.32 22.32
O12 POV S . -47.44 -15.26 21.32
C13 POV S . -50.98 -18.18 21.98
O13 POV S . -46.34 -13.63 22.96
C14 POV S . -51.76 -15.95 22.47
O14 POV S . -46.58 -13.01 20.44
C15 POV S . -50.84 -16.44 20.30
C21 POV S . -43.93 -18.36 19.66
O21 POV S . -43.47 -17.23 19.15
C22 POV S . -43.59 -19.53 18.79
O22 POV S . -44.54 -18.42 20.69
C23 POV S . -43.80 -19.28 17.30
C24 POV S . -42.47 -19.12 16.57
C25 POV S . -41.64 -20.40 16.56
C26 POV S . -40.31 -20.24 15.86
C27 POV S . -39.52 -21.54 15.73
C28 POV S . -39.29 -22.23 17.08
C31 POV S . -40.07 -15.95 18.43
O31 POV S . -41.26 -16.33 18.86
C32 POV S . -39.56 -16.86 17.36
O32 POV S . -39.48 -14.98 18.86
C33 POV S . -38.35 -16.36 16.59
C34 POV S . -37.06 -16.65 17.34
C35 POV S . -36.68 -18.13 17.38
C36 POV S . -35.31 -18.36 18.02
C37 POV S . -34.17 -17.71 17.26
N POV T . -19.29 -16.69 -15.18
P POV T . -23.34 -17.52 -16.18
C1 POV T . -25.47 -18.78 -15.26
C2 POV T . -25.80 -20.27 -15.24
C3 POV T . -26.05 -20.84 -16.63
C210 POV T . -32.80 -14.63 -6.22
C11 POV T . -21.13 -18.54 -15.20
O11 POV T . -24.07 -18.60 -15.21
C211 POV T . -33.27 -13.21 -6.31
C12 POV T . -19.68 -18.14 -15.35
O12 POV T . -21.89 -18.32 -16.37
C212 POV T . -34.69 -13.13 -6.89
C13 POV T . -17.82 -16.55 -15.03
O13 POV T . -24.06 -17.56 -17.50
C14 POV T . -19.95 -16.21 -13.94
O14 POV T . -23.10 -16.23 -15.48
C15 POV T . -19.75 -15.84 -16.31
C21 POV T . -26.93 -20.29 -13.16
O21 POV T . -26.96 -20.54 -14.45
C22 POV T . -28.23 -19.75 -12.67
O22 POV T . -25.95 -20.48 -12.47
C23 POV T . -28.23 -19.32 -11.21
C24 POV T . -29.35 -18.33 -10.91
C25 POV T . -29.19 -17.64 -9.56
C26 POV T . -30.10 -16.42 -9.39
C27 POV T . -29.70 -15.53 -8.23
C28 POV T . -30.82 -14.56 -7.82
C29 POV T . -31.77 -15.19 -6.85
C31 POV T . -27.78 -21.97 -17.77
O31 POV T . -27.29 -21.55 -16.62
C32 POV T . -29.04 -22.76 -17.57
O32 POV T . -27.27 -21.73 -18.84
C33 POV T . -29.56 -23.44 -18.84
C34 POV T . -30.98 -23.97 -18.61
C35 POV T . -31.03 -25.33 -17.93
C36 POV T . -32.46 -25.83 -17.74
C37 POV T . -32.56 -27.31 -17.40
C38 POV T . -32.04 -28.21 -18.51
N POV U . -29.75 -27.67 -2.01
P POV U . -32.82 -30.20 -3.06
C1 POV U . -33.36 -30.27 -5.65
C2 POV U . -32.21 -31.14 -6.15
C3 POV U . -31.50 -30.55 -7.36
C210 POV U . -37.81 -38.05 -0.39
C310 POV U . -29.19 -33.11 -16.00
C11 POV U . -32.31 -27.67 -2.52
O11 POV U . -33.71 -30.65 -4.33
C211 POV U . -39.22 -37.58 -0.28
C311 POV U . -28.35 -33.16 -17.27
C12 POV U . -31.16 -28.01 -1.59
O12 POV U . -32.53 -28.64 -3.52
C212 POV U . -40.10 -38.63 0.42
C312 POV U . -27.87 -31.78 -17.71
C13 POV U . -29.20 -28.65 -2.97
O13 POV U . -33.73 -30.17 -1.87
C213 POV U . -41.58 -38.50 0.05
C14 POV U . -29.79 -26.33 -2.66
O14 POV U . -31.52 -30.95 -3.00
C214 POV U . -42.16 -37.14 0.37
C15 POV U . -28.83 -27.56 -0.82
C215 POV U . -43.64 -37.00 0.02
C21 POV U . -32.61 -33.43 -5.63
O21 POV U . -32.64 -32.45 -6.52
C22 POV U . -32.89 -34.76 -6.27
O22 POV U . -32.38 -33.26 -4.46
C23 POV U . -34.36 -35.02 -6.58
C24 POV U . -35.19 -35.16 -5.31
C25 POV U . -34.58 -36.14 -4.30
C26 POV U . -35.60 -36.67 -3.31
C27 POV U . -36.49 -37.77 -3.87
C28 POV U . -37.60 -38.19 -2.92
C29 POV U . -37.12 -38.31 -1.51
C31 POV U . -31.46 -31.68 -9.43
O31 POV U . -31.04 -31.62 -8.17
C32 POV U . -31.01 -32.96 -10.07
O32 POV U . -32.10 -30.81 -9.96
C33 POV U . -31.86 -34.17 -9.76
C34 POV U . -31.10 -35.47 -10.00
C35 POV U . -30.58 -35.63 -11.42
C36 POV U . -31.70 -35.71 -12.44
C37 POV U . -31.23 -35.70 -13.89
C38 POV U . -30.49 -34.41 -14.25
C39 POV U . -29.72 -34.47 -15.56
N POV V . -8.90 -12.50 14.31
P POV V . -12.67 -14.79 14.10
C1 POV V . -13.68 -15.15 16.51
C2 POV V . -15.06 -14.57 16.81
C3 POV V . -15.18 -13.95 18.19
C210 POV V . -25.80 -16.86 19.07
C310 POV V . -24.83 -11.57 22.83
C11 POV V . -10.36 -14.41 15.31
O11 POV V . -13.00 -14.31 15.62
C311 POV V . -26.28 -12.01 22.78
C12 POV V . -9.00 -13.87 14.94
O12 POV V . -11.03 -15.01 14.24
C13 POV V . -7.54 -11.92 14.51
O13 POV V . -13.31 -16.13 13.93
C14 POV V . -9.14 -12.66 12.85
O14 POV V . -12.93 -13.68 13.12
C15 POV V . -9.92 -11.56 14.85
C21 POV V . -17.17 -15.32 15.97
O21 POV V . -16.09 -15.55 16.71
C22 POV V . -17.73 -16.59 15.41
O22 POV V . -17.62 -14.22 15.80
C23 POV V . -18.23 -17.57 16.46
C24 POV V . -19.34 -16.97 17.31
C25 POV V . -19.74 -17.85 18.48
C26 POV V . -20.86 -17.26 19.31
C27 POV V . -22.18 -17.15 18.56
C28 POV V . -23.31 -16.56 19.42
C29 POV V . -24.60 -16.46 18.67
C31 POV V . -16.97 -13.14 19.51
O31 POV V . -16.48 -13.37 18.31
C32 POV V . -18.47 -13.13 19.47
O32 POV V . -16.28 -12.95 20.49
C33 POV V . -19.14 -12.40 20.62
C34 POV V . -20.34 -13.18 21.13
C35 POV V . -21.44 -13.39 20.10
C36 POV V . -22.02 -12.08 19.58
C37 POV V . -23.50 -12.16 19.22
C38 POV V . -24.38 -12.33 20.45
C39 POV V . -24.25 -11.21 21.47
C10 A1EBL W . -20.35 7.65 32.96
C02 A1EBL W . -17.03 4.87 30.10
C03 A1EBL W . -18.41 4.56 30.67
C04 A1EBL W . -19.10 5.90 31.04
C05 A1EBL W . -17.16 5.05 28.60
C06 A1EBL W . -16.07 3.72 30.40
C07 A1EBL W . -20.53 5.60 31.54
C08 A1EBL W . -21.09 6.41 32.42
C09 A1EBL W . -22.51 6.08 32.91
C11 A1EBL W . -16.17 2.75 29.49
O01 A1EBL W . -16.54 6.07 30.67
N POV X . -33.59 22.55 35.43
P POV X . -32.18 21.62 31.61
C1 POV X . -29.82 22.44 32.50
C2 POV X . -28.99 21.44 31.69
C3 POV X . -27.50 21.58 31.92
C210 POV X . -22.82 17.31 23.06
C310 POV X . -19.36 14.16 27.10
C11 POV X . -33.22 23.57 33.05
O11 POV X . -31.02 22.74 31.82
C211 POV X . -21.47 16.66 23.16
C12 POV X . -34.04 23.48 34.33
O12 POV X . -33.47 22.51 32.17
C212 POV X . -21.47 15.25 22.55
C13 POV X . -32.09 22.49 35.53
O13 POV X . -32.35 21.43 30.13
C213 POV X . -21.50 15.26 21.02
C14 POV X . -34.09 21.19 35.09
O14 POV X . -31.99 20.45 32.52
C214 POV X . -21.68 13.87 20.43
C15 POV X . -34.14 22.94 36.76
C215 POV X . -21.89 13.88 18.91
C216 POV X . -23.01 12.93 18.46
C21 POV X . -29.32 20.46 29.55
O21 POV X . -29.19 21.56 30.29
C22 POV X . -29.57 20.79 28.11
O22 POV X . -29.24 19.34 30.00
C23 POV X . -28.35 21.31 27.37
C24 POV X . -27.34 20.19 27.09
C25 POV X . -27.92 19.05 26.28
C26 POV X . -27.17 18.79 24.98
C27 POV X . -25.74 18.30 25.18
C28 POV X . -24.89 18.49 23.93
C29 POV X . -23.54 17.85 24.04
C31 POV X . -25.62 20.15 32.11
O31 POV X . -26.93 20.27 31.92
C32 POV X . -25.16 18.77 31.74
O32 POV X . -24.92 21.03 32.53
C33 POV X . -25.60 18.31 30.36
C34 POV X . -24.77 17.13 29.88
C35 POV X . -23.28 17.40 29.85
C36 POV X . -22.58 16.71 28.68
C37 POV X . -22.79 15.20 28.65
C38 POV X . -21.48 14.44 28.46
C39 POV X . -20.72 14.83 27.20
N POV Y . -32.74 17.23 44.21
P POV Y . -30.64 17.46 39.51
C1 POV Y . -28.51 15.91 39.32
C2 POV Y . -26.98 15.98 39.38
C3 POV Y . -26.30 15.70 38.06
C11 POV Y . -32.05 17.52 41.73
O11 POV Y . -29.04 17.20 39.45
C12 POV Y . -31.87 17.90 43.18
O12 POV Y . -30.85 17.10 41.12
C13 POV Y . -32.14 17.33 45.57
O13 POV Y . -30.87 18.92 39.33
C14 POV Y . -34.04 17.93 44.22
O14 POV Y . -31.39 16.46 38.70
C15 POV Y . -32.99 15.79 43.89
C21 POV Y . -26.19 15.44 41.56
O21 POV Y . -26.44 15.05 40.31
C22 POV Y . -25.25 14.50 42.25
O22 POV Y . -26.68 16.43 42.05
C23 POV Y . -25.54 13.02 42.02
C24 POV Y . -24.53 12.39 41.07
C25 POV Y . -23.12 12.35 41.66
C26 POV Y . -22.10 11.74 40.71
C27 POV Y . -20.73 11.57 41.34
C28 POV Y . -20.15 12.87 41.90
C31 POV Y . -24.33 14.64 37.29
O31 POV Y . -25.12 14.96 38.31
C32 POV Y . -23.39 13.54 37.67
O32 POV Y . -24.39 15.18 36.21
C33 POV Y . -22.67 12.88 36.50
C34 POV Y . -21.45 13.69 36.09
C35 POV Y . -20.31 13.63 37.10
C36 POV Y . -19.05 14.33 36.59
C37 POV Y . -18.45 13.71 35.34
N POV Z . -6.43 -17.58 23.04
P POV Z . -9.30 -18.89 25.88
C1 POV Z . -10.37 -18.20 28.20
C2 POV Z . -9.80 -18.32 29.61
C3 POV Z . -9.68 -19.75 30.09
C210 POV Z . -18.84 -9.35 29.75
C11 POV Z . -6.91 -17.86 25.59
O11 POV Z . -9.30 -18.05 27.28
C211 POV Z . -20.03 -9.37 28.84
C12 POV Z . -5.93 -17.90 24.44
O12 POV Z . -7.66 -19.05 25.72
C212 POV Z . -21.24 -10.03 29.51
C13 POV Z . -5.29 -17.33 22.11
O13 POV Z . -9.87 -20.25 26.19
C14 POV Z . -7.26 -16.35 23.13
O14 POV Z . -9.84 -18.07 24.76
C15 POV Z . -7.28 -18.67 22.48
C21 POV Z . -10.74 -16.31 30.46
O21 POV Z . -10.63 -17.63 30.56
C22 POV Z . -12.14 -15.87 30.79
O22 POV Z . -9.83 -15.58 30.14
C23 POV Z . -12.39 -14.38 30.57
C24 POV Z . -13.88 -14.07 30.42
C25 POV Z . -14.14 -12.67 29.89
C26 POV Z . -15.57 -12.47 29.41
C27 POV Z . -15.76 -11.22 28.57
C28 POV Z . -17.23 -10.82 28.44
C29 POV Z . -17.67 -9.96 29.58
C31 POV Z . -10.46 -21.09 31.87
O31 POV Z . -10.30 -19.88 31.36
C32 POV Z . -11.06 -21.02 33.25
O32 POV Z . -10.17 -22.10 31.29
C33 POV Z . -11.11 -22.36 33.98
C34 POV Z . -11.98 -22.27 35.23
C35 POV Z . -11.26 -21.69 36.45
C36 POV Z . -12.17 -21.64 37.67
C37 POV Z . -11.42 -21.41 38.98
C38 POV Z . -10.47 -22.56 39.32
N POV AA . -9.03 -5.95 39.19
P POV AA . -10.13 -7.38 42.90
C1 POV AA . -10.52 -9.99 43.01
C2 POV AA . -9.07 -10.49 43.02
C3 POV AA . -8.81 -11.59 42.04
C210 POV AA . -9.88 -5.62 52.41
C310 POV AA . -5.39 -20.25 42.02
C11 POV AA . -11.13 -6.62 40.59
O11 POV AA . -10.62 -8.74 43.65
C211 POV AA . -11.32 -5.56 52.84
C311 POV AA . -4.66 -21.47 41.47
C12 POV AA . -10.01 -5.65 40.32
O12 POV AA . -10.77 -7.70 41.41
C212 POV AA . -11.47 -5.01 54.25
C312 POV AA . -5.04 -21.76 40.02
C13 POV AA . -8.02 -6.95 39.61
O13 POV AA . -10.91 -6.25 43.51
C213 POV AA . -12.76 -5.45 54.93
C14 POV AA . -9.81 -6.50 38.06
O14 POV AA . -8.65 -7.30 42.79
C214 POV AA . -14.00 -5.06 54.16
C15 POV AA . -8.35 -4.71 38.72
C215 POV AA . -15.30 -5.50 54.84
C21 POV AA . -8.13 -10.16 45.19
O21 POV AA . -8.70 -10.98 44.31
C22 POV AA . -7.61 -10.92 46.39
O22 POV AA . -8.05 -8.97 45.04
C23 POV AA . -8.68 -11.34 47.38
C24 POV AA . -9.30 -10.14 48.09
C25 POV AA . -8.25 -9.17 48.66
C26 POV AA . -8.80 -8.28 49.76
C27 POV AA . -8.92 -8.99 51.10
C28 POV AA . -9.61 -8.13 52.17
C29 POV AA . -9.16 -6.71 52.14
C31 POV AA . -8.12 -13.74 42.74
O31 POV AA . -7.83 -12.46 42.59
C32 POV AA . -7.03 -14.46 43.48
O32 POV AA . -9.14 -14.25 42.33
C33 POV AA . -7.06 -14.28 44.99
C34 POV AA . -5.70 -14.57 45.60
C35 POV AA . -5.16 -15.97 45.31
C36 POV AA . -6.04 -17.07 45.91
C37 POV AA . -5.64 -18.48 45.48
C38 POV AA . -5.75 -18.69 43.98
C39 POV AA . -5.07 -19.95 43.48
N POV BA . -0.45 12.73 16.65
P POV BA . -2.29 12.11 20.62
C1 POV BA . -2.94 14.42 21.72
C2 POV BA . -4.42 14.67 22.03
C3 POV BA . -4.87 16.08 21.73
C210 POV BA . -12.03 16.08 30.15
C310 POV BA . -14.23 20.29 25.61
C11 POV BA . -0.59 13.49 19.14
O11 POV BA . -2.83 13.64 20.55
C311 POV BA . -15.19 20.12 26.77
C12 POV BA . 0.24 13.24 17.89
O12 POV BA . -0.81 12.33 19.90
C13 POV BA . 0.35 13.05 15.42
O13 POV BA . -2.07 11.80 22.06
C14 POV BA . -0.55 11.25 16.78
O14 POV BA . -3.11 11.21 19.75
C15 POV BA . -1.83 13.27 16.49
C21 POV BA . -5.72 13.65 23.75
O21 POV BA . -4.70 14.44 23.42
C22 POV BA . -5.47 12.96 25.06
O22 POV BA . -6.72 13.54 23.08
C23 POV BA . -5.34 13.90 26.24
C24 POV BA . -6.60 14.73 26.45
C25 POV BA . -6.45 15.80 27.52
C26 POV BA . -7.72 16.61 27.73
C27 POV BA . -8.87 15.78 28.31
C28 POV BA . -10.13 16.61 28.54
C29 POV BA . -11.25 15.80 29.10
C31 POV BA . -6.82 17.35 22.19
O31 POV BA . -6.26 16.16 21.98
C32 POV BA . -8.06 17.22 23.01
O32 POV BA . -6.36 18.38 21.74
C33 POV BA . -9.04 18.38 22.90
C34 POV BA . -9.60 18.75 24.26
C35 POV BA . -10.38 17.64 24.95
C36 POV BA . -11.59 17.19 24.14
C37 POV BA . -12.76 16.74 25.00
C38 POV BA . -13.41 17.89 25.75
C39 POV BA . -13.94 19.00 24.85
#